data_2KTE
#
_entry.id   2KTE
#
_cell.length_a   1.000
_cell.length_b   1.000
_cell.length_c   1.000
_cell.angle_alpha   90.00
_cell.angle_beta   90.00
_cell.angle_gamma   90.00
#
_symmetry.space_group_name_H-M   'P 1'
#
_entity_poly.entity_id   1
_entity_poly.type   'polypeptide(L)'
_entity_poly.pdbx_seq_one_letter_code
;MAQNNENALPDITKSITLEAPIQKVWETVSTSEGIAKWFMPNDFQLKEGQEFHLQSPFGPSPCKVLAVQAPTELSFEWDT
EGWVVTFQLEDLGEKTGFTLIHSGWKEPNEVIGKANEKSSVVRGKMDGGWTGIVNERLRKAVEELEHHHHHH
;
_entity_poly.pdbx_strand_id   A
#
# COMPACT_ATOMS: atom_id res chain seq x y z
N MET A 1 9.10 20.16 -11.18
CA MET A 1 10.15 19.22 -10.81
C MET A 1 11.01 19.78 -9.67
N ALA A 2 10.72 21.02 -9.24
CA ALA A 2 11.50 21.67 -8.20
C ALA A 2 11.20 21.08 -6.84
N GLN A 3 9.98 20.59 -6.67
CA GLN A 3 9.54 20.00 -5.40
C GLN A 3 10.25 18.67 -5.12
N ASN A 4 10.63 17.98 -6.17
CA ASN A 4 11.22 16.67 -6.04
C ASN A 4 12.69 16.70 -5.77
N ASN A 5 13.01 16.60 -4.53
CA ASN A 5 14.34 16.49 -4.03
C ASN A 5 14.22 15.93 -2.65
N GLU A 6 14.96 14.85 -2.39
CA GLU A 6 14.88 14.12 -1.14
C GLU A 6 13.50 13.52 -0.99
N ASN A 7 13.31 12.43 -1.67
CA ASN A 7 12.02 11.81 -1.76
C ASN A 7 12.03 10.47 -1.09
N ALA A 8 12.64 9.47 -1.80
CA ALA A 8 12.66 8.03 -1.37
C ALA A 8 11.25 7.53 -1.04
N LEU A 9 10.27 8.18 -1.66
CA LEU A 9 8.86 7.98 -1.37
C LEU A 9 8.47 8.48 0.01
N PRO A 10 8.07 9.74 0.07
CA PRO A 10 7.62 10.33 1.30
C PRO A 10 6.12 10.10 1.46
N ASP A 11 5.49 10.90 2.27
CA ASP A 11 4.07 10.80 2.50
C ASP A 11 3.28 11.14 1.25
N ILE A 12 2.57 10.17 0.77
CA ILE A 12 1.69 10.35 -0.37
C ILE A 12 0.30 9.98 0.11
N THR A 13 -0.64 10.88 -0.04
CA THR A 13 -1.99 10.62 0.37
C THR A 13 -2.87 10.52 -0.88
N LYS A 14 -3.75 9.56 -0.88
CA LYS A 14 -4.66 9.30 -1.97
C LYS A 14 -5.99 8.87 -1.38
N SER A 15 -7.07 9.26 -1.97
CA SER A 15 -8.36 8.87 -1.47
C SER A 15 -9.26 8.49 -2.63
N ILE A 16 -9.95 7.40 -2.51
CA ILE A 16 -10.79 6.93 -3.56
C ILE A 16 -12.00 6.25 -2.96
N THR A 17 -13.16 6.60 -3.44
CA THR A 17 -14.36 6.08 -2.89
C THR A 17 -14.83 4.86 -3.69
N LEU A 18 -14.95 3.78 -3.00
CA LEU A 18 -15.29 2.50 -3.55
C LEU A 18 -16.77 2.26 -3.42
N GLU A 19 -17.37 1.69 -4.44
CA GLU A 19 -18.81 1.41 -4.47
C GLU A 19 -19.16 0.12 -3.69
N ALA A 20 -18.33 -0.24 -2.72
CA ALA A 20 -18.52 -1.45 -1.94
C ALA A 20 -18.66 -1.12 -0.47
N PRO A 21 -19.22 -2.04 0.34
CA PRO A 21 -19.32 -1.88 1.80
C PRO A 21 -17.94 -1.91 2.46
N ILE A 22 -17.87 -1.32 3.65
CA ILE A 22 -16.61 -1.16 4.37
C ILE A 22 -15.97 -2.51 4.73
N GLN A 23 -16.78 -3.53 4.87
CA GLN A 23 -16.27 -4.85 5.19
C GLN A 23 -15.57 -5.48 3.98
N LYS A 24 -16.03 -5.16 2.77
CA LYS A 24 -15.50 -5.80 1.57
C LYS A 24 -14.17 -5.14 1.21
N VAL A 25 -14.09 -3.84 1.41
CA VAL A 25 -12.83 -3.16 1.19
C VAL A 25 -11.80 -3.61 2.19
N TRP A 26 -12.24 -3.79 3.44
CA TRP A 26 -11.37 -4.21 4.51
C TRP A 26 -10.71 -5.56 4.18
N GLU A 27 -11.49 -6.53 3.73
CA GLU A 27 -10.91 -7.82 3.38
C GLU A 27 -10.02 -7.69 2.14
N THR A 28 -10.35 -6.77 1.29
CA THR A 28 -9.56 -6.51 0.11
C THR A 28 -8.17 -5.91 0.48
N VAL A 29 -8.06 -5.26 1.62
CA VAL A 29 -6.78 -4.71 2.04
C VAL A 29 -6.27 -5.38 3.31
N SER A 30 -6.79 -6.55 3.61
CA SER A 30 -6.36 -7.28 4.80
C SER A 30 -6.28 -8.80 4.56
N THR A 31 -6.50 -9.25 3.34
CA THR A 31 -6.34 -10.65 3.02
C THR A 31 -5.12 -10.82 2.12
N SER A 32 -4.62 -12.03 2.04
CA SER A 32 -3.47 -12.37 1.24
C SER A 32 -3.67 -11.95 -0.24
N GLU A 33 -4.85 -12.27 -0.75
CA GLU A 33 -5.19 -12.06 -2.15
C GLU A 33 -5.32 -10.59 -2.47
N GLY A 34 -6.04 -9.89 -1.62
CA GLY A 34 -6.28 -8.48 -1.82
C GLY A 34 -5.03 -7.64 -1.67
N ILE A 35 -4.21 -7.97 -0.69
CA ILE A 35 -2.98 -7.24 -0.46
C ILE A 35 -1.98 -7.48 -1.58
N ALA A 36 -1.91 -8.73 -2.05
CA ALA A 36 -1.10 -9.09 -3.20
C ALA A 36 -1.58 -8.37 -4.45
N LYS A 37 -2.91 -8.11 -4.49
CA LYS A 37 -3.60 -7.38 -5.60
C LYS A 37 -3.63 -8.27 -6.83
N TRP A 38 -3.45 -9.57 -6.59
CA TRP A 38 -3.34 -10.61 -7.63
C TRP A 38 -2.10 -10.40 -8.51
N PHE A 39 -1.23 -9.53 -8.06
CA PHE A 39 0.02 -9.29 -8.72
C PHE A 39 1.08 -9.98 -7.88
N MET A 40 1.26 -11.27 -8.17
CA MET A 40 2.12 -12.18 -7.40
C MET A 40 1.50 -12.42 -6.01
N PRO A 41 0.60 -13.40 -5.91
CA PRO A 41 -0.10 -13.71 -4.66
C PRO A 41 0.83 -14.25 -3.59
N ASN A 42 1.01 -13.49 -2.53
CA ASN A 42 1.80 -13.93 -1.41
C ASN A 42 0.87 -14.41 -0.33
N ASP A 43 1.38 -15.12 0.62
CA ASP A 43 0.52 -15.61 1.65
C ASP A 43 0.62 -14.72 2.86
N PHE A 44 0.24 -13.47 2.65
CA PHE A 44 0.27 -12.42 3.65
C PHE A 44 -0.72 -12.74 4.78
N GLN A 45 -0.28 -12.62 6.01
CA GLN A 45 -1.11 -12.87 7.17
C GLN A 45 -1.40 -11.57 7.89
N LEU A 46 -2.64 -11.36 8.23
CA LEU A 46 -3.02 -10.19 8.95
C LEU A 46 -2.63 -10.41 10.40
N LYS A 47 -1.59 -9.74 10.82
CA LYS A 47 -1.16 -9.79 12.20
C LYS A 47 -0.97 -8.37 12.66
N GLU A 48 -1.25 -8.08 13.88
CA GLU A 48 -1.03 -6.75 14.42
C GLU A 48 0.43 -6.62 14.88
N GLY A 49 1.31 -6.81 13.95
CA GLY A 49 2.70 -6.82 14.25
C GLY A 49 3.27 -8.16 13.92
N GLN A 50 3.49 -8.39 12.65
CA GLN A 50 3.98 -9.68 12.17
C GLN A 50 5.46 -9.80 12.50
N GLU A 51 6.15 -8.72 12.24
CA GLU A 51 7.54 -8.60 12.53
C GLU A 51 7.73 -7.18 12.95
N PHE A 52 8.75 -6.92 13.67
CA PHE A 52 9.06 -5.58 14.07
C PHE A 52 10.28 -5.12 13.35
N HIS A 53 10.34 -3.86 13.07
CA HIS A 53 11.37 -3.32 12.24
C HIS A 53 12.31 -2.51 13.11
N LEU A 54 13.60 -2.64 12.87
CA LEU A 54 14.62 -1.97 13.68
C LEU A 54 15.78 -1.61 12.79
N GLN A 55 16.23 -2.61 12.05
CA GLN A 55 17.33 -2.45 11.14
C GLN A 55 16.81 -2.57 9.73
N SER A 56 17.60 -2.14 8.79
CA SER A 56 17.26 -2.29 7.41
C SER A 56 17.63 -3.71 6.97
N PRO A 57 16.62 -4.51 6.58
CA PRO A 57 16.83 -5.88 6.14
C PRO A 57 17.85 -6.02 5.01
N PHE A 58 19.01 -6.51 5.36
CA PHE A 58 20.05 -6.81 4.39
C PHE A 58 19.80 -8.20 3.89
N GLY A 59 19.32 -9.02 4.79
CA GLY A 59 18.92 -10.34 4.46
C GLY A 59 17.49 -10.32 4.02
N PRO A 60 17.10 -11.22 3.08
CA PRO A 60 15.75 -11.28 2.52
C PRO A 60 14.66 -11.27 3.60
N SER A 61 13.89 -10.23 3.60
CA SER A 61 12.83 -10.07 4.55
C SER A 61 11.56 -9.71 3.81
N PRO A 62 10.43 -10.28 4.20
CA PRO A 62 9.18 -10.05 3.51
C PRO A 62 8.44 -8.83 4.06
N CYS A 63 7.17 -8.80 3.79
CA CYS A 63 6.33 -7.75 4.25
C CYS A 63 5.84 -8.12 5.62
N LYS A 64 5.75 -7.15 6.46
CA LYS A 64 5.46 -7.33 7.84
C LYS A 64 4.40 -6.34 8.20
N VAL A 65 3.49 -6.71 9.01
CA VAL A 65 2.46 -5.79 9.38
C VAL A 65 2.92 -5.06 10.60
N LEU A 66 2.69 -3.79 10.61
CA LEU A 66 3.05 -2.94 11.72
C LEU A 66 1.95 -3.04 12.75
N ALA A 67 0.77 -2.68 12.31
CA ALA A 67 -0.40 -2.69 13.15
C ALA A 67 -1.63 -2.81 12.28
N VAL A 68 -2.56 -3.60 12.73
CA VAL A 68 -3.80 -3.72 12.04
C VAL A 68 -4.92 -3.30 12.98
N GLN A 69 -5.70 -2.35 12.53
CA GLN A 69 -6.82 -1.84 13.29
C GLN A 69 -8.08 -2.36 12.73
N ALA A 70 -8.95 -2.66 13.62
CA ALA A 70 -10.14 -3.42 13.36
C ALA A 70 -11.06 -2.62 12.47
N PRO A 71 -11.47 -3.25 11.33
CA PRO A 71 -12.01 -2.65 10.12
C PRO A 71 -12.04 -1.11 10.00
N THR A 72 -10.95 -0.47 10.41
CA THR A 72 -10.82 0.96 10.32
C THR A 72 -9.48 1.37 9.72
N GLU A 73 -8.40 0.68 10.08
CA GLU A 73 -7.09 1.13 9.67
C GLU A 73 -6.13 -0.04 9.51
N LEU A 74 -5.25 0.04 8.57
CA LEU A 74 -4.32 -1.02 8.31
C LEU A 74 -2.97 -0.42 8.01
N SER A 75 -1.94 -0.96 8.60
CA SER A 75 -0.58 -0.46 8.35
C SER A 75 0.42 -1.61 8.25
N PHE A 76 1.18 -1.65 7.17
CA PHE A 76 2.15 -2.71 6.94
C PHE A 76 3.35 -2.18 6.21
N GLU A 77 4.44 -2.88 6.35
CA GLU A 77 5.69 -2.47 5.81
C GLU A 77 6.17 -3.55 4.87
N TRP A 78 6.42 -3.15 3.65
CA TRP A 78 6.89 -4.01 2.61
C TRP A 78 8.36 -3.64 2.38
N ASP A 79 9.27 -4.52 2.73
CA ASP A 79 10.70 -4.17 2.75
C ASP A 79 11.41 -4.15 1.42
N THR A 80 10.67 -4.25 0.36
CA THR A 80 11.22 -3.99 -0.92
C THR A 80 11.32 -2.47 -0.98
N GLU A 81 12.50 -1.99 -0.63
CA GLU A 81 12.88 -0.57 -0.51
C GLU A 81 12.48 -0.06 0.86
N GLY A 82 11.33 -0.50 1.32
CA GLY A 82 10.85 -0.12 2.61
C GLY A 82 9.59 0.68 2.50
N TRP A 83 8.67 0.20 1.71
CA TRP A 83 7.44 0.91 1.50
C TRP A 83 6.46 0.55 2.59
N VAL A 84 6.17 1.50 3.40
CA VAL A 84 5.24 1.36 4.46
C VAL A 84 3.97 2.02 4.01
N VAL A 85 2.94 1.26 3.89
CA VAL A 85 1.69 1.78 3.46
C VAL A 85 0.65 1.64 4.53
N THR A 86 -0.22 2.57 4.56
CA THR A 86 -1.29 2.59 5.51
C THR A 86 -2.60 2.79 4.75
N PHE A 87 -3.59 1.98 5.07
CA PHE A 87 -4.88 2.13 4.47
C PHE A 87 -5.83 2.58 5.52
N GLN A 88 -6.76 3.37 5.13
CA GLN A 88 -7.78 3.82 6.01
C GLN A 88 -9.14 3.65 5.39
N LEU A 89 -10.10 3.32 6.22
CA LEU A 89 -11.45 3.08 5.76
C LEU A 89 -12.39 4.13 6.33
N GLU A 90 -13.04 4.85 5.46
CA GLU A 90 -13.98 5.88 5.82
C GLU A 90 -15.39 5.34 5.61
N ASP A 91 -16.18 5.34 6.66
CA ASP A 91 -17.54 4.81 6.62
C ASP A 91 -18.49 5.78 5.94
N LEU A 92 -18.98 5.38 4.80
CA LEU A 92 -19.94 6.14 4.04
C LEU A 92 -21.14 5.29 3.75
N GLY A 93 -22.21 5.91 3.43
CA GLY A 93 -23.39 5.19 3.08
C GLY A 93 -23.37 4.89 1.62
N GLU A 94 -23.48 3.62 1.27
CA GLU A 94 -23.55 3.09 -0.10
C GLU A 94 -22.19 2.92 -0.69
N LYS A 95 -21.20 3.41 -0.02
CA LYS A 95 -19.90 3.33 -0.56
C LYS A 95 -18.91 3.38 0.59
N THR A 96 -17.66 3.22 0.29
CA THR A 96 -16.64 3.32 1.29
C THR A 96 -15.49 4.15 0.77
N GLY A 97 -15.05 5.06 1.58
CA GLY A 97 -13.94 5.89 1.23
C GLY A 97 -12.67 5.25 1.66
N PHE A 98 -11.85 4.95 0.74
CA PHE A 98 -10.59 4.33 1.00
C PHE A 98 -9.52 5.37 0.97
N THR A 99 -8.70 5.40 1.98
CA THR A 99 -7.67 6.36 2.02
C THR A 99 -6.35 5.66 2.00
N LEU A 100 -5.57 5.96 1.01
CA LEU A 100 -4.28 5.39 0.87
C LEU A 100 -3.27 6.37 1.34
N ILE A 101 -2.33 5.83 2.00
CA ILE A 101 -1.25 6.55 2.61
C ILE A 101 0.02 5.78 2.30
N HIS A 102 0.96 6.44 1.74
CA HIS A 102 2.21 5.82 1.44
C HIS A 102 3.28 6.57 2.16
N SER A 103 4.13 5.86 2.83
CA SER A 103 5.29 6.43 3.46
C SER A 103 6.43 5.41 3.31
N GLY A 104 7.59 5.87 2.89
CA GLY A 104 8.71 4.97 2.76
C GLY A 104 9.61 5.05 3.97
N TRP A 105 9.91 3.93 4.57
CA TRP A 105 10.75 3.91 5.72
C TRP A 105 11.89 2.91 5.56
N LYS A 106 13.05 3.43 5.73
CA LYS A 106 14.31 2.76 5.57
C LYS A 106 15.26 3.88 5.97
N GLU A 107 16.51 3.87 5.55
CA GLU A 107 17.30 5.06 5.73
C GLU A 107 16.75 6.11 4.79
N PRO A 108 16.46 7.32 5.28
CA PRO A 108 15.96 8.39 4.44
C PRO A 108 17.00 8.78 3.40
N ASN A 109 16.89 8.17 2.26
CA ASN A 109 17.74 8.45 1.14
C ASN A 109 17.00 9.44 0.25
N GLU A 110 17.61 9.90 -0.78
CA GLU A 110 16.96 10.84 -1.65
C GLU A 110 16.13 10.08 -2.69
N VAL A 111 16.57 8.88 -2.97
CA VAL A 111 15.98 7.96 -3.94
C VAL A 111 15.55 6.70 -3.16
N ILE A 112 14.67 5.87 -3.73
CA ILE A 112 14.31 4.60 -3.07
C ILE A 112 15.55 3.71 -2.95
N GLY A 113 16.32 3.64 -4.00
CA GLY A 113 17.56 2.94 -3.93
C GLY A 113 17.75 1.87 -4.98
N LYS A 114 17.16 0.74 -4.77
CA LYS A 114 17.47 -0.43 -5.56
C LYS A 114 16.37 -0.74 -6.59
N ALA A 115 15.12 -0.48 -6.24
CA ALA A 115 13.98 -0.82 -7.11
C ALA A 115 14.02 -0.02 -8.40
N ASN A 116 14.48 1.20 -8.30
CA ASN A 116 14.60 2.08 -9.44
C ASN A 116 15.44 3.26 -9.03
N GLU A 117 16.51 3.47 -9.73
CA GLU A 117 17.39 4.57 -9.41
C GLU A 117 16.94 5.86 -10.09
N LYS A 118 16.10 6.57 -9.37
CA LYS A 118 15.66 7.92 -9.70
C LYS A 118 14.69 8.32 -8.61
N SER A 119 14.57 9.57 -8.34
CA SER A 119 13.67 10.00 -7.31
C SER A 119 12.49 10.75 -7.88
N SER A 120 12.77 11.72 -8.71
CA SER A 120 11.77 12.56 -9.32
C SER A 120 10.83 11.75 -10.23
N VAL A 121 11.43 10.92 -11.03
CA VAL A 121 10.70 10.05 -11.95
C VAL A 121 9.89 9.02 -11.19
N VAL A 122 10.54 8.38 -10.22
CA VAL A 122 9.87 7.41 -9.38
C VAL A 122 8.70 8.04 -8.63
N ARG A 123 8.86 9.29 -8.26
CA ARG A 123 7.81 10.00 -7.56
C ARG A 123 6.62 10.18 -8.51
N GLY A 124 6.91 10.68 -9.71
CA GLY A 124 5.89 10.89 -10.72
C GLY A 124 5.20 9.61 -11.12
N LYS A 125 5.98 8.57 -11.25
CA LYS A 125 5.50 7.26 -11.57
C LYS A 125 4.61 6.72 -10.44
N MET A 126 4.96 6.99 -9.19
CA MET A 126 4.18 6.54 -8.06
C MET A 126 2.87 7.28 -7.97
N ASP A 127 2.89 8.57 -8.30
CA ASP A 127 1.66 9.37 -8.35
C ASP A 127 0.67 8.76 -9.32
N GLY A 128 1.10 8.58 -10.56
CA GLY A 128 0.23 8.01 -11.57
C GLY A 128 -0.07 6.55 -11.28
N GLY A 129 0.94 5.84 -10.78
CA GLY A 129 0.80 4.46 -10.43
C GLY A 129 -0.24 4.23 -9.38
N TRP A 130 -0.03 4.79 -8.20
CA TRP A 130 -0.97 4.62 -7.09
C TRP A 130 -2.37 5.05 -7.44
N THR A 131 -2.51 6.21 -8.07
CA THR A 131 -3.83 6.72 -8.43
C THR A 131 -4.61 5.67 -9.25
N GLY A 132 -3.99 5.17 -10.31
CA GLY A 132 -4.65 4.20 -11.16
C GLY A 132 -4.84 2.86 -10.49
N ILE A 133 -3.80 2.41 -9.80
CA ILE A 133 -3.81 1.14 -9.11
C ILE A 133 -4.86 1.10 -8.02
N VAL A 134 -4.81 2.01 -7.06
CA VAL A 134 -5.76 1.94 -5.98
C VAL A 134 -7.19 2.15 -6.44
N ASN A 135 -7.36 3.02 -7.42
CA ASN A 135 -8.68 3.32 -7.97
C ASN A 135 -9.36 2.06 -8.50
N GLU A 136 -8.89 1.52 -9.60
CA GLU A 136 -9.61 0.44 -10.23
C GLU A 136 -9.27 -0.90 -9.61
N ARG A 137 -8.07 -1.05 -9.06
CA ARG A 137 -7.70 -2.35 -8.54
C ARG A 137 -8.43 -2.64 -7.25
N LEU A 138 -8.61 -1.63 -6.41
CA LEU A 138 -9.39 -1.85 -5.22
C LEU A 138 -10.84 -2.01 -5.61
N ARG A 139 -11.28 -1.15 -6.51
CA ARG A 139 -12.68 -1.17 -6.98
C ARG A 139 -13.04 -2.56 -7.57
N LYS A 140 -12.13 -3.15 -8.33
CA LYS A 140 -12.38 -4.46 -8.87
C LYS A 140 -12.30 -5.55 -7.85
N ALA A 141 -11.41 -5.43 -6.90
CA ALA A 141 -11.27 -6.47 -5.89
C ALA A 141 -12.41 -6.39 -4.87
N VAL A 142 -13.02 -5.23 -4.75
CA VAL A 142 -14.14 -5.10 -3.85
C VAL A 142 -15.45 -5.50 -4.55
N GLU A 143 -15.53 -5.30 -5.84
CA GLU A 143 -16.74 -5.63 -6.57
C GLU A 143 -16.73 -7.04 -7.16
N GLU A 144 -15.56 -7.53 -7.42
CA GLU A 144 -15.36 -8.82 -8.01
C GLU A 144 -14.01 -9.33 -7.48
N LEU A 145 -13.19 -9.91 -8.32
CA LEU A 145 -11.85 -10.30 -7.94
C LEU A 145 -10.89 -10.05 -9.10
N GLU A 146 -11.07 -10.81 -10.18
CA GLU A 146 -10.23 -10.72 -11.36
C GLU A 146 -10.84 -11.54 -12.47
N HIS A 147 -10.52 -11.17 -13.68
CA HIS A 147 -10.94 -11.91 -14.86
C HIS A 147 -10.01 -11.53 -16.00
N HIS A 148 -10.27 -10.40 -16.62
CA HIS A 148 -9.46 -9.87 -17.68
C HIS A 148 -9.51 -8.37 -17.64
N HIS A 149 -8.48 -7.77 -17.09
CA HIS A 149 -8.34 -6.33 -16.99
C HIS A 149 -6.90 -5.99 -17.04
N HIS A 150 -6.53 -5.12 -17.94
CA HIS A 150 -5.15 -4.72 -18.04
C HIS A 150 -4.85 -3.60 -17.05
N HIS A 151 -3.87 -3.79 -16.23
CA HIS A 151 -3.48 -2.76 -15.31
C HIS A 151 -2.04 -2.38 -15.60
N HIS A 152 -1.66 -1.18 -15.27
CA HIS A 152 -0.32 -0.73 -15.50
C HIS A 152 0.56 -1.20 -14.36
N MET A 1 6.97 15.58 -15.55
CA MET A 1 5.88 16.32 -14.93
C MET A 1 5.60 15.77 -13.56
N ALA A 2 5.74 16.59 -12.55
CA ALA A 2 5.57 16.16 -11.19
C ALA A 2 4.34 16.77 -10.57
N GLN A 3 3.51 15.94 -9.95
CA GLN A 3 2.36 16.44 -9.23
C GLN A 3 2.76 16.77 -7.81
N ASN A 4 3.76 16.06 -7.31
CA ASN A 4 4.35 16.40 -6.04
C ASN A 4 5.48 17.41 -6.29
N ASN A 5 6.30 17.72 -5.30
CA ASN A 5 7.29 18.79 -5.47
C ASN A 5 8.67 18.37 -4.97
N GLU A 6 8.88 17.09 -4.83
CA GLU A 6 10.08 16.61 -4.29
C GLU A 6 10.46 15.28 -4.91
N ASN A 7 11.71 15.16 -5.15
CA ASN A 7 12.34 13.96 -5.74
C ASN A 7 12.19 12.79 -4.79
N ALA A 8 12.44 13.04 -3.53
CA ALA A 8 12.32 12.05 -2.51
C ALA A 8 10.88 11.95 -2.10
N LEU A 9 10.29 10.79 -2.29
CA LEU A 9 8.91 10.57 -1.94
C LEU A 9 8.72 10.61 -0.42
N PRO A 10 7.94 11.57 0.06
CA PRO A 10 7.59 11.66 1.44
C PRO A 10 6.19 11.09 1.63
N ASP A 11 5.52 11.48 2.68
CA ASP A 11 4.16 11.02 2.89
C ASP A 11 3.23 11.67 1.86
N ILE A 12 2.42 10.86 1.23
CA ILE A 12 1.46 11.33 0.24
C ILE A 12 0.10 10.73 0.54
N THR A 13 -0.92 11.52 0.41
CA THR A 13 -2.28 11.08 0.67
C THR A 13 -3.06 11.04 -0.64
N LYS A 14 -3.79 9.97 -0.83
CA LYS A 14 -4.63 9.82 -1.99
C LYS A 14 -5.94 9.25 -1.51
N SER A 15 -6.98 9.89 -1.81
CA SER A 15 -8.28 9.47 -1.36
C SER A 15 -9.15 9.14 -2.57
N ILE A 16 -9.83 8.03 -2.50
CA ILE A 16 -10.63 7.57 -3.58
C ILE A 16 -11.91 6.95 -3.03
N THR A 17 -13.01 7.31 -3.58
CA THR A 17 -14.27 6.80 -3.16
C THR A 17 -14.72 5.65 -4.03
N LEU A 18 -15.01 4.54 -3.41
CA LEU A 18 -15.39 3.36 -4.13
C LEU A 18 -16.88 3.18 -4.09
N GLU A 19 -17.42 2.77 -5.21
CA GLU A 19 -18.85 2.53 -5.38
C GLU A 19 -19.26 1.14 -4.81
N ALA A 20 -18.54 0.71 -3.79
CA ALA A 20 -18.73 -0.57 -3.17
C ALA A 20 -18.86 -0.38 -1.68
N PRO A 21 -19.48 -1.34 -0.97
CA PRO A 21 -19.66 -1.29 0.47
C PRO A 21 -18.31 -1.36 1.20
N ILE A 22 -18.30 -0.90 2.44
CA ILE A 22 -17.08 -0.81 3.21
C ILE A 22 -16.49 -2.19 3.51
N GLN A 23 -17.35 -3.20 3.52
CA GLN A 23 -16.91 -4.57 3.76
C GLN A 23 -16.02 -5.07 2.61
N LYS A 24 -16.38 -4.75 1.38
CA LYS A 24 -15.66 -5.26 0.23
C LYS A 24 -14.32 -4.57 0.06
N VAL A 25 -14.30 -3.28 0.29
CA VAL A 25 -13.06 -2.53 0.25
C VAL A 25 -12.13 -3.01 1.36
N TRP A 26 -12.71 -3.30 2.53
CA TRP A 26 -11.98 -3.78 3.67
C TRP A 26 -11.27 -5.07 3.33
N GLU A 27 -11.97 -5.99 2.69
CA GLU A 27 -11.37 -7.25 2.27
C GLU A 27 -10.24 -6.99 1.29
N THR A 28 -10.44 -6.02 0.43
CA THR A 28 -9.46 -5.67 -0.58
C THR A 28 -8.16 -5.06 0.05
N VAL A 29 -8.20 -4.74 1.33
CA VAL A 29 -7.02 -4.26 2.01
C VAL A 29 -6.72 -5.02 3.30
N SER A 30 -7.44 -6.10 3.53
CA SER A 30 -7.24 -6.91 4.72
C SER A 30 -6.96 -8.37 4.37
N THR A 31 -7.12 -8.74 3.13
CA THR A 31 -6.81 -10.08 2.68
C THR A 31 -5.39 -10.06 2.15
N SER A 32 -4.71 -11.16 2.16
CA SER A 32 -3.32 -11.21 1.70
C SER A 32 -3.19 -10.73 0.24
N GLU A 33 -4.17 -11.13 -0.56
CA GLU A 33 -4.25 -10.78 -1.96
C GLU A 33 -4.48 -9.28 -2.11
N GLY A 34 -5.34 -8.76 -1.29
CA GLY A 34 -5.65 -7.35 -1.29
C GLY A 34 -4.51 -6.51 -0.69
N ILE A 35 -3.93 -6.99 0.37
CA ILE A 35 -2.83 -6.32 1.03
C ILE A 35 -1.65 -6.20 0.08
N ALA A 36 -1.30 -7.30 -0.58
CA ALA A 36 -0.23 -7.26 -1.55
C ALA A 36 -0.56 -6.38 -2.76
N LYS A 37 -1.72 -6.63 -3.41
CA LYS A 37 -2.17 -5.89 -4.64
C LYS A 37 -1.32 -6.23 -5.88
N TRP A 38 -0.02 -6.19 -5.68
CA TRP A 38 1.03 -6.44 -6.66
C TRP A 38 0.85 -7.84 -7.28
N PHE A 39 0.69 -8.82 -6.43
CA PHE A 39 0.57 -10.21 -6.82
C PHE A 39 -0.59 -10.78 -5.99
N MET A 40 -1.09 -11.97 -6.32
CA MET A 40 -2.20 -12.53 -5.55
C MET A 40 -1.76 -13.34 -4.29
N PRO A 41 -1.18 -14.58 -4.39
CA PRO A 41 -0.79 -15.37 -3.20
C PRO A 41 0.45 -14.78 -2.53
N ASN A 42 0.29 -14.29 -1.31
CA ASN A 42 1.39 -13.62 -0.60
C ASN A 42 1.43 -13.97 0.86
N ASP A 43 2.58 -13.70 1.47
CA ASP A 43 2.81 -14.03 2.87
C ASP A 43 2.30 -12.92 3.80
N PHE A 44 1.78 -11.85 3.22
CA PHE A 44 1.36 -10.74 4.03
C PHE A 44 0.05 -11.08 4.70
N GLN A 45 0.06 -11.09 6.00
CA GLN A 45 -1.07 -11.53 6.77
C GLN A 45 -1.65 -10.39 7.53
N LEU A 46 -2.92 -10.45 7.79
CA LEU A 46 -3.55 -9.46 8.59
C LEU A 46 -3.27 -9.84 10.03
N LYS A 47 -2.38 -9.13 10.62
CA LYS A 47 -2.05 -9.29 11.99
C LYS A 47 -1.99 -7.93 12.57
N GLU A 48 -2.49 -7.71 13.70
CA GLU A 48 -2.30 -6.41 14.30
C GLU A 48 -1.08 -6.42 15.16
N GLY A 49 0.02 -6.49 14.50
CA GLY A 49 1.26 -6.54 15.15
C GLY A 49 2.11 -7.65 14.61
N GLN A 50 2.96 -7.32 13.70
CA GLN A 50 3.87 -8.25 13.10
C GLN A 50 5.26 -7.66 13.19
N GLU A 51 6.25 -8.47 13.27
CA GLU A 51 7.62 -8.03 13.41
C GLU A 51 8.50 -8.75 12.43
N PHE A 52 9.55 -8.10 12.01
CA PHE A 52 10.49 -8.71 11.12
C PHE A 52 11.60 -9.26 11.97
N HIS A 53 12.16 -10.34 11.55
CA HIS A 53 13.25 -10.92 12.27
C HIS A 53 14.42 -11.01 11.35
N LEU A 54 15.60 -10.79 11.89
CA LEU A 54 16.83 -10.72 11.11
C LEU A 54 17.34 -12.13 10.74
N GLN A 55 16.41 -12.97 10.36
CA GLN A 55 16.68 -14.32 9.92
C GLN A 55 17.01 -14.28 8.45
N SER A 56 16.44 -13.29 7.78
CA SER A 56 16.55 -13.07 6.34
C SER A 56 16.11 -14.31 5.53
N PRO A 57 14.78 -14.51 5.40
CA PRO A 57 14.22 -15.64 4.66
C PRO A 57 14.36 -15.44 3.17
N PHE A 58 14.11 -16.48 2.40
CA PHE A 58 14.22 -16.38 0.97
C PHE A 58 12.94 -15.78 0.41
N GLY A 59 13.10 -14.81 -0.45
CA GLY A 59 12.00 -14.18 -1.07
C GLY A 59 11.88 -12.76 -0.59
N PRO A 60 10.72 -12.37 -0.07
CA PRO A 60 10.53 -11.03 0.43
C PRO A 60 11.04 -10.89 1.86
N SER A 61 11.49 -9.71 2.19
CA SER A 61 11.91 -9.41 3.51
C SER A 61 10.65 -9.17 4.37
N PRO A 62 10.60 -9.74 5.60
CA PRO A 62 9.42 -9.68 6.47
C PRO A 62 8.94 -8.26 6.75
N CYS A 63 7.66 -8.13 6.94
CA CYS A 63 7.06 -6.85 7.15
C CYS A 63 6.58 -6.73 8.58
N LYS A 64 6.25 -5.53 8.98
CA LYS A 64 5.74 -5.30 10.28
C LYS A 64 4.42 -4.63 10.16
N VAL A 65 3.41 -5.24 10.65
CA VAL A 65 2.15 -4.58 10.66
C VAL A 65 2.12 -3.76 11.91
N LEU A 66 1.83 -2.50 11.73
CA LEU A 66 1.83 -1.55 12.81
C LEU A 66 0.62 -1.81 13.68
N ALA A 67 -0.54 -1.83 13.05
CA ALA A 67 -1.78 -2.08 13.73
C ALA A 67 -2.88 -2.36 12.74
N VAL A 68 -3.85 -3.14 13.15
CA VAL A 68 -5.01 -3.38 12.35
C VAL A 68 -6.22 -2.94 13.17
N GLN A 69 -6.92 -1.98 12.65
CA GLN A 69 -8.09 -1.42 13.27
C GLN A 69 -9.31 -1.77 12.50
N ALA A 70 -10.34 -2.03 13.23
CA ALA A 70 -11.50 -2.74 12.77
C ALA A 70 -12.22 -1.93 11.74
N PRO A 71 -12.62 -2.62 10.61
CA PRO A 71 -13.03 -2.09 9.31
C PRO A 71 -13.03 -0.57 9.14
N THR A 72 -11.93 0.06 9.52
CA THR A 72 -11.77 1.46 9.36
C THR A 72 -10.31 1.82 9.08
N GLU A 73 -9.37 1.26 9.82
CA GLU A 73 -8.04 1.79 9.70
C GLU A 73 -6.99 0.71 9.74
N LEU A 74 -6.14 0.72 8.80
CA LEU A 74 -5.18 -0.32 8.67
C LEU A 74 -3.82 0.29 8.42
N SER A 75 -2.83 -0.16 9.13
CA SER A 75 -1.48 0.38 8.98
C SER A 75 -0.44 -0.74 9.01
N PHE A 76 0.40 -0.80 7.99
CA PHE A 76 1.44 -1.80 7.93
C PHE A 76 2.68 -1.25 7.25
N GLU A 77 3.80 -1.82 7.55
CA GLU A 77 5.06 -1.37 7.01
C GLU A 77 5.73 -2.56 6.31
N TRP A 78 6.03 -2.38 5.05
CA TRP A 78 6.68 -3.40 4.26
C TRP A 78 8.15 -3.15 4.08
N ASP A 79 8.90 -4.21 4.14
CA ASP A 79 10.28 -4.15 3.74
C ASP A 79 10.25 -4.58 2.25
N THR A 80 11.40 -4.78 1.61
CA THR A 80 11.45 -5.13 0.18
C THR A 80 10.94 -3.90 -0.63
N GLU A 81 11.20 -2.75 -0.02
CA GLU A 81 10.80 -1.44 -0.49
C GLU A 81 9.30 -1.28 -0.72
N GLY A 82 8.55 -1.58 0.31
CA GLY A 82 7.12 -1.35 0.29
C GLY A 82 6.78 -0.15 1.14
N TRP A 83 7.51 -0.05 2.26
CA TRP A 83 7.48 1.08 3.19
C TRP A 83 6.18 1.13 3.99
N VAL A 84 5.92 2.25 4.63
CA VAL A 84 4.78 2.36 5.52
C VAL A 84 3.58 2.86 4.75
N VAL A 85 2.56 2.07 4.72
CA VAL A 85 1.34 2.47 4.08
C VAL A 85 0.19 2.35 5.05
N THR A 86 -0.73 3.25 4.96
CA THR A 86 -1.88 3.24 5.81
C THR A 86 -3.14 3.37 4.97
N PHE A 87 -4.18 2.63 5.34
CA PHE A 87 -5.44 2.69 4.67
C PHE A 87 -6.45 3.14 5.67
N GLN A 88 -7.33 3.97 5.23
CA GLN A 88 -8.40 4.47 6.04
C GLN A 88 -9.71 4.31 5.31
N LEU A 89 -10.73 3.94 6.03
CA LEU A 89 -12.04 3.76 5.45
C LEU A 89 -13.03 4.71 6.08
N GLU A 90 -13.67 5.49 5.27
CA GLU A 90 -14.69 6.40 5.69
C GLU A 90 -16.03 5.89 5.18
N ASP A 91 -16.89 5.56 6.10
CA ASP A 91 -18.21 5.09 5.77
C ASP A 91 -19.12 6.24 5.42
N LEU A 92 -19.49 6.30 4.16
CA LEU A 92 -20.41 7.28 3.67
C LEU A 92 -21.69 6.58 3.32
N GLY A 93 -22.77 7.30 3.36
CA GLY A 93 -24.06 6.71 3.10
C GLY A 93 -24.39 6.67 1.63
N GLU A 94 -23.38 6.36 0.84
CA GLU A 94 -23.44 6.33 -0.61
C GLU A 94 -22.35 5.43 -1.14
N LYS A 95 -21.18 5.57 -0.56
CA LYS A 95 -19.99 4.98 -1.08
C LYS A 95 -19.02 4.81 0.06
N THR A 96 -17.90 4.24 -0.21
CA THR A 96 -16.91 4.09 0.79
C THR A 96 -15.71 4.94 0.44
N GLY A 97 -15.32 5.79 1.35
CA GLY A 97 -14.21 6.64 1.12
C GLY A 97 -12.93 5.97 1.57
N PHE A 98 -12.11 5.60 0.66
CA PHE A 98 -10.85 4.94 0.99
C PHE A 98 -9.77 5.97 0.96
N THR A 99 -8.95 5.99 1.97
CA THR A 99 -7.91 6.94 2.01
C THR A 99 -6.59 6.22 2.11
N LEU A 100 -5.75 6.48 1.18
CA LEU A 100 -4.46 5.93 1.17
C LEU A 100 -3.49 6.95 1.61
N ILE A 101 -2.59 6.50 2.36
CA ILE A 101 -1.55 7.29 2.92
C ILE A 101 -0.29 6.49 2.75
N HIS A 102 0.68 7.08 2.14
CA HIS A 102 1.94 6.44 1.99
C HIS A 102 2.93 7.23 2.77
N SER A 103 3.70 6.56 3.55
CA SER A 103 4.73 7.17 4.32
C SER A 103 5.97 6.29 4.24
N GLY A 104 7.12 6.90 4.33
CA GLY A 104 8.36 6.18 4.25
C GLY A 104 8.97 6.03 5.63
N TRP A 105 9.83 5.05 5.79
CA TRP A 105 10.43 4.84 7.09
C TRP A 105 11.95 4.72 7.02
N LYS A 106 12.58 5.86 7.21
CA LYS A 106 14.01 6.00 7.38
C LYS A 106 14.31 7.48 7.59
N GLU A 107 14.23 8.24 6.51
CA GLU A 107 14.43 9.68 6.48
C GLU A 107 14.35 10.13 5.03
N PRO A 108 13.76 11.28 4.74
CA PRO A 108 13.76 11.82 3.40
C PRO A 108 15.14 12.38 3.06
N ASN A 109 15.75 11.85 2.04
CA ASN A 109 17.06 12.31 1.60
C ASN A 109 16.83 13.24 0.42
N GLU A 110 17.84 13.49 -0.40
CA GLU A 110 17.65 14.27 -1.64
C GLU A 110 16.98 13.39 -2.70
N VAL A 111 16.94 12.13 -2.37
CA VAL A 111 16.35 11.09 -3.15
C VAL A 111 15.70 10.17 -2.12
N ILE A 112 15.01 9.14 -2.55
CA ILE A 112 14.36 8.22 -1.64
C ILE A 112 15.36 7.58 -0.65
N GLY A 113 16.56 7.23 -1.13
CA GLY A 113 17.61 6.72 -0.27
C GLY A 113 17.40 5.27 0.12
N LYS A 114 16.34 5.05 0.87
CA LYS A 114 15.94 3.75 1.41
C LYS A 114 15.91 2.66 0.32
N ALA A 115 15.29 2.97 -0.78
CA ALA A 115 15.09 1.99 -1.83
C ALA A 115 16.34 1.60 -2.59
N ASN A 116 17.34 2.50 -2.60
CA ASN A 116 18.58 2.30 -3.37
C ASN A 116 18.24 2.21 -4.85
N GLU A 117 17.22 2.94 -5.23
CA GLU A 117 16.72 2.93 -6.57
C GLU A 117 17.01 4.22 -7.30
N LYS A 118 16.33 4.42 -8.41
CA LYS A 118 16.47 5.59 -9.24
C LYS A 118 15.76 6.78 -8.58
N SER A 119 15.62 7.86 -9.27
CA SER A 119 15.00 9.00 -8.67
C SER A 119 13.84 9.54 -9.48
N SER A 120 14.12 10.10 -10.64
CA SER A 120 13.13 10.71 -11.46
C SER A 120 12.08 9.68 -11.91
N VAL A 121 12.55 8.51 -12.33
CA VAL A 121 11.61 7.50 -12.78
C VAL A 121 10.83 6.94 -11.59
N VAL A 122 11.48 6.84 -10.43
CA VAL A 122 10.83 6.34 -9.23
C VAL A 122 9.77 7.30 -8.76
N ARG A 123 10.09 8.58 -8.78
CA ARG A 123 9.16 9.61 -8.38
C ARG A 123 7.92 9.52 -9.26
N GLY A 124 8.14 9.51 -10.57
CA GLY A 124 7.07 9.44 -11.55
C GLY A 124 6.24 8.20 -11.42
N LYS A 125 6.90 7.09 -11.20
CA LYS A 125 6.26 5.82 -11.02
C LYS A 125 5.48 5.76 -9.70
N MET A 126 5.95 6.43 -8.68
CA MET A 126 5.22 6.45 -7.41
C MET A 126 4.04 7.40 -7.49
N ASP A 127 4.28 8.55 -8.08
CA ASP A 127 3.27 9.61 -8.30
C ASP A 127 2.09 9.03 -9.11
N GLY A 128 2.40 8.61 -10.34
CA GLY A 128 1.38 8.05 -11.20
C GLY A 128 0.95 6.69 -10.74
N GLY A 129 1.89 5.94 -10.19
CA GLY A 129 1.64 4.61 -9.70
C GLY A 129 0.62 4.59 -8.62
N TRP A 130 0.88 5.28 -7.51
CA TRP A 130 -0.09 5.32 -6.41
C TRP A 130 -1.42 5.90 -6.85
N THR A 131 -1.40 6.92 -7.68
CA THR A 131 -2.64 7.48 -8.18
C THR A 131 -3.47 6.42 -8.96
N GLY A 132 -2.83 5.79 -9.93
CA GLY A 132 -3.52 4.82 -10.77
C GLY A 132 -3.84 3.52 -10.07
N ILE A 133 -2.84 2.94 -9.40
CA ILE A 133 -2.98 1.66 -8.73
C ILE A 133 -4.02 1.74 -7.64
N VAL A 134 -3.94 2.73 -6.77
CA VAL A 134 -4.91 2.82 -5.71
C VAL A 134 -6.31 3.04 -6.26
N ASN A 135 -6.46 4.01 -7.15
CA ASN A 135 -7.76 4.33 -7.71
C ASN A 135 -8.42 3.10 -8.35
N GLU A 136 -7.82 2.57 -9.40
CA GLU A 136 -8.48 1.51 -10.11
C GLU A 136 -8.31 0.15 -9.46
N ARG A 137 -7.13 -0.20 -8.95
CA ARG A 137 -6.95 -1.57 -8.42
C ARG A 137 -7.87 -1.81 -7.22
N LEU A 138 -8.05 -0.79 -6.37
CA LEU A 138 -8.99 -0.96 -5.28
C LEU A 138 -10.41 -1.01 -5.79
N ARG A 139 -10.78 -0.05 -6.63
CA ARG A 139 -12.14 0.02 -7.18
C ARG A 139 -12.48 -1.25 -8.03
N LYS A 140 -11.52 -1.75 -8.73
CA LYS A 140 -11.67 -2.88 -9.60
C LYS A 140 -11.86 -4.14 -8.76
N ALA A 141 -11.01 -4.31 -7.75
CA ALA A 141 -11.06 -5.50 -6.89
C ALA A 141 -12.34 -5.56 -6.11
N VAL A 142 -12.88 -4.41 -5.73
CA VAL A 142 -14.12 -4.40 -5.00
C VAL A 142 -15.28 -4.71 -5.92
N GLU A 143 -15.17 -4.30 -7.17
CA GLU A 143 -16.22 -4.61 -8.12
C GLU A 143 -16.16 -6.07 -8.56
N GLU A 144 -14.98 -6.51 -8.92
CA GLU A 144 -14.73 -7.86 -9.36
C GLU A 144 -13.24 -8.12 -9.52
N LEU A 145 -12.66 -8.86 -8.58
CA LEU A 145 -11.25 -9.15 -8.61
C LEU A 145 -10.93 -10.11 -9.75
N GLU A 146 -10.51 -9.55 -10.85
CA GLU A 146 -10.16 -10.33 -12.02
C GLU A 146 -8.66 -10.61 -12.10
N HIS A 147 -7.84 -9.59 -11.85
CA HIS A 147 -6.39 -9.72 -11.97
C HIS A 147 -5.69 -8.87 -10.91
N HIS A 148 -4.37 -9.01 -10.83
CA HIS A 148 -3.55 -8.20 -9.96
C HIS A 148 -3.02 -6.99 -10.74
N HIS A 149 -2.34 -6.06 -10.09
CA HIS A 149 -1.83 -4.89 -10.80
C HIS A 149 -0.65 -4.31 -10.05
N HIS A 150 0.40 -4.04 -10.80
CA HIS A 150 1.61 -3.45 -10.28
C HIS A 150 2.18 -2.54 -11.36
N HIS A 151 3.10 -1.67 -10.98
CA HIS A 151 3.68 -0.75 -11.94
C HIS A 151 5.20 -0.89 -11.92
N HIS A 152 5.80 -0.80 -13.07
CA HIS A 152 7.23 -0.97 -13.22
C HIS A 152 7.90 0.40 -13.24
N MET A 1 -0.10 13.40 -8.16
CA MET A 1 0.68 14.14 -9.14
C MET A 1 1.16 15.42 -8.51
N ALA A 2 2.40 15.83 -8.84
CA ALA A 2 3.00 17.13 -8.45
C ALA A 2 3.31 17.32 -6.95
N GLN A 3 2.44 16.83 -6.08
CA GLN A 3 2.56 17.01 -4.63
C GLN A 3 3.84 16.38 -4.07
N ASN A 4 4.28 15.31 -4.71
CA ASN A 4 5.48 14.57 -4.29
C ASN A 4 6.75 15.19 -4.92
N ASN A 5 6.74 16.50 -5.03
CA ASN A 5 7.81 17.28 -5.70
C ASN A 5 9.06 17.39 -4.87
N GLU A 6 9.05 16.78 -3.71
CA GLU A 6 10.16 16.89 -2.78
C GLU A 6 11.34 16.01 -3.18
N ASN A 7 11.15 15.28 -4.28
CA ASN A 7 12.22 14.51 -4.97
C ASN A 7 12.58 13.20 -4.26
N ALA A 8 12.40 13.19 -2.96
CA ALA A 8 12.55 12.00 -2.17
C ALA A 8 11.15 11.42 -1.96
N LEU A 9 10.96 10.55 -1.02
CA LEU A 9 9.64 10.03 -0.75
C LEU A 9 9.10 10.59 0.56
N PRO A 10 8.25 11.62 0.47
CA PRO A 10 7.63 12.23 1.62
C PRO A 10 6.23 11.62 1.84
N ASP A 11 5.39 12.32 2.56
CA ASP A 11 4.03 11.89 2.78
C ASP A 11 3.20 12.15 1.55
N ILE A 12 2.81 11.11 0.85
CA ILE A 12 1.88 11.29 -0.25
C ILE A 12 0.51 10.86 0.25
N THR A 13 -0.44 11.69 0.08
CA THR A 13 -1.77 11.41 0.49
C THR A 13 -2.65 11.23 -0.73
N LYS A 14 -3.36 10.15 -0.77
CA LYS A 14 -4.24 9.83 -1.85
C LYS A 14 -5.60 9.44 -1.32
N SER A 15 -6.64 9.98 -1.87
CA SER A 15 -7.97 9.59 -1.49
C SER A 15 -8.66 9.02 -2.72
N ILE A 16 -9.29 7.90 -2.57
CA ILE A 16 -9.94 7.25 -3.70
C ILE A 16 -11.20 6.52 -3.19
N THR A 17 -12.25 6.57 -3.95
CA THR A 17 -13.51 6.00 -3.55
C THR A 17 -13.79 4.66 -4.23
N LEU A 18 -14.20 3.70 -3.44
CA LEU A 18 -14.47 2.35 -3.91
C LEU A 18 -15.94 2.06 -3.90
N GLU A 19 -16.41 1.37 -4.92
CA GLU A 19 -17.83 1.01 -5.12
C GLU A 19 -18.23 -0.21 -4.28
N ALA A 20 -17.53 -0.42 -3.19
CA ALA A 20 -17.69 -1.59 -2.36
C ALA A 20 -17.80 -1.14 -0.92
N PRO A 21 -18.26 -2.02 0.01
CA PRO A 21 -18.40 -1.65 1.40
C PRO A 21 -17.04 -1.52 2.07
N ILE A 22 -17.02 -0.83 3.20
CA ILE A 22 -15.79 -0.57 3.93
C ILE A 22 -15.09 -1.88 4.31
N GLN A 23 -15.90 -2.90 4.53
CA GLN A 23 -15.43 -4.23 4.87
C GLN A 23 -14.47 -4.78 3.82
N LYS A 24 -14.87 -4.71 2.57
CA LYS A 24 -14.09 -5.30 1.49
C LYS A 24 -12.85 -4.47 1.20
N VAL A 25 -12.99 -3.17 1.30
CA VAL A 25 -11.86 -2.26 1.04
C VAL A 25 -10.80 -2.43 2.12
N TRP A 26 -11.27 -2.57 3.34
CA TRP A 26 -10.43 -2.74 4.48
C TRP A 26 -9.62 -4.02 4.35
N GLU A 27 -10.27 -5.10 3.97
CA GLU A 27 -9.58 -6.36 3.83
C GLU A 27 -8.63 -6.35 2.62
N THR A 28 -8.89 -5.48 1.65
CA THR A 28 -8.03 -5.33 0.49
C THR A 28 -6.65 -4.73 0.88
N VAL A 29 -6.57 -4.11 2.04
CA VAL A 29 -5.31 -3.58 2.53
C VAL A 29 -4.96 -4.17 3.90
N SER A 30 -5.60 -5.26 4.24
CA SER A 30 -5.37 -5.90 5.54
C SER A 30 -5.38 -7.45 5.47
N THR A 31 -5.40 -8.00 4.28
CA THR A 31 -5.34 -9.45 4.14
C THR A 31 -4.05 -9.84 3.48
N SER A 32 -3.76 -11.12 3.50
CA SER A 32 -2.63 -11.67 2.84
C SER A 32 -2.71 -11.37 1.34
N GLU A 33 -3.92 -11.47 0.83
CA GLU A 33 -4.21 -11.29 -0.57
C GLU A 33 -4.04 -9.83 -0.97
N GLY A 34 -4.59 -8.93 -0.16
CA GLY A 34 -4.53 -7.53 -0.48
C GLY A 34 -3.15 -6.92 -0.29
N ILE A 35 -2.54 -7.21 0.86
CA ILE A 35 -1.22 -6.67 1.19
C ILE A 35 -0.16 -7.14 0.19
N ALA A 36 -0.33 -8.38 -0.30
CA ALA A 36 0.52 -8.95 -1.35
C ALA A 36 0.60 -8.03 -2.58
N LYS A 37 -0.48 -7.27 -2.85
CA LYS A 37 -0.61 -6.33 -3.99
C LYS A 37 -0.81 -7.07 -5.30
N TRP A 38 0.09 -7.92 -5.64
CA TRP A 38 -0.13 -8.78 -6.77
C TRP A 38 -0.74 -10.04 -6.18
N PHE A 39 -1.49 -10.80 -6.95
CA PHE A 39 -2.13 -11.97 -6.40
C PHE A 39 -1.10 -13.09 -6.21
N MET A 40 -0.47 -13.06 -5.06
CA MET A 40 0.55 -14.00 -4.69
C MET A 40 0.22 -14.50 -3.31
N PRO A 41 -0.03 -15.79 -3.15
CA PRO A 41 -0.30 -16.39 -1.84
C PRO A 41 0.88 -16.24 -0.88
N ASN A 42 0.82 -15.23 -0.06
CA ASN A 42 1.82 -15.00 0.96
C ASN A 42 1.07 -14.69 2.21
N ASP A 43 1.56 -15.14 3.29
CA ASP A 43 0.84 -15.10 4.53
C ASP A 43 1.10 -13.84 5.34
N PHE A 44 0.61 -12.75 4.84
CA PHE A 44 0.63 -11.53 5.62
C PHE A 44 -0.49 -11.63 6.66
N GLN A 45 -0.15 -11.37 7.87
CA GLN A 45 -1.07 -11.53 8.99
C GLN A 45 -1.45 -10.16 9.50
N LEU A 46 -2.68 -9.98 9.94
CA LEU A 46 -3.02 -8.70 10.46
C LEU A 46 -2.68 -8.72 11.93
N LYS A 47 -1.59 -8.10 12.25
CA LYS A 47 -1.08 -8.05 13.56
C LYS A 47 -0.72 -6.64 13.83
N GLU A 48 -1.10 -6.10 14.90
CA GLU A 48 -0.70 -4.77 15.22
C GLU A 48 0.58 -4.81 16.00
N GLY A 49 1.61 -5.06 15.25
CA GLY A 49 2.90 -5.16 15.79
C GLY A 49 3.55 -6.45 15.31
N GLN A 50 3.64 -6.62 14.02
CA GLN A 50 4.16 -7.84 13.45
C GLN A 50 5.65 -7.70 13.23
N GLU A 51 6.35 -8.76 13.47
CA GLU A 51 7.78 -8.81 13.31
C GLU A 51 8.11 -9.86 12.26
N PHE A 52 9.16 -9.66 11.52
CA PHE A 52 9.54 -10.64 10.54
C PHE A 52 11.02 -10.98 10.69
N HIS A 53 11.38 -12.18 10.42
CA HIS A 53 12.74 -12.58 10.43
C HIS A 53 12.97 -13.37 9.17
N LEU A 54 14.11 -13.19 8.53
CA LEU A 54 14.44 -13.98 7.36
C LEU A 54 15.05 -15.28 7.84
N GLN A 55 14.18 -16.14 8.34
CA GLN A 55 14.59 -17.38 8.94
C GLN A 55 14.65 -18.47 7.89
N SER A 56 13.64 -18.54 7.07
CA SER A 56 13.63 -19.50 6.01
C SER A 56 13.64 -18.77 4.64
N PRO A 57 12.61 -17.94 4.27
CA PRO A 57 12.67 -17.14 3.05
C PRO A 57 13.67 -16.00 3.21
N PHE A 58 14.63 -15.95 2.33
CA PHE A 58 15.65 -14.93 2.37
C PHE A 58 15.36 -13.88 1.28
N GLY A 59 14.66 -14.33 0.26
CA GLY A 59 14.33 -13.46 -0.85
C GLY A 59 13.10 -12.62 -0.58
N PRO A 60 11.90 -13.26 -0.50
CA PRO A 60 10.66 -12.54 -0.20
C PRO A 60 10.70 -11.93 1.19
N SER A 61 10.88 -10.63 1.23
CA SER A 61 10.95 -9.89 2.45
C SER A 61 9.55 -9.50 2.94
N PRO A 62 9.11 -10.05 4.08
CA PRO A 62 7.83 -9.68 4.68
C PRO A 62 7.89 -8.28 5.30
N CYS A 63 6.80 -7.85 5.87
CA CYS A 63 6.73 -6.55 6.44
C CYS A 63 6.63 -6.62 7.96
N LYS A 64 6.77 -5.48 8.58
CA LYS A 64 6.69 -5.32 9.99
C LYS A 64 5.58 -4.34 10.23
N VAL A 65 4.55 -4.76 10.90
CA VAL A 65 3.39 -3.90 11.06
C VAL A 65 3.59 -2.99 12.24
N LEU A 66 3.27 -1.74 12.07
CA LEU A 66 3.43 -0.76 13.10
C LEU A 66 2.23 -0.82 14.02
N ALA A 67 1.07 -0.66 13.44
CA ALA A 67 -0.18 -0.68 14.17
C ALA A 67 -1.33 -0.94 13.22
N VAL A 68 -2.36 -1.59 13.73
CA VAL A 68 -3.55 -1.86 12.96
C VAL A 68 -4.73 -1.32 13.74
N GLN A 69 -5.43 -0.41 13.16
CA GLN A 69 -6.58 0.19 13.76
C GLN A 69 -7.81 -0.35 13.15
N ALA A 70 -8.76 -0.54 13.97
CA ALA A 70 -9.94 -1.29 13.68
C ALA A 70 -10.74 -0.55 12.64
N PRO A 71 -11.14 -1.31 11.57
CA PRO A 71 -11.59 -0.85 10.26
C PRO A 71 -11.59 0.66 9.98
N THR A 72 -10.48 1.30 10.30
CA THR A 72 -10.30 2.69 10.01
C THR A 72 -8.86 2.97 9.59
N GLU A 73 -7.87 2.29 10.17
CA GLU A 73 -6.51 2.65 9.84
C GLU A 73 -5.59 1.46 9.89
N LEU A 74 -4.65 1.45 9.01
CA LEU A 74 -3.71 0.39 8.93
C LEU A 74 -2.35 1.00 8.69
N SER A 75 -1.36 0.56 9.39
CA SER A 75 -0.02 1.05 9.17
C SER A 75 1.03 -0.04 9.29
N PHE A 76 1.86 -0.19 8.28
CA PHE A 76 2.90 -1.21 8.27
C PHE A 76 4.13 -0.70 7.57
N GLU A 77 5.24 -1.26 7.91
CA GLU A 77 6.52 -0.82 7.45
C GLU A 77 7.19 -1.98 6.72
N TRP A 78 7.74 -1.70 5.59
CA TRP A 78 8.39 -2.70 4.80
C TRP A 78 9.88 -2.38 4.76
N ASP A 79 10.69 -3.34 5.15
CA ASP A 79 12.15 -3.16 5.30
C ASP A 79 12.87 -2.79 4.01
N THR A 80 12.34 -3.22 2.89
CA THR A 80 12.92 -2.96 1.61
C THR A 80 12.82 -1.45 1.31
N GLU A 81 13.91 -0.80 1.64
CA GLU A 81 14.16 0.62 1.53
C GLU A 81 13.50 1.46 2.61
N GLY A 82 12.88 0.78 3.56
CA GLY A 82 12.27 1.44 4.67
C GLY A 82 11.06 2.24 4.29
N TRP A 83 10.08 1.59 3.72
CA TRP A 83 8.86 2.27 3.35
C TRP A 83 7.80 2.05 4.41
N VAL A 84 7.13 3.10 4.81
CA VAL A 84 6.09 3.00 5.80
C VAL A 84 4.80 3.47 5.19
N VAL A 85 3.82 2.62 5.16
CA VAL A 85 2.55 2.96 4.55
C VAL A 85 1.44 2.95 5.59
N THR A 86 0.46 3.76 5.36
CA THR A 86 -0.69 3.85 6.20
C THR A 86 -1.93 3.96 5.31
N PHE A 87 -2.97 3.25 5.66
CA PHE A 87 -4.21 3.32 4.94
C PHE A 87 -5.28 3.74 5.90
N GLN A 88 -6.23 4.46 5.41
CA GLN A 88 -7.33 4.94 6.20
C GLN A 88 -8.65 4.67 5.52
N LEU A 89 -9.64 4.30 6.30
CA LEU A 89 -10.95 3.97 5.79
C LEU A 89 -11.99 5.00 6.22
N GLU A 90 -12.66 5.56 5.26
CA GLU A 90 -13.70 6.54 5.42
C GLU A 90 -15.05 5.92 5.02
N ASP A 91 -15.99 5.95 5.92
CA ASP A 91 -17.31 5.38 5.69
C ASP A 91 -18.22 6.37 4.98
N LEU A 92 -18.72 5.97 3.85
CA LEU A 92 -19.69 6.75 3.11
C LEU A 92 -20.91 5.88 2.88
N GLY A 93 -22.02 6.52 2.65
CA GLY A 93 -23.29 5.81 2.56
C GLY A 93 -23.58 5.18 1.21
N GLU A 94 -22.61 4.40 0.69
CA GLU A 94 -22.74 3.65 -0.56
C GLU A 94 -21.38 3.17 -0.99
N LYS A 95 -20.41 4.02 -0.80
CA LYS A 95 -19.09 3.75 -1.27
C LYS A 95 -18.14 3.91 -0.10
N THR A 96 -16.90 3.62 -0.31
CA THR A 96 -15.94 3.73 0.72
C THR A 96 -14.84 4.68 0.30
N GLY A 97 -14.47 5.56 1.19
CA GLY A 97 -13.40 6.45 0.93
C GLY A 97 -12.12 5.85 1.47
N PHE A 98 -11.23 5.54 0.63
CA PHE A 98 -9.97 4.97 1.03
C PHE A 98 -8.92 6.03 0.98
N THR A 99 -8.12 6.10 2.00
CA THR A 99 -7.10 7.06 2.00
C THR A 99 -5.77 6.35 2.11
N LEU A 100 -4.92 6.66 1.20
CA LEU A 100 -3.62 6.11 1.16
C LEU A 100 -2.68 7.16 1.66
N ILE A 101 -1.77 6.73 2.45
CA ILE A 101 -0.76 7.58 2.99
C ILE A 101 0.55 6.81 2.87
N HIS A 102 1.51 7.37 2.23
CA HIS A 102 2.80 6.72 2.13
C HIS A 102 3.81 7.64 2.72
N SER A 103 4.64 7.12 3.56
CA SER A 103 5.69 7.85 4.15
C SER A 103 6.93 7.00 4.13
N GLY A 104 8.06 7.65 4.13
CA GLY A 104 9.30 6.96 4.25
C GLY A 104 9.56 6.62 5.70
N TRP A 105 10.58 5.81 5.95
CA TRP A 105 10.96 5.40 7.31
C TRP A 105 11.14 6.61 8.19
N LYS A 106 12.08 7.48 7.81
CA LYS A 106 12.34 8.75 8.49
C LYS A 106 13.60 9.35 7.93
N GLU A 107 13.48 10.45 7.21
CA GLU A 107 14.62 11.25 6.75
C GLU A 107 14.10 12.38 5.85
N PRO A 108 14.41 13.63 6.18
CA PRO A 108 13.99 14.79 5.38
C PRO A 108 15.07 15.18 4.35
N ASN A 109 15.65 14.19 3.73
CA ASN A 109 16.74 14.41 2.78
C ASN A 109 16.21 14.69 1.36
N GLU A 110 17.10 14.75 0.37
CA GLU A 110 16.71 15.18 -0.97
C GLU A 110 16.29 14.04 -1.89
N VAL A 111 16.98 12.93 -1.81
CA VAL A 111 16.70 11.79 -2.68
C VAL A 111 16.57 10.57 -1.80
N ILE A 112 15.86 9.55 -2.26
CA ILE A 112 15.70 8.30 -1.50
C ILE A 112 17.08 7.65 -1.22
N GLY A 113 18.00 7.81 -2.17
CA GLY A 113 19.36 7.39 -2.00
C GLY A 113 19.57 5.90 -2.13
N LYS A 114 19.44 5.22 -1.00
CA LYS A 114 19.75 3.79 -0.84
C LYS A 114 18.99 2.86 -1.78
N ALA A 115 17.85 3.30 -2.25
CA ALA A 115 17.05 2.48 -3.15
C ALA A 115 17.72 2.32 -4.53
N ASN A 116 18.74 3.15 -4.78
CA ASN A 116 19.61 3.12 -5.99
C ASN A 116 18.95 3.68 -7.23
N GLU A 117 17.66 3.75 -7.24
CA GLU A 117 16.96 4.30 -8.38
C GLU A 117 17.09 5.80 -8.40
N LYS A 118 16.98 6.38 -9.57
CA LYS A 118 17.07 7.82 -9.74
C LYS A 118 15.91 8.52 -9.10
N SER A 119 16.15 9.71 -8.63
CA SER A 119 15.18 10.55 -7.99
C SER A 119 13.98 10.84 -8.91
N SER A 120 14.29 11.14 -10.15
CA SER A 120 13.30 11.48 -11.13
C SER A 120 12.40 10.30 -11.46
N VAL A 121 13.00 9.12 -11.65
CA VAL A 121 12.22 7.95 -11.95
C VAL A 121 11.44 7.53 -10.72
N VAL A 122 12.03 7.67 -9.53
CA VAL A 122 11.33 7.36 -8.30
C VAL A 122 10.11 8.24 -8.13
N ARG A 123 10.28 9.54 -8.35
CA ARG A 123 9.19 10.49 -8.28
C ARG A 123 8.04 10.08 -9.20
N GLY A 124 8.37 9.79 -10.44
CA GLY A 124 7.37 9.41 -11.42
C GLY A 124 6.74 8.09 -11.11
N LYS A 125 7.56 7.16 -10.72
CA LYS A 125 7.12 5.83 -10.41
C LYS A 125 6.26 5.76 -9.16
N MET A 126 6.62 6.43 -8.08
CA MET A 126 5.81 6.31 -6.88
C MET A 126 4.54 7.10 -6.92
N ASP A 127 4.54 8.21 -7.65
CA ASP A 127 3.30 8.96 -7.83
C ASP A 127 2.39 8.18 -8.74
N GLY A 128 2.90 7.86 -9.93
CA GLY A 128 2.13 7.15 -10.93
C GLY A 128 1.74 5.77 -10.46
N GLY A 129 2.65 5.13 -9.76
CA GLY A 129 2.41 3.82 -9.24
C GLY A 129 1.30 3.83 -8.23
N TRP A 130 1.45 4.61 -7.17
CA TRP A 130 0.42 4.64 -6.14
C TRP A 130 -0.92 5.15 -6.60
N THR A 131 -0.92 6.14 -7.47
CA THR A 131 -2.17 6.66 -7.98
C THR A 131 -2.88 5.62 -8.86
N GLY A 132 -2.18 5.11 -9.87
CA GLY A 132 -2.75 4.18 -10.80
C GLY A 132 -3.03 2.81 -10.18
N ILE A 133 -2.03 2.26 -9.49
CA ILE A 133 -2.16 0.96 -8.89
C ILE A 133 -3.22 0.95 -7.83
N VAL A 134 -3.16 1.86 -6.85
CA VAL A 134 -4.18 1.89 -5.82
C VAL A 134 -5.59 2.11 -6.37
N ASN A 135 -5.73 2.99 -7.34
CA ASN A 135 -7.04 3.26 -7.96
C ASN A 135 -7.69 1.96 -8.45
N GLU A 136 -7.01 1.30 -9.33
CA GLU A 136 -7.56 0.13 -9.96
C GLU A 136 -7.46 -1.11 -9.09
N ARG A 137 -6.35 -1.31 -8.42
CA ARG A 137 -6.15 -2.55 -7.65
C ARG A 137 -7.15 -2.61 -6.50
N LEU A 138 -7.37 -1.48 -5.83
CA LEU A 138 -8.36 -1.43 -4.77
C LEU A 138 -9.74 -1.63 -5.35
N ARG A 139 -10.08 -0.85 -6.36
CA ARG A 139 -11.41 -0.88 -6.95
C ARG A 139 -11.69 -2.25 -7.59
N LYS A 140 -10.69 -2.89 -8.10
CA LYS A 140 -10.87 -4.18 -8.68
C LYS A 140 -10.97 -5.27 -7.68
N ALA A 141 -10.09 -5.26 -6.70
CA ALA A 141 -10.11 -6.33 -5.70
C ALA A 141 -11.39 -6.30 -4.89
N VAL A 142 -12.03 -5.16 -4.83
CA VAL A 142 -13.28 -5.05 -4.15
C VAL A 142 -14.45 -5.44 -5.08
N GLU A 143 -14.33 -5.14 -6.37
CA GLU A 143 -15.40 -5.46 -7.33
C GLU A 143 -15.30 -6.88 -7.88
N GLU A 144 -14.31 -7.16 -8.71
CA GLU A 144 -14.18 -8.48 -9.29
C GLU A 144 -12.75 -8.96 -9.29
N LEU A 145 -12.60 -10.22 -9.02
CA LEU A 145 -11.31 -10.83 -8.82
C LEU A 145 -10.68 -11.43 -10.07
N GLU A 146 -11.16 -11.07 -11.24
CA GLU A 146 -10.58 -11.63 -12.45
C GLU A 146 -9.27 -10.92 -12.73
N HIS A 147 -9.33 -9.62 -12.85
CA HIS A 147 -8.14 -8.87 -13.05
C HIS A 147 -8.06 -7.74 -12.03
N HIS A 148 -7.15 -7.89 -11.10
CA HIS A 148 -6.97 -6.89 -10.05
C HIS A 148 -6.11 -5.74 -10.55
N HIS A 149 -5.50 -5.91 -11.71
CA HIS A 149 -4.68 -4.91 -12.31
C HIS A 149 -4.64 -5.23 -13.81
N HIS A 150 -4.96 -4.25 -14.64
CA HIS A 150 -5.00 -4.50 -16.10
C HIS A 150 -3.62 -4.38 -16.69
N HIS A 151 -2.77 -3.64 -16.02
CA HIS A 151 -1.43 -3.43 -16.49
C HIS A 151 -0.60 -4.65 -16.18
N HIS A 152 -0.23 -5.32 -17.21
CA HIS A 152 0.60 -6.47 -17.16
C HIS A 152 2.05 -6.08 -16.88
N MET A 1 1.14 23.27 -2.95
CA MET A 1 1.36 22.25 -4.00
C MET A 1 2.25 21.15 -3.48
N ALA A 2 3.42 21.53 -3.00
CA ALA A 2 4.35 20.57 -2.49
C ALA A 2 5.16 21.20 -1.39
N GLN A 3 5.12 20.60 -0.23
CA GLN A 3 5.98 21.02 0.87
C GLN A 3 7.37 20.52 0.57
N ASN A 4 7.40 19.32 0.04
CA ASN A 4 8.59 18.66 -0.41
C ASN A 4 8.24 18.00 -1.71
N ASN A 5 9.07 18.14 -2.70
CA ASN A 5 8.77 17.54 -4.00
C ASN A 5 9.43 16.16 -4.04
N GLU A 6 8.98 15.32 -3.10
CA GLU A 6 9.41 13.93 -2.90
C GLU A 6 10.88 13.66 -3.19
N ASN A 7 11.76 14.32 -2.45
CA ASN A 7 13.20 14.18 -2.67
C ASN A 7 13.72 12.91 -2.02
N ALA A 8 13.30 12.65 -0.80
CA ALA A 8 13.69 11.48 -0.06
C ALA A 8 12.47 10.65 0.21
N LEU A 9 11.46 10.90 -0.59
CA LEU A 9 10.15 10.28 -0.53
C LEU A 9 9.50 10.38 0.86
N PRO A 10 8.93 11.53 1.18
CA PRO A 10 8.14 11.71 2.37
C PRO A 10 6.70 11.29 2.08
N ASP A 11 5.77 11.75 2.88
CA ASP A 11 4.36 11.37 2.73
C ASP A 11 3.76 11.84 1.42
N ILE A 12 3.60 10.94 0.52
CA ILE A 12 2.95 11.21 -0.74
C ILE A 12 1.49 10.84 -0.54
N THR A 13 0.59 11.75 -0.84
CA THR A 13 -0.80 11.45 -0.62
C THR A 13 -1.52 11.34 -1.96
N LYS A 14 -2.22 10.27 -2.16
CA LYS A 14 -2.93 10.01 -3.38
C LYS A 14 -4.35 9.60 -3.06
N SER A 15 -5.31 10.25 -3.61
CA SER A 15 -6.67 9.90 -3.29
C SER A 15 -7.39 9.43 -4.53
N ILE A 16 -8.24 8.44 -4.37
CA ILE A 16 -8.97 7.88 -5.49
C ILE A 16 -10.30 7.35 -4.96
N THR A 17 -11.34 7.51 -5.72
CA THR A 17 -12.63 7.07 -5.31
C THR A 17 -13.02 5.81 -6.09
N LEU A 18 -13.39 4.77 -5.40
CA LEU A 18 -13.68 3.49 -5.99
C LEU A 18 -15.17 3.26 -5.98
N GLU A 19 -15.64 2.69 -7.06
CA GLU A 19 -17.07 2.45 -7.29
C GLU A 19 -17.61 1.28 -6.45
N ALA A 20 -16.73 0.65 -5.72
CA ALA A 20 -17.06 -0.57 -5.01
C ALA A 20 -17.37 -0.30 -3.53
N PRO A 21 -18.09 -1.24 -2.87
CA PRO A 21 -18.40 -1.16 -1.43
C PRO A 21 -17.13 -1.20 -0.59
N ILE A 22 -17.23 -0.61 0.59
CA ILE A 22 -16.13 -0.50 1.55
C ILE A 22 -15.43 -1.84 1.78
N GLN A 23 -16.20 -2.90 1.88
CA GLN A 23 -15.62 -4.21 2.19
C GLN A 23 -14.81 -4.77 1.03
N LYS A 24 -15.20 -4.41 -0.19
CA LYS A 24 -14.50 -4.89 -1.37
C LYS A 24 -13.16 -4.17 -1.48
N VAL A 25 -13.18 -2.91 -1.13
CA VAL A 25 -11.97 -2.12 -1.13
C VAL A 25 -11.07 -2.60 -0.01
N TRP A 26 -11.68 -2.88 1.13
CA TRP A 26 -10.98 -3.39 2.28
C TRP A 26 -10.27 -4.70 1.98
N GLU A 27 -10.95 -5.65 1.34
CA GLU A 27 -10.26 -6.90 1.01
C GLU A 27 -9.14 -6.65 0.00
N THR A 28 -9.36 -5.71 -0.89
CA THR A 28 -8.39 -5.38 -1.92
C THR A 28 -7.06 -4.82 -1.30
N VAL A 29 -7.14 -4.26 -0.11
CA VAL A 29 -5.96 -3.72 0.53
C VAL A 29 -5.67 -4.37 1.88
N SER A 30 -6.29 -5.49 2.16
CA SER A 30 -6.07 -6.12 3.46
C SER A 30 -6.04 -7.67 3.37
N THR A 31 -6.01 -8.22 2.16
CA THR A 31 -5.96 -9.68 2.04
C THR A 31 -4.74 -10.11 1.25
N SER A 32 -4.49 -11.41 1.20
CA SER A 32 -3.41 -11.96 0.44
C SER A 32 -3.63 -11.69 -1.05
N GLU A 33 -4.84 -11.99 -1.52
CA GLU A 33 -5.20 -11.79 -2.91
C GLU A 33 -5.17 -10.33 -3.28
N GLY A 34 -5.68 -9.49 -2.40
CA GLY A 34 -5.77 -8.10 -2.70
C GLY A 34 -4.44 -7.38 -2.69
N ILE A 35 -3.65 -7.55 -1.66
CA ILE A 35 -2.39 -6.82 -1.59
C ILE A 35 -1.35 -7.36 -2.59
N ALA A 36 -1.13 -8.67 -2.57
CA ALA A 36 -0.15 -9.31 -3.44
C ALA A 36 -0.55 -9.20 -4.89
N LYS A 37 -1.81 -9.56 -5.15
CA LYS A 37 -2.43 -9.54 -6.49
C LYS A 37 -1.74 -10.52 -7.48
N TRP A 38 -0.82 -11.31 -6.95
CA TRP A 38 -0.05 -12.30 -7.68
C TRP A 38 1.00 -11.70 -8.58
N PHE A 39 1.45 -10.48 -8.25
CA PHE A 39 2.64 -9.95 -8.92
C PHE A 39 3.77 -10.81 -8.41
N MET A 40 3.82 -10.90 -7.11
CA MET A 40 4.64 -11.81 -6.39
C MET A 40 3.73 -12.43 -5.35
N PRO A 41 3.72 -13.75 -5.21
CA PRO A 41 2.90 -14.39 -4.22
C PRO A 41 3.44 -14.09 -2.83
N ASN A 42 2.74 -13.23 -2.14
CA ASN A 42 3.13 -12.78 -0.83
C ASN A 42 2.03 -13.13 0.09
N ASP A 43 2.35 -13.39 1.31
CA ASP A 43 1.37 -13.83 2.24
C ASP A 43 1.02 -12.73 3.20
N PHE A 44 0.20 -11.85 2.73
CA PHE A 44 -0.34 -10.81 3.57
C PHE A 44 -1.64 -11.25 4.21
N GLN A 45 -1.66 -11.28 5.50
CA GLN A 45 -2.85 -11.60 6.24
C GLN A 45 -3.14 -10.39 7.09
N LEU A 46 -4.38 -10.18 7.45
CA LEU A 46 -4.68 -9.03 8.27
C LEU A 46 -4.22 -9.37 9.68
N LYS A 47 -3.12 -8.78 10.04
CA LYS A 47 -2.61 -8.82 11.38
C LYS A 47 -2.23 -7.42 11.73
N GLU A 48 -2.40 -7.02 12.93
CA GLU A 48 -1.93 -5.73 13.34
C GLU A 48 -0.52 -5.88 13.88
N GLY A 49 0.39 -6.17 12.98
CA GLY A 49 1.72 -6.41 13.37
C GLY A 49 2.17 -7.76 12.89
N GLN A 50 2.16 -7.93 11.60
CA GLN A 50 2.55 -9.19 11.01
C GLN A 50 3.98 -9.06 10.65
N GLU A 51 4.81 -9.78 11.30
CA GLU A 51 6.18 -9.74 10.96
C GLU A 51 6.64 -11.10 10.59
N PHE A 52 7.35 -11.19 9.53
CA PHE A 52 7.96 -12.40 9.16
C PHE A 52 9.42 -12.14 9.37
N HIS A 53 10.02 -12.86 10.24
CA HIS A 53 11.35 -12.54 10.69
C HIS A 53 12.34 -13.54 10.18
N LEU A 54 13.58 -13.16 10.22
CA LEU A 54 14.66 -13.96 9.77
C LEU A 54 15.81 -13.85 10.73
N GLN A 55 16.57 -14.89 10.86
CA GLN A 55 17.75 -14.85 11.69
C GLN A 55 18.89 -14.31 10.86
N SER A 56 19.80 -13.59 11.50
CA SER A 56 20.92 -12.92 10.85
C SER A 56 20.39 -11.72 10.05
N PRO A 57 20.56 -10.48 10.59
CA PRO A 57 19.96 -9.27 10.02
C PRO A 57 20.31 -9.00 8.55
N PHE A 58 19.41 -9.38 7.68
CA PHE A 58 19.51 -9.11 6.26
C PHE A 58 18.60 -7.95 5.94
N GLY A 59 18.62 -7.52 4.69
CA GLY A 59 17.71 -6.49 4.27
C GLY A 59 16.27 -7.02 4.30
N PRO A 60 15.27 -6.18 4.59
CA PRO A 60 13.88 -6.63 4.68
C PRO A 60 13.32 -7.17 3.36
N SER A 61 13.47 -8.45 3.17
CA SER A 61 12.89 -9.12 2.04
C SER A 61 11.44 -9.58 2.39
N PRO A 62 11.18 -10.23 3.59
CA PRO A 62 9.81 -10.53 4.01
C PRO A 62 9.15 -9.24 4.53
N CYS A 63 7.88 -9.09 4.30
CA CYS A 63 7.19 -7.86 4.62
C CYS A 63 6.66 -7.86 6.05
N LYS A 64 6.22 -6.70 6.52
CA LYS A 64 5.72 -6.55 7.87
C LYS A 64 4.53 -5.60 7.90
N VAL A 65 3.48 -5.97 8.58
CA VAL A 65 2.37 -5.07 8.74
C VAL A 65 2.64 -4.29 10.00
N LEU A 66 2.40 -3.01 9.96
CA LEU A 66 2.63 -2.19 11.12
C LEU A 66 1.47 -2.37 12.06
N ALA A 67 0.31 -2.01 11.58
CA ALA A 67 -0.90 -2.09 12.34
C ALA A 67 -2.07 -2.03 11.40
N VAL A 68 -3.18 -2.59 11.80
CA VAL A 68 -4.36 -2.52 11.03
C VAL A 68 -5.53 -2.10 11.91
N GLN A 69 -6.25 -1.16 11.41
CA GLN A 69 -7.46 -0.68 12.00
C GLN A 69 -8.58 -1.08 11.12
N ALA A 70 -9.65 -1.45 11.75
CA ALA A 70 -10.71 -2.18 11.12
C ALA A 70 -11.36 -1.32 10.07
N PRO A 71 -11.61 -1.96 8.90
CA PRO A 71 -11.89 -1.38 7.60
C PRO A 71 -11.90 0.16 7.49
N THR A 72 -10.83 0.79 8.00
CA THR A 72 -10.69 2.21 7.87
C THR A 72 -9.23 2.62 7.69
N GLU A 73 -8.33 2.08 8.51
CA GLU A 73 -6.97 2.59 8.52
C GLU A 73 -6.02 1.39 8.47
N LEU A 74 -5.12 1.39 7.54
CA LEU A 74 -4.24 0.25 7.36
C LEU A 74 -2.84 0.72 7.15
N SER A 75 -1.90 0.13 7.85
CA SER A 75 -0.51 0.52 7.73
C SER A 75 0.43 -0.71 7.62
N PHE A 76 1.27 -0.76 6.59
CA PHE A 76 2.23 -1.86 6.43
C PHE A 76 3.52 -1.38 5.81
N GLU A 77 4.57 -2.11 6.06
CA GLU A 77 5.91 -1.78 5.64
C GLU A 77 6.44 -2.94 4.81
N TRP A 78 6.89 -2.65 3.63
CA TRP A 78 7.33 -3.69 2.73
C TRP A 78 8.57 -3.29 1.97
N ASP A 79 9.27 -4.29 1.42
CA ASP A 79 10.47 -4.14 0.57
C ASP A 79 11.71 -3.74 1.38
N THR A 80 12.88 -3.89 0.78
CA THR A 80 14.16 -3.69 1.43
C THR A 80 14.31 -2.26 1.95
N GLU A 81 13.83 -1.30 1.20
CA GLU A 81 13.93 0.10 1.57
C GLU A 81 12.90 0.52 2.58
N GLY A 82 11.97 -0.38 2.90
CA GLY A 82 10.98 -0.12 3.90
C GLY A 82 9.99 0.93 3.47
N TRP A 83 9.11 0.56 2.58
CA TRP A 83 8.09 1.48 2.16
C TRP A 83 6.95 1.37 3.12
N VAL A 84 6.73 2.42 3.84
CA VAL A 84 5.69 2.45 4.81
C VAL A 84 4.49 3.05 4.14
N VAL A 85 3.57 2.21 3.78
CA VAL A 85 2.39 2.67 3.11
C VAL A 85 1.19 2.56 4.02
N THR A 86 0.31 3.50 3.91
CA THR A 86 -0.87 3.53 4.72
C THR A 86 -2.10 3.74 3.81
N PHE A 87 -3.20 3.11 4.14
CA PHE A 87 -4.43 3.30 3.38
C PHE A 87 -5.49 3.81 4.31
N GLN A 88 -6.36 4.63 3.79
CA GLN A 88 -7.45 5.19 4.55
C GLN A 88 -8.78 5.09 3.84
N LEU A 89 -9.81 4.88 4.63
CA LEU A 89 -11.18 4.79 4.14
C LEU A 89 -11.92 6.12 4.31
N GLU A 90 -12.60 6.52 3.28
CA GLU A 90 -13.53 7.63 3.27
C GLU A 90 -14.84 7.03 2.79
N ASP A 91 -15.84 7.03 3.60
CA ASP A 91 -17.08 6.38 3.21
C ASP A 91 -18.03 7.35 2.58
N LEU A 92 -18.31 7.12 1.32
CA LEU A 92 -19.26 7.93 0.63
C LEU A 92 -20.52 7.14 0.49
N GLY A 93 -21.61 7.81 0.40
CA GLY A 93 -22.90 7.15 0.34
C GLY A 93 -23.24 6.66 -1.05
N GLU A 94 -22.34 5.85 -1.64
CA GLU A 94 -22.50 5.33 -3.00
C GLU A 94 -21.24 4.58 -3.41
N LYS A 95 -20.12 5.04 -2.94
CA LYS A 95 -18.84 4.51 -3.35
C LYS A 95 -17.86 4.65 -2.22
N THR A 96 -16.70 4.14 -2.38
CA THR A 96 -15.70 4.19 -1.36
C THR A 96 -14.56 5.10 -1.75
N GLY A 97 -14.31 6.08 -0.94
CA GLY A 97 -13.20 6.93 -1.12
C GLY A 97 -12.00 6.30 -0.44
N PHE A 98 -10.95 6.23 -1.12
CA PHE A 98 -9.74 5.62 -0.64
C PHE A 98 -8.62 6.64 -0.62
N THR A 99 -7.88 6.67 0.46
CA THR A 99 -6.79 7.57 0.52
C THR A 99 -5.50 6.78 0.66
N LEU A 100 -4.59 7.06 -0.19
CA LEU A 100 -3.32 6.43 -0.18
C LEU A 100 -2.33 7.39 0.39
N ILE A 101 -1.48 6.85 1.15
CA ILE A 101 -0.45 7.56 1.82
C ILE A 101 0.82 6.74 1.67
N HIS A 102 1.84 7.33 1.16
CA HIS A 102 3.10 6.68 1.08
C HIS A 102 4.05 7.43 1.95
N SER A 103 4.47 6.80 2.99
CA SER A 103 5.41 7.34 3.88
C SER A 103 6.71 6.59 3.64
N GLY A 104 7.78 7.31 3.51
CA GLY A 104 9.03 6.70 3.19
C GLY A 104 9.90 6.50 4.41
N TRP A 105 10.78 5.53 4.30
CA TRP A 105 11.72 5.21 5.35
C TRP A 105 12.74 6.32 5.49
N LYS A 106 13.22 6.81 4.33
CA LYS A 106 14.18 7.92 4.19
C LYS A 106 15.29 7.96 5.26
N GLU A 107 16.41 7.30 4.97
CA GLU A 107 17.54 7.34 5.89
C GLU A 107 18.05 8.80 6.05
N PRO A 108 18.36 9.54 4.95
CA PRO A 108 18.66 10.95 5.04
C PRO A 108 17.43 11.78 4.60
N ASN A 109 17.63 13.07 4.45
CA ASN A 109 16.57 13.97 4.00
C ASN A 109 16.94 14.53 2.64
N GLU A 110 17.80 13.80 1.98
CA GLU A 110 18.30 14.17 0.67
C GLU A 110 17.58 13.34 -0.39
N VAL A 111 17.82 12.04 -0.33
CA VAL A 111 17.21 11.08 -1.22
C VAL A 111 16.89 9.89 -0.30
N ILE A 112 16.20 8.86 -0.75
CA ILE A 112 15.89 7.71 0.13
C ILE A 112 17.13 6.97 0.65
N GLY A 113 18.12 6.82 -0.20
CA GLY A 113 19.35 6.20 0.21
C GLY A 113 19.84 5.13 -0.73
N LYS A 114 19.21 3.95 -0.70
CA LYS A 114 19.71 2.81 -1.46
C LYS A 114 18.75 2.32 -2.54
N ALA A 115 17.64 3.01 -2.75
CA ALA A 115 16.69 2.57 -3.78
C ALA A 115 17.22 2.85 -5.18
N ASN A 116 17.84 3.99 -5.34
CA ASN A 116 18.40 4.46 -6.60
C ASN A 116 18.90 5.86 -6.35
N GLU A 117 20.06 6.21 -6.85
CA GLU A 117 20.66 7.50 -6.53
C GLU A 117 19.96 8.67 -7.23
N LYS A 118 19.20 8.40 -8.28
CA LYS A 118 18.60 9.48 -9.01
C LYS A 118 17.21 9.81 -8.45
N SER A 119 17.18 10.80 -7.60
CA SER A 119 15.99 11.26 -6.91
C SER A 119 14.89 11.67 -7.89
N SER A 120 15.26 12.30 -9.00
CA SER A 120 14.28 12.76 -9.95
C SER A 120 13.54 11.60 -10.61
N VAL A 121 14.28 10.56 -11.03
CA VAL A 121 13.61 9.44 -11.67
C VAL A 121 12.80 8.67 -10.65
N VAL A 122 13.29 8.62 -9.42
CA VAL A 122 12.55 7.97 -8.36
C VAL A 122 11.27 8.73 -8.03
N ARG A 123 11.35 10.05 -7.93
CA ARG A 123 10.17 10.82 -7.61
C ARG A 123 9.17 10.80 -8.75
N GLY A 124 9.68 10.81 -9.99
CA GLY A 124 8.82 10.74 -11.16
C GLY A 124 8.09 9.43 -11.20
N LYS A 125 8.83 8.37 -10.96
CA LYS A 125 8.28 7.04 -10.90
C LYS A 125 7.30 6.88 -9.74
N MET A 126 7.59 7.46 -8.59
CA MET A 126 6.67 7.35 -7.47
C MET A 126 5.40 8.13 -7.71
N ASP A 127 5.54 9.29 -8.28
CA ASP A 127 4.41 10.16 -8.60
C ASP A 127 3.49 9.46 -9.60
N GLY A 128 4.05 9.08 -10.74
CA GLY A 128 3.29 8.46 -11.80
C GLY A 128 2.89 7.04 -11.45
N GLY A 129 3.80 6.33 -10.81
CA GLY A 129 3.58 4.96 -10.43
C GLY A 129 2.45 4.83 -9.46
N TRP A 130 2.51 5.56 -8.36
CA TRP A 130 1.42 5.50 -7.38
C TRP A 130 0.10 5.96 -7.96
N THR A 131 0.14 6.94 -8.84
CA THR A 131 -1.06 7.38 -9.52
C THR A 131 -1.66 6.23 -10.36
N GLY A 132 -0.84 5.58 -11.16
CA GLY A 132 -1.33 4.52 -12.05
C GLY A 132 -1.68 3.24 -11.31
N ILE A 133 -0.79 2.81 -10.44
CA ILE A 133 -0.98 1.58 -9.69
C ILE A 133 -2.20 1.67 -8.80
N VAL A 134 -2.27 2.70 -7.99
CA VAL A 134 -3.40 2.83 -7.08
C VAL A 134 -4.71 3.03 -7.83
N ASN A 135 -4.75 3.95 -8.77
CA ASN A 135 -6.01 4.25 -9.48
C ASN A 135 -6.60 3.03 -10.19
N GLU A 136 -5.86 2.46 -11.12
CA GLU A 136 -6.40 1.35 -11.88
C GLU A 136 -6.43 0.07 -11.10
N ARG A 137 -5.33 -0.29 -10.45
CA ARG A 137 -5.25 -1.61 -9.84
C ARG A 137 -6.22 -1.75 -8.66
N LEU A 138 -6.48 -0.67 -7.95
CA LEU A 138 -7.49 -0.70 -6.91
C LEU A 138 -8.85 -0.82 -7.52
N ARG A 139 -9.15 0.07 -8.45
CA ARG A 139 -10.46 0.14 -9.09
C ARG A 139 -10.78 -1.17 -9.86
N LYS A 140 -9.78 -1.77 -10.43
CA LYS A 140 -9.92 -2.99 -11.19
C LYS A 140 -10.20 -4.15 -10.23
N ALA A 141 -9.38 -4.27 -9.20
CA ALA A 141 -9.50 -5.35 -8.24
C ALA A 141 -10.80 -5.27 -7.45
N VAL A 142 -11.33 -4.08 -7.30
CA VAL A 142 -12.60 -3.93 -6.60
C VAL A 142 -13.79 -4.18 -7.51
N GLU A 143 -13.64 -3.86 -8.81
CA GLU A 143 -14.73 -4.14 -9.73
C GLU A 143 -14.72 -5.60 -10.11
N GLU A 144 -13.64 -6.24 -9.78
CA GLU A 144 -13.52 -7.64 -9.93
C GLU A 144 -14.11 -8.29 -8.68
N LEU A 145 -15.41 -8.23 -8.55
CA LEU A 145 -16.08 -8.76 -7.39
C LEU A 145 -16.93 -9.94 -7.76
N GLU A 146 -16.89 -10.94 -6.93
CA GLU A 146 -17.62 -12.14 -7.13
C GLU A 146 -19.06 -11.96 -6.67
N HIS A 147 -19.96 -11.93 -7.61
CA HIS A 147 -21.38 -11.97 -7.29
C HIS A 147 -21.77 -13.41 -7.24
N HIS A 148 -21.10 -14.20 -8.03
CA HIS A 148 -21.27 -15.60 -7.98
C HIS A 148 -20.29 -16.12 -6.94
N HIS A 149 -20.61 -15.89 -5.70
CA HIS A 149 -19.81 -16.34 -4.57
C HIS A 149 -20.66 -17.25 -3.72
N HIS A 150 -21.91 -17.28 -4.08
CA HIS A 150 -22.92 -18.01 -3.40
C HIS A 150 -24.05 -18.08 -4.41
N HIS A 151 -24.78 -19.16 -4.46
CA HIS A 151 -25.88 -19.23 -5.40
C HIS A 151 -27.11 -18.58 -4.81
N HIS A 152 -27.63 -17.63 -5.51
CA HIS A 152 -28.82 -16.94 -5.11
C HIS A 152 -29.95 -17.39 -5.99
N MET A 1 -0.87 22.97 -1.40
CA MET A 1 -0.31 21.75 -1.95
C MET A 1 1.19 21.89 -2.00
N ALA A 2 1.89 20.81 -1.75
CA ALA A 2 3.32 20.83 -1.77
C ALA A 2 3.81 19.80 -2.76
N GLN A 3 4.52 20.27 -3.75
CA GLN A 3 5.01 19.43 -4.83
C GLN A 3 6.27 18.71 -4.38
N ASN A 4 7.01 19.34 -3.48
CA ASN A 4 8.25 18.80 -2.94
C ASN A 4 8.07 17.41 -2.32
N ASN A 5 8.57 16.43 -3.01
CA ASN A 5 8.54 15.03 -2.58
C ASN A 5 9.90 14.41 -2.92
N GLU A 6 10.87 15.28 -2.95
CA GLU A 6 12.20 14.99 -3.42
C GLU A 6 13.14 14.73 -2.24
N ASN A 7 12.57 14.32 -1.13
CA ASN A 7 13.33 14.05 0.04
C ASN A 7 13.11 12.65 0.53
N ALA A 8 13.67 11.77 -0.24
CA ALA A 8 13.75 10.32 0.03
C ALA A 8 12.39 9.64 0.02
N LEU A 9 11.49 10.19 -0.78
CA LEU A 9 10.12 9.71 -0.94
C LEU A 9 9.34 9.78 0.36
N PRO A 10 8.78 10.95 0.64
CA PRO A 10 8.06 11.18 1.85
C PRO A 10 6.57 10.84 1.71
N ASP A 11 5.81 11.25 2.69
CA ASP A 11 4.39 10.99 2.75
C ASP A 11 3.62 11.58 1.58
N ILE A 12 2.78 10.76 0.98
CA ILE A 12 1.90 11.18 -0.08
C ILE A 12 0.53 10.56 0.18
N THR A 13 -0.51 11.31 -0.04
CA THR A 13 -1.83 10.83 0.18
C THR A 13 -2.61 10.83 -1.13
N LYS A 14 -3.29 9.75 -1.39
CA LYS A 14 -4.10 9.59 -2.57
C LYS A 14 -5.43 9.02 -2.12
N SER A 15 -6.50 9.24 -2.81
CA SER A 15 -7.77 8.72 -2.38
C SER A 15 -8.55 8.16 -3.55
N ILE A 16 -9.37 7.17 -3.28
CA ILE A 16 -10.15 6.52 -4.30
C ILE A 16 -11.44 5.98 -3.67
N THR A 17 -12.52 6.01 -4.41
CA THR A 17 -13.80 5.54 -3.93
C THR A 17 -14.18 4.19 -4.54
N LEU A 18 -14.41 3.23 -3.69
CA LEU A 18 -14.71 1.90 -4.11
C LEU A 18 -16.17 1.65 -4.04
N GLU A 19 -16.65 0.96 -5.02
CA GLU A 19 -18.05 0.65 -5.20
C GLU A 19 -18.37 -0.68 -4.53
N ALA A 20 -17.89 -0.84 -3.32
CA ALA A 20 -18.09 -2.03 -2.53
C ALA A 20 -18.26 -1.62 -1.09
N PRO A 21 -18.81 -2.51 -0.22
CA PRO A 21 -19.00 -2.21 1.20
C PRO A 21 -17.67 -1.99 1.89
N ILE A 22 -17.68 -1.16 2.92
CA ILE A 22 -16.46 -0.77 3.62
C ILE A 22 -15.68 -1.98 4.16
N GLN A 23 -16.42 -3.03 4.54
CA GLN A 23 -15.80 -4.26 5.04
C GLN A 23 -14.90 -4.92 3.99
N LYS A 24 -15.35 -4.95 2.76
CA LYS A 24 -14.64 -5.66 1.70
C LYS A 24 -13.41 -4.87 1.31
N VAL A 25 -13.57 -3.57 1.28
CA VAL A 25 -12.48 -2.65 0.97
C VAL A 25 -11.39 -2.80 2.01
N TRP A 26 -11.83 -2.91 3.23
CA TRP A 26 -11.00 -3.05 4.38
C TRP A 26 -10.23 -4.38 4.30
N GLU A 27 -10.94 -5.46 3.96
CA GLU A 27 -10.36 -6.79 3.74
C GLU A 27 -9.31 -6.73 2.64
N THR A 28 -9.59 -5.96 1.61
CA THR A 28 -8.71 -5.83 0.46
C THR A 28 -7.30 -5.35 0.86
N VAL A 29 -7.21 -4.57 1.91
CA VAL A 29 -5.93 -4.06 2.34
C VAL A 29 -5.47 -4.69 3.65
N SER A 30 -6.05 -5.81 3.99
CA SER A 30 -5.69 -6.51 5.20
C SER A 30 -5.54 -8.03 4.96
N THR A 31 -6.00 -8.50 3.81
CA THR A 31 -5.90 -9.90 3.46
C THR A 31 -4.65 -10.13 2.65
N SER A 32 -4.07 -11.29 2.77
CA SER A 32 -2.81 -11.65 2.13
C SER A 32 -2.84 -11.41 0.60
N GLU A 33 -3.91 -11.84 -0.05
CA GLU A 33 -4.03 -11.65 -1.50
C GLU A 33 -4.22 -10.19 -1.86
N GLY A 34 -4.88 -9.45 -0.99
CA GLY A 34 -5.08 -8.04 -1.23
C GLY A 34 -3.79 -7.26 -1.06
N ILE A 35 -3.12 -7.51 0.04
CA ILE A 35 -1.86 -6.86 0.42
C ILE A 35 -0.74 -7.16 -0.61
N ALA A 36 -0.79 -8.37 -1.18
CA ALA A 36 0.20 -8.87 -2.16
C ALA A 36 0.47 -7.88 -3.31
N LYS A 37 -0.55 -7.06 -3.66
CA LYS A 37 -0.39 -5.92 -4.61
C LYS A 37 -0.19 -6.39 -6.08
N TRP A 38 -0.22 -7.69 -6.28
CA TRP A 38 0.06 -8.31 -7.58
C TRP A 38 1.52 -8.00 -7.95
N PHE A 39 2.39 -8.52 -7.11
CA PHE A 39 3.81 -8.36 -7.25
C PHE A 39 4.46 -9.64 -6.80
N MET A 40 4.20 -10.02 -5.58
CA MET A 40 4.70 -11.25 -5.02
C MET A 40 3.68 -11.78 -4.03
N PRO A 41 3.02 -12.90 -4.36
CA PRO A 41 2.04 -13.52 -3.46
C PRO A 41 2.71 -14.05 -2.19
N ASN A 42 2.54 -13.33 -1.11
CA ASN A 42 3.10 -13.71 0.18
C ASN A 42 2.02 -13.71 1.22
N ASP A 43 2.22 -14.47 2.26
CA ASP A 43 1.25 -14.60 3.32
C ASP A 43 1.43 -13.47 4.31
N PHE A 44 1.02 -12.32 3.90
CA PHE A 44 1.01 -11.18 4.77
C PHE A 44 -0.28 -11.29 5.55
N GLN A 45 -0.19 -11.34 6.83
CA GLN A 45 -1.33 -11.70 7.62
C GLN A 45 -1.88 -10.54 8.41
N LEU A 46 -3.20 -10.52 8.59
CA LEU A 46 -3.83 -9.51 9.37
C LEU A 46 -3.55 -9.84 10.82
N LYS A 47 -2.68 -9.09 11.39
CA LYS A 47 -2.37 -9.17 12.78
C LYS A 47 -2.42 -7.75 13.29
N GLU A 48 -2.85 -7.52 14.48
CA GLU A 48 -2.89 -6.15 15.03
C GLU A 48 -1.56 -5.81 15.69
N GLY A 49 -0.52 -6.32 15.12
CA GLY A 49 0.78 -6.16 15.65
C GLY A 49 1.57 -7.36 15.31
N GLN A 50 1.99 -7.43 14.07
CA GLN A 50 2.75 -8.55 13.60
C GLN A 50 4.22 -8.26 13.89
N GLU A 51 5.05 -9.25 13.89
CA GLU A 51 6.44 -9.05 14.15
C GLU A 51 7.21 -9.48 12.92
N PHE A 52 8.41 -9.01 12.79
CA PHE A 52 9.20 -9.38 11.67
C PHE A 52 10.09 -10.52 12.03
N HIS A 53 10.22 -11.42 11.12
CA HIS A 53 11.04 -12.56 11.31
C HIS A 53 11.78 -12.78 10.02
N LEU A 54 12.91 -13.41 10.08
CA LEU A 54 13.67 -13.74 8.90
C LEU A 54 12.99 -14.91 8.20
N GLN A 55 11.97 -14.56 7.45
CA GLN A 55 11.17 -15.50 6.70
C GLN A 55 10.87 -14.97 5.32
N SER A 56 11.61 -13.97 4.94
CA SER A 56 11.50 -13.38 3.64
C SER A 56 12.66 -13.90 2.78
N PRO A 57 12.37 -14.79 1.80
CA PRO A 57 13.37 -15.43 0.95
C PRO A 57 14.31 -14.44 0.26
N PHE A 58 15.60 -14.65 0.49
CA PHE A 58 16.71 -13.85 -0.07
C PHE A 58 16.79 -12.44 0.51
N GLY A 59 15.78 -11.63 0.27
CA GLY A 59 15.82 -10.26 0.72
C GLY A 59 15.14 -10.08 2.05
N PRO A 60 15.90 -9.80 3.14
CA PRO A 60 15.34 -9.59 4.47
C PRO A 60 14.40 -8.39 4.47
N SER A 61 13.15 -8.65 4.61
CA SER A 61 12.18 -7.62 4.58
C SER A 61 11.46 -7.53 5.94
N PRO A 62 11.87 -6.58 6.79
CA PRO A 62 11.25 -6.40 8.08
C PRO A 62 9.86 -5.80 7.92
N CYS A 63 8.89 -6.64 8.04
CA CYS A 63 7.54 -6.23 7.90
C CYS A 63 6.77 -6.57 9.14
N LYS A 64 5.88 -5.68 9.50
CA LYS A 64 5.09 -5.78 10.72
C LYS A 64 3.83 -4.99 10.53
N VAL A 65 2.75 -5.46 11.04
CA VAL A 65 1.56 -4.67 11.01
C VAL A 65 1.60 -3.83 12.24
N LEU A 66 1.45 -2.55 12.09
CA LEU A 66 1.54 -1.63 13.18
C LEU A 66 0.31 -1.83 14.04
N ALA A 67 -0.83 -1.75 13.40
CA ALA A 67 -2.10 -1.90 14.04
C ALA A 67 -3.17 -2.09 13.00
N VAL A 68 -4.16 -2.89 13.31
CA VAL A 68 -5.26 -3.05 12.45
C VAL A 68 -6.54 -2.66 13.17
N GLN A 69 -7.18 -1.67 12.63
CA GLN A 69 -8.37 -1.11 13.24
C GLN A 69 -9.59 -1.33 12.40
N ALA A 70 -10.65 -1.60 13.10
CA ALA A 70 -11.88 -2.11 12.55
C ALA A 70 -12.47 -1.06 11.68
N PRO A 71 -12.89 -1.49 10.47
CA PRO A 71 -13.06 -0.67 9.29
C PRO A 71 -12.99 0.84 9.42
N THR A 72 -11.84 1.28 9.86
CA THR A 72 -11.52 2.67 9.93
C THR A 72 -10.07 2.86 9.56
N GLU A 73 -9.18 2.02 10.10
CA GLU A 73 -7.77 2.25 9.95
C GLU A 73 -6.98 0.99 9.77
N LEU A 74 -6.02 1.07 8.93
CA LEU A 74 -5.10 0.01 8.73
C LEU A 74 -3.73 0.61 8.65
N SER A 75 -2.81 0.07 9.38
CA SER A 75 -1.46 0.58 9.36
C SER A 75 -0.44 -0.57 9.41
N PHE A 76 0.47 -0.60 8.46
CA PHE A 76 1.48 -1.63 8.44
C PHE A 76 2.80 -1.10 7.90
N GLU A 77 3.85 -1.76 8.28
CA GLU A 77 5.20 -1.37 7.97
C GLU A 77 5.80 -2.52 7.23
N TRP A 78 6.50 -2.26 6.17
CA TRP A 78 6.98 -3.35 5.37
C TRP A 78 8.21 -3.01 4.57
N ASP A 79 8.84 -4.08 4.13
CA ASP A 79 9.99 -4.08 3.17
C ASP A 79 11.29 -3.64 3.83
N THR A 80 12.38 -3.93 3.17
CA THR A 80 13.71 -3.61 3.61
C THR A 80 13.91 -2.09 3.77
N GLU A 81 13.26 -1.29 2.94
CA GLU A 81 13.39 0.17 3.03
C GLU A 81 12.71 0.73 4.26
N GLY A 82 11.61 0.10 4.66
CA GLY A 82 10.89 0.56 5.82
C GLY A 82 9.78 1.52 5.45
N TRP A 83 8.80 1.03 4.74
CA TRP A 83 7.67 1.84 4.36
C TRP A 83 6.60 1.64 5.42
N VAL A 84 5.92 2.68 5.76
CA VAL A 84 4.85 2.58 6.71
C VAL A 84 3.58 3.17 6.12
N VAL A 85 2.73 2.32 5.68
CA VAL A 85 1.54 2.75 5.02
C VAL A 85 0.38 2.77 5.98
N THR A 86 -0.45 3.73 5.83
CA THR A 86 -1.60 3.89 6.65
C THR A 86 -2.78 4.14 5.74
N PHE A 87 -3.78 3.31 5.83
CA PHE A 87 -4.92 3.46 4.99
C PHE A 87 -6.08 3.84 5.84
N GLN A 88 -6.85 4.73 5.35
CA GLN A 88 -8.00 5.21 6.05
C GLN A 88 -9.26 4.83 5.33
N LEU A 89 -10.15 4.25 6.05
CA LEU A 89 -11.42 3.87 5.51
C LEU A 89 -12.43 4.91 5.93
N GLU A 90 -13.01 5.53 4.96
CA GLU A 90 -13.99 6.54 5.19
C GLU A 90 -15.35 5.95 4.91
N ASP A 91 -16.16 5.89 5.92
CA ASP A 91 -17.49 5.36 5.79
C ASP A 91 -18.39 6.37 5.16
N LEU A 92 -18.82 6.08 3.97
CA LEU A 92 -19.76 6.89 3.29
C LEU A 92 -20.99 6.07 3.11
N GLY A 93 -22.10 6.69 3.27
CA GLY A 93 -23.36 6.00 3.18
C GLY A 93 -23.81 5.83 1.75
N GLU A 94 -22.98 5.15 0.96
CA GLU A 94 -23.22 4.93 -0.45
C GLU A 94 -22.06 4.14 -1.04
N LYS A 95 -20.86 4.57 -0.74
CA LYS A 95 -19.66 4.02 -1.32
C LYS A 95 -18.61 3.99 -0.24
N THR A 96 -17.47 3.44 -0.51
CA THR A 96 -16.43 3.46 0.47
C THR A 96 -15.29 4.36 0.03
N GLY A 97 -14.95 5.31 0.87
CA GLY A 97 -13.88 6.21 0.57
C GLY A 97 -12.59 5.68 1.13
N PHE A 98 -11.73 5.22 0.30
CA PHE A 98 -10.47 4.68 0.74
C PHE A 98 -9.42 5.74 0.59
N THR A 99 -8.67 5.97 1.63
CA THR A 99 -7.66 6.94 1.59
C THR A 99 -6.34 6.25 1.77
N LEU A 100 -5.46 6.43 0.84
CA LEU A 100 -4.19 5.82 0.85
C LEU A 100 -3.18 6.83 1.32
N ILE A 101 -2.53 6.53 2.39
CA ILE A 101 -1.49 7.37 2.87
C ILE A 101 -0.23 6.55 2.81
N HIS A 102 0.72 7.04 2.12
CA HIS A 102 1.97 6.40 2.01
C HIS A 102 2.93 7.21 2.80
N SER A 103 3.41 6.64 3.85
CA SER A 103 4.36 7.28 4.67
C SER A 103 5.51 6.32 4.78
N GLY A 104 6.63 6.82 5.05
CA GLY A 104 7.79 6.02 5.19
C GLY A 104 8.90 6.87 5.64
N TRP A 105 9.85 6.30 6.30
CA TRP A 105 10.96 7.04 6.77
C TRP A 105 12.17 6.17 6.77
N LYS A 106 12.92 6.24 5.71
CA LYS A 106 14.14 5.49 5.63
C LYS A 106 15.22 6.30 6.32
N GLU A 107 15.39 7.53 5.87
CA GLU A 107 16.33 8.47 6.41
C GLU A 107 16.12 9.78 5.67
N PRO A 108 16.47 10.93 6.26
CA PRO A 108 16.44 12.21 5.55
C PRO A 108 17.56 12.23 4.51
N ASN A 109 17.18 12.17 3.25
CA ASN A 109 18.11 12.13 2.14
C ASN A 109 17.32 12.61 0.92
N GLU A 110 17.91 12.62 -0.25
CA GLU A 110 17.18 13.02 -1.45
C GLU A 110 16.48 11.80 -2.05
N VAL A 111 17.08 10.65 -1.89
CA VAL A 111 16.57 9.46 -2.51
C VAL A 111 16.67 8.30 -1.52
N ILE A 112 15.79 7.33 -1.69
CA ILE A 112 15.82 6.12 -0.90
C ILE A 112 17.12 5.34 -1.16
N GLY A 113 17.51 5.24 -2.41
CA GLY A 113 18.79 4.68 -2.76
C GLY A 113 18.77 3.18 -2.97
N LYS A 114 18.26 2.44 -2.03
CA LYS A 114 18.35 0.99 -2.10
C LYS A 114 17.26 0.36 -2.95
N ALA A 115 16.03 0.83 -2.81
CA ALA A 115 14.95 0.34 -3.66
C ALA A 115 15.17 0.76 -5.10
N ASN A 116 15.82 1.90 -5.29
CA ASN A 116 16.21 2.43 -6.59
C ASN A 116 17.01 3.68 -6.35
N GLU A 117 17.99 3.92 -7.18
CA GLU A 117 18.92 5.02 -6.99
C GLU A 117 18.46 6.32 -7.67
N LYS A 118 17.54 6.23 -8.60
CA LYS A 118 17.10 7.40 -9.34
C LYS A 118 15.80 7.93 -8.78
N SER A 119 15.87 9.07 -8.15
CA SER A 119 14.76 9.67 -7.47
C SER A 119 13.71 10.13 -8.46
N SER A 120 14.11 10.55 -9.63
CA SER A 120 13.19 11.04 -10.62
C SER A 120 12.26 9.95 -11.12
N VAL A 121 12.81 8.78 -11.45
CA VAL A 121 11.97 7.68 -11.89
C VAL A 121 11.15 7.13 -10.74
N VAL A 122 11.72 7.13 -9.53
CA VAL A 122 10.98 6.69 -8.38
C VAL A 122 9.82 7.62 -8.08
N ARG A 123 10.07 8.91 -8.12
CA ARG A 123 9.04 9.91 -7.88
C ARG A 123 7.92 9.83 -8.92
N GLY A 124 8.31 9.68 -10.17
CA GLY A 124 7.36 9.55 -11.25
C GLY A 124 6.51 8.33 -11.10
N LYS A 125 7.17 7.24 -10.83
CA LYS A 125 6.53 5.96 -10.65
C LYS A 125 5.75 5.86 -9.35
N MET A 126 6.15 6.56 -8.32
CA MET A 126 5.40 6.54 -7.07
C MET A 126 4.05 7.21 -7.22
N ASP A 127 4.03 8.39 -7.80
CA ASP A 127 2.74 9.09 -7.96
C ASP A 127 1.87 8.37 -8.97
N GLY A 128 2.43 8.08 -10.13
CA GLY A 128 1.71 7.40 -11.18
C GLY A 128 1.33 5.99 -10.77
N GLY A 129 2.25 5.34 -10.10
CA GLY A 129 2.07 4.01 -9.63
C GLY A 129 1.00 3.92 -8.61
N TRP A 130 1.11 4.67 -7.51
CA TRP A 130 0.09 4.64 -6.46
C TRP A 130 -1.28 5.03 -6.98
N THR A 131 -1.32 5.97 -7.91
CA THR A 131 -2.58 6.34 -8.53
C THR A 131 -3.19 5.12 -9.25
N GLY A 132 -2.40 4.48 -10.10
CA GLY A 132 -2.90 3.38 -10.90
C GLY A 132 -3.14 2.11 -10.12
N ILE A 133 -2.14 1.69 -9.34
CA ILE A 133 -2.22 0.44 -8.61
C ILE A 133 -3.33 0.47 -7.58
N VAL A 134 -3.40 1.53 -6.76
CA VAL A 134 -4.46 1.64 -5.80
C VAL A 134 -5.82 1.72 -6.46
N ASN A 135 -5.96 2.57 -7.47
CA ASN A 135 -7.26 2.77 -8.12
C ASN A 135 -7.85 1.47 -8.63
N GLU A 136 -7.16 0.83 -9.54
CA GLU A 136 -7.71 -0.32 -10.17
C GLU A 136 -7.58 -1.58 -9.34
N ARG A 137 -6.44 -1.80 -8.69
CA ARG A 137 -6.26 -3.08 -7.99
C ARG A 137 -7.21 -3.16 -6.78
N LEU A 138 -7.45 -2.04 -6.13
CA LEU A 138 -8.39 -1.99 -5.03
C LEU A 138 -9.81 -2.19 -5.55
N ARG A 139 -10.18 -1.39 -6.55
CA ARG A 139 -11.52 -1.40 -7.10
C ARG A 139 -11.82 -2.77 -7.76
N LYS A 140 -10.83 -3.37 -8.37
CA LYS A 140 -10.98 -4.66 -9.05
C LYS A 140 -11.06 -5.77 -8.02
N ALA A 141 -10.35 -5.65 -6.91
CA ALA A 141 -10.37 -6.67 -5.87
C ALA A 141 -11.71 -6.69 -5.14
N VAL A 142 -12.37 -5.56 -5.13
CA VAL A 142 -13.67 -5.50 -4.53
C VAL A 142 -14.76 -5.93 -5.50
N GLU A 143 -14.51 -5.76 -6.80
CA GLU A 143 -15.44 -6.25 -7.81
C GLU A 143 -15.29 -7.75 -7.92
N GLU A 144 -14.02 -8.15 -7.91
CA GLU A 144 -13.54 -9.52 -8.10
C GLU A 144 -13.67 -9.92 -9.55
N LEU A 145 -13.17 -11.06 -9.88
CA LEU A 145 -13.21 -11.51 -11.24
C LEU A 145 -14.01 -12.77 -11.32
N GLU A 146 -14.60 -12.97 -12.44
CA GLU A 146 -15.34 -14.14 -12.71
C GLU A 146 -14.44 -15.03 -13.57
N HIS A 147 -14.75 -16.30 -13.63
CA HIS A 147 -13.98 -17.26 -14.41
C HIS A 147 -13.90 -16.80 -15.86
N HIS A 148 -12.65 -16.70 -16.35
CA HIS A 148 -12.28 -16.21 -17.70
C HIS A 148 -12.81 -14.80 -18.01
N HIS A 149 -13.24 -14.09 -16.98
CA HIS A 149 -13.79 -12.78 -17.14
C HIS A 149 -12.75 -11.74 -16.70
N HIS A 150 -11.78 -11.57 -17.54
CA HIS A 150 -10.72 -10.63 -17.29
C HIS A 150 -11.00 -9.35 -18.07
N HIS A 151 -10.37 -8.28 -17.68
CA HIS A 151 -10.58 -7.00 -18.33
C HIS A 151 -9.26 -6.48 -18.85
N HIS A 152 -9.28 -5.83 -19.99
CA HIS A 152 -8.07 -5.27 -20.56
C HIS A 152 -7.95 -3.82 -20.15
N MET A 1 7.18 18.83 -14.15
CA MET A 1 6.38 17.63 -14.40
C MET A 1 5.53 17.33 -13.17
N ALA A 2 6.18 17.01 -12.08
CA ALA A 2 5.50 16.75 -10.84
C ALA A 2 5.58 17.98 -9.96
N GLN A 3 4.79 18.02 -8.91
CA GLN A 3 4.82 19.17 -8.01
C GLN A 3 5.91 19.01 -6.97
N ASN A 4 6.22 17.75 -6.67
CA ASN A 4 7.21 17.38 -5.67
C ASN A 4 8.57 17.99 -5.95
N ASN A 5 9.15 18.52 -4.92
CA ASN A 5 10.49 19.10 -4.93
C ASN A 5 11.37 18.19 -4.11
N GLU A 6 10.84 17.06 -3.84
CA GLU A 6 11.43 16.04 -3.11
C GLU A 6 11.11 14.76 -3.82
N ASN A 7 12.13 14.07 -4.16
CA ASN A 7 12.05 12.84 -4.94
C ASN A 7 12.01 11.65 -4.02
N ALA A 8 11.99 11.93 -2.75
CA ALA A 8 11.81 10.93 -1.76
C ALA A 8 10.34 10.90 -1.45
N LEU A 9 9.80 9.75 -1.24
CA LEU A 9 8.39 9.66 -0.91
C LEU A 9 8.16 10.12 0.53
N PRO A 10 7.37 11.17 0.75
CA PRO A 10 6.98 11.59 2.09
C PRO A 10 5.75 10.77 2.48
N ASP A 11 5.01 11.21 3.48
CA ASP A 11 3.78 10.51 3.77
C ASP A 11 2.78 10.84 2.68
N ILE A 12 2.56 9.88 1.83
CA ILE A 12 1.68 10.06 0.71
C ILE A 12 0.33 9.62 1.15
N THR A 13 -0.61 10.48 1.03
CA THR A 13 -1.94 10.18 1.43
C THR A 13 -2.82 10.31 0.21
N LYS A 14 -3.61 9.32 -0.04
CA LYS A 14 -4.52 9.34 -1.14
C LYS A 14 -5.81 8.72 -0.68
N SER A 15 -6.87 9.37 -0.96
CA SER A 15 -8.16 8.89 -0.56
C SER A 15 -9.01 8.61 -1.78
N ILE A 16 -9.75 7.55 -1.72
CA ILE A 16 -10.56 7.13 -2.85
C ILE A 16 -11.84 6.47 -2.31
N THR A 17 -12.94 6.73 -2.95
CA THR A 17 -14.20 6.18 -2.51
C THR A 17 -14.60 4.96 -3.31
N LEU A 18 -14.73 3.87 -2.62
CA LEU A 18 -15.08 2.60 -3.21
C LEU A 18 -16.57 2.43 -3.17
N GLU A 19 -17.11 1.88 -4.23
CA GLU A 19 -18.55 1.68 -4.35
C GLU A 19 -18.96 0.35 -3.72
N ALA A 20 -18.24 -0.06 -2.72
CA ALA A 20 -18.46 -1.31 -2.05
C ALA A 20 -18.59 -1.05 -0.56
N PRO A 21 -19.11 -2.02 0.22
CA PRO A 21 -19.21 -1.90 1.67
C PRO A 21 -17.83 -1.86 2.29
N ILE A 22 -17.73 -1.22 3.44
CA ILE A 22 -16.46 -1.03 4.11
C ILE A 22 -15.80 -2.35 4.48
N GLN A 23 -16.61 -3.37 4.77
CA GLN A 23 -16.09 -4.68 5.11
C GLN A 23 -15.25 -5.25 3.96
N LYS A 24 -15.77 -5.15 2.75
CA LYS A 24 -15.10 -5.67 1.56
C LYS A 24 -13.84 -4.90 1.25
N VAL A 25 -13.90 -3.59 1.42
CA VAL A 25 -12.75 -2.74 1.15
C VAL A 25 -11.65 -3.04 2.15
N TRP A 26 -12.06 -3.23 3.39
CA TRP A 26 -11.18 -3.52 4.48
C TRP A 26 -10.49 -4.85 4.25
N GLU A 27 -11.27 -5.86 3.88
CA GLU A 27 -10.72 -7.17 3.62
C GLU A 27 -9.76 -7.11 2.44
N THR A 28 -10.09 -6.32 1.45
CA THR A 28 -9.25 -6.16 0.29
C THR A 28 -7.84 -5.68 0.67
N VAL A 29 -7.77 -4.83 1.67
CA VAL A 29 -6.50 -4.26 2.08
C VAL A 29 -5.96 -4.92 3.36
N SER A 30 -6.50 -6.07 3.70
CA SER A 30 -6.09 -6.72 4.92
C SER A 30 -6.11 -8.26 4.78
N THR A 31 -6.35 -8.78 3.59
CA THR A 31 -6.36 -10.21 3.40
C THR A 31 -5.15 -10.64 2.62
N SER A 32 -4.95 -11.93 2.55
CA SER A 32 -3.82 -12.52 1.92
C SER A 32 -3.77 -12.14 0.45
N GLU A 33 -4.79 -12.55 -0.30
CA GLU A 33 -4.76 -12.32 -1.73
C GLU A 33 -5.09 -10.90 -2.07
N GLY A 34 -5.89 -10.25 -1.23
CA GLY A 34 -6.29 -8.89 -1.48
C GLY A 34 -5.09 -7.99 -1.60
N ILE A 35 -4.20 -8.10 -0.63
CA ILE A 35 -2.97 -7.34 -0.63
C ILE A 35 -2.03 -7.83 -1.75
N ALA A 36 -1.93 -9.15 -1.86
CA ALA A 36 -1.02 -9.79 -2.80
C ALA A 36 -1.34 -9.51 -4.27
N LYS A 37 -2.62 -9.44 -4.60
CA LYS A 37 -3.06 -9.30 -5.99
C LYS A 37 -2.82 -7.89 -6.55
N TRP A 38 -2.23 -7.02 -5.74
CA TRP A 38 -1.86 -5.70 -6.20
C TRP A 38 -0.47 -5.70 -6.79
N PHE A 39 0.44 -6.45 -6.16
CA PHE A 39 1.85 -6.39 -6.55
C PHE A 39 2.54 -7.74 -6.71
N MET A 40 2.53 -8.59 -5.67
CA MET A 40 3.25 -9.85 -5.67
C MET A 40 2.49 -10.87 -4.84
N PRO A 41 2.43 -12.14 -5.30
CA PRO A 41 1.75 -13.20 -4.58
C PRO A 41 2.47 -13.56 -3.27
N ASN A 42 1.88 -13.19 -2.17
CA ASN A 42 2.42 -13.44 -0.85
C ASN A 42 1.35 -14.01 0.04
N ASP A 43 1.74 -14.91 0.90
CA ASP A 43 0.84 -15.56 1.85
C ASP A 43 0.70 -14.74 3.14
N PHE A 44 0.34 -13.47 2.95
CA PHE A 44 0.20 -12.53 4.05
C PHE A 44 -1.06 -12.87 4.83
N GLN A 45 -1.11 -12.56 6.10
CA GLN A 45 -2.27 -12.86 6.90
C GLN A 45 -2.58 -11.68 7.78
N LEU A 46 -3.84 -11.50 8.15
CA LEU A 46 -4.21 -10.40 9.01
C LEU A 46 -3.77 -10.79 10.41
N LYS A 47 -2.70 -10.19 10.85
CA LYS A 47 -2.22 -10.38 12.16
C LYS A 47 -1.88 -9.05 12.70
N GLU A 48 -2.29 -8.73 13.85
CA GLU A 48 -1.88 -7.48 14.41
C GLU A 48 -0.70 -7.72 15.29
N GLY A 49 0.41 -7.68 14.66
CA GLY A 49 1.62 -7.92 15.30
C GLY A 49 2.28 -9.13 14.72
N GLN A 50 3.29 -8.91 13.94
CA GLN A 50 3.99 -9.97 13.27
C GLN A 50 5.42 -9.51 13.10
N GLU A 51 6.34 -10.42 13.10
CA GLU A 51 7.75 -10.11 12.98
C GLU A 51 8.39 -11.16 12.10
N PHE A 52 9.47 -10.82 11.45
CA PHE A 52 10.10 -11.72 10.49
C PHE A 52 11.57 -11.87 10.78
N HIS A 53 12.09 -13.02 10.50
CA HIS A 53 13.50 -13.27 10.59
C HIS A 53 14.03 -13.57 9.21
N LEU A 54 15.32 -13.28 9.01
CA LEU A 54 16.00 -13.43 7.71
C LEU A 54 15.56 -12.33 6.76
N GLN A 55 15.92 -11.11 7.13
CA GLN A 55 15.56 -9.91 6.41
C GLN A 55 16.19 -9.92 5.04
N SER A 56 15.36 -10.08 4.05
CA SER A 56 15.76 -10.14 2.70
C SER A 56 14.58 -9.69 1.87
N PRO A 57 14.82 -9.05 0.70
CA PRO A 57 13.75 -8.56 -0.18
C PRO A 57 12.76 -9.66 -0.57
N PHE A 58 13.29 -10.83 -0.85
CA PHE A 58 12.47 -11.94 -1.23
C PHE A 58 12.88 -13.15 -0.41
N GLY A 59 11.92 -13.96 -0.04
CA GLY A 59 12.19 -15.15 0.72
C GLY A 59 11.11 -15.42 1.74
N PRO A 60 11.35 -15.08 3.02
CA PRO A 60 10.36 -15.24 4.07
C PRO A 60 9.40 -14.05 4.15
N SER A 61 9.59 -13.11 3.22
CA SER A 61 8.84 -11.86 3.12
C SER A 61 9.24 -10.91 4.26
N PRO A 62 9.89 -9.78 3.92
CA PRO A 62 10.41 -8.81 4.90
C PRO A 62 9.33 -7.87 5.43
N CYS A 63 8.19 -8.41 5.75
CA CYS A 63 7.12 -7.61 6.24
C CYS A 63 6.76 -7.98 7.67
N LYS A 64 6.42 -6.98 8.42
CA LYS A 64 6.02 -7.11 9.78
C LYS A 64 4.84 -6.21 9.97
N VAL A 65 3.87 -6.66 10.67
CA VAL A 65 2.69 -5.86 10.81
C VAL A 65 2.85 -4.96 12.00
N LEU A 66 2.48 -3.72 11.83
CA LEU A 66 2.55 -2.74 12.88
C LEU A 66 1.38 -3.02 13.80
N ALA A 67 0.19 -2.93 13.24
CA ALA A 67 -1.02 -3.15 13.95
C ALA A 67 -2.16 -3.25 12.97
N VAL A 68 -3.19 -3.96 13.33
CA VAL A 68 -4.37 -4.02 12.54
C VAL A 68 -5.48 -3.51 13.42
N GLN A 69 -6.08 -2.45 13.01
CA GLN A 69 -7.15 -1.86 13.75
C GLN A 69 -8.44 -2.30 13.17
N ALA A 70 -9.32 -2.55 14.03
CA ALA A 70 -10.56 -3.21 13.74
C ALA A 70 -11.38 -2.30 12.89
N PRO A 71 -11.83 -2.85 11.72
CA PRO A 71 -12.28 -2.14 10.53
C PRO A 71 -12.20 -0.62 10.54
N THR A 72 -11.02 -0.12 10.88
CA THR A 72 -10.74 1.29 10.88
C THR A 72 -9.36 1.58 10.31
N GLU A 73 -8.36 0.75 10.63
CA GLU A 73 -7.01 1.06 10.22
C GLU A 73 -6.19 -0.19 10.02
N LEU A 74 -5.27 -0.14 9.13
CA LEU A 74 -4.37 -1.22 8.88
C LEU A 74 -3.00 -0.64 8.71
N SER A 75 -2.03 -1.22 9.34
CA SER A 75 -0.66 -0.75 9.18
C SER A 75 0.33 -1.92 9.15
N PHE A 76 1.15 -1.97 8.12
CA PHE A 76 2.16 -3.00 8.03
C PHE A 76 3.42 -2.43 7.40
N GLU A 77 4.53 -3.04 7.72
CA GLU A 77 5.82 -2.53 7.35
C GLU A 77 6.57 -3.56 6.56
N TRP A 78 6.99 -3.18 5.40
CA TRP A 78 7.73 -4.04 4.53
C TRP A 78 9.12 -3.41 4.34
N ASP A 79 10.15 -4.06 4.80
CA ASP A 79 11.48 -3.49 4.64
C ASP A 79 11.99 -3.79 3.25
N THR A 80 12.87 -2.92 2.76
CA THR A 80 13.44 -3.03 1.45
C THR A 80 12.42 -2.63 0.40
N GLU A 81 12.36 -1.30 0.18
CA GLU A 81 11.50 -0.59 -0.81
C GLU A 81 9.97 -0.81 -0.67
N GLY A 82 9.56 -1.60 0.29
CA GLY A 82 8.15 -1.78 0.54
C GLY A 82 7.60 -0.65 1.37
N TRP A 83 8.45 -0.18 2.29
CA TRP A 83 8.18 0.95 3.19
C TRP A 83 7.06 0.58 4.17
N VAL A 84 6.45 1.53 4.78
CA VAL A 84 5.36 1.27 5.67
C VAL A 84 4.11 1.90 5.13
N VAL A 85 3.09 1.10 5.01
CA VAL A 85 1.85 1.55 4.50
C VAL A 85 0.77 1.45 5.55
N THR A 86 -0.01 2.46 5.62
CA THR A 86 -1.08 2.54 6.55
C THR A 86 -2.35 2.80 5.76
N PHE A 87 -3.35 2.01 5.96
CA PHE A 87 -4.58 2.19 5.28
C PHE A 87 -5.62 2.60 6.26
N GLN A 88 -6.31 3.63 5.94
CA GLN A 88 -7.34 4.15 6.77
C GLN A 88 -8.68 3.90 6.15
N LEU A 89 -9.60 3.51 6.96
CA LEU A 89 -10.93 3.19 6.51
C LEU A 89 -11.92 4.18 7.09
N GLU A 90 -12.60 4.86 6.23
CA GLU A 90 -13.62 5.81 6.60
C GLU A 90 -14.97 5.25 6.17
N ASP A 91 -15.83 5.00 7.11
CA ASP A 91 -17.14 4.48 6.80
C ASP A 91 -18.03 5.60 6.33
N LEU A 92 -18.55 5.44 5.16
CA LEU A 92 -19.47 6.38 4.57
C LEU A 92 -20.71 5.66 4.17
N GLY A 93 -21.76 6.38 4.01
CA GLY A 93 -22.95 5.82 3.50
C GLY A 93 -22.88 5.82 2.02
N GLU A 94 -23.13 4.65 1.41
CA GLU A 94 -23.22 4.45 -0.03
C GLU A 94 -21.87 4.26 -0.65
N LYS A 95 -20.82 4.37 0.14
CA LYS A 95 -19.50 4.20 -0.36
C LYS A 95 -18.55 3.99 0.81
N THR A 96 -17.32 3.70 0.52
CA THR A 96 -16.32 3.57 1.55
C THR A 96 -15.16 4.49 1.23
N GLY A 97 -14.71 5.25 2.21
CA GLY A 97 -13.61 6.12 2.02
C GLY A 97 -12.34 5.42 2.40
N PHE A 98 -11.58 5.03 1.45
CA PHE A 98 -10.35 4.35 1.69
C PHE A 98 -9.21 5.33 1.60
N THR A 99 -8.31 5.28 2.52
CA THR A 99 -7.23 6.17 2.49
C THR A 99 -5.94 5.39 2.55
N LEU A 100 -5.12 5.64 1.60
CA LEU A 100 -3.84 5.03 1.47
C LEU A 100 -2.80 5.99 1.99
N ILE A 101 -2.04 5.56 2.93
CA ILE A 101 -0.95 6.36 3.45
C ILE A 101 0.32 5.56 3.24
N HIS A 102 1.26 6.14 2.59
CA HIS A 102 2.51 5.51 2.31
C HIS A 102 3.61 6.33 2.93
N SER A 103 4.37 5.75 3.78
CA SER A 103 5.48 6.42 4.37
C SER A 103 6.58 5.40 4.51
N GLY A 104 7.78 5.84 4.73
CA GLY A 104 8.89 4.97 4.94
C GLY A 104 10.09 5.79 5.19
N TRP A 105 10.85 5.49 6.19
CA TRP A 105 12.01 6.30 6.47
C TRP A 105 13.23 5.73 5.78
N LYS A 106 14.09 6.62 5.32
CA LYS A 106 15.28 6.24 4.59
C LYS A 106 16.45 6.92 5.29
N GLU A 107 16.50 8.24 5.08
CA GLU A 107 17.44 9.21 5.67
C GLU A 107 17.30 10.55 4.89
N PRO A 108 17.51 10.57 3.53
CA PRO A 108 17.32 11.80 2.77
C PRO A 108 15.87 12.05 2.40
N ASN A 109 15.52 13.31 2.37
CA ASN A 109 14.21 13.77 1.98
C ASN A 109 14.27 14.26 0.53
N GLU A 110 15.47 14.58 0.07
CA GLU A 110 15.70 15.04 -1.29
C GLU A 110 15.33 13.95 -2.32
N VAL A 111 15.83 12.73 -2.10
CA VAL A 111 15.59 11.58 -2.95
C VAL A 111 15.47 10.41 -2.00
N ILE A 112 15.00 9.26 -2.46
CA ILE A 112 14.90 8.06 -1.63
C ILE A 112 16.29 7.63 -1.09
N GLY A 113 17.33 7.86 -1.85
CA GLY A 113 18.66 7.61 -1.38
C GLY A 113 19.13 6.20 -1.62
N LYS A 114 19.32 5.47 -0.54
CA LYS A 114 19.93 4.13 -0.55
C LYS A 114 19.01 3.08 -1.16
N ALA A 115 17.77 3.42 -1.39
CA ALA A 115 16.84 2.52 -2.04
C ALA A 115 17.20 2.38 -3.53
N ASN A 116 17.91 3.40 -4.03
CA ASN A 116 18.40 3.49 -5.42
C ASN A 116 17.38 3.08 -6.47
N GLU A 117 16.65 4.03 -6.89
CA GLU A 117 15.71 3.93 -7.96
C GLU A 117 15.77 5.35 -8.50
N LYS A 118 15.46 5.56 -9.75
CA LYS A 118 15.75 6.87 -10.35
C LYS A 118 14.81 7.93 -9.83
N SER A 119 15.40 8.97 -9.25
CA SER A 119 14.70 10.06 -8.58
C SER A 119 13.48 10.60 -9.35
N SER A 120 13.69 10.91 -10.61
CA SER A 120 12.66 11.46 -11.46
C SER A 120 11.51 10.46 -11.68
N VAL A 121 11.86 9.21 -11.98
CA VAL A 121 10.83 8.22 -12.22
C VAL A 121 10.13 7.87 -10.91
N VAL A 122 10.89 7.89 -9.80
CA VAL A 122 10.30 7.64 -8.48
C VAL A 122 9.25 8.67 -8.17
N ARG A 123 9.59 9.91 -8.41
CA ARG A 123 8.68 11.02 -8.18
C ARG A 123 7.37 10.84 -8.96
N GLY A 124 7.51 10.48 -10.23
CA GLY A 124 6.37 10.26 -11.10
C GLY A 124 5.57 9.04 -10.73
N LYS A 125 6.27 7.95 -10.52
CA LYS A 125 5.70 6.68 -10.17
C LYS A 125 4.98 6.72 -8.82
N MET A 126 5.44 7.53 -7.90
CA MET A 126 4.75 7.66 -6.63
C MET A 126 3.45 8.43 -6.79
N ASP A 127 3.52 9.58 -7.45
CA ASP A 127 2.34 10.43 -7.67
C ASP A 127 1.31 9.71 -8.56
N GLY A 128 1.69 9.48 -9.79
CA GLY A 128 0.81 8.89 -10.77
C GLY A 128 0.54 7.44 -10.50
N GLY A 129 1.53 6.75 -9.94
CA GLY A 129 1.38 5.35 -9.65
C GLY A 129 0.35 5.10 -8.59
N TRP A 130 0.55 5.66 -7.40
CA TRP A 130 -0.39 5.41 -6.31
C TRP A 130 -1.79 5.90 -6.61
N THR A 131 -1.89 7.01 -7.30
CA THR A 131 -3.18 7.51 -7.69
C THR A 131 -3.91 6.51 -8.62
N GLY A 132 -3.21 6.04 -9.66
CA GLY A 132 -3.82 5.13 -10.62
C GLY A 132 -4.00 3.73 -10.09
N ILE A 133 -2.96 3.18 -9.48
CA ILE A 133 -2.95 1.83 -8.93
C ILE A 133 -4.05 1.68 -7.91
N VAL A 134 -4.01 2.48 -6.86
CA VAL A 134 -4.99 2.39 -5.80
C VAL A 134 -6.42 2.60 -6.30
N ASN A 135 -6.62 3.60 -7.15
CA ASN A 135 -7.97 3.89 -7.64
C ASN A 135 -8.62 2.68 -8.31
N GLU A 136 -8.03 2.23 -9.40
CA GLU A 136 -8.67 1.18 -10.18
C GLU A 136 -8.45 -0.21 -9.58
N ARG A 137 -7.30 -0.45 -9.00
CA ARG A 137 -7.01 -1.77 -8.50
C ARG A 137 -7.85 -2.11 -7.29
N LEU A 138 -8.05 -1.14 -6.40
CA LEU A 138 -8.92 -1.38 -5.27
C LEU A 138 -10.34 -1.49 -5.70
N ARG A 139 -10.76 -0.59 -6.59
CA ARG A 139 -12.14 -0.61 -7.10
C ARG A 139 -12.43 -1.98 -7.76
N LYS A 140 -11.46 -2.55 -8.45
CA LYS A 140 -11.66 -3.86 -9.04
C LYS A 140 -11.64 -4.98 -8.04
N ALA A 141 -10.79 -4.89 -7.02
CA ALA A 141 -10.70 -5.95 -6.02
C ALA A 141 -11.97 -6.02 -5.17
N VAL A 142 -12.69 -4.92 -5.09
CA VAL A 142 -13.94 -4.90 -4.38
C VAL A 142 -15.12 -5.25 -5.30
N GLU A 143 -14.93 -5.04 -6.59
CA GLU A 143 -15.94 -5.41 -7.58
C GLU A 143 -15.87 -6.89 -7.95
N GLU A 144 -14.72 -7.33 -8.38
CA GLU A 144 -14.51 -8.69 -8.82
C GLU A 144 -13.28 -9.28 -8.11
N LEU A 145 -12.86 -10.46 -8.52
CA LEU A 145 -11.65 -11.08 -8.00
C LEU A 145 -10.83 -11.60 -9.18
N GLU A 146 -9.98 -10.75 -9.68
CA GLU A 146 -9.16 -11.04 -10.84
C GLU A 146 -8.16 -12.15 -10.63
N HIS A 147 -8.04 -12.96 -11.66
CA HIS A 147 -6.98 -13.95 -11.80
C HIS A 147 -5.73 -13.12 -12.05
N HIS A 148 -4.59 -13.52 -11.53
CA HIS A 148 -3.35 -12.76 -11.73
C HIS A 148 -3.02 -12.61 -13.22
N HIS A 149 -3.04 -11.37 -13.67
CA HIS A 149 -2.75 -11.01 -15.04
C HIS A 149 -1.29 -11.29 -15.35
N HIS A 150 -1.05 -12.20 -16.25
CA HIS A 150 0.30 -12.59 -16.62
C HIS A 150 0.93 -11.47 -17.40
N HIS A 151 2.12 -11.06 -16.96
CA HIS A 151 2.78 -9.88 -17.50
C HIS A 151 3.08 -10.01 -18.98
N HIS A 152 2.85 -8.96 -19.68
CA HIS A 152 3.12 -8.83 -21.06
C HIS A 152 3.74 -7.47 -21.24
N MET A 1 5.82 18.30 -13.08
CA MET A 1 5.65 16.85 -13.17
C MET A 1 6.58 16.20 -12.18
N ALA A 2 6.64 14.90 -12.17
CA ALA A 2 7.47 14.16 -11.24
C ALA A 2 8.83 13.83 -11.86
N GLN A 3 9.23 14.59 -12.85
CA GLN A 3 10.49 14.33 -13.53
C GLN A 3 11.61 15.23 -13.04
N ASN A 4 11.37 16.51 -12.98
CA ASN A 4 12.44 17.41 -12.60
C ASN A 4 12.32 17.92 -11.18
N ASN A 5 12.76 17.09 -10.27
CA ASN A 5 12.97 17.38 -8.84
C ASN A 5 13.12 16.07 -8.13
N GLU A 6 13.70 16.11 -6.98
CA GLU A 6 13.97 14.91 -6.22
C GLU A 6 12.91 14.61 -5.18
N ASN A 7 12.88 15.44 -4.18
CA ASN A 7 11.91 15.36 -3.03
C ASN A 7 12.22 14.22 -2.04
N ALA A 8 12.92 13.19 -2.53
CA ALA A 8 13.34 11.98 -1.80
C ALA A 8 12.22 10.98 -1.64
N LEU A 9 11.06 11.50 -1.24
CA LEU A 9 9.84 10.78 -0.94
C LEU A 9 9.58 10.45 0.51
N PRO A 10 8.98 11.43 1.22
CA PRO A 10 8.42 11.21 2.53
C PRO A 10 6.93 10.84 2.38
N ASP A 11 6.15 11.13 3.40
CA ASP A 11 4.72 10.79 3.47
C ASP A 11 3.90 11.40 2.29
N ILE A 12 2.88 10.69 1.85
CA ILE A 12 1.98 11.15 0.79
C ILE A 12 0.60 10.51 0.98
N THR A 13 -0.44 11.29 0.76
CA THR A 13 -1.79 10.80 0.87
C THR A 13 -2.46 10.80 -0.52
N LYS A 14 -3.24 9.78 -0.81
CA LYS A 14 -4.00 9.70 -2.05
C LYS A 14 -5.35 9.08 -1.69
N SER A 15 -6.43 9.58 -2.22
CA SER A 15 -7.74 9.02 -1.91
C SER A 15 -8.42 8.48 -3.17
N ILE A 16 -9.26 7.47 -3.00
CA ILE A 16 -9.99 6.90 -4.11
C ILE A 16 -11.21 6.15 -3.57
N THR A 17 -12.33 6.36 -4.21
CA THR A 17 -13.55 5.74 -3.82
C THR A 17 -13.84 4.49 -4.66
N LEU A 18 -14.16 3.40 -4.00
CA LEU A 18 -14.39 2.13 -4.62
C LEU A 18 -15.85 1.89 -4.78
N GLU A 19 -16.22 1.35 -5.89
CA GLU A 19 -17.61 1.08 -6.18
C GLU A 19 -17.95 -0.37 -5.75
N ALA A 20 -17.23 -0.85 -4.76
CA ALA A 20 -17.37 -2.20 -4.24
C ALA A 20 -17.68 -2.13 -2.75
N PRO A 21 -18.21 -3.23 -2.15
CA PRO A 21 -18.51 -3.30 -0.72
C PRO A 21 -17.24 -3.19 0.10
N ILE A 22 -17.38 -2.63 1.28
CA ILE A 22 -16.26 -2.34 2.17
C ILE A 22 -15.45 -3.60 2.49
N GLN A 23 -16.12 -4.75 2.59
CA GLN A 23 -15.42 -6.00 2.93
C GLN A 23 -14.44 -6.39 1.82
N LYS A 24 -14.81 -6.14 0.57
CA LYS A 24 -14.00 -6.52 -0.55
C LYS A 24 -12.88 -5.57 -0.77
N VAL A 25 -13.09 -4.33 -0.41
CA VAL A 25 -12.03 -3.35 -0.48
C VAL A 25 -11.02 -3.66 0.61
N TRP A 26 -11.55 -4.01 1.77
CA TRP A 26 -10.77 -4.34 2.92
C TRP A 26 -9.87 -5.55 2.64
N GLU A 27 -10.42 -6.63 2.05
CA GLU A 27 -9.59 -7.77 1.76
C GLU A 27 -8.61 -7.50 0.61
N THR A 28 -8.95 -6.60 -0.28
CA THR A 28 -8.03 -6.17 -1.32
C THR A 28 -6.74 -5.58 -0.69
N VAL A 29 -6.91 -4.89 0.41
CA VAL A 29 -5.78 -4.25 1.05
C VAL A 29 -5.35 -4.97 2.33
N SER A 30 -5.66 -6.24 2.41
CA SER A 30 -5.26 -7.03 3.55
C SER A 30 -4.81 -8.44 3.18
N THR A 31 -5.06 -8.84 1.95
CA THR A 31 -4.70 -10.17 1.54
C THR A 31 -3.34 -10.19 0.87
N SER A 32 -2.77 -11.38 0.81
CA SER A 32 -1.49 -11.67 0.26
C SER A 32 -1.33 -11.07 -1.15
N GLU A 33 -2.23 -11.42 -2.03
CA GLU A 33 -2.18 -11.01 -3.41
C GLU A 33 -2.62 -9.57 -3.62
N GLY A 34 -3.57 -9.13 -2.81
CA GLY A 34 -4.10 -7.78 -2.95
C GLY A 34 -3.05 -6.74 -2.62
N ILE A 35 -2.38 -6.94 -1.49
CA ILE A 35 -1.35 -6.03 -1.07
C ILE A 35 -0.11 -6.13 -1.95
N ALA A 36 0.30 -7.35 -2.23
CA ALA A 36 1.50 -7.59 -3.00
C ALA A 36 1.40 -7.08 -4.42
N LYS A 37 0.30 -7.45 -5.15
CA LYS A 37 0.13 -7.11 -6.58
C LYS A 37 1.24 -7.84 -7.42
N TRP A 38 1.94 -8.69 -6.74
CA TRP A 38 3.08 -9.39 -7.21
C TRP A 38 2.60 -10.77 -7.71
N PHE A 39 3.36 -11.41 -8.57
CA PHE A 39 2.94 -12.72 -9.05
C PHE A 39 3.42 -13.80 -8.08
N MET A 40 4.39 -13.43 -7.29
CA MET A 40 4.86 -14.24 -6.20
C MET A 40 4.10 -13.81 -4.96
N PRO A 41 3.29 -14.69 -4.36
CA PRO A 41 2.49 -14.34 -3.22
C PRO A 41 3.28 -14.25 -1.91
N ASN A 42 3.25 -13.09 -1.30
CA ASN A 42 3.79 -12.93 0.04
C ASN A 42 2.60 -12.95 0.93
N ASP A 43 2.71 -13.51 2.07
CA ASP A 43 1.52 -13.72 2.86
C ASP A 43 1.24 -12.61 3.81
N PHE A 44 0.70 -11.59 3.26
CA PHE A 44 0.14 -10.55 4.05
C PHE A 44 -1.17 -11.08 4.59
N GLN A 45 -1.25 -11.15 5.88
CA GLN A 45 -2.38 -11.70 6.58
C GLN A 45 -2.84 -10.65 7.54
N LEU A 46 -4.12 -10.65 7.92
CA LEU A 46 -4.50 -9.69 8.91
C LEU A 46 -3.96 -10.15 10.23
N LYS A 47 -2.91 -9.54 10.63
CA LYS A 47 -2.36 -9.72 11.89
C LYS A 47 -2.10 -8.35 12.41
N GLU A 48 -2.47 -8.08 13.58
CA GLU A 48 -2.21 -6.78 14.15
C GLU A 48 -0.83 -6.78 14.78
N GLY A 49 0.15 -6.91 13.94
CA GLY A 49 1.47 -7.00 14.38
C GLY A 49 2.10 -8.26 13.88
N GLN A 50 2.01 -8.47 12.58
CA GLN A 50 2.61 -9.63 11.94
C GLN A 50 4.08 -9.38 11.93
N GLU A 51 4.77 -9.90 12.86
CA GLU A 51 6.17 -9.68 12.94
C GLU A 51 6.99 -10.93 12.84
N PHE A 52 8.07 -10.80 12.17
CA PHE A 52 9.04 -11.81 12.02
C PHE A 52 10.35 -11.15 12.37
N HIS A 53 11.25 -11.85 13.00
CA HIS A 53 12.54 -11.28 13.29
C HIS A 53 13.57 -11.96 12.43
N LEU A 54 14.49 -11.20 11.92
CA LEU A 54 15.44 -11.70 10.98
C LEU A 54 16.75 -12.06 11.65
N GLN A 55 17.63 -12.59 10.85
CA GLN A 55 18.92 -13.05 11.30
C GLN A 55 19.95 -12.32 10.46
N SER A 56 21.18 -12.81 10.41
CA SER A 56 22.19 -12.23 9.54
C SER A 56 21.70 -12.20 8.05
N PRO A 57 21.19 -13.34 7.46
CA PRO A 57 20.51 -13.26 6.17
C PRO A 57 19.11 -12.68 6.38
N PHE A 58 18.63 -11.92 5.42
CA PHE A 58 17.33 -11.23 5.51
C PHE A 58 16.19 -12.21 5.82
N GLY A 59 16.23 -13.35 5.17
CA GLY A 59 15.24 -14.36 5.40
C GLY A 59 14.07 -14.22 4.47
N PRO A 60 12.89 -13.88 4.99
CA PRO A 60 11.69 -13.67 4.20
C PRO A 60 11.68 -12.27 3.59
N SER A 61 10.53 -11.82 3.16
CA SER A 61 10.40 -10.48 2.68
C SER A 61 10.25 -9.55 3.89
N PRO A 62 11.21 -8.61 4.11
CA PRO A 62 11.22 -7.71 5.29
C PRO A 62 10.02 -6.76 5.36
N CYS A 63 8.94 -7.28 5.84
CA CYS A 63 7.72 -6.55 6.03
C CYS A 63 7.06 -7.06 7.29
N LYS A 64 6.43 -6.19 8.02
CA LYS A 64 5.77 -6.55 9.26
C LYS A 64 4.53 -5.72 9.34
N VAL A 65 3.48 -6.22 9.91
CA VAL A 65 2.30 -5.42 10.03
C VAL A 65 2.38 -4.67 11.34
N LEU A 66 2.03 -3.42 11.34
CA LEU A 66 2.10 -2.62 12.54
C LEU A 66 0.90 -3.00 13.40
N ALA A 67 -0.27 -2.76 12.86
CA ALA A 67 -1.52 -3.04 13.53
C ALA A 67 -2.62 -2.93 12.51
N VAL A 68 -3.72 -3.57 12.77
CA VAL A 68 -4.84 -3.46 11.92
C VAL A 68 -6.05 -3.03 12.70
N GLN A 69 -6.75 -2.08 12.15
CA GLN A 69 -7.99 -1.65 12.68
C GLN A 69 -9.08 -2.24 11.87
N ALA A 70 -10.09 -2.60 12.55
CA ALA A 70 -11.15 -3.40 12.02
C ALA A 70 -11.87 -2.58 11.00
N PRO A 71 -12.01 -3.16 9.78
CA PRO A 71 -12.30 -2.50 8.51
C PRO A 71 -12.37 -0.96 8.50
N THR A 72 -11.37 -0.31 9.10
CA THR A 72 -11.27 1.11 9.06
C THR A 72 -9.83 1.54 8.81
N GLU A 73 -8.85 0.79 9.33
CA GLU A 73 -7.49 1.24 9.18
C GLU A 73 -6.55 0.06 9.13
N LEU A 74 -5.51 0.19 8.42
CA LEU A 74 -4.54 -0.84 8.29
C LEU A 74 -3.18 -0.21 8.24
N SER A 75 -2.29 -0.70 9.03
CA SER A 75 -0.95 -0.12 9.09
C SER A 75 0.11 -1.24 9.01
N PHE A 76 1.06 -1.13 8.09
CA PHE A 76 2.12 -2.12 7.94
C PHE A 76 3.43 -1.49 7.51
N GLU A 77 4.51 -2.16 7.77
CA GLU A 77 5.84 -1.62 7.65
C GLU A 77 6.63 -2.43 6.64
N TRP A 78 7.46 -1.73 5.92
CA TRP A 78 8.43 -2.30 5.04
C TRP A 78 9.76 -1.95 5.63
N ASP A 79 10.55 -2.91 5.95
CA ASP A 79 11.83 -2.63 6.62
C ASP A 79 12.93 -2.26 5.65
N THR A 80 12.54 -2.05 4.44
CA THR A 80 13.38 -1.58 3.40
C THR A 80 13.31 -0.06 3.40
N GLU A 81 14.26 0.54 4.12
CA GLU A 81 14.39 2.00 4.28
C GLU A 81 13.39 2.57 5.27
N GLY A 82 12.68 1.66 5.92
CA GLY A 82 11.78 2.02 6.98
C GLY A 82 10.52 2.70 6.51
N TRP A 83 9.73 2.03 5.74
CA TRP A 83 8.46 2.60 5.32
C TRP A 83 7.35 2.04 6.16
N VAL A 84 6.33 2.81 6.35
CA VAL A 84 5.17 2.40 7.04
C VAL A 84 3.95 2.98 6.34
N VAL A 85 3.21 2.12 5.72
CA VAL A 85 2.08 2.56 4.96
C VAL A 85 0.81 2.30 5.73
N THR A 86 -0.21 3.06 5.46
CA THR A 86 -1.43 2.93 6.16
C THR A 86 -2.59 3.08 5.17
N PHE A 87 -3.62 2.28 5.36
CA PHE A 87 -4.81 2.40 4.56
C PHE A 87 -5.92 2.84 5.47
N GLN A 88 -6.73 3.73 5.01
CA GLN A 88 -7.86 4.18 5.78
C GLN A 88 -9.13 3.86 5.00
N LEU A 89 -10.11 3.31 5.67
CA LEU A 89 -11.36 2.96 5.04
C LEU A 89 -12.46 3.85 5.57
N GLU A 90 -13.16 4.44 4.67
CA GLU A 90 -14.27 5.28 4.99
C GLU A 90 -15.51 4.63 4.43
N ASP A 91 -16.52 4.51 5.22
CA ASP A 91 -17.73 3.89 4.77
C ASP A 91 -18.69 4.95 4.27
N LEU A 92 -19.07 4.84 3.03
CA LEU A 92 -20.01 5.74 2.45
C LEU A 92 -21.25 4.98 2.12
N GLY A 93 -22.34 5.67 2.05
CA GLY A 93 -23.62 5.04 1.80
C GLY A 93 -23.87 4.83 0.32
N GLU A 94 -22.89 4.25 -0.34
CA GLU A 94 -22.93 4.03 -1.78
C GLU A 94 -21.67 3.29 -2.20
N LYS A 95 -20.57 3.67 -1.61
CA LYS A 95 -19.29 3.17 -2.04
C LYS A 95 -18.36 3.13 -0.85
N THR A 96 -17.19 2.64 -1.05
CA THR A 96 -16.22 2.59 -0.01
C THR A 96 -15.13 3.62 -0.30
N GLY A 97 -14.81 4.43 0.66
CA GLY A 97 -13.78 5.37 0.52
C GLY A 97 -12.47 4.79 0.98
N PHE A 98 -11.51 4.81 0.14
CA PHE A 98 -10.20 4.31 0.46
C PHE A 98 -9.22 5.46 0.51
N THR A 99 -8.42 5.48 1.51
CA THR A 99 -7.44 6.48 1.63
C THR A 99 -6.10 5.79 1.77
N LEU A 100 -5.18 6.15 0.93
CA LEU A 100 -3.88 5.62 0.98
C LEU A 100 -2.98 6.62 1.58
N ILE A 101 -2.15 6.13 2.40
CA ILE A 101 -1.22 6.90 3.13
C ILE A 101 0.11 6.19 3.06
N HIS A 102 1.10 6.88 2.62
CA HIS A 102 2.41 6.37 2.64
C HIS A 102 3.14 7.22 3.64
N SER A 103 3.78 6.63 4.58
CA SER A 103 4.53 7.32 5.58
C SER A 103 5.75 6.47 5.84
N GLY A 104 6.74 7.00 6.48
CA GLY A 104 7.92 6.24 6.73
C GLY A 104 8.78 6.85 7.78
N TRP A 105 9.85 6.19 8.07
CA TRP A 105 10.83 6.63 9.02
C TRP A 105 11.58 7.75 8.32
N LYS A 106 11.46 8.95 8.83
CA LYS A 106 11.95 10.11 8.12
C LYS A 106 13.44 10.33 8.21
N GLU A 107 14.13 9.54 7.46
CA GLU A 107 15.53 9.68 7.23
C GLU A 107 15.77 10.32 5.83
N PRO A 108 15.04 9.85 4.71
CA PRO A 108 15.18 10.42 3.34
C PRO A 108 15.34 11.93 3.32
N ASN A 109 16.53 12.37 3.03
CA ASN A 109 16.84 13.78 3.01
C ASN A 109 16.87 14.25 1.57
N GLU A 110 17.82 13.74 0.82
CA GLU A 110 17.98 14.07 -0.58
C GLU A 110 17.40 12.96 -1.42
N VAL A 111 17.69 11.75 -1.01
CA VAL A 111 17.24 10.54 -1.67
C VAL A 111 16.72 9.63 -0.57
N ILE A 112 15.82 8.71 -0.88
CA ILE A 112 15.39 7.75 0.11
C ILE A 112 16.53 6.86 0.61
N GLY A 113 17.48 6.58 -0.27
CA GLY A 113 18.63 5.82 0.12
C GLY A 113 18.82 4.60 -0.72
N LYS A 114 18.95 3.48 -0.06
CA LYS A 114 19.25 2.17 -0.67
C LYS A 114 18.09 1.59 -1.49
N ALA A 115 16.94 2.21 -1.41
CA ALA A 115 15.75 1.69 -2.09
C ALA A 115 15.85 1.76 -3.61
N ASN A 116 16.40 2.83 -4.13
CA ASN A 116 16.53 3.02 -5.57
C ASN A 116 17.75 3.80 -5.90
N GLU A 117 18.11 3.76 -7.17
CA GLU A 117 19.27 4.47 -7.69
C GLU A 117 19.12 5.99 -7.51
N LYS A 118 18.17 6.58 -8.23
CA LYS A 118 17.99 8.02 -8.23
C LYS A 118 16.76 8.47 -7.46
N SER A 119 16.84 9.68 -6.93
CA SER A 119 15.74 10.29 -6.23
C SER A 119 14.73 10.79 -7.27
N SER A 120 15.23 11.16 -8.45
CA SER A 120 14.39 11.61 -9.54
C SER A 120 13.47 10.47 -10.04
N VAL A 121 14.01 9.25 -10.13
CA VAL A 121 13.17 8.12 -10.54
C VAL A 121 12.21 7.77 -9.43
N VAL A 122 12.64 7.94 -8.19
CA VAL A 122 11.77 7.71 -7.04
C VAL A 122 10.63 8.72 -7.04
N ARG A 123 10.96 9.95 -7.35
CA ARG A 123 10.00 11.02 -7.49
C ARG A 123 8.92 10.60 -8.49
N GLY A 124 9.36 10.18 -9.67
CA GLY A 124 8.44 9.74 -10.70
C GLY A 124 7.65 8.53 -10.30
N LYS A 125 8.35 7.50 -9.90
CA LYS A 125 7.77 6.23 -9.52
C LYS A 125 6.80 6.33 -8.35
N MET A 126 7.10 7.11 -7.35
CA MET A 126 6.19 7.19 -6.21
C MET A 126 5.00 8.08 -6.54
N ASP A 127 5.25 9.17 -7.24
CA ASP A 127 4.20 10.12 -7.58
C ASP A 127 3.23 9.47 -8.56
N GLY A 128 3.76 9.12 -9.72
CA GLY A 128 2.97 8.53 -10.77
C GLY A 128 2.50 7.14 -10.42
N GLY A 129 3.33 6.43 -9.66
CA GLY A 129 3.00 5.11 -9.23
C GLY A 129 1.84 5.08 -8.28
N TRP A 130 1.94 5.78 -7.15
CA TRP A 130 0.87 5.75 -6.16
C TRP A 130 -0.43 6.34 -6.66
N THR A 131 -0.36 7.39 -7.46
CA THR A 131 -1.56 7.96 -8.00
C THR A 131 -2.28 6.98 -8.95
N GLY A 132 -1.56 6.44 -9.92
CA GLY A 132 -2.14 5.54 -10.88
C GLY A 132 -2.51 4.18 -10.29
N ILE A 133 -1.57 3.59 -9.56
CA ILE A 133 -1.75 2.25 -9.01
C ILE A 133 -2.87 2.23 -7.98
N VAL A 134 -2.83 3.13 -7.01
CA VAL A 134 -3.90 3.14 -6.03
C VAL A 134 -5.23 3.45 -6.70
N ASN A 135 -5.28 4.48 -7.51
CA ASN A 135 -6.56 4.88 -8.09
C ASN A 135 -7.19 3.75 -8.95
N GLU A 136 -6.54 3.39 -10.02
CA GLU A 136 -7.17 2.44 -10.92
C GLU A 136 -6.97 1.00 -10.47
N ARG A 137 -5.79 0.64 -10.01
CA ARG A 137 -5.53 -0.75 -9.66
C ARG A 137 -6.28 -1.17 -8.40
N LEU A 138 -6.40 -0.28 -7.43
CA LEU A 138 -7.16 -0.63 -6.23
C LEU A 138 -8.63 -0.75 -6.64
N ARG A 139 -9.10 0.24 -7.46
CA ARG A 139 -10.47 0.20 -7.95
C ARG A 139 -10.71 -1.06 -8.78
N LYS A 140 -9.73 -1.48 -9.53
CA LYS A 140 -9.87 -2.67 -10.33
C LYS A 140 -9.82 -3.95 -9.56
N ALA A 141 -9.03 -4.00 -8.51
CA ALA A 141 -8.96 -5.21 -7.70
C ALA A 141 -10.32 -5.47 -7.06
N VAL A 142 -11.03 -4.41 -6.73
CA VAL A 142 -12.33 -4.55 -6.13
C VAL A 142 -13.44 -4.71 -7.19
N GLU A 143 -13.18 -4.29 -8.42
CA GLU A 143 -14.17 -4.48 -9.50
C GLU A 143 -14.10 -5.93 -9.99
N GLU A 144 -12.91 -6.51 -9.96
CA GLU A 144 -12.68 -7.89 -10.37
C GLU A 144 -12.90 -8.84 -9.17
N LEU A 145 -13.63 -8.37 -8.18
CA LEU A 145 -13.85 -9.05 -6.87
C LEU A 145 -14.54 -10.41 -6.98
N GLU A 146 -15.35 -10.56 -7.98
CA GLU A 146 -16.22 -11.69 -8.10
C GLU A 146 -16.46 -11.87 -9.59
N HIS A 147 -17.41 -12.69 -9.98
CA HIS A 147 -17.73 -12.87 -11.39
C HIS A 147 -18.50 -11.65 -11.88
N HIS A 148 -17.75 -10.63 -12.14
CA HIS A 148 -18.24 -9.36 -12.58
C HIS A 148 -17.41 -8.97 -13.77
N HIS A 149 -17.97 -9.16 -14.93
CA HIS A 149 -17.25 -8.89 -16.15
C HIS A 149 -17.65 -7.54 -16.69
N HIS A 150 -16.67 -6.78 -17.03
CA HIS A 150 -16.83 -5.43 -17.51
C HIS A 150 -15.62 -5.07 -18.35
N HIS A 151 -15.52 -3.83 -18.80
CA HIS A 151 -14.40 -3.39 -19.63
C HIS A 151 -13.09 -3.42 -18.86
N HIS A 152 -12.04 -3.84 -19.52
CA HIS A 152 -10.75 -3.90 -18.93
C HIS A 152 -9.94 -2.75 -19.50
N MET A 1 4.26 26.80 -10.38
CA MET A 1 4.69 25.74 -11.31
C MET A 1 5.26 24.57 -10.53
N ALA A 2 6.40 24.76 -9.90
CA ALA A 2 7.01 23.74 -9.10
C ALA A 2 6.30 23.65 -7.76
N GLN A 3 5.38 22.74 -7.68
CA GLN A 3 4.58 22.53 -6.49
C GLN A 3 5.13 21.37 -5.68
N ASN A 4 5.72 20.43 -6.38
CA ASN A 4 6.20 19.22 -5.76
C ASN A 4 7.68 19.28 -5.48
N ASN A 5 8.07 18.85 -4.30
CA ASN A 5 9.45 18.64 -4.00
C ASN A 5 9.71 17.20 -4.26
N GLU A 6 10.71 16.93 -4.99
CA GLU A 6 10.97 15.62 -5.46
C GLU A 6 12.47 15.34 -5.50
N ASN A 7 12.87 14.46 -4.65
CA ASN A 7 14.24 14.01 -4.54
C ASN A 7 14.19 12.71 -3.74
N ALA A 8 13.40 12.74 -2.70
CA ALA A 8 13.09 11.58 -1.93
C ALA A 8 11.68 11.16 -2.31
N LEU A 9 11.06 10.31 -1.54
CA LEU A 9 9.72 9.91 -1.83
C LEU A 9 8.80 10.48 -0.76
N PRO A 10 8.16 11.63 -1.03
CA PRO A 10 7.30 12.30 -0.07
C PRO A 10 5.94 11.64 0.09
N ASP A 11 5.11 12.22 0.94
CA ASP A 11 3.79 11.70 1.25
C ASP A 11 2.90 11.75 0.04
N ILE A 12 2.36 10.63 -0.31
CA ILE A 12 1.46 10.50 -1.44
C ILE A 12 0.09 10.23 -0.89
N THR A 13 -0.89 10.94 -1.35
CA THR A 13 -2.22 10.70 -0.91
C THR A 13 -3.09 10.50 -2.14
N LYS A 14 -3.84 9.45 -2.15
CA LYS A 14 -4.74 9.17 -3.22
C LYS A 14 -5.99 8.59 -2.63
N SER A 15 -7.08 9.07 -3.04
CA SER A 15 -8.34 8.64 -2.52
C SER A 15 -9.10 7.99 -3.66
N ILE A 16 -9.75 6.92 -3.38
CA ILE A 16 -10.48 6.21 -4.38
C ILE A 16 -11.68 5.57 -3.73
N THR A 17 -12.80 5.70 -4.36
CA THR A 17 -13.99 5.15 -3.82
C THR A 17 -14.35 3.89 -4.60
N LEU A 18 -14.52 2.80 -3.90
CA LEU A 18 -14.77 1.52 -4.50
C LEU A 18 -16.22 1.17 -4.40
N GLU A 19 -16.74 0.59 -5.46
CA GLU A 19 -18.14 0.19 -5.53
C GLU A 19 -18.30 -1.19 -4.85
N ALA A 20 -17.81 -1.29 -3.64
CA ALA A 20 -17.83 -2.51 -2.88
C ALA A 20 -18.05 -2.21 -1.41
N PRO A 21 -18.51 -3.20 -0.64
CA PRO A 21 -18.67 -3.07 0.81
C PRO A 21 -17.35 -2.83 1.49
N ILE A 22 -17.39 -2.23 2.65
CA ILE A 22 -16.21 -1.86 3.37
C ILE A 22 -15.37 -3.06 3.79
N GLN A 23 -16.01 -4.19 4.03
CA GLN A 23 -15.25 -5.38 4.42
C GLN A 23 -14.46 -5.96 3.24
N LYS A 24 -14.96 -5.77 2.02
CA LYS A 24 -14.32 -6.36 0.87
C LYS A 24 -13.08 -5.55 0.49
N VAL A 25 -13.19 -4.24 0.55
CA VAL A 25 -12.02 -3.39 0.31
C VAL A 25 -10.99 -3.61 1.42
N TRP A 26 -11.49 -3.76 2.63
CA TRP A 26 -10.67 -3.99 3.80
C TRP A 26 -9.82 -5.25 3.65
N GLU A 27 -10.42 -6.37 3.22
CA GLU A 27 -9.63 -7.57 3.03
C GLU A 27 -8.63 -7.38 1.89
N THR A 28 -9.03 -6.61 0.89
CA THR A 28 -8.19 -6.30 -0.27
C THR A 28 -6.89 -5.53 0.13
N VAL A 29 -6.85 -5.00 1.33
CA VAL A 29 -5.66 -4.33 1.80
C VAL A 29 -5.14 -4.96 3.09
N SER A 30 -5.73 -6.07 3.49
CA SER A 30 -5.32 -6.71 4.73
C SER A 30 -4.98 -8.20 4.55
N THR A 31 -5.31 -8.78 3.41
CA THR A 31 -4.98 -10.16 3.15
C THR A 31 -3.64 -10.23 2.48
N SER A 32 -3.04 -11.39 2.48
CA SER A 32 -1.76 -11.63 1.86
C SER A 32 -1.75 -11.17 0.39
N GLU A 33 -2.78 -11.55 -0.34
CA GLU A 33 -2.94 -11.21 -1.74
C GLU A 33 -3.11 -9.72 -1.90
N GLY A 34 -4.00 -9.16 -1.11
CA GLY A 34 -4.30 -7.75 -1.20
C GLY A 34 -3.14 -6.86 -0.81
N ILE A 35 -2.47 -7.23 0.25
CA ILE A 35 -1.29 -6.51 0.71
C ILE A 35 -0.20 -6.58 -0.36
N ALA A 36 -0.01 -7.75 -0.95
CA ALA A 36 0.94 -7.92 -2.03
C ALA A 36 0.55 -7.09 -3.28
N LYS A 37 -0.72 -7.24 -3.74
CA LYS A 37 -1.23 -6.60 -4.99
C LYS A 37 -0.54 -7.19 -6.21
N TRP A 38 -0.05 -8.37 -6.01
CA TRP A 38 0.64 -9.13 -6.98
C TRP A 38 0.24 -10.56 -6.68
N PHE A 39 0.15 -11.40 -7.67
CA PHE A 39 -0.21 -12.79 -7.42
C PHE A 39 1.01 -13.58 -6.97
N MET A 40 1.43 -13.30 -5.76
CA MET A 40 2.57 -13.92 -5.16
C MET A 40 2.13 -14.55 -3.86
N PRO A 41 2.32 -15.85 -3.69
CA PRO A 41 1.96 -16.53 -2.47
C PRO A 41 2.93 -16.25 -1.33
N ASN A 42 2.71 -15.16 -0.65
CA ASN A 42 3.48 -14.79 0.53
C ASN A 42 2.47 -14.51 1.59
N ASP A 43 2.77 -14.84 2.81
CA ASP A 43 1.80 -14.70 3.87
C ASP A 43 1.90 -13.38 4.57
N PHE A 44 1.53 -12.33 3.88
CA PHE A 44 1.45 -11.04 4.51
C PHE A 44 0.16 -11.03 5.31
N GLN A 45 0.24 -10.85 6.59
CA GLN A 45 -0.91 -11.01 7.43
C GLN A 45 -1.20 -9.78 8.28
N LEU A 46 -2.47 -9.59 8.57
CA LEU A 46 -2.92 -8.48 9.33
C LEU A 46 -2.75 -8.79 10.81
N LYS A 47 -1.77 -8.19 11.40
CA LYS A 47 -1.49 -8.30 12.80
C LYS A 47 -1.28 -6.92 13.28
N GLU A 48 -1.71 -6.56 14.42
CA GLU A 48 -1.42 -5.21 14.87
C GLU A 48 -0.18 -5.20 15.71
N GLY A 49 0.90 -5.31 15.03
CA GLY A 49 2.14 -5.29 15.66
C GLY A 49 2.92 -6.50 15.24
N GLN A 50 3.37 -6.46 14.02
CA GLN A 50 4.12 -7.54 13.48
C GLN A 50 5.49 -6.99 13.26
N GLU A 51 6.47 -7.58 13.89
CA GLU A 51 7.82 -7.10 13.82
C GLU A 51 8.70 -8.18 13.23
N PHE A 52 9.87 -7.82 12.79
CA PHE A 52 10.68 -8.76 12.05
C PHE A 52 11.64 -9.50 12.95
N HIS A 53 11.59 -10.78 12.84
CA HIS A 53 12.44 -11.66 13.57
C HIS A 53 13.19 -12.49 12.53
N LEU A 54 14.45 -12.74 12.76
CA LEU A 54 15.25 -13.50 11.83
C LEU A 54 14.94 -14.99 11.93
N GLN A 55 13.90 -15.36 11.26
CA GLN A 55 13.47 -16.72 11.15
C GLN A 55 13.77 -17.16 9.74
N SER A 56 13.24 -18.29 9.33
CA SER A 56 13.36 -18.70 7.98
C SER A 56 12.53 -17.71 7.12
N PRO A 57 13.08 -17.27 5.94
CA PRO A 57 12.50 -16.24 5.06
C PRO A 57 10.97 -16.17 5.06
N PHE A 58 10.44 -15.25 5.83
CA PHE A 58 9.03 -15.04 5.94
C PHE A 58 8.68 -13.79 5.15
N GLY A 59 8.46 -13.97 3.88
CA GLY A 59 8.18 -12.87 3.01
C GLY A 59 9.47 -12.27 2.47
N PRO A 60 9.74 -12.39 1.14
CA PRO A 60 10.94 -11.79 0.51
C PRO A 60 10.97 -10.27 0.72
N SER A 61 9.81 -9.67 0.77
CA SER A 61 9.67 -8.29 1.11
C SER A 61 9.38 -8.22 2.62
N PRO A 62 10.37 -7.81 3.45
CA PRO A 62 10.19 -7.75 4.91
C PRO A 62 9.08 -6.79 5.29
N CYS A 63 8.19 -7.20 6.15
CA CYS A 63 7.08 -6.37 6.51
C CYS A 63 6.94 -6.26 8.01
N LYS A 64 6.49 -5.11 8.45
CA LYS A 64 6.23 -4.83 9.84
C LYS A 64 4.90 -4.13 9.89
N VAL A 65 4.00 -4.57 10.70
CA VAL A 65 2.78 -3.83 10.81
C VAL A 65 2.93 -2.82 11.93
N LEU A 66 2.47 -1.60 11.70
CA LEU A 66 2.58 -0.57 12.69
C LEU A 66 1.36 -0.65 13.61
N ALA A 67 0.19 -0.50 13.02
CA ALA A 67 -1.05 -0.53 13.78
C ALA A 67 -2.22 -0.94 12.90
N VAL A 68 -3.06 -1.80 13.42
CA VAL A 68 -4.25 -2.21 12.69
C VAL A 68 -5.46 -1.80 13.51
N GLN A 69 -6.27 -0.98 12.92
CA GLN A 69 -7.51 -0.57 13.51
C GLN A 69 -8.66 -1.03 12.67
N ALA A 70 -9.67 -1.44 13.35
CA ALA A 70 -10.72 -2.25 12.81
C ALA A 70 -11.51 -1.47 11.81
N PRO A 71 -11.73 -2.12 10.62
CA PRO A 71 -12.13 -1.55 9.34
C PRO A 71 -12.30 -0.02 9.28
N THR A 72 -11.29 0.69 9.76
CA THR A 72 -11.24 2.12 9.71
C THR A 72 -9.84 2.62 9.40
N GLU A 73 -8.83 2.09 10.11
CA GLU A 73 -7.51 2.65 9.96
C GLU A 73 -6.46 1.56 9.95
N LEU A 74 -5.62 1.56 8.97
CA LEU A 74 -4.60 0.56 8.85
C LEU A 74 -3.27 1.21 8.54
N SER A 75 -2.25 0.83 9.25
CA SER A 75 -0.92 1.39 9.05
C SER A 75 0.14 0.29 9.17
N PHE A 76 0.98 0.17 8.16
CA PHE A 76 2.02 -0.84 8.11
C PHE A 76 3.26 -0.32 7.42
N GLU A 77 4.38 -0.95 7.67
CA GLU A 77 5.63 -0.51 7.14
C GLU A 77 6.10 -1.65 6.27
N TRP A 78 6.32 -1.35 5.03
CA TRP A 78 6.63 -2.34 4.05
C TRP A 78 8.08 -2.24 3.59
N ASP A 79 8.64 -3.40 3.26
CA ASP A 79 9.99 -3.56 2.71
C ASP A 79 11.04 -3.31 3.80
N THR A 80 12.29 -3.33 3.45
CA THR A 80 13.35 -3.16 4.43
C THR A 80 13.61 -1.68 4.68
N GLU A 81 12.95 -0.84 3.92
CA GLU A 81 13.10 0.60 4.04
C GLU A 81 12.17 1.11 5.11
N GLY A 82 10.99 0.54 5.17
CA GLY A 82 10.01 1.02 6.09
C GLY A 82 9.09 1.99 5.40
N TRP A 83 8.41 1.51 4.40
CA TRP A 83 7.44 2.32 3.72
C TRP A 83 6.18 2.28 4.52
N VAL A 84 5.90 3.36 5.18
CA VAL A 84 4.77 3.45 6.02
C VAL A 84 3.59 3.82 5.18
N VAL A 85 2.75 2.88 4.95
CA VAL A 85 1.56 3.11 4.23
C VAL A 85 0.39 3.04 5.16
N THR A 86 -0.48 3.96 5.05
CA THR A 86 -1.62 4.04 5.89
C THR A 86 -2.86 4.08 5.01
N PHE A 87 -3.82 3.26 5.31
CA PHE A 87 -5.03 3.21 4.56
C PHE A 87 -6.16 3.61 5.46
N GLN A 88 -6.98 4.44 4.97
CA GLN A 88 -8.14 4.90 5.67
C GLN A 88 -9.37 4.37 5.00
N LEU A 89 -10.24 3.81 5.78
CA LEU A 89 -11.48 3.27 5.29
C LEU A 89 -12.62 4.17 5.69
N GLU A 90 -13.36 4.65 4.73
CA GLU A 90 -14.50 5.48 4.97
C GLU A 90 -15.72 4.71 4.52
N ASP A 91 -16.61 4.48 5.44
CA ASP A 91 -17.82 3.77 5.11
C ASP A 91 -18.81 4.72 4.46
N LEU A 92 -19.15 4.44 3.25
CA LEU A 92 -20.19 5.16 2.58
C LEU A 92 -21.35 4.21 2.43
N GLY A 93 -22.54 4.73 2.25
CA GLY A 93 -23.73 3.88 2.24
C GLY A 93 -23.76 2.84 1.13
N GLU A 94 -23.26 3.19 -0.05
CA GLU A 94 -23.33 2.28 -1.17
C GLU A 94 -21.94 1.94 -1.70
N LYS A 95 -20.94 2.54 -1.13
CA LYS A 95 -19.61 2.40 -1.64
C LYS A 95 -18.63 2.60 -0.51
N THR A 96 -17.38 2.42 -0.75
CA THR A 96 -16.42 2.61 0.28
C THR A 96 -15.30 3.54 -0.16
N GLY A 97 -15.09 4.58 0.59
CA GLY A 97 -14.04 5.51 0.32
C GLY A 97 -12.76 5.02 0.93
N PHE A 98 -11.84 4.68 0.10
CA PHE A 98 -10.56 4.21 0.52
C PHE A 98 -9.55 5.32 0.33
N THR A 99 -8.76 5.55 1.32
CA THR A 99 -7.80 6.59 1.24
C THR A 99 -6.43 5.99 1.43
N LEU A 100 -5.59 6.19 0.46
CA LEU A 100 -4.27 5.68 0.46
C LEU A 100 -3.32 6.79 0.83
N ILE A 101 -2.53 6.56 1.85
CA ILE A 101 -1.54 7.51 2.27
C ILE A 101 -0.21 6.77 2.29
N HIS A 102 0.75 7.27 1.58
CA HIS A 102 2.07 6.71 1.55
C HIS A 102 3.01 7.68 2.24
N SER A 103 3.52 7.28 3.35
CA SER A 103 4.44 8.07 4.10
C SER A 103 5.76 7.31 4.18
N GLY A 104 6.85 7.98 3.93
CA GLY A 104 8.14 7.36 3.99
C GLY A 104 8.78 7.53 5.34
N TRP A 105 9.28 6.46 5.88
CA TRP A 105 9.94 6.49 7.19
C TRP A 105 11.45 6.66 7.01
N LYS A 106 11.94 6.28 5.85
CA LYS A 106 13.34 6.32 5.57
C LYS A 106 13.67 7.32 4.47
N GLU A 107 14.08 8.49 4.88
CA GLU A 107 14.52 9.55 3.99
C GLU A 107 15.81 10.16 4.61
N PRO A 108 16.93 9.42 4.60
CA PRO A 108 18.17 9.86 5.27
C PRO A 108 18.95 10.88 4.45
N ASN A 109 18.97 10.69 3.17
CA ASN A 109 19.73 11.51 2.26
C ASN A 109 18.77 12.44 1.59
N GLU A 110 19.18 13.07 0.51
CA GLU A 110 18.27 13.84 -0.30
C GLU A 110 17.27 12.88 -0.95
N VAL A 111 17.75 11.67 -1.18
CA VAL A 111 16.97 10.62 -1.76
C VAL A 111 16.74 9.53 -0.68
N ILE A 112 15.78 8.68 -0.91
CA ILE A 112 15.41 7.58 0.01
C ILE A 112 16.57 6.61 0.28
N GLY A 113 17.40 6.42 -0.70
CA GLY A 113 18.51 5.52 -0.58
C GLY A 113 18.60 4.71 -1.82
N LYS A 114 18.85 3.44 -1.69
CA LYS A 114 18.95 2.57 -2.84
C LYS A 114 17.67 1.73 -2.97
N ALA A 115 16.60 2.20 -2.32
CA ALA A 115 15.30 1.55 -2.36
C ALA A 115 14.81 1.50 -3.79
N ASN A 116 15.06 2.58 -4.48
CA ASN A 116 14.76 2.74 -5.86
C ASN A 116 15.93 3.46 -6.46
N GLU A 117 16.25 3.11 -7.66
CA GLU A 117 17.45 3.60 -8.33
C GLU A 117 17.39 5.07 -8.71
N LYS A 118 16.20 5.61 -8.88
CA LYS A 118 16.05 7.01 -9.28
C LYS A 118 15.48 7.83 -8.12
N SER A 119 15.22 9.10 -8.35
CA SER A 119 14.67 9.96 -7.31
C SER A 119 13.45 10.75 -7.82
N SER A 120 13.71 11.75 -8.64
CA SER A 120 12.68 12.58 -9.24
C SER A 120 11.76 11.71 -10.12
N VAL A 121 12.38 10.73 -10.76
CA VAL A 121 11.64 9.78 -11.56
C VAL A 121 10.77 8.91 -10.67
N VAL A 122 11.33 8.43 -9.57
CA VAL A 122 10.61 7.60 -8.61
C VAL A 122 9.44 8.35 -8.03
N ARG A 123 9.63 9.62 -7.76
CA ARG A 123 8.56 10.45 -7.20
C ARG A 123 7.40 10.52 -8.21
N GLY A 124 7.75 10.74 -9.47
CA GLY A 124 6.75 10.82 -10.51
C GLY A 124 6.06 9.49 -10.72
N LYS A 125 6.85 8.48 -10.86
CA LYS A 125 6.39 7.13 -11.07
C LYS A 125 5.51 6.63 -9.92
N MET A 126 5.86 6.97 -8.69
CA MET A 126 5.07 6.53 -7.55
C MET A 126 3.73 7.21 -7.52
N ASP A 127 3.71 8.48 -7.87
CA ASP A 127 2.45 9.24 -7.90
C ASP A 127 1.51 8.60 -8.91
N GLY A 128 2.01 8.43 -10.13
CA GLY A 128 1.23 7.84 -11.19
C GLY A 128 0.89 6.39 -10.90
N GLY A 129 1.89 5.65 -10.45
CA GLY A 129 1.73 4.25 -10.13
C GLY A 129 0.71 4.00 -9.07
N TRP A 130 0.84 4.65 -7.93
CA TRP A 130 -0.12 4.49 -6.83
C TRP A 130 -1.53 4.87 -7.22
N THR A 131 -1.65 5.89 -8.06
CA THR A 131 -2.94 6.31 -8.54
C THR A 131 -3.59 5.22 -9.39
N GLY A 132 -2.88 4.75 -10.42
CA GLY A 132 -3.42 3.75 -11.33
C GLY A 132 -3.59 2.40 -10.68
N ILE A 133 -2.53 1.95 -10.00
CA ILE A 133 -2.52 0.65 -9.35
C ILE A 133 -3.60 0.53 -8.30
N VAL A 134 -3.61 1.41 -7.29
CA VAL A 134 -4.66 1.31 -6.29
C VAL A 134 -6.07 1.42 -6.88
N ASN A 135 -6.25 2.34 -7.82
CA ASN A 135 -7.55 2.57 -8.46
C ASN A 135 -8.12 1.28 -9.05
N GLU A 136 -7.49 0.79 -10.08
CA GLU A 136 -8.02 -0.33 -10.79
C GLU A 136 -7.80 -1.62 -10.04
N ARG A 137 -6.64 -1.79 -9.43
CA ARG A 137 -6.33 -3.07 -8.83
C ARG A 137 -7.24 -3.37 -7.67
N LEU A 138 -7.46 -2.39 -6.83
CA LEU A 138 -8.34 -2.61 -5.71
C LEU A 138 -9.76 -2.72 -6.15
N ARG A 139 -10.17 -1.84 -7.05
CA ARG A 139 -11.55 -1.89 -7.55
C ARG A 139 -11.82 -3.23 -8.24
N LYS A 140 -10.83 -3.76 -8.92
CA LYS A 140 -10.99 -5.05 -9.52
C LYS A 140 -10.93 -6.14 -8.52
N ALA A 141 -10.07 -6.02 -7.54
CA ALA A 141 -9.92 -7.05 -6.53
C ALA A 141 -11.20 -7.21 -5.73
N VAL A 142 -11.89 -6.11 -5.52
CA VAL A 142 -13.15 -6.15 -4.81
C VAL A 142 -14.28 -6.64 -5.72
N GLU A 143 -14.15 -6.40 -7.02
CA GLU A 143 -15.13 -6.93 -7.96
C GLU A 143 -14.80 -8.38 -8.30
N GLU A 144 -13.77 -8.55 -9.11
CA GLU A 144 -13.38 -9.81 -9.65
C GLU A 144 -11.96 -10.13 -9.21
N LEU A 145 -11.82 -10.96 -8.20
CA LEU A 145 -10.48 -11.26 -7.65
C LEU A 145 -9.85 -12.43 -8.39
N GLU A 146 -10.58 -12.95 -9.34
CA GLU A 146 -10.10 -14.01 -10.19
C GLU A 146 -9.25 -13.41 -11.30
N HIS A 147 -8.87 -14.22 -12.27
CA HIS A 147 -8.07 -13.73 -13.39
C HIS A 147 -8.88 -12.74 -14.27
N HIS A 148 -8.65 -11.47 -14.04
CA HIS A 148 -9.37 -10.44 -14.75
C HIS A 148 -8.67 -10.01 -16.02
N HIS A 149 -8.86 -10.82 -17.02
CA HIS A 149 -8.40 -10.63 -18.38
C HIS A 149 -9.23 -11.49 -19.27
N HIS A 150 -9.98 -10.85 -20.15
CA HIS A 150 -10.95 -11.52 -21.00
C HIS A 150 -11.57 -10.51 -21.92
N HIS A 151 -12.56 -10.95 -22.69
CA HIS A 151 -13.36 -10.06 -23.51
C HIS A 151 -14.13 -9.11 -22.60
N HIS A 152 -13.66 -7.92 -22.52
CA HIS A 152 -14.23 -6.93 -21.66
C HIS A 152 -14.41 -5.67 -22.45
N MET A 1 4.90 18.43 -15.95
CA MET A 1 4.37 19.53 -15.14
C MET A 1 5.10 19.62 -13.81
N ALA A 2 4.85 18.63 -12.93
CA ALA A 2 5.49 18.50 -11.62
C ALA A 2 5.14 19.63 -10.67
N GLN A 3 4.05 19.44 -9.94
CA GLN A 3 3.68 20.41 -8.92
C GLN A 3 4.58 20.25 -7.70
N ASN A 4 5.04 19.05 -7.51
CA ASN A 4 5.94 18.71 -6.43
C ASN A 4 7.11 17.96 -7.00
N ASN A 5 8.22 17.96 -6.30
CA ASN A 5 9.38 17.23 -6.73
C ASN A 5 9.40 15.96 -5.92
N GLU A 6 10.49 15.24 -5.92
CA GLU A 6 10.55 13.96 -5.25
C GLU A 6 10.36 14.12 -3.77
N ASN A 7 10.96 15.16 -3.27
CA ASN A 7 10.93 15.62 -1.86
C ASN A 7 11.75 14.71 -0.95
N ALA A 8 11.72 13.42 -1.25
CA ALA A 8 12.35 12.32 -0.53
C ALA A 8 11.65 11.06 -0.91
N LEU A 9 10.37 11.25 -1.19
CA LEU A 9 9.32 10.31 -1.28
C LEU A 9 8.74 10.11 0.11
N PRO A 10 7.87 11.05 0.50
CA PRO A 10 7.24 11.07 1.80
C PRO A 10 5.81 10.55 1.72
N ASP A 11 4.98 11.00 2.66
CA ASP A 11 3.55 10.69 2.68
C ASP A 11 2.87 11.08 1.39
N ILE A 12 2.60 10.13 0.55
CA ILE A 12 1.79 10.39 -0.60
C ILE A 12 0.41 9.85 -0.27
N THR A 13 -0.58 10.63 -0.50
CA THR A 13 -1.91 10.26 -0.16
C THR A 13 -2.76 10.19 -1.42
N LYS A 14 -3.44 9.09 -1.56
CA LYS A 14 -4.28 8.86 -2.71
C LYS A 14 -5.62 8.38 -2.20
N SER A 15 -6.66 9.01 -2.61
CA SER A 15 -7.98 8.67 -2.13
C SER A 15 -8.83 8.18 -3.29
N ILE A 16 -9.51 7.08 -3.07
CA ILE A 16 -10.30 6.45 -4.08
C ILE A 16 -11.55 5.82 -3.43
N THR A 17 -12.67 5.94 -4.08
CA THR A 17 -13.89 5.38 -3.55
C THR A 17 -14.19 4.04 -4.15
N LEU A 18 -14.37 3.07 -3.31
CA LEU A 18 -14.66 1.75 -3.75
C LEU A 18 -16.14 1.54 -3.77
N GLU A 19 -16.60 0.88 -4.78
CA GLU A 19 -18.02 0.62 -5.00
C GLU A 19 -18.49 -0.59 -4.17
N ALA A 20 -17.88 -0.79 -3.05
CA ALA A 20 -18.11 -1.94 -2.23
C ALA A 20 -18.40 -1.54 -0.78
N PRO A 21 -19.05 -2.45 -0.01
CA PRO A 21 -19.34 -2.23 1.42
C PRO A 21 -18.07 -2.04 2.23
N ILE A 22 -18.24 -1.38 3.37
CA ILE A 22 -17.14 -1.05 4.28
C ILE A 22 -16.33 -2.30 4.62
N GLN A 23 -17.01 -3.41 4.86
CA GLN A 23 -16.31 -4.62 5.27
C GLN A 23 -15.47 -5.16 4.15
N LYS A 24 -15.95 -5.03 2.91
CA LYS A 24 -15.29 -5.61 1.77
C LYS A 24 -14.02 -4.87 1.47
N VAL A 25 -14.04 -3.57 1.62
CA VAL A 25 -12.86 -2.78 1.39
C VAL A 25 -11.88 -3.02 2.52
N TRP A 26 -12.40 -3.10 3.73
CA TRP A 26 -11.61 -3.37 4.90
C TRP A 26 -10.89 -4.71 4.80
N GLU A 27 -11.60 -5.77 4.42
CA GLU A 27 -11.01 -7.09 4.28
C GLU A 27 -9.99 -7.11 3.15
N THR A 28 -10.23 -6.32 2.12
CA THR A 28 -9.31 -6.20 1.00
C THR A 28 -7.96 -5.57 1.42
N VAL A 29 -7.92 -4.96 2.58
CA VAL A 29 -6.68 -4.39 3.08
C VAL A 29 -6.32 -4.91 4.48
N SER A 30 -6.92 -6.03 4.86
CA SER A 30 -6.60 -6.65 6.15
C SER A 30 -6.39 -8.16 6.05
N THR A 31 -6.76 -8.75 4.91
CA THR A 31 -6.60 -10.17 4.70
C THR A 31 -5.29 -10.42 3.97
N SER A 32 -4.82 -11.66 4.00
CA SER A 32 -3.57 -12.03 3.40
C SER A 32 -3.54 -11.67 1.92
N GLU A 33 -4.56 -12.13 1.21
CA GLU A 33 -4.72 -11.87 -0.21
C GLU A 33 -4.76 -10.36 -0.50
N GLY A 34 -5.43 -9.60 0.36
CA GLY A 34 -5.56 -8.20 0.16
C GLY A 34 -4.27 -7.43 0.42
N ILE A 35 -3.66 -7.71 1.54
CA ILE A 35 -2.42 -7.03 1.97
C ILE A 35 -1.23 -7.36 1.04
N ALA A 36 -1.24 -8.59 0.52
CA ALA A 36 -0.14 -9.14 -0.30
C ALA A 36 0.28 -8.27 -1.49
N LYS A 37 -0.66 -7.50 -2.09
CA LYS A 37 -0.40 -6.63 -3.31
C LYS A 37 -0.28 -7.50 -4.57
N TRP A 38 0.53 -8.52 -4.46
CA TRP A 38 0.73 -9.51 -5.46
C TRP A 38 -0.21 -10.68 -5.14
N PHE A 39 0.06 -11.83 -5.67
CA PHE A 39 -0.62 -13.01 -5.24
C PHE A 39 0.36 -13.80 -4.37
N MET A 40 1.13 -14.71 -4.99
CA MET A 40 2.23 -15.47 -4.35
C MET A 40 1.79 -16.23 -3.03
N PRO A 41 2.68 -17.03 -2.41
CA PRO A 41 2.41 -17.60 -1.10
C PRO A 41 2.68 -16.56 -0.01
N ASN A 42 1.62 -16.08 0.62
CA ASN A 42 1.73 -15.07 1.67
C ASN A 42 0.78 -15.38 2.78
N ASP A 43 1.11 -14.95 3.97
CA ASP A 43 0.27 -15.17 5.12
C ASP A 43 0.20 -13.91 5.97
N PHE A 44 -0.45 -12.89 5.44
CA PHE A 44 -0.62 -11.65 6.18
C PHE A 44 -1.93 -11.68 6.96
N GLN A 45 -1.89 -11.24 8.19
CA GLN A 45 -3.06 -11.18 9.03
C GLN A 45 -3.04 -9.87 9.78
N LEU A 46 -4.20 -9.27 9.99
CA LEU A 46 -4.26 -8.02 10.72
C LEU A 46 -4.08 -8.28 12.21
N LYS A 47 -2.95 -7.93 12.69
CA LYS A 47 -2.64 -8.00 14.08
C LYS A 47 -2.05 -6.68 14.43
N GLU A 48 -2.28 -6.19 15.59
CA GLU A 48 -1.66 -4.95 15.93
C GLU A 48 -0.32 -5.23 16.59
N GLY A 49 0.63 -5.53 15.77
CA GLY A 49 1.94 -5.78 16.25
C GLY A 49 2.42 -7.19 15.95
N GLN A 50 2.63 -7.47 14.69
CA GLN A 50 3.06 -8.76 14.24
C GLN A 50 4.11 -8.53 13.19
N GLU A 51 5.25 -9.14 13.33
CA GLU A 51 6.31 -8.97 12.38
C GLU A 51 6.76 -10.27 11.75
N PHE A 52 7.12 -10.18 10.51
CA PHE A 52 7.53 -11.31 9.73
C PHE A 52 9.03 -11.39 9.78
N HIS A 53 9.51 -12.43 10.37
CA HIS A 53 10.91 -12.63 10.55
C HIS A 53 11.24 -14.10 10.43
N LEU A 54 12.32 -14.37 9.79
CA LEU A 54 12.84 -15.69 9.59
C LEU A 54 14.27 -15.51 9.19
N GLN A 55 15.10 -16.47 9.44
CA GLN A 55 16.49 -16.35 9.11
C GLN A 55 16.91 -17.44 8.15
N SER A 56 16.72 -17.17 6.89
CA SER A 56 17.07 -18.03 5.79
C SER A 56 17.16 -17.16 4.54
N PRO A 57 18.10 -17.43 3.63
CA PRO A 57 18.29 -16.61 2.43
C PRO A 57 17.12 -16.68 1.44
N PHE A 58 16.12 -15.86 1.67
CA PHE A 58 14.96 -15.75 0.80
C PHE A 58 14.59 -14.30 0.61
N GLY A 59 14.07 -13.71 1.67
CA GLY A 59 13.55 -12.36 1.60
C GLY A 59 12.23 -12.36 0.85
N PRO A 60 11.15 -12.94 1.43
CA PRO A 60 9.85 -13.03 0.77
C PRO A 60 9.07 -11.72 0.89
N SER A 61 8.44 -11.50 2.02
CA SER A 61 7.73 -10.28 2.26
C SER A 61 8.02 -9.81 3.69
N PRO A 62 9.17 -9.14 3.90
CA PRO A 62 9.59 -8.65 5.22
C PRO A 62 8.68 -7.51 5.68
N CYS A 63 7.77 -7.83 6.55
CA CYS A 63 6.77 -6.90 6.97
C CYS A 63 6.60 -6.91 8.48
N LYS A 64 5.86 -5.94 8.94
CA LYS A 64 5.56 -5.71 10.32
C LYS A 64 4.24 -4.95 10.38
N VAL A 65 3.27 -5.41 11.11
CA VAL A 65 2.08 -4.62 11.23
C VAL A 65 2.27 -3.72 12.41
N LEU A 66 2.14 -2.43 12.20
CA LEU A 66 2.35 -1.46 13.25
C LEU A 66 1.17 -1.54 14.20
N ALA A 67 -0.01 -1.30 13.66
CA ALA A 67 -1.23 -1.33 14.42
C ALA A 67 -2.41 -1.37 13.49
N VAL A 68 -3.47 -1.97 13.93
CA VAL A 68 -4.67 -2.01 13.18
C VAL A 68 -5.80 -1.40 13.99
N GLN A 69 -6.51 -0.52 13.37
CA GLN A 69 -7.67 0.11 13.96
C GLN A 69 -8.90 -0.50 13.38
N ALA A 70 -9.84 -0.66 14.22
CA ALA A 70 -11.02 -1.45 13.97
C ALA A 70 -11.84 -0.76 12.91
N PRO A 71 -12.17 -1.53 11.84
CA PRO A 71 -12.62 -1.10 10.51
C PRO A 71 -12.59 0.40 10.20
N THR A 72 -11.50 1.05 10.57
CA THR A 72 -11.31 2.45 10.33
C THR A 72 -9.91 2.75 9.83
N GLU A 73 -8.89 2.08 10.37
CA GLU A 73 -7.55 2.46 10.01
C GLU A 73 -6.60 1.28 10.07
N LEU A 74 -5.62 1.27 9.23
CA LEU A 74 -4.69 0.18 9.18
C LEU A 74 -3.30 0.73 8.92
N SER A 75 -2.33 0.24 9.64
CA SER A 75 -0.96 0.67 9.43
C SER A 75 0.03 -0.49 9.54
N PHE A 76 0.88 -0.63 8.53
CA PHE A 76 1.89 -1.66 8.50
C PHE A 76 3.18 -1.14 7.89
N GLU A 77 4.26 -1.75 8.24
CA GLU A 77 5.59 -1.33 7.93
C GLU A 77 6.25 -2.43 7.13
N TRP A 78 7.14 -2.07 6.26
CA TRP A 78 7.84 -3.02 5.46
C TRP A 78 9.32 -2.86 5.77
N ASP A 79 9.94 -3.97 6.12
CA ASP A 79 11.31 -3.99 6.66
C ASP A 79 12.39 -3.64 5.63
N THR A 80 12.05 -3.71 4.37
CA THR A 80 13.00 -3.40 3.35
C THR A 80 13.15 -1.91 3.20
N GLU A 81 14.13 -1.39 3.87
CA GLU A 81 14.56 0.01 3.79
C GLU A 81 13.74 0.93 4.65
N GLY A 82 12.60 0.49 5.09
CA GLY A 82 11.82 1.25 5.99
C GLY A 82 10.64 1.92 5.38
N TRP A 83 9.81 1.17 4.73
CA TRP A 83 8.60 1.73 4.16
C TRP A 83 7.49 1.57 5.19
N VAL A 84 6.56 2.46 5.19
CA VAL A 84 5.44 2.38 6.07
C VAL A 84 4.19 2.87 5.35
N VAL A 85 3.19 2.05 5.31
CA VAL A 85 1.99 2.41 4.62
C VAL A 85 0.83 2.44 5.57
N THR A 86 -0.11 3.27 5.28
CA THR A 86 -1.27 3.42 6.10
C THR A 86 -2.52 3.48 5.21
N PHE A 87 -3.56 2.80 5.64
CA PHE A 87 -4.81 2.84 4.96
C PHE A 87 -5.79 3.50 5.86
N GLN A 88 -6.45 4.48 5.36
CA GLN A 88 -7.45 5.15 6.12
C GLN A 88 -8.77 4.81 5.45
N LEU A 89 -9.74 4.47 6.22
CA LEU A 89 -11.00 4.09 5.68
C LEU A 89 -12.04 5.10 6.12
N GLU A 90 -12.74 5.62 5.17
CA GLU A 90 -13.79 6.55 5.41
C GLU A 90 -15.09 5.87 5.05
N ASP A 91 -15.95 5.70 6.04
CA ASP A 91 -17.21 5.03 5.82
C ASP A 91 -18.21 5.99 5.21
N LEU A 92 -18.62 5.67 4.04
CA LEU A 92 -19.59 6.43 3.33
C LEU A 92 -20.74 5.55 3.04
N GLY A 93 -21.84 6.13 2.77
CA GLY A 93 -22.95 5.37 2.33
C GLY A 93 -22.81 5.18 0.84
N GLU A 94 -23.15 3.99 0.34
CA GLU A 94 -23.16 3.64 -1.09
C GLU A 94 -21.79 3.23 -1.57
N LYS A 95 -20.76 3.68 -0.88
CA LYS A 95 -19.43 3.37 -1.27
C LYS A 95 -18.53 3.50 -0.05
N THR A 96 -17.29 3.16 -0.19
CA THR A 96 -16.35 3.31 0.87
C THR A 96 -15.15 4.12 0.39
N GLY A 97 -14.77 5.13 1.15
CA GLY A 97 -13.67 5.96 0.79
C GLY A 97 -12.38 5.42 1.32
N PHE A 98 -11.56 4.94 0.46
CA PHE A 98 -10.30 4.38 0.85
C PHE A 98 -9.22 5.40 0.65
N THR A 99 -8.37 5.55 1.61
CA THR A 99 -7.33 6.49 1.54
C THR A 99 -6.02 5.77 1.71
N LEU A 100 -5.20 5.84 0.72
CA LEU A 100 -3.92 5.23 0.77
C LEU A 100 -2.91 6.25 1.07
N ILE A 101 -2.00 5.85 1.87
CA ILE A 101 -0.92 6.67 2.35
C ILE A 101 0.35 5.84 2.26
N HIS A 102 1.32 6.35 1.59
CA HIS A 102 2.60 5.70 1.53
C HIS A 102 3.57 6.65 2.13
N SER A 103 4.29 6.21 3.09
CA SER A 103 5.26 7.00 3.75
C SER A 103 6.43 6.08 4.05
N GLY A 104 7.55 6.63 4.40
CA GLY A 104 8.66 5.84 4.80
C GLY A 104 9.29 6.43 6.01
N TRP A 105 9.99 5.65 6.77
CA TRP A 105 10.59 6.16 7.99
C TRP A 105 12.08 6.37 7.85
N LYS A 106 12.53 6.38 6.62
CA LYS A 106 13.90 6.65 6.30
C LYS A 106 13.93 7.63 5.14
N GLU A 107 13.98 8.91 5.46
CA GLU A 107 13.96 10.00 4.49
C GLU A 107 14.53 11.33 5.05
N PRO A 108 15.86 11.49 5.05
CA PRO A 108 16.51 12.69 5.58
C PRO A 108 16.97 13.69 4.50
N ASN A 109 16.68 13.40 3.27
CA ASN A 109 17.17 14.22 2.16
C ASN A 109 16.03 14.51 1.22
N GLU A 110 16.35 14.94 0.00
CA GLU A 110 15.36 15.07 -1.09
C GLU A 110 15.13 13.72 -1.75
N VAL A 111 15.74 12.76 -1.16
CA VAL A 111 15.61 11.39 -1.51
C VAL A 111 15.58 10.60 -0.20
N ILE A 112 14.89 9.48 -0.19
CA ILE A 112 14.78 8.60 0.98
C ILE A 112 16.16 8.16 1.50
N GLY A 113 17.10 8.01 0.60
CA GLY A 113 18.43 7.62 1.01
C GLY A 113 18.91 6.45 0.25
N LYS A 114 18.73 6.53 -1.08
CA LYS A 114 19.16 5.49 -2.02
C LYS A 114 18.59 4.11 -1.65
N ALA A 115 17.38 4.13 -1.07
CA ALA A 115 16.65 2.90 -0.72
C ALA A 115 16.16 2.22 -2.00
N ASN A 116 16.20 2.99 -3.06
CA ASN A 116 15.91 2.56 -4.38
C ASN A 116 16.72 3.48 -5.27
N GLU A 117 16.74 3.25 -6.57
CA GLU A 117 17.61 3.93 -7.54
C GLU A 117 17.67 5.48 -7.45
N LYS A 118 16.74 6.15 -8.12
CA LYS A 118 16.78 7.61 -8.21
C LYS A 118 15.52 8.14 -7.58
N SER A 119 15.56 9.33 -7.00
CA SER A 119 14.41 9.89 -6.36
C SER A 119 13.27 10.19 -7.34
N SER A 120 13.59 10.72 -8.52
CA SER A 120 12.57 11.06 -9.48
C SER A 120 11.89 9.80 -10.03
N VAL A 121 12.67 8.73 -10.28
CA VAL A 121 12.08 7.49 -10.77
C VAL A 121 11.22 6.87 -9.69
N VAL A 122 11.65 7.02 -8.43
CA VAL A 122 10.90 6.51 -7.31
C VAL A 122 9.60 7.25 -7.16
N ARG A 123 9.65 8.56 -7.23
CA ARG A 123 8.46 9.37 -7.07
C ARG A 123 7.50 9.07 -8.20
N GLY A 124 8.03 8.92 -9.41
CA GLY A 124 7.20 8.60 -10.57
C GLY A 124 6.54 7.27 -10.45
N LYS A 125 7.32 6.28 -10.10
CA LYS A 125 6.85 4.93 -9.89
C LYS A 125 5.84 4.85 -8.74
N MET A 126 6.00 5.69 -7.73
CA MET A 126 5.03 5.73 -6.65
C MET A 126 3.76 6.47 -7.10
N ASP A 127 3.94 7.59 -7.76
CA ASP A 127 2.85 8.44 -8.28
C ASP A 127 1.97 7.65 -9.25
N GLY A 128 2.57 7.23 -10.34
CA GLY A 128 1.84 6.49 -11.35
C GLY A 128 1.48 5.11 -10.90
N GLY A 129 2.42 4.45 -10.24
CA GLY A 129 2.22 3.12 -9.75
C GLY A 129 1.07 3.04 -8.80
N TRP A 130 1.15 3.75 -7.68
CA TRP A 130 0.10 3.69 -6.67
C TRP A 130 -1.25 4.18 -7.18
N THR A 131 -1.26 5.10 -8.14
CA THR A 131 -2.52 5.50 -8.73
C THR A 131 -3.19 4.31 -9.46
N GLY A 132 -2.42 3.64 -10.33
CA GLY A 132 -2.97 2.53 -11.09
C GLY A 132 -3.26 1.32 -10.22
N ILE A 133 -2.29 0.98 -9.36
CA ILE A 133 -2.39 -0.18 -8.47
C ILE A 133 -3.59 -0.06 -7.58
N VAL A 134 -3.66 1.01 -6.82
CA VAL A 134 -4.70 1.18 -5.85
C VAL A 134 -6.07 1.25 -6.48
N ASN A 135 -6.20 2.04 -7.53
CA ASN A 135 -7.51 2.22 -8.19
C ASN A 135 -8.09 0.89 -8.63
N GLU A 136 -7.41 0.21 -9.53
CA GLU A 136 -8.00 -0.96 -10.11
C GLU A 136 -7.83 -2.22 -9.28
N ARG A 137 -6.71 -2.35 -8.58
CA ARG A 137 -6.49 -3.59 -7.84
C ARG A 137 -7.44 -3.65 -6.63
N LEU A 138 -7.67 -2.51 -5.97
CA LEU A 138 -8.66 -2.48 -4.89
C LEU A 138 -10.05 -2.68 -5.45
N ARG A 139 -10.38 -1.92 -6.51
CA ARG A 139 -11.70 -1.99 -7.14
C ARG A 139 -12.01 -3.41 -7.64
N LYS A 140 -10.99 -4.13 -8.07
CA LYS A 140 -11.18 -5.51 -8.48
C LYS A 140 -11.40 -6.41 -7.32
N ALA A 141 -10.57 -6.30 -6.31
CA ALA A 141 -10.67 -7.18 -5.17
C ALA A 141 -11.96 -6.95 -4.40
N VAL A 142 -12.47 -5.73 -4.42
CA VAL A 142 -13.70 -5.43 -3.74
C VAL A 142 -14.91 -5.86 -4.55
N GLU A 143 -14.82 -5.79 -5.88
CA GLU A 143 -15.91 -6.25 -6.70
C GLU A 143 -15.81 -7.76 -6.87
N GLU A 144 -14.80 -8.20 -7.59
CA GLU A 144 -14.49 -9.61 -7.76
C GLU A 144 -13.18 -9.79 -8.49
N LEU A 145 -12.20 -10.28 -7.76
CA LEU A 145 -10.89 -10.56 -8.30
C LEU A 145 -11.01 -11.82 -9.14
N GLU A 146 -10.97 -11.64 -10.43
CA GLU A 146 -11.29 -12.70 -11.37
C GLU A 146 -10.07 -13.26 -12.09
N HIS A 147 -8.88 -12.82 -11.72
CA HIS A 147 -7.66 -13.42 -12.27
C HIS A 147 -6.49 -13.29 -11.31
N HIS A 148 -5.79 -12.17 -11.34
CA HIS A 148 -4.64 -11.98 -10.45
C HIS A 148 -4.64 -10.61 -9.84
N HIS A 149 -4.28 -9.58 -10.63
CA HIS A 149 -4.22 -8.20 -10.15
C HIS A 149 -3.79 -7.25 -11.25
N HIS A 150 -3.85 -5.99 -10.96
CA HIS A 150 -3.35 -4.94 -11.81
C HIS A 150 -2.02 -4.54 -11.20
N HIS A 151 -0.95 -4.69 -11.94
CA HIS A 151 0.35 -4.33 -11.43
C HIS A 151 1.28 -3.97 -12.57
N HIS A 152 1.98 -2.89 -12.44
CA HIS A 152 2.94 -2.50 -13.43
C HIS A 152 4.34 -2.76 -12.89
N MET A 1 -2.86 17.20 -6.40
CA MET A 1 -2.18 17.94 -7.47
C MET A 1 -0.75 18.24 -7.05
N ALA A 2 0.03 18.83 -7.97
CA ALA A 2 1.44 19.17 -7.75
C ALA A 2 2.30 17.92 -7.62
N GLN A 3 2.72 17.42 -8.75
CA GLN A 3 3.47 16.18 -8.84
C GLN A 3 4.93 16.39 -8.44
N ASN A 4 5.44 17.58 -8.66
CA ASN A 4 6.84 17.86 -8.40
C ASN A 4 7.12 17.89 -6.91
N ASN A 5 8.19 17.26 -6.53
CA ASN A 5 8.65 17.17 -5.18
C ASN A 5 10.14 17.00 -5.24
N GLU A 6 10.78 16.83 -4.11
CA GLU A 6 12.16 16.80 -4.04
C GLU A 6 12.70 15.42 -4.15
N ASN A 7 13.97 15.40 -4.12
CA ASN A 7 14.81 14.23 -4.33
C ASN A 7 14.43 13.03 -3.46
N ALA A 8 14.28 13.28 -2.20
CA ALA A 8 13.79 12.31 -1.29
C ALA A 8 12.31 12.52 -1.16
N LEU A 9 11.56 11.66 -1.80
CA LEU A 9 10.12 11.77 -1.82
C LEU A 9 9.59 11.46 -0.41
N PRO A 10 8.80 12.38 0.15
CA PRO A 10 8.27 12.25 1.52
C PRO A 10 6.99 11.39 1.62
N ASP A 11 6.26 11.60 2.68
CA ASP A 11 5.02 10.91 2.94
C ASP A 11 3.96 11.34 1.93
N ILE A 12 3.07 10.43 1.62
CA ILE A 12 2.03 10.67 0.62
C ILE A 12 0.67 10.43 1.26
N THR A 13 -0.29 11.25 0.97
CA THR A 13 -1.61 11.04 1.47
C THR A 13 -2.61 11.36 0.37
N LYS A 14 -3.54 10.48 0.14
CA LYS A 14 -4.54 10.68 -0.88
C LYS A 14 -5.85 10.08 -0.43
N SER A 15 -6.94 10.62 -0.88
CA SER A 15 -8.23 10.07 -0.60
C SER A 15 -8.88 9.63 -1.90
N ILE A 16 -9.75 8.64 -1.82
CA ILE A 16 -10.44 8.11 -2.96
C ILE A 16 -11.70 7.41 -2.45
N THR A 17 -12.77 7.50 -3.18
CA THR A 17 -13.99 6.89 -2.77
C THR A 17 -14.38 5.72 -3.66
N LEU A 18 -14.68 4.61 -3.02
CA LEU A 18 -15.07 3.42 -3.73
C LEU A 18 -16.56 3.29 -3.63
N GLU A 19 -17.18 2.89 -4.69
CA GLU A 19 -18.60 2.78 -4.70
C GLU A 19 -19.08 1.38 -4.33
N ALA A 20 -18.58 0.94 -3.20
CA ALA A 20 -18.83 -0.37 -2.65
C ALA A 20 -18.93 -0.24 -1.15
N PRO A 21 -19.55 -1.24 -0.46
CA PRO A 21 -19.68 -1.23 1.00
C PRO A 21 -18.32 -1.28 1.68
N ILE A 22 -18.28 -0.80 2.90
CA ILE A 22 -17.06 -0.68 3.68
C ILE A 22 -16.38 -2.04 3.84
N GLN A 23 -17.16 -3.12 3.90
CA GLN A 23 -16.61 -4.46 4.08
C GLN A 23 -15.71 -4.84 2.93
N LYS A 24 -16.13 -4.48 1.71
CA LYS A 24 -15.39 -4.83 0.53
C LYS A 24 -14.10 -4.08 0.46
N VAL A 25 -14.14 -2.81 0.78
CA VAL A 25 -12.93 -1.99 0.77
C VAL A 25 -12.00 -2.46 1.86
N TRP A 26 -12.56 -2.76 3.02
CA TRP A 26 -11.79 -3.21 4.15
C TRP A 26 -11.10 -4.53 3.84
N GLU A 27 -11.82 -5.49 3.28
CA GLU A 27 -11.24 -6.79 2.98
C GLU A 27 -10.21 -6.68 1.85
N THR A 28 -10.40 -5.73 0.96
CA THR A 28 -9.48 -5.49 -0.13
C THR A 28 -8.07 -5.12 0.40
N VAL A 29 -8.02 -4.53 1.56
CA VAL A 29 -6.77 -4.12 2.13
C VAL A 29 -6.44 -4.90 3.40
N SER A 30 -7.07 -6.05 3.57
CA SER A 30 -6.79 -6.89 4.74
C SER A 30 -6.66 -8.39 4.39
N THR A 31 -7.22 -8.81 3.26
CA THR A 31 -7.21 -10.21 2.91
C THR A 31 -6.06 -10.55 2.00
N SER A 32 -5.73 -11.82 1.92
CA SER A 32 -4.64 -12.30 1.11
C SER A 32 -4.86 -11.92 -0.36
N GLU A 33 -6.00 -12.32 -0.90
CA GLU A 33 -6.38 -12.04 -2.28
C GLU A 33 -6.37 -10.55 -2.55
N GLY A 34 -6.95 -9.81 -1.62
CA GLY A 34 -7.07 -8.38 -1.77
C GLY A 34 -5.73 -7.67 -1.79
N ILE A 35 -4.86 -7.97 -0.82
CA ILE A 35 -3.55 -7.33 -0.73
C ILE A 35 -2.64 -7.78 -1.88
N ALA A 36 -2.67 -9.06 -2.18
CA ALA A 36 -1.90 -9.63 -3.28
C ALA A 36 -2.37 -9.14 -4.65
N LYS A 37 -3.69 -8.88 -4.77
CA LYS A 37 -4.35 -8.54 -6.06
C LYS A 37 -4.25 -9.76 -7.00
N TRP A 38 -4.11 -10.92 -6.37
CA TRP A 38 -3.99 -12.21 -7.03
C TRP A 38 -2.66 -12.35 -7.79
N PHE A 39 -1.74 -11.38 -7.60
CA PHE A 39 -0.41 -11.43 -8.20
C PHE A 39 0.48 -12.42 -7.46
N MET A 40 0.88 -12.07 -6.27
CA MET A 40 1.74 -12.93 -5.49
C MET A 40 0.92 -13.70 -4.48
N PRO A 41 0.69 -15.01 -4.71
CA PRO A 41 -0.05 -15.85 -3.79
C PRO A 41 0.66 -15.99 -2.46
N ASN A 42 0.25 -15.17 -1.54
CA ASN A 42 0.83 -15.10 -0.23
C ASN A 42 -0.28 -14.96 0.77
N ASP A 43 -0.06 -15.46 1.91
CA ASP A 43 -1.01 -15.47 2.97
C ASP A 43 -0.88 -14.21 3.79
N PHE A 44 -1.36 -13.14 3.23
CA PHE A 44 -1.44 -11.90 3.96
C PHE A 44 -2.64 -11.98 4.87
N GLN A 45 -2.40 -11.88 6.14
CA GLN A 45 -3.46 -11.95 7.13
C GLN A 45 -3.55 -10.68 7.89
N LEU A 46 -4.75 -10.32 8.28
CA LEU A 46 -4.93 -9.14 9.05
C LEU A 46 -4.53 -9.50 10.48
N LYS A 47 -3.37 -9.04 10.86
CA LYS A 47 -2.83 -9.30 12.14
C LYS A 47 -2.32 -8.01 12.66
N GLU A 48 -2.60 -7.69 13.85
CA GLU A 48 -2.10 -6.46 14.42
C GLU A 48 -0.76 -6.71 15.03
N GLY A 49 0.16 -6.86 14.16
CA GLY A 49 1.47 -7.17 14.52
C GLY A 49 1.90 -8.43 13.85
N GLN A 50 1.82 -8.45 12.55
CA GLN A 50 2.20 -9.61 11.76
C GLN A 50 3.70 -9.54 11.62
N GLU A 51 4.36 -10.57 12.00
CA GLU A 51 5.78 -10.58 11.97
C GLU A 51 6.28 -11.67 11.04
N PHE A 52 7.25 -11.31 10.25
CA PHE A 52 7.90 -12.21 9.33
C PHE A 52 9.39 -12.05 9.58
N HIS A 53 10.13 -13.11 9.42
CA HIS A 53 11.55 -13.06 9.68
C HIS A 53 12.33 -13.16 8.39
N LEU A 54 13.37 -12.39 8.32
CA LEU A 54 14.25 -12.38 7.19
C LEU A 54 15.65 -12.49 7.73
N GLN A 55 16.54 -13.07 6.97
CA GLN A 55 17.90 -13.19 7.40
C GLN A 55 18.54 -11.80 7.32
N SER A 56 19.58 -11.57 8.11
CA SER A 56 20.21 -10.25 8.23
C SER A 56 20.51 -9.49 6.89
N PRO A 57 21.05 -10.14 5.79
CA PRO A 57 21.25 -9.47 4.49
C PRO A 57 19.96 -8.78 3.96
N PHE A 58 18.95 -9.57 3.61
CA PHE A 58 17.66 -9.08 3.12
C PHE A 58 16.74 -10.26 2.88
N GLY A 59 15.54 -10.00 2.43
CA GLY A 59 14.58 -11.04 2.14
C GLY A 59 13.85 -10.72 0.86
N PRO A 60 13.09 -11.67 0.28
CA PRO A 60 12.35 -11.46 -0.99
C PRO A 60 11.34 -10.30 -0.87
N SER A 61 10.31 -10.50 -0.09
CA SER A 61 9.32 -9.50 0.15
C SER A 61 8.79 -9.66 1.57
N PRO A 62 9.48 -9.07 2.56
CA PRO A 62 9.06 -9.16 3.94
C PRO A 62 7.83 -8.31 4.21
N CYS A 63 6.95 -8.82 5.01
CA CYS A 63 5.79 -8.09 5.39
C CYS A 63 5.67 -8.11 6.89
N LYS A 64 5.27 -7.01 7.45
CA LYS A 64 5.06 -6.89 8.88
C LYS A 64 3.95 -5.89 9.11
N VAL A 65 2.93 -6.27 9.80
CA VAL A 65 1.86 -5.33 10.06
C VAL A 65 2.18 -4.62 11.35
N LEU A 66 2.00 -3.33 11.35
CA LEU A 66 2.28 -2.53 12.52
C LEU A 66 1.13 -2.64 13.48
N ALA A 67 -0.02 -2.20 13.04
CA ALA A 67 -1.21 -2.18 13.86
C ALA A 67 -2.43 -2.26 12.98
N VAL A 68 -3.47 -2.86 13.50
CA VAL A 68 -4.71 -2.99 12.79
C VAL A 68 -5.82 -2.43 13.65
N GLN A 69 -6.53 -1.48 13.11
CA GLN A 69 -7.69 -0.93 13.77
C GLN A 69 -8.92 -1.37 13.08
N ALA A 70 -9.88 -1.65 13.87
CA ALA A 70 -11.06 -2.38 13.48
C ALA A 70 -11.86 -1.54 12.53
N PRO A 71 -12.13 -2.12 11.31
CA PRO A 71 -12.54 -1.46 10.08
C PRO A 71 -12.55 0.07 10.10
N THR A 72 -11.43 0.63 10.54
CA THR A 72 -11.24 2.06 10.59
C THR A 72 -9.83 2.47 10.15
N GLU A 73 -8.81 1.72 10.59
CA GLU A 73 -7.45 2.09 10.27
C GLU A 73 -6.58 0.88 10.13
N LEU A 74 -5.66 0.92 9.26
CA LEU A 74 -4.78 -0.19 9.05
C LEU A 74 -3.39 0.34 8.77
N SER A 75 -2.40 -0.25 9.37
CA SER A 75 -1.02 0.18 9.15
C SER A 75 -0.08 -1.03 9.05
N PHE A 76 0.69 -1.12 7.96
CA PHE A 76 1.61 -2.23 7.75
C PHE A 76 2.86 -1.78 7.04
N GLU A 77 3.90 -2.53 7.20
CA GLU A 77 5.21 -2.22 6.73
C GLU A 77 5.61 -3.36 5.80
N TRP A 78 5.94 -3.02 4.59
CA TRP A 78 6.23 -4.02 3.60
C TRP A 78 7.57 -3.72 2.92
N ASP A 79 8.15 -4.77 2.34
CA ASP A 79 9.37 -4.76 1.54
C ASP A 79 10.60 -4.69 2.46
N THR A 80 11.79 -4.59 1.90
CA THR A 80 13.01 -4.67 2.69
C THR A 80 13.28 -3.42 3.53
N GLU A 81 12.67 -2.31 3.21
CA GLU A 81 12.88 -1.10 3.98
C GLU A 81 11.85 -0.98 5.07
N GLY A 82 10.76 -1.69 4.93
CA GLY A 82 9.69 -1.56 5.88
C GLY A 82 8.91 -0.30 5.65
N TRP A 83 8.34 -0.21 4.48
CA TRP A 83 7.55 0.95 4.11
C TRP A 83 6.21 0.83 4.76
N VAL A 84 5.86 1.78 5.55
CA VAL A 84 4.68 1.71 6.31
C VAL A 84 3.55 2.50 5.66
N VAL A 85 2.64 1.77 5.13
CA VAL A 85 1.48 2.36 4.54
C VAL A 85 0.35 2.27 5.53
N THR A 86 -0.49 3.23 5.50
CA THR A 86 -1.60 3.27 6.39
C THR A 86 -2.87 3.55 5.59
N PHE A 87 -3.92 2.83 5.91
CA PHE A 87 -5.17 3.03 5.26
C PHE A 87 -6.14 3.58 6.28
N GLN A 88 -6.87 4.56 5.89
CA GLN A 88 -7.89 5.15 6.73
C GLN A 88 -9.23 4.96 6.05
N LEU A 89 -10.23 4.61 6.81
CA LEU A 89 -11.56 4.37 6.27
C LEU A 89 -12.55 5.42 6.75
N GLU A 90 -13.29 5.97 5.82
CA GLU A 90 -14.31 6.97 6.07
C GLU A 90 -15.65 6.43 5.58
N ASP A 91 -16.70 6.66 6.33
CA ASP A 91 -18.00 6.18 5.95
C ASP A 91 -18.78 7.26 5.25
N LEU A 92 -19.29 6.95 4.11
CA LEU A 92 -20.19 7.82 3.42
C LEU A 92 -21.44 7.06 3.10
N GLY A 93 -22.52 7.75 2.97
CA GLY A 93 -23.81 7.10 2.77
C GLY A 93 -24.09 6.72 1.34
N GLU A 94 -23.21 5.92 0.77
CA GLU A 94 -23.30 5.44 -0.62
C GLU A 94 -22.02 4.72 -0.95
N LYS A 95 -20.95 5.34 -0.56
CA LYS A 95 -19.64 4.92 -0.97
C LYS A 95 -18.76 4.83 0.25
N THR A 96 -17.59 4.33 0.08
CA THR A 96 -16.65 4.24 1.15
C THR A 96 -15.44 5.10 0.83
N GLY A 97 -15.05 5.92 1.77
CA GLY A 97 -13.91 6.74 1.61
C GLY A 97 -12.68 6.03 2.08
N PHE A 98 -11.78 5.85 1.20
CA PHE A 98 -10.53 5.22 1.50
C PHE A 98 -9.46 6.28 1.48
N THR A 99 -8.62 6.29 2.45
CA THR A 99 -7.59 7.24 2.51
C THR A 99 -6.26 6.52 2.59
N LEU A 100 -5.41 6.81 1.64
CA LEU A 100 -4.15 6.19 1.57
C LEU A 100 -3.11 7.10 2.12
N ILE A 101 -2.25 6.52 2.84
CA ILE A 101 -1.20 7.17 3.56
C ILE A 101 0.09 6.37 3.35
N HIS A 102 1.12 7.03 2.96
CA HIS A 102 2.41 6.42 2.78
C HIS A 102 3.39 7.11 3.67
N SER A 103 4.06 6.34 4.46
CA SER A 103 5.11 6.82 5.29
C SER A 103 6.15 5.69 5.28
N GLY A 104 7.36 5.99 5.61
CA GLY A 104 8.37 4.94 5.63
C GLY A 104 9.68 5.44 6.16
N TRP A 105 10.72 4.64 6.02
CA TRP A 105 12.03 5.02 6.50
C TRP A 105 12.80 5.85 5.51
N LYS A 106 12.77 7.13 5.73
CA LYS A 106 13.51 8.07 4.93
C LYS A 106 14.80 8.43 5.64
N GLU A 107 15.85 8.47 4.91
CA GLU A 107 17.15 8.83 5.42
C GLU A 107 17.56 10.11 4.73
N PRO A 108 18.28 11.01 5.42
CA PRO A 108 18.72 12.27 4.82
C PRO A 108 19.83 12.02 3.78
N ASN A 109 19.41 11.81 2.57
CA ASN A 109 20.29 11.59 1.43
C ASN A 109 19.77 12.43 0.28
N GLU A 110 20.39 12.31 -0.87
CA GLU A 110 19.92 12.97 -2.09
C GLU A 110 18.78 12.12 -2.72
N VAL A 111 18.47 11.06 -2.03
CA VAL A 111 17.42 10.13 -2.31
C VAL A 111 16.85 9.69 -1.00
N ILE A 112 15.87 8.85 -1.05
CA ILE A 112 15.21 8.29 0.14
C ILE A 112 16.18 7.61 1.10
N GLY A 113 17.24 7.03 0.58
CA GLY A 113 18.23 6.44 1.44
C GLY A 113 18.68 5.11 0.93
N LYS A 114 18.78 4.17 1.84
CA LYS A 114 19.21 2.83 1.51
C LYS A 114 18.11 1.98 0.89
N ALA A 115 16.99 2.61 0.53
CA ALA A 115 15.98 1.94 -0.27
C ALA A 115 16.54 1.69 -1.68
N ASN A 116 17.64 2.39 -1.96
CA ASN A 116 18.53 2.28 -3.16
C ASN A 116 17.88 2.52 -4.52
N GLU A 117 16.68 2.98 -4.55
CA GLU A 117 16.06 3.32 -5.81
C GLU A 117 16.43 4.76 -6.21
N LYS A 118 16.26 5.07 -7.47
CA LYS A 118 16.57 6.38 -8.02
C LYS A 118 15.39 7.31 -7.77
N SER A 119 15.66 8.58 -7.52
CA SER A 119 14.62 9.57 -7.19
C SER A 119 13.52 9.66 -8.26
N SER A 120 13.92 9.62 -9.51
CA SER A 120 12.99 9.72 -10.61
C SER A 120 12.07 8.48 -10.68
N VAL A 121 12.65 7.29 -10.57
CA VAL A 121 11.86 6.07 -10.63
C VAL A 121 10.99 5.97 -9.39
N VAL A 122 11.50 6.46 -8.27
CA VAL A 122 10.73 6.52 -7.04
C VAL A 122 9.52 7.42 -7.21
N ARG A 123 9.73 8.59 -7.79
CA ARG A 123 8.63 9.52 -7.98
C ARG A 123 7.62 8.97 -8.96
N GLY A 124 8.10 8.42 -10.06
CA GLY A 124 7.23 7.84 -11.06
C GLY A 124 6.42 6.70 -10.51
N LYS A 125 7.07 5.87 -9.73
CA LYS A 125 6.43 4.74 -9.12
C LYS A 125 5.47 5.14 -8.00
N MET A 126 5.81 6.14 -7.22
CA MET A 126 4.93 6.55 -6.14
C MET A 126 3.73 7.30 -6.68
N ASP A 127 3.98 8.22 -7.58
CA ASP A 127 2.91 9.02 -8.18
C ASP A 127 1.99 8.18 -9.04
N GLY A 128 2.55 7.55 -10.05
CA GLY A 128 1.77 6.73 -10.95
C GLY A 128 1.21 5.52 -10.26
N GLY A 129 2.04 4.92 -9.41
CA GLY A 129 1.65 3.73 -8.68
C GLY A 129 0.49 4.00 -7.76
N TRP A 130 0.65 4.91 -6.83
CA TRP A 130 -0.42 5.18 -5.86
C TRP A 130 -1.69 5.73 -6.50
N THR A 131 -1.56 6.53 -7.53
CA THR A 131 -2.73 7.07 -8.19
C THR A 131 -3.51 5.95 -8.93
N GLY A 132 -2.82 5.23 -9.80
CA GLY A 132 -3.47 4.22 -10.60
C GLY A 132 -3.88 3.00 -9.80
N ILE A 133 -2.98 2.51 -8.98
CA ILE A 133 -3.21 1.32 -8.20
C ILE A 133 -4.28 1.57 -7.14
N VAL A 134 -4.17 2.62 -6.36
CA VAL A 134 -5.19 2.86 -5.37
C VAL A 134 -6.56 3.07 -5.98
N ASN A 135 -6.66 3.94 -6.97
CA ASN A 135 -7.95 4.26 -7.57
C ASN A 135 -8.61 3.04 -8.23
N GLU A 136 -8.00 2.50 -9.27
CA GLU A 136 -8.65 1.46 -10.02
C GLU A 136 -8.58 0.11 -9.32
N ARG A 137 -7.48 -0.20 -8.70
CA ARG A 137 -7.35 -1.50 -8.08
C ARG A 137 -8.23 -1.66 -6.87
N LEU A 138 -8.33 -0.61 -6.04
CA LEU A 138 -9.28 -0.68 -4.91
C LEU A 138 -10.67 -0.82 -5.45
N ARG A 139 -11.02 0.03 -6.39
CA ARG A 139 -12.36 0.04 -6.98
C ARG A 139 -12.66 -1.34 -7.65
N LYS A 140 -11.69 -1.91 -8.31
CA LYS A 140 -11.93 -3.18 -8.96
C LYS A 140 -11.96 -4.32 -8.03
N ALA A 141 -11.13 -4.32 -7.03
CA ALA A 141 -11.11 -5.44 -6.11
C ALA A 141 -12.37 -5.45 -5.26
N VAL A 142 -12.95 -4.29 -5.04
CA VAL A 142 -14.18 -4.21 -4.30
C VAL A 142 -15.37 -4.58 -5.19
N GLU A 143 -15.25 -4.37 -6.49
CA GLU A 143 -16.30 -4.78 -7.40
C GLU A 143 -16.17 -6.26 -7.78
N GLU A 144 -15.06 -6.59 -8.39
CA GLU A 144 -14.87 -7.87 -8.98
C GLU A 144 -13.64 -8.60 -8.50
N LEU A 145 -13.66 -9.91 -8.58
CA LEU A 145 -12.49 -10.69 -8.29
C LEU A 145 -11.66 -10.82 -9.56
N GLU A 146 -10.94 -9.77 -9.84
CA GLU A 146 -10.18 -9.68 -11.05
C GLU A 146 -8.85 -10.42 -10.88
N HIS A 147 -8.91 -11.73 -11.07
CA HIS A 147 -7.73 -12.57 -11.02
C HIS A 147 -7.27 -12.87 -12.42
N HIS A 148 -6.00 -13.00 -12.58
CA HIS A 148 -5.40 -13.12 -13.89
C HIS A 148 -4.11 -13.93 -13.76
N HIS A 149 -3.43 -14.12 -14.87
CA HIS A 149 -2.16 -14.84 -14.86
C HIS A 149 -1.15 -13.99 -14.14
N HIS A 150 -0.36 -14.60 -13.33
CA HIS A 150 0.59 -13.86 -12.55
C HIS A 150 2.02 -14.19 -12.98
N HIS A 151 2.77 -13.16 -13.25
CA HIS A 151 4.12 -13.26 -13.82
C HIS A 151 5.18 -13.81 -12.87
N HIS A 152 4.90 -13.84 -11.60
CA HIS A 152 5.83 -14.40 -10.65
C HIS A 152 5.13 -15.49 -9.89
N MET A 1 0.10 22.78 -6.53
CA MET A 1 1.43 22.50 -7.05
C MET A 1 1.94 21.24 -6.39
N ALA A 2 3.19 20.88 -6.63
CA ALA A 2 3.78 19.74 -5.98
C ALA A 2 3.90 20.02 -4.49
N GLN A 3 2.97 19.46 -3.72
CA GLN A 3 2.91 19.61 -2.27
C GLN A 3 4.16 19.00 -1.64
N ASN A 4 4.70 18.02 -2.31
CA ASN A 4 5.89 17.35 -1.88
C ASN A 4 6.98 17.63 -2.85
N ASN A 5 8.13 17.99 -2.36
CA ASN A 5 9.23 18.40 -3.24
C ASN A 5 10.38 17.42 -3.16
N GLU A 6 10.17 16.39 -2.40
CA GLU A 6 11.13 15.38 -2.19
C GLU A 6 11.12 14.42 -3.35
N ASN A 7 12.11 14.59 -4.13
CA ASN A 7 12.31 13.87 -5.38
C ASN A 7 12.61 12.36 -5.17
N ALA A 8 12.89 11.95 -3.94
CA ALA A 8 13.15 10.56 -3.60
C ALA A 8 11.86 9.76 -3.62
N LEU A 9 11.04 10.00 -2.62
CA LEU A 9 9.77 9.36 -2.42
C LEU A 9 9.23 9.93 -1.12
N PRO A 10 8.31 10.88 -1.19
CA PRO A 10 7.67 11.42 -0.02
C PRO A 10 6.38 10.68 0.26
N ASP A 11 5.66 11.08 1.29
CA ASP A 11 4.41 10.44 1.59
C ASP A 11 3.41 10.77 0.50
N ILE A 12 3.04 9.80 -0.26
CA ILE A 12 2.08 10.07 -1.26
C ILE A 12 0.72 9.66 -0.74
N THR A 13 -0.16 10.58 -0.78
CA THR A 13 -1.49 10.37 -0.34
C THR A 13 -2.37 10.31 -1.58
N LYS A 14 -3.17 9.29 -1.67
CA LYS A 14 -4.04 9.13 -2.79
C LYS A 14 -5.43 8.83 -2.25
N SER A 15 -6.41 9.43 -2.81
CA SER A 15 -7.77 9.28 -2.32
C SER A 15 -8.68 8.67 -3.39
N ILE A 16 -9.48 7.71 -2.99
CA ILE A 16 -10.37 7.03 -3.90
C ILE A 16 -11.60 6.52 -3.15
N THR A 17 -12.75 6.64 -3.77
CA THR A 17 -13.97 6.18 -3.19
C THR A 17 -14.37 4.85 -3.79
N LEU A 18 -14.60 3.90 -2.93
CA LEU A 18 -15.00 2.58 -3.33
C LEU A 18 -16.47 2.48 -3.40
N GLU A 19 -16.91 1.83 -4.43
CA GLU A 19 -18.30 1.59 -4.73
C GLU A 19 -18.77 0.31 -4.01
N ALA A 20 -18.16 0.04 -2.88
CA ALA A 20 -18.39 -1.16 -2.12
C ALA A 20 -18.53 -0.82 -0.65
N PRO A 21 -19.17 -1.70 0.14
CA PRO A 21 -19.36 -1.50 1.58
C PRO A 21 -18.05 -1.47 2.33
N ILE A 22 -18.05 -0.73 3.43
CA ILE A 22 -16.87 -0.50 4.27
C ILE A 22 -16.20 -1.81 4.66
N GLN A 23 -17.00 -2.81 4.99
CA GLN A 23 -16.44 -4.07 5.44
C GLN A 23 -15.69 -4.78 4.31
N LYS A 24 -16.20 -4.67 3.09
CA LYS A 24 -15.59 -5.34 1.97
C LYS A 24 -14.29 -4.67 1.61
N VAL A 25 -14.27 -3.34 1.71
CA VAL A 25 -13.08 -2.57 1.45
C VAL A 25 -12.02 -2.88 2.49
N TRP A 26 -12.46 -2.99 3.74
CA TRP A 26 -11.60 -3.32 4.86
C TRP A 26 -10.94 -4.69 4.63
N GLU A 27 -11.74 -5.67 4.23
CA GLU A 27 -11.27 -7.02 3.91
C GLU A 27 -10.27 -6.97 2.75
N THR A 28 -10.55 -6.13 1.78
CA THR A 28 -9.73 -5.95 0.60
C THR A 28 -8.30 -5.46 0.95
N VAL A 29 -8.16 -4.84 2.09
CA VAL A 29 -6.87 -4.37 2.53
C VAL A 29 -6.43 -5.02 3.84
N SER A 30 -7.03 -6.14 4.19
CA SER A 30 -6.60 -6.85 5.40
C SER A 30 -6.51 -8.38 5.19
N THR A 31 -7.22 -8.90 4.20
CA THR A 31 -7.20 -10.32 3.97
C THR A 31 -6.10 -10.66 2.98
N SER A 32 -5.62 -11.88 3.05
CA SER A 32 -4.59 -12.35 2.15
C SER A 32 -5.14 -12.33 0.73
N GLU A 33 -6.38 -12.74 0.61
CA GLU A 33 -7.10 -12.80 -0.64
C GLU A 33 -7.21 -11.39 -1.23
N GLY A 34 -7.65 -10.46 -0.38
CA GLY A 34 -7.85 -9.09 -0.77
C GLY A 34 -6.57 -8.37 -1.10
N ILE A 35 -5.56 -8.49 -0.23
CA ILE A 35 -4.31 -7.77 -0.44
C ILE A 35 -3.51 -8.32 -1.63
N ALA A 36 -3.36 -9.62 -1.68
CA ALA A 36 -2.64 -10.26 -2.77
C ALA A 36 -3.36 -10.10 -4.11
N LYS A 37 -4.69 -10.36 -4.10
CA LYS A 37 -5.54 -10.40 -5.32
C LYS A 37 -4.97 -11.48 -6.28
N TRP A 38 -4.24 -12.40 -5.64
CA TRP A 38 -3.59 -13.55 -6.24
C TRP A 38 -2.45 -13.20 -7.21
N PHE A 39 -2.00 -11.94 -7.21
CA PHE A 39 -0.87 -11.54 -8.05
C PHE A 39 0.42 -12.11 -7.48
N MET A 40 0.53 -12.00 -6.17
CA MET A 40 1.71 -12.42 -5.45
C MET A 40 1.30 -13.32 -4.29
N PRO A 41 1.85 -14.54 -4.20
CA PRO A 41 1.50 -15.47 -3.14
C PRO A 41 2.19 -15.16 -1.81
N ASN A 42 1.49 -14.43 -0.98
CA ASN A 42 1.93 -14.11 0.37
C ASN A 42 0.72 -14.17 1.24
N ASP A 43 0.90 -14.63 2.44
CA ASP A 43 -0.21 -14.80 3.36
C ASP A 43 -0.33 -13.63 4.25
N PHE A 44 -0.89 -12.60 3.71
CA PHE A 44 -1.17 -11.39 4.46
C PHE A 44 -2.25 -11.69 5.50
N GLN A 45 -1.99 -11.39 6.73
CA GLN A 45 -2.91 -11.65 7.80
C GLN A 45 -3.14 -10.40 8.59
N LEU A 46 -4.38 -10.13 8.98
CA LEU A 46 -4.63 -8.97 9.79
C LEU A 46 -4.15 -9.30 11.19
N LYS A 47 -3.02 -8.76 11.52
CA LYS A 47 -2.48 -8.83 12.84
C LYS A 47 -2.01 -7.44 13.19
N GLU A 48 -2.12 -7.03 14.39
CA GLU A 48 -1.56 -5.74 14.78
C GLU A 48 -0.10 -5.89 15.18
N GLY A 49 0.65 -6.58 14.35
CA GLY A 49 2.01 -6.86 14.63
C GLY A 49 2.43 -8.19 14.09
N GLN A 50 2.12 -8.42 12.82
CA GLN A 50 2.52 -9.64 12.16
C GLN A 50 3.94 -9.46 11.80
N GLU A 51 4.79 -10.08 12.50
CA GLU A 51 6.16 -10.06 12.19
C GLU A 51 6.79 -11.32 12.67
N PHE A 52 7.78 -11.75 11.98
CA PHE A 52 8.51 -12.89 12.37
C PHE A 52 9.94 -12.43 12.48
N HIS A 53 10.67 -13.00 13.37
CA HIS A 53 12.02 -12.57 13.57
C HIS A 53 12.96 -13.64 13.09
N LEU A 54 14.03 -13.21 12.51
CA LEU A 54 15.01 -14.10 11.97
C LEU A 54 16.35 -13.74 12.52
N GLN A 55 17.10 -14.72 12.89
CA GLN A 55 18.43 -14.53 13.36
C GLN A 55 19.32 -14.40 12.15
N SER A 56 19.51 -13.20 11.70
CA SER A 56 20.30 -12.92 10.54
C SER A 56 20.80 -11.49 10.61
N PRO A 57 22.12 -11.26 10.61
CA PRO A 57 22.67 -9.92 10.53
C PRO A 57 22.31 -9.33 9.17
N PHE A 58 21.50 -8.27 9.20
CA PHE A 58 20.88 -7.69 8.01
C PHE A 58 19.81 -8.66 7.52
N GLY A 59 18.60 -8.43 7.96
CA GLY A 59 17.51 -9.31 7.66
C GLY A 59 16.99 -9.16 6.25
N PRO A 60 16.42 -10.23 5.67
CA PRO A 60 15.82 -10.18 4.33
C PRO A 60 14.67 -9.17 4.23
N SER A 61 13.93 -9.01 5.33
CA SER A 61 12.79 -8.11 5.42
C SER A 61 11.59 -8.61 4.58
N PRO A 62 10.69 -9.38 5.22
CA PRO A 62 9.47 -9.85 4.60
C PRO A 62 8.35 -8.84 4.84
N CYS A 63 7.11 -9.26 4.75
CA CYS A 63 6.04 -8.37 5.06
C CYS A 63 5.75 -8.47 6.55
N LYS A 64 5.46 -7.35 7.15
CA LYS A 64 5.20 -7.23 8.56
C LYS A 64 4.16 -6.18 8.79
N VAL A 65 3.18 -6.43 9.62
CA VAL A 65 2.21 -5.42 9.87
C VAL A 65 2.69 -4.60 11.03
N LEU A 66 2.67 -3.30 10.87
CA LEU A 66 3.11 -2.41 11.90
C LEU A 66 2.03 -2.35 12.96
N ALA A 67 0.86 -1.92 12.55
CA ALA A 67 -0.27 -1.80 13.43
C ALA A 67 -1.54 -1.72 12.62
N VAL A 68 -2.58 -2.34 13.10
CA VAL A 68 -3.85 -2.25 12.49
C VAL A 68 -4.85 -1.60 13.43
N GLN A 69 -5.38 -0.51 12.98
CA GLN A 69 -6.37 0.23 13.70
C GLN A 69 -7.72 -0.20 13.25
N ALA A 70 -8.59 -0.28 14.18
CA ALA A 70 -9.85 -0.98 14.05
C ALA A 70 -10.71 -0.26 13.05
N PRO A 71 -11.14 -1.01 11.98
CA PRO A 71 -11.60 -0.49 10.71
C PRO A 71 -11.62 1.02 10.58
N THR A 72 -10.42 1.58 10.68
CA THR A 72 -10.15 2.98 10.49
C THR A 72 -8.81 3.20 9.80
N GLU A 73 -7.79 2.45 10.21
CA GLU A 73 -6.47 2.67 9.67
C GLU A 73 -5.68 1.38 9.67
N LEU A 74 -4.86 1.20 8.70
CA LEU A 74 -4.05 0.01 8.59
C LEU A 74 -2.66 0.44 8.18
N SER A 75 -1.66 -0.15 8.78
CA SER A 75 -0.29 0.17 8.41
C SER A 75 0.58 -1.10 8.40
N PHE A 76 1.26 -1.34 7.31
CA PHE A 76 2.14 -2.49 7.17
C PHE A 76 3.36 -2.17 6.36
N GLU A 77 4.38 -2.93 6.56
CA GLU A 77 5.67 -2.72 6.02
C GLU A 77 5.99 -3.95 5.21
N TRP A 78 6.54 -3.78 4.04
CA TRP A 78 6.79 -4.91 3.20
C TRP A 78 8.03 -4.72 2.34
N ASP A 79 8.56 -5.85 1.90
CA ASP A 79 9.66 -5.94 0.91
C ASP A 79 11.04 -5.56 1.51
N THR A 80 12.10 -5.79 0.74
CA THR A 80 13.46 -5.55 1.16
C THR A 80 13.74 -4.06 1.35
N GLU A 81 13.10 -3.23 0.54
CA GLU A 81 13.29 -1.81 0.62
C GLU A 81 12.59 -1.20 1.82
N GLY A 82 11.67 -1.96 2.41
CA GLY A 82 10.98 -1.50 3.59
C GLY A 82 9.98 -0.42 3.28
N TRP A 83 8.95 -0.78 2.58
CA TRP A 83 7.92 0.17 2.24
C TRP A 83 6.82 0.10 3.27
N VAL A 84 6.44 1.23 3.78
CA VAL A 84 5.41 1.29 4.78
C VAL A 84 4.21 1.94 4.16
N VAL A 85 3.18 1.17 3.99
CA VAL A 85 1.98 1.68 3.43
C VAL A 85 0.91 1.75 4.49
N THR A 86 0.15 2.78 4.45
CA THR A 86 -0.91 2.99 5.39
C THR A 86 -2.20 3.21 4.63
N PHE A 87 -3.25 2.58 5.07
CA PHE A 87 -4.54 2.76 4.47
C PHE A 87 -5.40 3.48 5.46
N GLN A 88 -6.06 4.47 5.01
CA GLN A 88 -6.97 5.23 5.82
C GLN A 88 -8.37 5.06 5.33
N LEU A 89 -9.28 4.98 6.26
CA LEU A 89 -10.67 4.86 5.95
C LEU A 89 -11.39 6.18 6.19
N GLU A 90 -12.29 6.47 5.31
CA GLU A 90 -13.18 7.57 5.43
C GLU A 90 -14.57 7.02 5.34
N ASP A 91 -15.31 7.16 6.39
CA ASP A 91 -16.61 6.54 6.46
C ASP A 91 -17.68 7.40 5.84
N LEU A 92 -18.30 6.87 4.84
CA LEU A 92 -19.42 7.47 4.20
C LEU A 92 -20.53 6.45 4.22
N GLY A 93 -21.73 6.90 4.27
CA GLY A 93 -22.85 5.99 4.39
C GLY A 93 -23.45 5.65 3.06
N GLU A 94 -22.64 5.11 2.19
CA GLU A 94 -23.05 4.73 0.85
C GLU A 94 -21.85 4.07 0.21
N LYS A 95 -20.76 4.78 0.26
CA LYS A 95 -19.55 4.36 -0.38
C LYS A 95 -18.48 4.39 0.66
N THR A 96 -17.31 3.97 0.33
CA THR A 96 -16.26 3.95 1.26
C THR A 96 -15.12 4.80 0.77
N GLY A 97 -14.62 5.66 1.60
CA GLY A 97 -13.52 6.47 1.25
C GLY A 97 -12.26 5.78 1.68
N PHE A 98 -11.39 5.58 0.77
CA PHE A 98 -10.14 4.93 1.02
C PHE A 98 -9.03 5.91 0.74
N THR A 99 -8.08 5.99 1.62
CA THR A 99 -6.99 6.86 1.40
C THR A 99 -5.71 6.07 1.52
N LEU A 100 -4.86 6.19 0.55
CA LEU A 100 -3.63 5.50 0.57
C LEU A 100 -2.54 6.46 0.90
N ILE A 101 -1.63 5.99 1.65
CA ILE A 101 -0.49 6.74 2.10
C ILE A 101 0.71 5.84 1.95
N HIS A 102 1.71 6.28 1.26
CA HIS A 102 2.91 5.51 1.12
C HIS A 102 4.07 6.29 1.69
N SER A 103 4.76 5.67 2.60
CA SER A 103 5.92 6.22 3.23
C SER A 103 6.92 5.07 3.36
N GLY A 104 8.16 5.39 3.61
CA GLY A 104 9.16 4.37 3.70
C GLY A 104 9.67 4.22 5.12
N TRP A 105 10.29 3.08 5.39
CA TRP A 105 10.85 2.76 6.72
C TRP A 105 12.29 3.35 6.85
N LYS A 106 12.57 4.34 6.05
CA LYS A 106 13.87 4.96 6.05
C LYS A 106 13.74 6.44 5.84
N GLU A 107 14.75 7.16 6.27
CA GLU A 107 14.81 8.61 6.20
C GLU A 107 14.82 9.08 4.75
N PRO A 108 13.85 9.92 4.35
CA PRO A 108 13.77 10.45 3.00
C PRO A 108 14.85 11.50 2.77
N ASN A 109 15.84 11.15 2.02
CA ASN A 109 16.90 12.06 1.64
C ASN A 109 16.75 12.35 0.16
N GLU A 110 17.81 12.76 -0.53
CA GLU A 110 17.72 13.03 -1.98
C GLU A 110 17.25 11.79 -2.76
N VAL A 111 17.65 10.64 -2.29
CA VAL A 111 17.12 9.39 -2.79
C VAL A 111 16.73 8.50 -1.66
N ILE A 112 15.83 7.62 -1.95
CA ILE A 112 15.36 6.62 -0.99
C ILE A 112 16.49 5.74 -0.48
N GLY A 113 17.42 5.40 -1.35
CA GLY A 113 18.56 4.66 -0.90
C GLY A 113 18.74 3.37 -1.62
N LYS A 114 19.11 3.45 -2.88
CA LYS A 114 19.44 2.29 -3.72
C LYS A 114 18.28 1.33 -3.91
N ALA A 115 17.06 1.85 -3.93
CA ALA A 115 15.88 1.04 -4.22
C ALA A 115 15.86 0.64 -5.70
N ASN A 116 16.71 1.32 -6.48
CA ASN A 116 16.91 1.13 -7.95
C ASN A 116 16.07 2.07 -8.77
N GLU A 117 16.71 2.58 -9.84
CA GLU A 117 16.13 3.48 -10.84
C GLU A 117 16.24 4.96 -10.39
N LYS A 118 16.17 5.89 -11.36
CA LYS A 118 16.31 7.33 -11.11
C LYS A 118 15.25 7.84 -10.14
N SER A 119 15.60 8.86 -9.39
CA SER A 119 14.76 9.46 -8.37
C SER A 119 13.46 9.96 -8.99
N SER A 120 13.59 10.78 -10.03
CA SER A 120 12.47 11.38 -10.72
C SER A 120 11.56 10.28 -11.29
N VAL A 121 12.18 9.22 -11.76
CA VAL A 121 11.45 8.11 -12.33
C VAL A 121 10.72 7.37 -11.22
N VAL A 122 11.43 7.08 -10.15
CA VAL A 122 10.85 6.43 -8.98
C VAL A 122 9.68 7.25 -8.43
N ARG A 123 9.87 8.54 -8.41
CA ARG A 123 8.88 9.48 -7.92
C ARG A 123 7.63 9.41 -8.81
N GLY A 124 7.86 9.47 -10.11
CA GLY A 124 6.79 9.42 -11.08
C GLY A 124 6.08 8.11 -11.06
N LYS A 125 6.85 7.06 -10.95
CA LYS A 125 6.33 5.73 -10.88
C LYS A 125 5.55 5.50 -9.58
N MET A 126 5.98 6.10 -8.50
CA MET A 126 5.26 5.98 -7.25
C MET A 126 3.96 6.72 -7.30
N ASP A 127 3.97 7.94 -7.80
CA ASP A 127 2.73 8.68 -7.91
C ASP A 127 1.81 8.05 -8.93
N GLY A 128 2.30 7.85 -10.14
CA GLY A 128 1.51 7.28 -11.20
C GLY A 128 1.06 5.89 -10.89
N GLY A 129 1.99 5.08 -10.40
CA GLY A 129 1.71 3.72 -10.04
C GLY A 129 0.70 3.64 -8.96
N TRP A 130 0.92 4.34 -7.87
CA TRP A 130 -0.03 4.33 -6.78
C TRP A 130 -1.38 4.95 -7.15
N THR A 131 -1.41 5.85 -8.11
CA THR A 131 -2.68 6.39 -8.59
C THR A 131 -3.46 5.28 -9.32
N GLY A 132 -2.81 4.67 -10.32
CA GLY A 132 -3.46 3.65 -11.12
C GLY A 132 -3.75 2.37 -10.34
N ILE A 133 -2.80 1.95 -9.53
CA ILE A 133 -2.95 0.75 -8.73
C ILE A 133 -4.05 0.92 -7.70
N VAL A 134 -3.95 1.90 -6.84
CA VAL A 134 -4.95 2.08 -5.81
C VAL A 134 -6.35 2.26 -6.37
N ASN A 135 -6.50 3.12 -7.35
CA ASN A 135 -7.81 3.39 -7.93
C ASN A 135 -8.45 2.14 -8.52
N GLU A 136 -7.82 1.58 -9.53
CA GLU A 136 -8.39 0.46 -10.25
C GLU A 136 -8.32 -0.82 -9.47
N ARG A 137 -7.16 -1.14 -8.93
CA ARG A 137 -6.96 -2.40 -8.23
C ARG A 137 -7.83 -2.53 -7.00
N LEU A 138 -8.02 -1.45 -6.25
CA LEU A 138 -8.94 -1.51 -5.11
C LEU A 138 -10.35 -1.68 -5.58
N ARG A 139 -10.75 -0.85 -6.55
CA ARG A 139 -12.11 -0.93 -7.12
C ARG A 139 -12.36 -2.34 -7.70
N LYS A 140 -11.33 -2.91 -8.27
CA LYS A 140 -11.43 -4.22 -8.83
C LYS A 140 -11.43 -5.29 -7.79
N ALA A 141 -10.66 -5.14 -6.75
CA ALA A 141 -10.60 -6.18 -5.74
C ALA A 141 -11.89 -6.27 -4.95
N VAL A 142 -12.58 -5.15 -4.82
CA VAL A 142 -13.85 -5.17 -4.13
C VAL A 142 -14.94 -5.70 -5.06
N GLU A 143 -14.85 -5.38 -6.35
CA GLU A 143 -15.86 -5.80 -7.31
C GLU A 143 -15.60 -7.17 -7.93
N GLU A 144 -14.49 -7.34 -8.58
CA GLU A 144 -14.23 -8.54 -9.33
C GLU A 144 -12.86 -9.12 -9.00
N LEU A 145 -12.88 -10.30 -8.43
CA LEU A 145 -11.68 -10.97 -7.92
C LEU A 145 -10.90 -11.71 -9.01
N GLU A 146 -11.03 -11.29 -10.24
CA GLU A 146 -10.24 -11.82 -11.32
C GLU A 146 -8.80 -11.34 -11.16
N HIS A 147 -7.85 -12.16 -11.53
CA HIS A 147 -6.46 -11.76 -11.43
C HIS A 147 -5.85 -11.60 -12.80
N HIS A 148 -4.82 -10.83 -12.86
CA HIS A 148 -4.13 -10.54 -14.09
C HIS A 148 -2.70 -10.93 -13.86
N HIS A 149 -1.99 -11.27 -14.88
CA HIS A 149 -0.60 -11.61 -14.68
C HIS A 149 0.29 -10.61 -15.36
N HIS A 150 1.06 -9.91 -14.56
CA HIS A 150 1.99 -8.94 -15.07
C HIS A 150 3.14 -9.67 -15.71
N HIS A 151 3.69 -9.10 -16.76
CA HIS A 151 4.74 -9.74 -17.53
C HIS A 151 5.93 -10.05 -16.64
N HIS A 152 6.43 -9.06 -15.94
CA HIS A 152 7.52 -9.25 -15.04
C HIS A 152 7.56 -8.06 -14.09
N MET A 1 7.08 14.88 -14.67
CA MET A 1 6.48 13.86 -13.79
C MET A 1 6.57 14.27 -12.32
N ALA A 2 7.24 15.39 -12.05
CA ALA A 2 7.42 15.87 -10.70
C ALA A 2 6.18 16.58 -10.21
N GLN A 3 5.70 16.19 -9.08
CA GLN A 3 4.52 16.77 -8.50
C GLN A 3 4.86 17.76 -7.40
N ASN A 4 5.73 17.35 -6.49
CA ASN A 4 6.02 18.15 -5.28
C ASN A 4 7.50 18.06 -4.98
N ASN A 5 7.90 18.43 -3.78
CA ASN A 5 9.29 18.25 -3.37
C ASN A 5 9.44 16.79 -2.98
N GLU A 6 9.90 16.04 -3.91
CA GLU A 6 10.03 14.64 -3.77
C GLU A 6 11.51 14.31 -3.81
N ASN A 7 12.17 14.51 -2.68
CA ASN A 7 13.61 14.25 -2.63
C ASN A 7 13.89 12.77 -2.80
N ALA A 8 13.00 11.99 -2.25
CA ALA A 8 13.05 10.54 -2.35
C ALA A 8 11.67 10.09 -2.66
N LEU A 9 10.81 10.30 -1.70
CA LEU A 9 9.42 10.04 -1.80
C LEU A 9 8.78 10.81 -0.68
N PRO A 10 7.75 11.60 -0.96
CA PRO A 10 7.06 12.34 0.06
C PRO A 10 6.00 11.47 0.71
N ASP A 11 5.15 12.08 1.46
CA ASP A 11 4.00 11.41 1.98
C ASP A 11 2.88 11.83 1.11
N ILE A 12 2.36 10.92 0.38
CA ILE A 12 1.29 11.24 -0.52
C ILE A 12 0.00 10.71 0.02
N THR A 13 -0.97 11.55 0.05
CA THR A 13 -2.26 11.20 0.48
C THR A 13 -3.19 11.31 -0.73
N LYS A 14 -3.93 10.29 -0.97
CA LYS A 14 -4.82 10.27 -2.10
C LYS A 14 -6.15 9.74 -1.61
N SER A 15 -7.21 10.11 -2.24
CA SER A 15 -8.50 9.62 -1.86
C SER A 15 -9.23 9.07 -3.07
N ILE A 16 -9.80 7.92 -2.90
CA ILE A 16 -10.51 7.23 -3.95
C ILE A 16 -11.73 6.58 -3.32
N THR A 17 -12.84 6.69 -3.97
CA THR A 17 -14.06 6.16 -3.43
C THR A 17 -14.46 4.86 -4.09
N LEU A 18 -14.78 3.89 -3.29
CA LEU A 18 -15.16 2.60 -3.76
C LEU A 18 -16.62 2.32 -3.56
N GLU A 19 -17.13 1.69 -4.55
CA GLU A 19 -18.51 1.28 -4.74
C GLU A 19 -18.94 0.13 -3.79
N ALA A 20 -18.16 -0.15 -2.78
CA ALA A 20 -18.38 -1.30 -1.92
C ALA A 20 -18.34 -0.88 -0.46
N PRO A 21 -18.84 -1.75 0.48
CA PRO A 21 -18.84 -1.45 1.92
C PRO A 21 -17.43 -1.38 2.47
N ILE A 22 -17.30 -0.65 3.55
CA ILE A 22 -16.03 -0.36 4.17
C ILE A 22 -15.28 -1.63 4.58
N GLN A 23 -16.01 -2.65 4.96
CA GLN A 23 -15.40 -3.90 5.35
C GLN A 23 -14.67 -4.57 4.19
N LYS A 24 -15.29 -4.54 3.01
CA LYS A 24 -14.77 -5.25 1.87
C LYS A 24 -13.51 -4.58 1.33
N VAL A 25 -13.51 -3.27 1.32
CA VAL A 25 -12.34 -2.54 0.86
C VAL A 25 -11.18 -2.74 1.85
N TRP A 26 -11.51 -2.70 3.13
CA TRP A 26 -10.55 -2.85 4.19
C TRP A 26 -9.89 -4.22 4.15
N GLU A 27 -10.67 -5.28 4.00
CA GLU A 27 -10.11 -6.61 3.95
C GLU A 27 -9.31 -6.82 2.66
N THR A 28 -9.67 -6.13 1.58
CA THR A 28 -8.89 -6.18 0.35
C THR A 28 -7.43 -5.78 0.62
N VAL A 29 -7.25 -4.83 1.51
CA VAL A 29 -5.92 -4.32 1.85
C VAL A 29 -5.48 -4.78 3.24
N SER A 30 -6.06 -5.87 3.73
CA SER A 30 -5.73 -6.39 5.06
C SER A 30 -5.77 -7.93 5.07
N THR A 31 -5.86 -8.53 3.89
CA THR A 31 -5.86 -9.99 3.80
C THR A 31 -4.65 -10.46 3.03
N SER A 32 -4.34 -11.74 3.18
CA SER A 32 -3.24 -12.39 2.50
C SER A 32 -3.29 -12.16 0.99
N GLU A 33 -4.35 -12.64 0.36
CA GLU A 33 -4.49 -12.58 -1.08
C GLU A 33 -4.69 -11.16 -1.61
N GLY A 34 -5.41 -10.35 -0.85
CA GLY A 34 -5.68 -8.99 -1.27
C GLY A 34 -4.42 -8.17 -1.34
N ILE A 35 -3.60 -8.24 -0.29
CA ILE A 35 -2.35 -7.53 -0.25
C ILE A 35 -1.34 -8.13 -1.22
N ALA A 36 -1.33 -9.47 -1.28
CA ALA A 36 -0.47 -10.19 -2.23
C ALA A 36 -0.69 -9.68 -3.65
N LYS A 37 -1.99 -9.65 -4.07
CA LYS A 37 -2.45 -9.14 -5.40
C LYS A 37 -1.62 -9.64 -6.60
N TRP A 38 -1.06 -10.80 -6.42
CA TRP A 38 -0.22 -11.46 -7.38
C TRP A 38 -0.32 -12.90 -6.96
N PHE A 39 -0.03 -13.85 -7.82
CA PHE A 39 -0.11 -15.24 -7.40
C PHE A 39 1.23 -15.66 -6.74
N MET A 40 1.63 -14.87 -5.79
CA MET A 40 2.80 -15.08 -4.97
C MET A 40 2.31 -15.13 -3.55
N PRO A 41 2.33 -16.29 -2.91
CA PRO A 41 1.80 -16.46 -1.57
C PRO A 41 2.47 -15.57 -0.53
N ASN A 42 1.72 -14.61 -0.07
CA ASN A 42 2.18 -13.73 0.98
C ASN A 42 1.35 -13.97 2.17
N ASP A 43 1.94 -13.92 3.31
CA ASP A 43 1.25 -14.30 4.49
C ASP A 43 0.99 -13.08 5.32
N PHE A 44 0.05 -12.30 4.88
CA PHE A 44 -0.31 -11.14 5.60
C PHE A 44 -1.64 -11.31 6.29
N GLN A 45 -1.64 -11.02 7.55
CA GLN A 45 -2.81 -10.97 8.38
C GLN A 45 -2.68 -9.71 9.21
N LEU A 46 -3.77 -9.10 9.61
CA LEU A 46 -3.64 -7.88 10.37
C LEU A 46 -3.34 -8.16 11.85
N LYS A 47 -2.14 -7.86 12.25
CA LYS A 47 -1.76 -7.93 13.64
C LYS A 47 -1.14 -6.59 13.93
N GLU A 48 -1.33 -6.04 15.09
CA GLU A 48 -0.76 -4.74 15.40
C GLU A 48 0.64 -4.92 15.93
N GLY A 49 1.51 -5.15 15.03
CA GLY A 49 2.83 -5.44 15.38
C GLY A 49 3.13 -6.83 14.95
N GLN A 50 3.77 -6.97 13.83
CA GLN A 50 4.01 -8.25 13.26
C GLN A 50 5.22 -8.13 12.42
N GLU A 51 6.24 -8.85 12.75
CA GLU A 51 7.45 -8.79 11.98
C GLU A 51 8.16 -10.10 12.00
N PHE A 52 9.04 -10.27 11.06
CA PHE A 52 9.85 -11.43 11.00
C PHE A 52 11.19 -11.11 11.61
N HIS A 53 11.55 -11.83 12.60
CA HIS A 53 12.79 -11.65 13.30
C HIS A 53 13.32 -12.98 13.75
N LEU A 54 14.65 -13.06 13.92
CA LEU A 54 15.36 -14.30 14.34
C LEU A 54 15.44 -15.33 13.20
N GLN A 55 14.63 -15.14 12.21
CA GLN A 55 14.52 -16.02 11.07
C GLN A 55 14.65 -15.14 9.81
N SER A 56 15.30 -13.98 10.02
CA SER A 56 15.46 -12.91 9.02
C SER A 56 14.15 -12.12 8.83
N PRO A 57 14.22 -10.78 8.61
CA PRO A 57 13.02 -9.94 8.41
C PRO A 57 12.34 -10.25 7.08
N PHE A 58 13.07 -10.90 6.22
CA PHE A 58 12.58 -11.32 4.94
C PHE A 58 12.11 -12.74 5.07
N GLY A 59 10.83 -12.93 5.08
CA GLY A 59 10.30 -14.25 5.11
C GLY A 59 9.53 -14.50 3.85
N PRO A 60 8.37 -15.16 3.91
CA PRO A 60 7.50 -15.34 2.73
C PRO A 60 6.98 -13.99 2.28
N SER A 61 6.97 -13.07 3.22
CA SER A 61 6.60 -11.73 3.04
C SER A 61 7.65 -10.87 3.74
N PRO A 62 8.15 -9.82 3.10
CA PRO A 62 9.14 -8.93 3.69
C PRO A 62 8.52 -7.74 4.41
N CYS A 63 7.38 -7.94 4.98
CA CYS A 63 6.66 -6.88 5.57
C CYS A 63 6.58 -6.98 7.09
N LYS A 64 6.19 -5.89 7.69
CA LYS A 64 5.96 -5.75 9.10
C LYS A 64 4.71 -4.93 9.23
N VAL A 65 3.89 -5.20 10.18
CA VAL A 65 2.76 -4.33 10.38
C VAL A 65 3.19 -3.27 11.37
N LEU A 66 2.83 -2.04 11.13
CA LEU A 66 3.24 -0.97 12.00
C LEU A 66 2.20 -0.85 13.10
N ALA A 67 0.97 -0.63 12.71
CA ALA A 67 -0.14 -0.48 13.63
C ALA A 67 -1.42 -0.64 12.86
N VAL A 68 -2.42 -1.21 13.48
CA VAL A 68 -3.66 -1.37 12.82
C VAL A 68 -4.84 -0.96 13.72
N GLN A 69 -5.55 0.01 13.24
CA GLN A 69 -6.73 0.57 13.87
C GLN A 69 -7.94 0.09 13.15
N ALA A 70 -8.93 -0.15 13.90
CA ALA A 70 -10.10 -0.87 13.48
C ALA A 70 -10.81 -0.05 12.44
N PRO A 71 -11.12 -0.72 11.29
CA PRO A 71 -11.44 -0.16 9.98
C PRO A 71 -11.48 1.37 9.84
N THR A 72 -10.42 1.99 10.28
CA THR A 72 -10.23 3.39 10.16
C THR A 72 -8.81 3.70 9.72
N GLU A 73 -7.83 2.98 10.30
CA GLU A 73 -6.46 3.29 10.00
C GLU A 73 -5.65 2.01 9.99
N LEU A 74 -4.95 1.78 8.95
CA LEU A 74 -4.14 0.60 8.84
C LEU A 74 -2.79 1.00 8.32
N SER A 75 -1.75 0.60 9.01
CA SER A 75 -0.42 0.97 8.59
C SER A 75 0.53 -0.23 8.65
N PHE A 76 1.21 -0.49 7.56
CA PHE A 76 2.20 -1.55 7.48
C PHE A 76 3.41 -1.15 6.64
N GLU A 77 4.52 -1.80 6.89
CA GLU A 77 5.79 -1.43 6.32
C GLU A 77 6.30 -2.60 5.53
N TRP A 78 6.67 -2.35 4.33
CA TRP A 78 7.13 -3.38 3.45
C TRP A 78 8.62 -3.12 3.17
N ASP A 79 9.49 -4.05 3.53
CA ASP A 79 10.91 -3.89 3.24
C ASP A 79 11.17 -4.33 1.80
N THR A 80 12.42 -4.29 1.33
CA THR A 80 12.76 -4.52 -0.08
C THR A 80 12.19 -3.31 -0.88
N GLU A 81 12.10 -2.22 -0.11
CA GLU A 81 11.62 -0.93 -0.54
C GLU A 81 10.20 -0.94 -1.07
N GLY A 82 9.33 -1.62 -0.34
CA GLY A 82 7.91 -1.51 -0.65
C GLY A 82 7.38 -0.28 0.05
N TRP A 83 8.14 0.13 1.07
CA TRP A 83 7.96 1.33 1.88
C TRP A 83 6.81 1.22 2.84
N VAL A 84 6.52 2.29 3.54
CA VAL A 84 5.49 2.26 4.50
C VAL A 84 4.22 2.80 3.90
N VAL A 85 3.26 1.95 3.80
CA VAL A 85 2.01 2.30 3.25
C VAL A 85 1.00 2.37 4.35
N THR A 86 0.08 3.24 4.20
CA THR A 86 -0.95 3.39 5.14
C THR A 86 -2.25 3.56 4.40
N PHE A 87 -3.25 2.84 4.82
CA PHE A 87 -4.53 2.97 4.20
C PHE A 87 -5.49 3.43 5.23
N GLN A 88 -6.29 4.34 4.86
CA GLN A 88 -7.27 4.86 5.74
C GLN A 88 -8.62 4.63 5.18
N LEU A 89 -9.55 4.42 6.06
CA LEU A 89 -10.89 4.15 5.68
C LEU A 89 -11.77 5.29 6.12
N GLU A 90 -12.49 5.81 5.20
CA GLU A 90 -13.40 6.87 5.40
C GLU A 90 -14.78 6.35 5.14
N ASP A 91 -15.59 6.36 6.15
CA ASP A 91 -16.92 5.80 6.07
C ASP A 91 -17.87 6.79 5.47
N LEU A 92 -18.47 6.42 4.38
CA LEU A 92 -19.45 7.24 3.73
C LEU A 92 -20.72 6.44 3.61
N GLY A 93 -21.81 7.11 3.50
CA GLY A 93 -23.08 6.44 3.47
C GLY A 93 -23.58 6.20 2.06
N GLU A 94 -22.80 5.46 1.29
CA GLU A 94 -23.11 5.10 -0.11
C GLU A 94 -21.93 4.36 -0.68
N LYS A 95 -20.77 4.82 -0.33
CA LYS A 95 -19.55 4.31 -0.87
C LYS A 95 -18.54 4.36 0.24
N THR A 96 -17.38 3.87 0.01
CA THR A 96 -16.35 3.95 1.00
C THR A 96 -15.22 4.80 0.49
N GLY A 97 -14.78 5.72 1.28
CA GLY A 97 -13.69 6.53 0.92
C GLY A 97 -12.42 5.85 1.38
N PHE A 98 -11.60 5.54 0.48
CA PHE A 98 -10.36 4.93 0.80
C PHE A 98 -9.31 5.98 0.67
N THR A 99 -8.49 6.11 1.65
CA THR A 99 -7.51 7.09 1.62
C THR A 99 -6.17 6.40 1.58
N LEU A 100 -5.41 6.71 0.60
CA LEU A 100 -4.15 6.10 0.44
C LEU A 100 -3.12 7.05 0.92
N ILE A 101 -2.17 6.50 1.55
CA ILE A 101 -1.09 7.20 2.11
C ILE A 101 0.17 6.41 1.77
N HIS A 102 1.09 7.04 1.14
CA HIS A 102 2.35 6.43 0.87
C HIS A 102 3.42 7.26 1.46
N SER A 103 4.23 6.65 2.26
CA SER A 103 5.33 7.30 2.84
C SER A 103 6.46 6.29 2.88
N GLY A 104 7.66 6.74 3.09
CA GLY A 104 8.77 5.84 3.20
C GLY A 104 9.84 6.46 4.02
N TRP A 105 10.50 5.66 4.80
CA TRP A 105 11.53 6.14 5.69
C TRP A 105 12.75 6.53 4.89
N LYS A 106 13.38 7.62 5.26
CA LYS A 106 14.56 8.06 4.55
C LYS A 106 15.76 7.36 5.16
N GLU A 107 15.98 6.17 4.69
CA GLU A 107 17.04 5.33 5.21
C GLU A 107 18.40 5.56 4.50
N PRO A 108 18.52 5.38 3.15
CA PRO A 108 19.81 5.41 2.49
C PRO A 108 20.29 6.81 2.03
N ASN A 109 19.77 7.28 0.91
CA ASN A 109 20.27 8.52 0.28
C ASN A 109 19.23 9.62 0.34
N GLU A 110 19.51 10.71 -0.40
CA GLU A 110 18.58 11.80 -0.57
C GLU A 110 17.35 11.30 -1.30
N VAL A 111 17.59 10.57 -2.39
CA VAL A 111 16.51 9.87 -3.07
C VAL A 111 16.54 8.45 -2.49
N ILE A 112 15.62 7.57 -2.86
CA ILE A 112 15.61 6.24 -2.25
C ILE A 112 16.94 5.50 -2.45
N GLY A 113 17.54 5.64 -3.65
CA GLY A 113 18.87 5.08 -3.92
C GLY A 113 18.92 3.62 -3.64
N LYS A 114 17.94 2.89 -4.13
CA LYS A 114 17.79 1.52 -3.77
C LYS A 114 16.80 0.81 -4.72
N ALA A 115 15.53 1.16 -4.60
CA ALA A 115 14.42 0.46 -5.26
C ALA A 115 14.30 0.68 -6.77
N ASN A 116 14.50 1.88 -7.21
CA ASN A 116 14.18 2.28 -8.58
C ASN A 116 14.90 3.55 -8.83
N GLU A 117 16.00 3.49 -9.50
CA GLU A 117 16.79 4.65 -9.63
C GLU A 117 16.56 5.46 -10.86
N LYS A 118 15.62 6.36 -10.72
CA LYS A 118 15.24 7.32 -11.71
C LYS A 118 14.13 8.16 -11.11
N SER A 119 14.52 9.22 -10.48
CA SER A 119 13.67 10.14 -9.75
C SER A 119 12.43 10.55 -10.54
N SER A 120 12.59 10.81 -11.82
CA SER A 120 11.48 11.26 -12.63
C SER A 120 10.39 10.15 -12.73
N VAL A 121 10.80 8.91 -13.02
CA VAL A 121 9.82 7.84 -13.14
C VAL A 121 9.25 7.49 -11.77
N VAL A 122 10.09 7.59 -10.72
CA VAL A 122 9.63 7.33 -9.35
C VAL A 122 8.56 8.34 -8.95
N ARG A 123 8.83 9.60 -9.21
CA ARG A 123 7.90 10.68 -8.95
C ARG A 123 6.56 10.45 -9.68
N GLY A 124 6.68 10.22 -10.98
CA GLY A 124 5.51 10.00 -11.80
C GLY A 124 4.73 8.78 -11.39
N LYS A 125 5.45 7.74 -11.06
CA LYS A 125 4.84 6.51 -10.63
C LYS A 125 4.19 6.61 -9.27
N MET A 126 4.72 7.41 -8.38
CA MET A 126 4.08 7.58 -7.08
C MET A 126 2.71 8.17 -7.25
N ASP A 127 2.64 9.28 -7.92
CA ASP A 127 1.35 9.95 -8.09
C ASP A 127 0.45 9.22 -9.06
N GLY A 128 0.88 9.11 -10.31
CA GLY A 128 0.07 8.53 -11.36
C GLY A 128 -0.14 7.06 -11.16
N GLY A 129 0.88 6.41 -10.65
CA GLY A 129 0.81 5.00 -10.42
C GLY A 129 -0.14 4.66 -9.34
N TRP A 130 0.03 5.26 -8.16
CA TRP A 130 -0.88 4.97 -7.05
C TRP A 130 -2.29 5.29 -7.36
N THR A 131 -2.53 6.45 -7.96
CA THR A 131 -3.90 6.85 -8.28
C THR A 131 -4.57 5.81 -9.21
N GLY A 132 -3.87 5.44 -10.28
CA GLY A 132 -4.40 4.51 -11.24
C GLY A 132 -4.53 3.11 -10.68
N ILE A 133 -3.48 2.64 -10.02
CA ILE A 133 -3.46 1.30 -9.48
C ILE A 133 -4.47 1.14 -8.37
N VAL A 134 -4.45 2.01 -7.36
CA VAL A 134 -5.32 1.86 -6.20
C VAL A 134 -6.80 1.96 -6.61
N ASN A 135 -7.11 2.83 -7.60
CA ASN A 135 -8.48 2.95 -8.09
C ASN A 135 -8.95 1.64 -8.66
N GLU A 136 -8.32 1.20 -9.73
CA GLU A 136 -8.79 0.04 -10.45
C GLU A 136 -8.56 -1.25 -9.67
N ARG A 137 -7.41 -1.37 -9.03
CA ARG A 137 -7.09 -2.60 -8.31
C ARG A 137 -8.08 -2.84 -7.20
N LEU A 138 -8.29 -1.84 -6.36
CA LEU A 138 -9.19 -2.02 -5.25
C LEU A 138 -10.64 -2.10 -5.72
N ARG A 139 -11.01 -1.25 -6.68
CA ARG A 139 -12.39 -1.24 -7.21
C ARG A 139 -12.71 -2.60 -7.81
N LYS A 140 -11.72 -3.23 -8.43
CA LYS A 140 -11.94 -4.53 -8.98
C LYS A 140 -12.10 -5.54 -7.92
N ALA A 141 -11.28 -5.48 -6.89
CA ALA A 141 -11.33 -6.48 -5.84
C ALA A 141 -12.62 -6.43 -5.06
N VAL A 142 -13.21 -5.26 -4.98
CA VAL A 142 -14.45 -5.10 -4.26
C VAL A 142 -15.68 -5.36 -5.14
N GLU A 143 -15.56 -5.15 -6.45
CA GLU A 143 -16.70 -5.35 -7.36
C GLU A 143 -16.69 -6.72 -8.04
N GLU A 144 -15.51 -7.21 -8.33
CA GLU A 144 -15.36 -8.45 -9.06
C GLU A 144 -14.35 -9.36 -8.35
N LEU A 145 -13.10 -9.03 -8.56
CA LEU A 145 -11.96 -9.72 -8.04
C LEU A 145 -10.79 -8.91 -8.54
N GLU A 146 -9.66 -9.00 -7.89
CA GLU A 146 -8.50 -8.30 -8.37
C GLU A 146 -7.85 -9.12 -9.44
N HIS A 147 -7.02 -8.52 -10.20
CA HIS A 147 -6.31 -9.18 -11.25
C HIS A 147 -5.08 -8.37 -11.55
N HIS A 148 -4.05 -9.04 -12.00
CA HIS A 148 -2.84 -8.35 -12.33
C HIS A 148 -2.99 -7.68 -13.68
N HIS A 149 -3.58 -6.52 -13.65
CA HIS A 149 -3.74 -5.70 -14.83
C HIS A 149 -2.39 -5.36 -15.45
N HIS A 150 -1.56 -4.66 -14.71
CA HIS A 150 -0.24 -4.33 -15.15
C HIS A 150 0.52 -3.82 -13.95
N HIS A 151 1.76 -3.49 -14.14
CA HIS A 151 2.56 -2.94 -13.08
C HIS A 151 2.95 -1.54 -13.49
N HIS A 152 2.70 -0.59 -12.64
CA HIS A 152 3.03 0.76 -12.94
C HIS A 152 4.26 1.11 -12.12
N MET A 1 2.00 18.94 -9.47
CA MET A 1 2.67 19.05 -8.17
C MET A 1 4.16 18.87 -8.36
N ALA A 2 4.93 19.25 -7.37
CA ALA A 2 6.36 19.05 -7.39
C ALA A 2 6.64 17.60 -7.07
N GLN A 3 7.02 16.88 -8.08
CA GLN A 3 7.16 15.46 -8.00
C GLN A 3 8.53 15.07 -7.45
N ASN A 4 9.54 15.80 -7.84
CA ASN A 4 10.89 15.45 -7.47
C ASN A 4 11.31 15.99 -6.15
N ASN A 5 11.12 15.20 -5.15
CA ASN A 5 11.66 15.45 -3.83
C ASN A 5 12.01 14.14 -3.26
N GLU A 6 13.19 14.02 -2.78
CA GLU A 6 13.72 12.77 -2.39
C GLU A 6 14.45 12.84 -1.08
N ASN A 7 13.79 12.35 -0.07
CA ASN A 7 14.35 12.24 1.26
C ASN A 7 14.05 10.83 1.69
N ALA A 8 14.51 9.96 0.86
CA ALA A 8 14.36 8.51 0.98
C ALA A 8 12.89 8.10 0.84
N LEU A 9 12.22 8.80 -0.09
CA LEU A 9 10.80 8.60 -0.45
C LEU A 9 9.80 9.23 0.53
N PRO A 10 9.50 10.53 0.31
CA PRO A 10 8.50 11.23 1.09
C PRO A 10 7.09 10.75 0.70
N ASP A 11 6.20 10.76 1.65
CA ASP A 11 4.85 10.19 1.50
C ASP A 11 4.04 10.81 0.36
N ILE A 12 3.31 9.97 -0.31
CA ILE A 12 2.35 10.38 -1.30
C ILE A 12 1.01 9.84 -0.84
N THR A 13 0.00 10.64 -0.96
CA THR A 13 -1.31 10.26 -0.55
C THR A 13 -2.22 10.29 -1.76
N LYS A 14 -2.93 9.22 -1.99
CA LYS A 14 -3.80 9.12 -3.11
C LYS A 14 -5.12 8.59 -2.63
N SER A 15 -6.17 9.20 -3.02
CA SER A 15 -7.48 8.78 -2.59
C SER A 15 -8.33 8.35 -3.77
N ILE A 16 -9.08 7.29 -3.58
CA ILE A 16 -9.91 6.75 -4.61
C ILE A 16 -11.17 6.16 -3.98
N THR A 17 -12.29 6.44 -4.56
CA THR A 17 -13.54 6.00 -4.04
C THR A 17 -14.06 4.80 -4.83
N LEU A 18 -14.29 3.70 -4.14
CA LEU A 18 -14.68 2.47 -4.79
C LEU A 18 -16.16 2.26 -4.62
N GLU A 19 -16.82 1.84 -5.66
CA GLU A 19 -18.24 1.56 -5.57
C GLU A 19 -18.49 0.12 -5.08
N ALA A 20 -17.98 -0.16 -3.91
CA ALA A 20 -18.13 -1.45 -3.28
C ALA A 20 -18.26 -1.24 -1.80
N PRO A 21 -18.79 -2.23 -1.05
CA PRO A 21 -18.90 -2.14 0.39
C PRO A 21 -17.53 -2.12 1.03
N ILE A 22 -17.45 -1.49 2.19
CA ILE A 22 -16.19 -1.32 2.88
C ILE A 22 -15.52 -2.66 3.20
N GLN A 23 -16.32 -3.68 3.45
CA GLN A 23 -15.79 -5.01 3.78
C GLN A 23 -15.01 -5.62 2.62
N LYS A 24 -15.38 -5.28 1.39
CA LYS A 24 -14.75 -5.86 0.24
C LYS A 24 -13.41 -5.20 -0.03
N VAL A 25 -13.36 -3.91 0.14
CA VAL A 25 -12.12 -3.21 -0.03
C VAL A 25 -11.16 -3.56 1.12
N TRP A 26 -11.72 -3.68 2.32
CA TRP A 26 -10.97 -4.05 3.51
C TRP A 26 -10.27 -5.39 3.36
N GLU A 27 -10.98 -6.42 2.88
CA GLU A 27 -10.33 -7.71 2.67
C GLU A 27 -9.25 -7.57 1.61
N THR A 28 -9.51 -6.80 0.57
CA THR A 28 -8.56 -6.61 -0.49
C THR A 28 -7.23 -5.98 0.03
N VAL A 29 -7.32 -5.16 1.07
CA VAL A 29 -6.13 -4.53 1.62
C VAL A 29 -5.70 -5.10 2.96
N SER A 30 -6.20 -6.28 3.27
CA SER A 30 -5.79 -6.93 4.50
C SER A 30 -5.58 -8.44 4.32
N THR A 31 -5.84 -8.93 3.14
CA THR A 31 -5.60 -10.31 2.83
C THR A 31 -4.24 -10.41 2.14
N SER A 32 -3.54 -11.49 2.38
CA SER A 32 -2.21 -11.71 1.82
C SER A 32 -2.18 -11.54 0.32
N GLU A 33 -3.04 -12.26 -0.35
CA GLU A 33 -3.11 -12.26 -1.80
C GLU A 33 -3.57 -10.89 -2.32
N GLY A 34 -4.52 -10.26 -1.60
CA GLY A 34 -5.02 -8.95 -1.97
C GLY A 34 -3.95 -7.87 -1.84
N ILE A 35 -3.17 -7.95 -0.78
CA ILE A 35 -2.09 -7.02 -0.59
C ILE A 35 -0.97 -7.27 -1.60
N ALA A 36 -0.57 -8.54 -1.74
CA ALA A 36 0.52 -8.93 -2.64
C ALA A 36 0.23 -8.62 -4.11
N LYS A 37 -0.94 -9.09 -4.60
CA LYS A 37 -1.46 -8.90 -5.98
C LYS A 37 -0.40 -8.77 -7.08
N TRP A 38 0.36 -9.85 -7.30
CA TRP A 38 1.41 -9.96 -8.34
C TRP A 38 2.64 -9.04 -8.15
N PHE A 39 2.56 -8.04 -7.29
CA PHE A 39 3.66 -7.11 -7.06
C PHE A 39 4.81 -7.86 -6.41
N MET A 40 4.53 -8.48 -5.30
CA MET A 40 5.50 -9.28 -4.58
C MET A 40 4.72 -10.22 -3.69
N PRO A 41 4.82 -11.54 -3.90
CA PRO A 41 4.09 -12.51 -3.13
C PRO A 41 4.61 -12.66 -1.69
N ASN A 42 4.08 -11.85 -0.82
CA ASN A 42 4.35 -11.93 0.60
C ASN A 42 3.07 -12.31 1.27
N ASP A 43 3.16 -13.08 2.30
CA ASP A 43 1.98 -13.55 2.96
C ASP A 43 1.66 -12.69 4.13
N PHE A 44 1.12 -11.54 3.82
CA PHE A 44 0.67 -10.59 4.80
C PHE A 44 -0.63 -11.07 5.43
N GLN A 45 -0.62 -11.28 6.71
CA GLN A 45 -1.83 -11.65 7.40
C GLN A 45 -2.26 -10.49 8.25
N LEU A 46 -3.53 -10.36 8.49
CA LEU A 46 -4.02 -9.25 9.27
C LEU A 46 -3.72 -9.56 10.74
N LYS A 47 -2.69 -8.93 11.24
CA LYS A 47 -2.33 -8.99 12.62
C LYS A 47 -2.04 -7.59 13.10
N GLU A 48 -2.33 -7.27 14.32
CA GLU A 48 -1.93 -6.00 14.84
C GLU A 48 -0.58 -6.13 15.52
N GLY A 49 0.44 -6.15 14.71
CA GLY A 49 1.75 -6.23 15.25
C GLY A 49 2.46 -7.51 14.86
N GLN A 50 2.40 -7.84 13.59
CA GLN A 50 3.05 -9.05 13.09
C GLN A 50 4.49 -8.69 12.80
N GLU A 51 5.42 -9.48 13.30
CA GLU A 51 6.82 -9.23 13.09
C GLU A 51 7.51 -10.58 13.12
N PHE A 52 8.62 -10.70 12.48
CA PHE A 52 9.34 -11.94 12.44
C PHE A 52 10.62 -11.80 13.21
N HIS A 53 10.71 -12.51 14.30
CA HIS A 53 11.85 -12.37 15.17
C HIS A 53 12.64 -13.66 15.16
N LEU A 54 13.95 -13.54 15.34
CA LEU A 54 14.93 -14.65 15.35
C LEU A 54 15.29 -15.11 13.95
N GLN A 55 14.74 -14.46 12.94
CA GLN A 55 15.03 -14.84 11.57
C GLN A 55 16.13 -13.98 10.99
N SER A 56 16.02 -12.72 11.20
CA SER A 56 16.95 -11.77 10.70
C SER A 56 17.92 -11.35 11.80
N PRO A 57 19.24 -11.65 11.65
CA PRO A 57 20.26 -11.23 12.63
C PRO A 57 20.25 -9.72 12.75
N PHE A 58 20.44 -9.05 11.62
CA PHE A 58 20.37 -7.61 11.50
C PHE A 58 20.65 -7.26 10.05
N GLY A 59 19.80 -6.43 9.48
CA GLY A 59 20.02 -5.98 8.12
C GLY A 59 18.82 -6.28 7.25
N PRO A 60 18.84 -7.40 6.50
CA PRO A 60 17.71 -7.80 5.64
C PRO A 60 16.41 -7.93 6.43
N SER A 61 15.54 -6.99 6.24
CA SER A 61 14.34 -6.91 7.00
C SER A 61 13.14 -7.47 6.22
N PRO A 62 12.29 -8.27 6.89
CA PRO A 62 11.09 -8.85 6.30
C PRO A 62 9.88 -7.89 6.41
N CYS A 63 8.69 -8.42 6.54
CA CYS A 63 7.51 -7.61 6.67
C CYS A 63 7.05 -7.56 8.13
N LYS A 64 6.48 -6.43 8.51
CA LYS A 64 6.00 -6.19 9.85
C LYS A 64 4.73 -5.36 9.75
N VAL A 65 3.72 -5.70 10.48
CA VAL A 65 2.56 -4.87 10.50
C VAL A 65 2.73 -3.86 11.62
N LEU A 66 2.38 -2.62 11.36
CA LEU A 66 2.50 -1.59 12.36
C LEU A 66 1.29 -1.72 13.27
N ALA A 67 0.13 -1.57 12.69
CA ALA A 67 -1.13 -1.65 13.39
C ALA A 67 -2.24 -1.79 12.40
N VAL A 68 -3.29 -2.45 12.80
CA VAL A 68 -4.42 -2.57 11.99
C VAL A 68 -5.65 -2.05 12.74
N GLN A 69 -6.23 -1.06 12.19
CA GLN A 69 -7.39 -0.46 12.77
C GLN A 69 -8.60 -1.06 12.18
N ALA A 70 -9.55 -1.24 13.00
CA ALA A 70 -10.69 -2.06 12.73
C ALA A 70 -11.50 -1.41 11.64
N PRO A 71 -11.71 -2.18 10.53
CA PRO A 71 -12.10 -1.74 9.20
C PRO A 71 -12.12 -0.23 8.97
N THR A 72 -11.03 0.42 9.34
CA THR A 72 -10.86 1.84 9.14
C THR A 72 -9.45 2.20 8.69
N GLU A 73 -8.43 1.51 9.22
CA GLU A 73 -7.08 1.90 8.87
C GLU A 73 -6.18 0.68 8.92
N LEU A 74 -5.19 0.66 8.10
CA LEU A 74 -4.25 -0.41 8.06
C LEU A 74 -2.89 0.17 7.81
N SER A 75 -1.93 -0.26 8.56
CA SER A 75 -0.57 0.24 8.37
C SER A 75 0.47 -0.87 8.55
N PHE A 76 1.38 -1.01 7.59
CA PHE A 76 2.41 -2.02 7.68
C PHE A 76 3.75 -1.51 7.12
N GLU A 77 4.82 -2.08 7.61
CA GLU A 77 6.19 -1.68 7.33
C GLU A 77 6.94 -2.90 6.79
N TRP A 78 7.55 -2.81 5.64
CA TRP A 78 8.23 -3.97 5.10
C TRP A 78 9.52 -3.63 4.35
N ASP A 79 10.40 -4.63 4.31
CA ASP A 79 11.66 -4.63 3.52
C ASP A 79 12.77 -3.79 4.20
N THR A 80 14.01 -4.05 3.81
CA THR A 80 15.18 -3.36 4.32
C THR A 80 15.19 -1.89 3.86
N GLU A 81 14.63 -1.64 2.66
CA GLU A 81 14.58 -0.30 2.10
C GLU A 81 13.57 0.52 2.89
N GLY A 82 12.66 -0.19 3.56
CA GLY A 82 11.74 0.41 4.47
C GLY A 82 10.57 1.08 3.80
N TRP A 83 9.60 0.32 3.41
CA TRP A 83 8.38 0.89 2.89
C TRP A 83 7.30 0.76 3.93
N VAL A 84 6.65 1.85 4.21
CA VAL A 84 5.60 1.87 5.17
C VAL A 84 4.38 2.42 4.50
N VAL A 85 3.40 1.61 4.31
CA VAL A 85 2.21 2.04 3.64
C VAL A 85 1.02 1.94 4.57
N THR A 86 0.08 2.82 4.36
CA THR A 86 -1.10 2.87 5.16
C THR A 86 -2.31 2.89 4.22
N PHE A 87 -3.35 2.20 4.59
CA PHE A 87 -4.58 2.24 3.87
C PHE A 87 -5.61 2.77 4.80
N GLN A 88 -6.48 3.54 4.30
CA GLN A 88 -7.56 4.05 5.07
C GLN A 88 -8.87 3.73 4.40
N LEU A 89 -9.82 3.32 5.21
CA LEU A 89 -11.13 2.93 4.75
C LEU A 89 -12.17 3.87 5.34
N GLU A 90 -12.88 4.52 4.49
CA GLU A 90 -13.93 5.43 4.88
C GLU A 90 -15.26 4.85 4.39
N ASP A 91 -16.13 4.54 5.31
CA ASP A 91 -17.40 3.93 4.99
C ASP A 91 -18.42 4.97 4.58
N LEU A 92 -18.89 4.86 3.38
CA LEU A 92 -19.87 5.75 2.86
C LEU A 92 -21.06 4.94 2.42
N GLY A 93 -22.20 5.55 2.44
CA GLY A 93 -23.41 4.84 2.09
C GLY A 93 -23.70 4.86 0.62
N GLU A 94 -22.70 4.49 -0.16
CA GLU A 94 -22.76 4.54 -1.62
C GLU A 94 -21.47 4.04 -2.20
N LYS A 95 -20.40 4.27 -1.50
CA LYS A 95 -19.08 3.94 -1.98
C LYS A 95 -18.19 3.79 -0.77
N THR A 96 -17.00 3.40 -0.96
CA THR A 96 -16.06 3.35 0.09
C THR A 96 -14.91 4.27 -0.26
N GLY A 97 -14.59 5.15 0.65
CA GLY A 97 -13.51 6.04 0.44
C GLY A 97 -12.21 5.37 0.84
N PHE A 98 -11.42 5.02 -0.11
CA PHE A 98 -10.16 4.38 0.17
C PHE A 98 -9.06 5.40 0.05
N THR A 99 -8.20 5.43 1.01
CA THR A 99 -7.13 6.36 0.94
C THR A 99 -5.83 5.62 1.09
N LEU A 100 -4.97 5.83 0.14
CA LEU A 100 -3.71 5.21 0.14
C LEU A 100 -2.69 6.21 0.52
N ILE A 101 -1.77 5.75 1.26
CA ILE A 101 -0.70 6.54 1.76
C ILE A 101 0.56 5.71 1.57
N HIS A 102 1.52 6.25 0.88
CA HIS A 102 2.75 5.56 0.66
C HIS A 102 3.84 6.39 1.23
N SER A 103 4.47 5.90 2.25
CA SER A 103 5.52 6.61 2.88
C SER A 103 6.67 5.66 3.06
N GLY A 104 7.84 6.19 3.12
CA GLY A 104 8.98 5.37 3.34
C GLY A 104 9.39 5.45 4.78
N TRP A 105 10.28 4.56 5.17
CA TRP A 105 10.85 4.57 6.51
C TRP A 105 11.67 5.84 6.64
N LYS A 106 12.35 6.15 5.54
CA LYS A 106 13.08 7.39 5.31
C LYS A 106 14.26 7.65 6.24
N GLU A 107 15.43 7.29 5.78
CA GLU A 107 16.63 7.76 6.41
C GLU A 107 16.90 9.15 5.82
N PRO A 108 16.95 10.20 6.66
CA PRO A 108 16.99 11.59 6.20
C PRO A 108 18.26 12.00 5.44
N ASN A 109 18.31 11.63 4.18
CA ASN A 109 19.38 12.00 3.28
C ASN A 109 18.83 12.23 1.89
N GLU A 110 18.85 11.20 1.04
CA GLU A 110 18.39 11.34 -0.34
C GLU A 110 17.59 10.13 -0.81
N VAL A 111 18.25 8.99 -0.87
CA VAL A 111 17.67 7.81 -1.49
C VAL A 111 17.54 6.66 -0.48
N ILE A 112 16.60 5.76 -0.74
CA ILE A 112 16.42 4.53 0.04
C ILE A 112 17.66 3.65 -0.03
N GLY A 113 18.26 3.66 -1.19
CA GLY A 113 19.39 2.86 -1.46
C GLY A 113 19.38 2.49 -2.90
N LYS A 114 19.11 1.26 -3.20
CA LYS A 114 19.11 0.77 -4.56
C LYS A 114 17.88 -0.09 -4.84
N ALA A 115 16.75 0.25 -4.17
CA ALA A 115 15.48 -0.46 -4.37
C ALA A 115 14.99 -0.42 -5.82
N ASN A 116 15.45 0.57 -6.56
CA ASN A 116 15.08 0.68 -7.96
C ASN A 116 16.16 1.43 -8.74
N GLU A 117 16.26 2.75 -8.54
CA GLU A 117 17.23 3.56 -9.27
C GLU A 117 17.56 4.87 -8.52
N LYS A 118 16.82 5.92 -8.79
CA LYS A 118 17.05 7.23 -8.20
C LYS A 118 15.80 7.62 -7.46
N SER A 119 15.94 8.14 -6.27
CA SER A 119 14.80 8.45 -5.44
C SER A 119 13.77 9.42 -6.06
N SER A 120 14.24 10.42 -6.79
CA SER A 120 13.34 11.34 -7.45
C SER A 120 12.51 10.66 -8.55
N VAL A 121 13.16 9.86 -9.40
CA VAL A 121 12.43 9.16 -10.46
C VAL A 121 11.54 8.09 -9.86
N VAL A 122 12.00 7.48 -8.77
CA VAL A 122 11.22 6.50 -8.04
C VAL A 122 9.98 7.14 -7.43
N ARG A 123 10.11 8.32 -6.85
CA ARG A 123 8.98 9.01 -6.23
C ARG A 123 7.98 9.36 -7.33
N GLY A 124 8.51 9.79 -8.48
CA GLY A 124 7.71 10.11 -9.64
C GLY A 124 6.91 8.92 -10.11
N LYS A 125 7.57 7.80 -10.21
CA LYS A 125 6.94 6.57 -10.59
C LYS A 125 5.97 6.08 -9.51
N MET A 126 6.28 6.33 -8.26
CA MET A 126 5.40 5.94 -7.16
C MET A 126 4.08 6.66 -7.27
N ASP A 127 4.13 7.96 -7.39
CA ASP A 127 2.90 8.76 -7.53
C ASP A 127 2.08 8.33 -8.74
N GLY A 128 2.71 8.30 -9.90
CA GLY A 128 2.01 7.93 -11.12
C GLY A 128 1.53 6.49 -11.12
N GLY A 129 2.41 5.59 -10.71
CA GLY A 129 2.13 4.18 -10.66
C GLY A 129 1.05 3.87 -9.67
N TRP A 130 1.19 4.38 -8.45
CA TRP A 130 0.21 4.14 -7.41
C TRP A 130 -1.14 4.78 -7.72
N THR A 131 -1.17 5.80 -8.58
CA THR A 131 -2.44 6.33 -9.03
C THR A 131 -3.18 5.26 -9.85
N GLY A 132 -2.50 4.76 -10.88
CA GLY A 132 -3.13 3.78 -11.76
C GLY A 132 -3.36 2.44 -11.10
N ILE A 133 -2.37 1.96 -10.38
CA ILE A 133 -2.44 0.67 -9.71
C ILE A 133 -3.53 0.64 -8.65
N VAL A 134 -3.51 1.62 -7.75
CA VAL A 134 -4.48 1.63 -6.66
C VAL A 134 -5.90 1.78 -7.17
N ASN A 135 -6.07 2.69 -8.11
CA ASN A 135 -7.38 2.97 -8.68
C ASN A 135 -8.02 1.72 -9.25
N GLU A 136 -7.42 1.16 -10.27
CA GLU A 136 -8.07 0.08 -10.97
C GLU A 136 -7.88 -1.26 -10.29
N ARG A 137 -6.75 -1.50 -9.63
CA ARG A 137 -6.56 -2.83 -9.07
C ARG A 137 -7.44 -3.00 -7.83
N LEU A 138 -7.56 -1.97 -7.00
CA LEU A 138 -8.42 -2.08 -5.83
C LEU A 138 -9.87 -2.12 -6.26
N ARG A 139 -10.22 -1.22 -7.15
CA ARG A 139 -11.59 -1.14 -7.61
C ARG A 139 -11.98 -2.45 -8.37
N LYS A 140 -11.05 -3.04 -9.10
CA LYS A 140 -11.31 -4.32 -9.75
C LYS A 140 -11.39 -5.45 -8.77
N ALA A 141 -10.57 -5.42 -7.75
CA ALA A 141 -10.57 -6.49 -6.75
C ALA A 141 -11.88 -6.54 -6.00
N VAL A 142 -12.52 -5.40 -5.90
CA VAL A 142 -13.79 -5.32 -5.22
C VAL A 142 -14.97 -5.52 -6.18
N GLU A 143 -14.76 -5.28 -7.46
CA GLU A 143 -15.84 -5.48 -8.43
C GLU A 143 -15.81 -6.87 -9.03
N GLU A 144 -14.63 -7.43 -9.17
CA GLU A 144 -14.46 -8.70 -9.83
C GLU A 144 -14.86 -9.84 -8.92
N LEU A 145 -16.10 -10.13 -9.05
CA LEU A 145 -16.83 -11.13 -8.37
C LEU A 145 -17.94 -11.35 -9.39
N GLU A 146 -19.12 -11.71 -8.99
CA GLU A 146 -20.18 -11.80 -9.96
C GLU A 146 -20.85 -10.45 -10.15
N HIS A 147 -20.21 -9.60 -10.95
CA HIS A 147 -20.67 -8.27 -11.27
C HIS A 147 -20.22 -7.94 -12.68
N HIS A 148 -21.03 -7.24 -13.42
CA HIS A 148 -20.63 -6.73 -14.71
C HIS A 148 -20.78 -5.22 -14.71
N HIS A 149 -19.68 -4.54 -14.63
CA HIS A 149 -19.71 -3.09 -14.58
C HIS A 149 -19.09 -2.52 -15.80
N HIS A 150 -19.85 -1.73 -16.51
CA HIS A 150 -19.37 -1.08 -17.68
C HIS A 150 -19.06 0.35 -17.33
N HIS A 151 -17.97 0.83 -17.81
CA HIS A 151 -17.48 2.13 -17.46
C HIS A 151 -17.97 3.13 -18.47
N HIS A 152 -17.58 2.91 -19.68
CA HIS A 152 -17.97 3.70 -20.79
C HIS A 152 -17.99 2.78 -21.98
N MET A 1 7.45 21.84 -8.72
CA MET A 1 7.93 21.31 -7.45
C MET A 1 9.37 20.89 -7.60
N ALA A 2 9.98 20.44 -6.49
CA ALA A 2 11.39 20.04 -6.47
C ALA A 2 11.71 19.00 -7.55
N GLN A 3 12.89 19.11 -8.13
CA GLN A 3 13.31 18.21 -9.19
C GLN A 3 13.81 16.91 -8.57
N ASN A 4 14.33 17.03 -7.37
CA ASN A 4 14.77 15.86 -6.62
C ASN A 4 13.59 15.36 -5.81
N ASN A 5 13.82 14.45 -4.91
CA ASN A 5 12.76 13.94 -4.10
C ASN A 5 12.75 14.62 -2.76
N GLU A 6 11.71 14.39 -2.06
CA GLU A 6 11.45 15.04 -0.82
C GLU A 6 11.60 14.08 0.33
N ASN A 7 12.77 14.10 0.95
CA ASN A 7 13.06 13.37 2.22
C ASN A 7 12.86 11.86 2.06
N ALA A 8 13.19 11.40 0.87
CA ALA A 8 13.13 10.00 0.46
C ALA A 8 11.73 9.39 0.61
N LEU A 9 10.82 9.90 -0.20
CA LEU A 9 9.44 9.46 -0.25
C LEU A 9 8.68 9.87 1.01
N PRO A 10 8.07 11.05 0.98
CA PRO A 10 7.34 11.57 2.11
C PRO A 10 5.90 11.09 2.07
N ASP A 11 5.07 11.71 2.86
CA ASP A 11 3.67 11.39 2.95
C ASP A 11 2.94 11.67 1.64
N ILE A 12 2.65 10.62 0.93
CA ILE A 12 1.85 10.73 -0.26
C ILE A 12 0.45 10.37 0.14
N THR A 13 -0.48 11.25 -0.07
CA THR A 13 -1.83 10.99 0.29
C THR A 13 -2.69 10.98 -0.95
N LYS A 14 -3.61 10.08 -0.99
CA LYS A 14 -4.53 9.96 -2.08
C LYS A 14 -5.85 9.49 -1.53
N SER A 15 -6.90 10.11 -1.91
CA SER A 15 -8.20 9.74 -1.43
C SER A 15 -9.06 9.30 -2.60
N ILE A 16 -9.86 8.28 -2.39
CA ILE A 16 -10.72 7.73 -3.41
C ILE A 16 -11.86 6.99 -2.72
N THR A 17 -13.03 7.06 -3.27
CA THR A 17 -14.17 6.42 -2.68
C THR A 17 -14.59 5.19 -3.47
N LEU A 18 -14.74 4.10 -2.77
CA LEU A 18 -15.05 2.83 -3.40
C LEU A 18 -16.49 2.49 -3.20
N GLU A 19 -17.09 1.95 -4.24
CA GLU A 19 -18.48 1.55 -4.28
C GLU A 19 -18.68 0.17 -3.62
N ALA A 20 -18.08 -0.01 -2.47
CA ALA A 20 -18.12 -1.27 -1.77
C ALA A 20 -18.19 -1.00 -0.27
N PRO A 21 -18.67 -1.99 0.54
CA PRO A 21 -18.74 -1.86 1.99
C PRO A 21 -17.34 -1.69 2.57
N ILE A 22 -17.28 -1.04 3.72
CA ILE A 22 -16.02 -0.70 4.35
C ILE A 22 -15.19 -1.93 4.66
N GLN A 23 -15.85 -3.04 4.97
CA GLN A 23 -15.15 -4.27 5.29
C GLN A 23 -14.34 -4.78 4.10
N LYS A 24 -14.90 -4.68 2.90
CA LYS A 24 -14.23 -5.17 1.70
C LYS A 24 -13.06 -4.30 1.35
N VAL A 25 -13.22 -3.01 1.50
CA VAL A 25 -12.15 -2.07 1.18
C VAL A 25 -11.00 -2.24 2.16
N TRP A 26 -11.36 -2.41 3.40
CA TRP A 26 -10.43 -2.59 4.49
C TRP A 26 -9.63 -3.88 4.29
N GLU A 27 -10.32 -4.97 3.96
CA GLU A 27 -9.64 -6.24 3.75
C GLU A 27 -8.81 -6.22 2.45
N THR A 28 -9.23 -5.44 1.48
CA THR A 28 -8.51 -5.30 0.21
C THR A 28 -7.05 -4.85 0.45
N VAL A 29 -6.81 -4.05 1.45
CA VAL A 29 -5.49 -3.57 1.70
C VAL A 29 -4.88 -4.22 2.93
N SER A 30 -5.44 -5.33 3.38
CA SER A 30 -4.94 -6.01 4.56
C SER A 30 -4.89 -7.53 4.39
N THR A 31 -5.30 -8.03 3.25
CA THR A 31 -5.34 -9.46 3.03
C THR A 31 -4.25 -9.90 2.08
N SER A 32 -4.05 -11.21 1.99
CA SER A 32 -3.05 -11.80 1.15
C SER A 32 -3.33 -11.48 -0.30
N GLU A 33 -4.60 -11.61 -0.69
CA GLU A 33 -5.02 -11.37 -2.06
C GLU A 33 -4.90 -9.90 -2.43
N GLY A 34 -5.34 -9.05 -1.54
CA GLY A 34 -5.34 -7.62 -1.81
C GLY A 34 -3.97 -6.99 -1.81
N ILE A 35 -3.17 -7.28 -0.77
CA ILE A 35 -1.85 -6.67 -0.63
C ILE A 35 -0.90 -7.18 -1.70
N ALA A 36 -1.07 -8.46 -2.07
CA ALA A 36 -0.26 -9.07 -3.14
C ALA A 36 -0.31 -8.24 -4.42
N LYS A 37 -1.51 -7.69 -4.73
CA LYS A 37 -1.72 -6.76 -5.85
C LYS A 37 -1.63 -7.45 -7.23
N TRP A 38 -0.49 -8.03 -7.52
CA TRP A 38 -0.25 -8.60 -8.82
C TRP A 38 -0.35 -10.13 -8.70
N PHE A 39 0.01 -10.86 -9.76
CA PHE A 39 -0.24 -12.30 -9.75
C PHE A 39 0.81 -13.14 -9.00
N MET A 40 0.65 -13.14 -7.69
CA MET A 40 1.32 -13.99 -6.72
C MET A 40 0.98 -13.48 -5.34
N PRO A 41 0.31 -14.29 -4.53
CA PRO A 41 -0.06 -13.90 -3.19
C PRO A 41 1.16 -13.86 -2.28
N ASN A 42 1.12 -13.00 -1.29
CA ASN A 42 2.21 -12.91 -0.34
C ASN A 42 1.61 -13.10 1.03
N ASP A 43 2.41 -13.37 2.02
CA ASP A 43 1.90 -13.72 3.34
C ASP A 43 1.55 -12.50 4.18
N PHE A 44 0.58 -11.76 3.72
CA PHE A 44 0.03 -10.68 4.50
C PHE A 44 -1.35 -11.04 4.99
N GLN A 45 -1.59 -10.82 6.25
CA GLN A 45 -2.89 -11.10 6.84
C GLN A 45 -3.24 -9.95 7.78
N LEU A 46 -4.52 -9.66 7.95
CA LEU A 46 -4.93 -8.56 8.79
C LEU A 46 -4.80 -8.99 10.25
N LYS A 47 -3.77 -8.48 10.86
CA LYS A 47 -3.55 -8.62 12.27
C LYS A 47 -3.17 -7.27 12.77
N GLU A 48 -3.54 -6.94 13.96
CA GLU A 48 -3.04 -5.72 14.59
C GLU A 48 -1.63 -5.98 15.14
N GLY A 49 -0.76 -6.44 14.27
CA GLY A 49 0.54 -6.81 14.64
C GLY A 49 0.86 -8.17 14.12
N GLN A 50 0.92 -8.29 12.80
CA GLN A 50 1.26 -9.56 12.18
C GLN A 50 2.67 -9.46 11.80
N GLU A 51 3.51 -10.13 12.50
CA GLU A 51 4.86 -10.14 12.12
C GLU A 51 5.38 -11.54 12.12
N PHE A 52 6.09 -11.84 11.10
CA PHE A 52 6.77 -13.07 10.98
C PHE A 52 8.20 -12.69 10.79
N HIS A 53 9.05 -13.20 11.60
CA HIS A 53 10.38 -12.72 11.60
C HIS A 53 11.31 -13.75 11.03
N LEU A 54 12.24 -13.28 10.27
CA LEU A 54 13.27 -14.05 9.69
C LEU A 54 14.48 -13.17 9.82
N GLN A 55 15.42 -13.59 10.64
CA GLN A 55 16.57 -12.79 10.96
C GLN A 55 17.49 -12.68 9.75
N SER A 56 18.02 -11.47 9.52
CA SER A 56 18.86 -11.13 8.39
C SER A 56 18.05 -11.05 7.08
N PRO A 57 17.52 -9.86 6.74
CA PRO A 57 16.78 -9.66 5.51
C PRO A 57 17.68 -9.81 4.27
N PHE A 58 17.30 -10.70 3.41
CA PHE A 58 18.01 -10.91 2.17
C PHE A 58 16.99 -10.85 1.04
N GLY A 59 16.18 -11.86 0.97
CA GLY A 59 15.09 -11.87 0.04
C GLY A 59 13.84 -11.63 0.81
N PRO A 60 13.23 -12.68 1.38
CA PRO A 60 12.10 -12.54 2.26
C PRO A 60 12.56 -11.79 3.53
N SER A 61 11.93 -10.71 3.79
CA SER A 61 12.26 -9.90 4.91
C SER A 61 11.10 -9.91 5.88
N PRO A 62 11.35 -9.66 7.17
CA PRO A 62 10.29 -9.62 8.17
C PRO A 62 9.27 -8.51 7.88
N CYS A 63 8.15 -8.90 7.31
CA CYS A 63 7.07 -7.99 7.07
C CYS A 63 6.19 -7.97 8.30
N LYS A 64 5.66 -6.83 8.64
CA LYS A 64 4.96 -6.67 9.88
C LYS A 64 3.80 -5.76 9.68
N VAL A 65 2.70 -6.05 10.26
CA VAL A 65 1.67 -5.09 10.33
C VAL A 65 1.90 -4.34 11.61
N LEU A 66 1.92 -3.05 11.54
CA LEU A 66 2.21 -2.24 12.70
C LEU A 66 0.99 -2.23 13.60
N ALA A 67 -0.09 -1.77 13.06
CA ALA A 67 -1.33 -1.68 13.76
C ALA A 67 -2.46 -1.62 12.80
N VAL A 68 -3.53 -2.28 13.10
CA VAL A 68 -4.69 -2.16 12.32
C VAL A 68 -5.78 -1.61 13.21
N GLN A 69 -6.28 -0.51 12.81
CA GLN A 69 -7.29 0.21 13.52
C GLN A 69 -8.62 -0.12 12.96
N ALA A 70 -9.56 -0.20 13.84
CA ALA A 70 -10.84 -0.82 13.58
C ALA A 70 -11.54 0.00 12.56
N PRO A 71 -11.87 -0.67 11.43
CA PRO A 71 -12.07 -0.09 10.12
C PRO A 71 -12.05 1.42 10.02
N THR A 72 -10.89 1.95 10.34
CA THR A 72 -10.60 3.34 10.25
C THR A 72 -9.20 3.55 9.72
N GLU A 73 -8.26 2.72 10.17
CA GLU A 73 -6.89 2.91 9.79
C GLU A 73 -6.15 1.60 9.77
N LEU A 74 -5.21 1.49 8.93
CA LEU A 74 -4.42 0.30 8.82
C LEU A 74 -3.01 0.70 8.45
N SER A 75 -2.05 0.22 9.19
CA SER A 75 -0.67 0.54 8.90
C SER A 75 0.21 -0.72 8.96
N PHE A 76 0.95 -0.95 7.92
CA PHE A 76 1.89 -2.06 7.87
C PHE A 76 3.20 -1.68 7.22
N GLU A 77 4.22 -2.41 7.57
CA GLU A 77 5.58 -2.14 7.16
C GLU A 77 6.08 -3.38 6.45
N TRP A 78 6.56 -3.24 5.25
CA TRP A 78 6.97 -4.40 4.50
C TRP A 78 8.26 -4.18 3.73
N ASP A 79 8.86 -5.31 3.34
CA ASP A 79 10.05 -5.41 2.44
C ASP A 79 11.34 -4.96 3.15
N THR A 80 12.48 -5.34 2.60
CA THR A 80 13.76 -5.00 3.16
C THR A 80 14.09 -3.52 2.95
N GLU A 81 13.48 -2.90 1.94
CA GLU A 81 13.63 -1.48 1.73
C GLU A 81 12.99 -0.70 2.85
N GLY A 82 11.90 -1.24 3.36
CA GLY A 82 11.20 -0.61 4.45
C GLY A 82 10.16 0.36 3.94
N TRP A 83 9.07 -0.17 3.46
CA TRP A 83 8.00 0.68 2.99
C TRP A 83 6.93 0.71 4.05
N VAL A 84 6.51 1.88 4.42
CA VAL A 84 5.51 2.06 5.44
C VAL A 84 4.25 2.60 4.76
N VAL A 85 3.26 1.77 4.66
CA VAL A 85 2.03 2.16 4.03
C VAL A 85 0.93 2.25 5.05
N THR A 86 0.05 3.17 4.85
CA THR A 86 -1.05 3.37 5.73
C THR A 86 -2.32 3.59 4.91
N PHE A 87 -3.38 2.93 5.28
CA PHE A 87 -4.64 3.08 4.61
C PHE A 87 -5.65 3.55 5.61
N GLN A 88 -6.52 4.38 5.19
CA GLN A 88 -7.55 4.91 6.04
C GLN A 88 -8.91 4.66 5.44
N LEU A 89 -9.84 4.32 6.29
CA LEU A 89 -11.18 3.93 5.88
C LEU A 89 -12.22 4.83 6.53
N GLU A 90 -12.97 5.50 5.72
CA GLU A 90 -14.02 6.37 6.16
C GLU A 90 -15.37 5.82 5.74
N ASP A 91 -16.25 5.71 6.70
CA ASP A 91 -17.56 5.13 6.48
C ASP A 91 -18.54 6.17 5.97
N LEU A 92 -19.07 5.90 4.80
CA LEU A 92 -20.10 6.72 4.19
C LEU A 92 -21.28 5.84 3.86
N GLY A 93 -22.45 6.42 3.82
CA GLY A 93 -23.68 5.67 3.59
C GLY A 93 -23.92 5.33 2.13
N GLU A 94 -22.99 4.57 1.56
CA GLU A 94 -23.01 4.11 0.17
C GLU A 94 -21.67 3.53 -0.15
N LYS A 95 -20.67 4.32 0.09
CA LYS A 95 -19.36 4.05 -0.37
C LYS A 95 -18.41 4.10 0.80
N THR A 96 -17.19 3.77 0.56
CA THR A 96 -16.19 3.82 1.56
C THR A 96 -15.09 4.77 1.11
N GLY A 97 -14.73 5.66 1.98
CA GLY A 97 -13.71 6.60 1.71
C GLY A 97 -12.36 6.02 2.03
N PHE A 98 -11.60 5.77 1.06
CA PHE A 98 -10.31 5.19 1.23
C PHE A 98 -9.26 6.25 1.09
N THR A 99 -8.34 6.31 2.01
CA THR A 99 -7.27 7.22 1.89
C THR A 99 -5.99 6.45 1.96
N LEU A 100 -5.17 6.67 1.01
CA LEU A 100 -3.91 6.06 0.94
C LEU A 100 -2.89 7.04 1.36
N ILE A 101 -1.98 6.54 2.09
CA ILE A 101 -0.90 7.28 2.62
C ILE A 101 0.33 6.42 2.42
N HIS A 102 1.31 6.94 1.76
CA HIS A 102 2.52 6.22 1.53
C HIS A 102 3.66 6.98 2.14
N SER A 103 4.49 6.31 2.87
CA SER A 103 5.71 6.87 3.38
C SER A 103 6.77 5.79 3.34
N GLY A 104 7.97 6.13 2.95
CA GLY A 104 9.02 5.15 2.87
C GLY A 104 10.01 5.36 3.99
N TRP A 105 11.14 4.71 3.90
CA TRP A 105 12.16 4.92 4.88
C TRP A 105 12.90 6.22 4.55
N LYS A 106 12.55 7.23 5.30
CA LYS A 106 12.98 8.63 5.14
C LYS A 106 14.49 8.85 4.95
N GLU A 107 15.35 8.12 5.71
CA GLU A 107 16.82 8.34 5.62
C GLU A 107 17.19 9.81 6.00
N PRO A 108 18.46 10.21 5.95
CA PRO A 108 18.85 11.60 6.04
C PRO A 108 19.14 12.14 4.62
N ASN A 109 18.42 11.62 3.64
CA ASN A 109 18.71 11.91 2.24
C ASN A 109 17.44 12.45 1.54
N GLU A 110 17.57 12.91 0.31
CA GLU A 110 16.43 13.47 -0.41
C GLU A 110 15.75 12.40 -1.25
N VAL A 111 16.53 11.56 -1.89
CA VAL A 111 15.98 10.50 -2.71
C VAL A 111 16.23 9.16 -2.01
N ILE A 112 15.34 8.20 -2.24
CA ILE A 112 15.43 6.87 -1.64
C ILE A 112 16.75 6.15 -1.97
N GLY A 113 17.28 6.39 -3.15
CA GLY A 113 18.54 5.80 -3.50
C GLY A 113 18.38 4.70 -4.51
N LYS A 114 18.83 3.51 -4.16
CA LYS A 114 18.79 2.39 -5.08
C LYS A 114 17.61 1.48 -4.75
N ALA A 115 16.73 1.96 -3.87
CA ALA A 115 15.50 1.26 -3.55
C ALA A 115 14.64 1.23 -4.82
N ASN A 116 14.75 2.31 -5.55
CA ASN A 116 14.14 2.51 -6.83
C ASN A 116 14.82 3.71 -7.44
N GLU A 117 15.39 3.54 -8.58
CA GLU A 117 16.16 4.57 -9.23
C GLU A 117 15.32 5.55 -10.05
N LYS A 118 15.96 6.68 -10.41
CA LYS A 118 15.35 7.76 -11.17
C LYS A 118 14.35 8.57 -10.36
N SER A 119 14.86 9.56 -9.65
CA SER A 119 14.09 10.42 -8.78
C SER A 119 12.93 11.12 -9.48
N SER A 120 13.17 11.55 -10.71
CA SER A 120 12.18 12.20 -11.52
C SER A 120 11.07 11.23 -11.92
N VAL A 121 11.47 10.01 -12.22
CA VAL A 121 10.52 8.98 -12.57
C VAL A 121 9.74 8.58 -11.34
N VAL A 122 10.44 8.39 -10.22
CA VAL A 122 9.82 8.09 -8.94
C VAL A 122 8.81 9.17 -8.57
N ARG A 123 9.13 10.40 -8.90
CA ARG A 123 8.25 11.55 -8.68
C ARG A 123 6.90 11.33 -9.39
N GLY A 124 6.97 11.14 -10.69
CA GLY A 124 5.77 10.96 -11.48
C GLY A 124 5.05 9.68 -11.15
N LYS A 125 5.80 8.64 -11.00
CA LYS A 125 5.27 7.35 -10.72
C LYS A 125 4.60 7.28 -9.34
N MET A 126 5.16 7.93 -8.34
CA MET A 126 4.52 7.89 -7.02
C MET A 126 3.28 8.75 -7.02
N ASP A 127 3.39 9.93 -7.57
CA ASP A 127 2.28 10.87 -7.61
C ASP A 127 1.15 10.39 -8.53
N GLY A 128 1.46 10.28 -9.80
CA GLY A 128 0.48 9.91 -10.78
C GLY A 128 0.16 8.44 -10.73
N GLY A 129 1.16 7.64 -10.41
CA GLY A 129 0.98 6.21 -10.34
C GLY A 129 0.06 5.82 -9.23
N TRP A 130 0.31 6.33 -8.02
CA TRP A 130 -0.57 6.01 -6.91
C TRP A 130 -1.96 6.57 -7.12
N THR A 131 -2.07 7.68 -7.82
CA THR A 131 -3.37 8.20 -8.19
C THR A 131 -4.16 7.16 -9.03
N GLY A 132 -3.58 6.74 -10.14
CA GLY A 132 -4.24 5.83 -11.06
C GLY A 132 -4.38 4.42 -10.54
N ILE A 133 -3.29 3.88 -10.00
CA ILE A 133 -3.26 2.52 -9.50
C ILE A 133 -4.24 2.34 -8.36
N VAL A 134 -4.17 3.21 -7.35
CA VAL A 134 -5.08 3.12 -6.23
C VAL A 134 -6.53 3.24 -6.67
N ASN A 135 -6.81 4.19 -7.56
CA ASN A 135 -8.18 4.38 -8.05
C ASN A 135 -8.75 3.09 -8.66
N GLU A 136 -8.10 2.59 -9.69
CA GLU A 136 -8.63 1.45 -10.39
C GLU A 136 -8.42 0.13 -9.65
N ARG A 137 -7.21 -0.12 -9.15
CA ARG A 137 -6.91 -1.40 -8.51
C ARG A 137 -7.74 -1.62 -7.26
N LEU A 138 -7.94 -0.57 -6.48
CA LEU A 138 -8.78 -0.67 -5.30
C LEU A 138 -10.23 -0.91 -5.70
N ARG A 139 -10.72 -0.07 -6.61
CA ARG A 139 -12.10 -0.17 -7.07
C ARG A 139 -12.33 -1.54 -7.75
N LYS A 140 -11.32 -2.06 -8.39
CA LYS A 140 -11.41 -3.38 -9.01
C LYS A 140 -11.32 -4.50 -8.02
N ALA A 141 -10.46 -4.39 -7.02
CA ALA A 141 -10.29 -5.44 -6.02
C ALA A 141 -11.54 -5.62 -5.19
N VAL A 142 -12.35 -4.58 -5.13
CA VAL A 142 -13.61 -4.68 -4.46
C VAL A 142 -14.75 -5.13 -5.40
N GLU A 143 -14.69 -4.71 -6.66
CA GLU A 143 -15.75 -5.05 -7.62
C GLU A 143 -15.58 -6.42 -8.25
N GLU A 144 -14.35 -6.83 -8.40
CA GLU A 144 -14.04 -8.09 -9.03
C GLU A 144 -12.92 -8.77 -8.30
N LEU A 145 -13.26 -9.79 -7.58
CA LEU A 145 -12.30 -10.58 -6.87
C LEU A 145 -11.81 -11.69 -7.78
N GLU A 146 -10.67 -12.24 -7.50
CA GLU A 146 -10.11 -13.28 -8.32
C GLU A 146 -10.81 -14.58 -8.06
N HIS A 147 -11.49 -15.07 -9.07
CA HIS A 147 -12.24 -16.32 -8.99
C HIS A 147 -11.31 -17.52 -8.89
N HIS A 148 -10.17 -17.42 -9.53
CA HIS A 148 -9.14 -18.43 -9.45
C HIS A 148 -7.83 -17.75 -9.72
N HIS A 149 -6.74 -18.48 -9.59
CA HIS A 149 -5.43 -17.96 -9.93
C HIS A 149 -5.33 -17.77 -11.45
N HIS A 150 -5.67 -16.58 -11.89
CA HIS A 150 -5.75 -16.25 -13.29
C HIS A 150 -4.41 -15.72 -13.75
N HIS A 151 -3.79 -16.41 -14.68
CA HIS A 151 -2.49 -15.99 -15.16
C HIS A 151 -2.68 -14.90 -16.20
N HIS A 152 -1.76 -13.96 -16.18
CA HIS A 152 -1.78 -12.84 -17.09
C HIS A 152 -1.04 -13.19 -18.39
N MET A 1 -2.81 18.24 -10.12
CA MET A 1 -2.49 16.83 -10.34
C MET A 1 -1.05 16.48 -9.94
N ALA A 2 -0.12 17.41 -10.10
CA ALA A 2 1.26 17.12 -9.81
C ALA A 2 1.88 18.17 -8.91
N GLN A 3 1.70 18.02 -7.64
CA GLN A 3 2.27 18.92 -6.66
C GLN A 3 3.53 18.31 -6.08
N ASN A 4 3.56 16.98 -6.07
CA ASN A 4 4.69 16.25 -5.53
C ASN A 4 5.90 16.45 -6.41
N ASN A 5 6.94 16.96 -5.84
CA ASN A 5 8.20 17.11 -6.51
C ASN A 5 9.18 16.30 -5.73
N GLU A 6 9.71 15.28 -6.34
CA GLU A 6 10.47 14.34 -5.68
C GLU A 6 11.72 14.10 -6.47
N ASN A 7 12.41 13.13 -6.05
CA ASN A 7 13.71 12.70 -6.55
C ASN A 7 14.02 11.45 -5.78
N ALA A 8 13.59 11.49 -4.56
CA ALA A 8 13.53 10.36 -3.68
C ALA A 8 12.10 10.34 -3.20
N LEU A 9 11.70 9.40 -2.39
CA LEU A 9 10.31 9.34 -2.01
C LEU A 9 10.04 9.94 -0.63
N PRO A 10 9.05 10.83 -0.53
CA PRO A 10 8.58 11.39 0.72
C PRO A 10 7.34 10.64 1.21
N ASP A 11 6.58 11.26 2.09
CA ASP A 11 5.31 10.71 2.52
C ASP A 11 4.25 11.05 1.48
N ILE A 12 4.00 10.10 0.63
CA ILE A 12 3.14 10.28 -0.51
C ILE A 12 1.73 9.88 -0.12
N THR A 13 0.79 10.73 -0.37
CA THR A 13 -0.55 10.41 -0.04
C THR A 13 -1.44 10.42 -1.28
N LYS A 14 -2.33 9.47 -1.34
CA LYS A 14 -3.30 9.30 -2.40
C LYS A 14 -4.64 8.96 -1.76
N SER A 15 -5.72 9.40 -2.30
CA SER A 15 -7.01 9.09 -1.75
C SER A 15 -7.95 8.55 -2.82
N ILE A 16 -8.68 7.50 -2.50
CA ILE A 16 -9.57 6.85 -3.45
C ILE A 16 -10.76 6.21 -2.72
N THR A 17 -11.94 6.29 -3.31
CA THR A 17 -13.13 5.72 -2.72
C THR A 17 -13.49 4.38 -3.34
N LEU A 18 -13.83 3.43 -2.51
CA LEU A 18 -14.18 2.08 -2.93
C LEU A 18 -15.67 1.89 -2.85
N GLU A 19 -16.23 1.20 -3.84
CA GLU A 19 -17.68 0.96 -3.90
C GLU A 19 -18.05 -0.30 -3.08
N ALA A 20 -17.35 -0.52 -2.00
CA ALA A 20 -17.50 -1.72 -1.21
C ALA A 20 -17.57 -1.34 0.26
N PRO A 21 -18.03 -2.26 1.15
CA PRO A 21 -18.05 -2.01 2.58
C PRO A 21 -16.66 -1.89 3.15
N ILE A 22 -16.54 -1.15 4.22
CA ILE A 22 -15.26 -0.83 4.82
C ILE A 22 -14.46 -2.09 5.20
N GLN A 23 -15.14 -3.16 5.59
CA GLN A 23 -14.44 -4.39 5.99
C GLN A 23 -13.83 -5.10 4.77
N LYS A 24 -14.44 -4.91 3.61
CA LYS A 24 -13.99 -5.57 2.40
C LYS A 24 -12.78 -4.80 1.87
N VAL A 25 -12.78 -3.52 2.09
CA VAL A 25 -11.63 -2.70 1.73
C VAL A 25 -10.50 -3.02 2.67
N TRP A 26 -10.86 -3.17 3.93
CA TRP A 26 -9.94 -3.51 4.98
C TRP A 26 -9.28 -4.86 4.72
N GLU A 27 -10.06 -5.88 4.36
CA GLU A 27 -9.49 -7.19 4.05
C GLU A 27 -8.51 -7.04 2.89
N THR A 28 -8.86 -6.18 1.94
CA THR A 28 -8.04 -5.95 0.79
C THR A 28 -6.67 -5.27 1.15
N VAL A 29 -6.49 -4.88 2.40
CA VAL A 29 -5.24 -4.31 2.84
C VAL A 29 -4.77 -4.96 4.15
N SER A 30 -5.33 -6.13 4.48
CA SER A 30 -4.97 -6.86 5.69
C SER A 30 -5.03 -8.40 5.45
N THR A 31 -5.20 -8.83 4.19
CA THR A 31 -5.17 -10.25 3.85
C THR A 31 -3.93 -10.54 3.05
N SER A 32 -3.78 -11.79 2.63
CA SER A 32 -2.64 -12.23 1.86
C SER A 32 -2.46 -11.43 0.60
N GLU A 33 -3.46 -11.50 -0.27
CA GLU A 33 -3.42 -10.89 -1.58
C GLU A 33 -3.39 -9.38 -1.47
N GLY A 34 -4.03 -8.86 -0.42
CA GLY A 34 -4.08 -7.44 -0.24
C GLY A 34 -2.75 -6.86 0.20
N ILE A 35 -2.17 -7.47 1.20
CA ILE A 35 -0.86 -7.06 1.75
C ILE A 35 0.27 -7.33 0.76
N ALA A 36 0.12 -8.41 0.00
CA ALA A 36 1.03 -8.75 -1.09
C ALA A 36 1.21 -7.59 -2.08
N LYS A 37 0.16 -6.75 -2.22
CA LYS A 37 0.13 -5.57 -3.11
C LYS A 37 -0.13 -5.98 -4.54
N TRP A 38 0.73 -6.83 -5.03
CA TRP A 38 0.66 -7.34 -6.35
C TRP A 38 0.62 -8.86 -6.21
N PHE A 39 0.29 -9.56 -7.26
CA PHE A 39 0.09 -11.00 -7.21
C PHE A 39 1.41 -11.75 -7.02
N MET A 40 1.73 -12.01 -5.78
CA MET A 40 2.89 -12.76 -5.33
C MET A 40 2.59 -13.29 -3.96
N PRO A 41 2.96 -14.54 -3.64
CA PRO A 41 2.77 -15.08 -2.30
C PRO A 41 3.63 -14.33 -1.29
N ASN A 42 3.01 -13.41 -0.60
CA ASN A 42 3.68 -12.64 0.42
C ASN A 42 3.29 -13.24 1.75
N ASP A 43 4.14 -13.12 2.70
CA ASP A 43 3.93 -13.72 3.99
C ASP A 43 3.20 -12.74 4.89
N PHE A 44 1.94 -12.53 4.56
CA PHE A 44 1.05 -11.68 5.32
C PHE A 44 0.93 -12.17 6.76
N GLN A 45 0.96 -11.27 7.68
CA GLN A 45 0.72 -11.57 9.04
C GLN A 45 -0.11 -10.44 9.58
N LEU A 46 -1.27 -10.71 10.11
CA LEU A 46 -2.03 -9.62 10.69
C LEU A 46 -1.70 -9.63 12.19
N LYS A 47 -0.86 -8.73 12.59
CA LYS A 47 -0.50 -8.53 13.98
C LYS A 47 -0.52 -7.05 14.22
N GLU A 48 -0.90 -6.62 15.36
CA GLU A 48 -0.75 -5.21 15.67
C GLU A 48 0.66 -4.95 16.23
N GLY A 49 1.62 -5.23 15.39
CA GLY A 49 2.97 -5.10 15.75
C GLY A 49 3.69 -6.40 15.56
N GLN A 50 4.20 -6.59 14.37
CA GLN A 50 4.88 -7.81 14.02
C GLN A 50 6.36 -7.47 14.01
N GLU A 51 7.12 -8.16 14.79
CA GLU A 51 8.53 -7.93 14.88
C GLU A 51 9.27 -9.25 14.75
N PHE A 52 10.48 -9.18 14.27
CA PHE A 52 11.24 -10.39 14.10
C PHE A 52 12.14 -10.62 15.28
N HIS A 53 11.98 -11.77 15.84
CA HIS A 53 12.74 -12.23 16.96
C HIS A 53 12.98 -13.69 16.73
N LEU A 54 14.00 -14.25 17.32
CA LEU A 54 14.32 -15.63 17.04
C LEU A 54 13.51 -16.62 17.85
N GLN A 55 12.26 -16.68 17.48
CA GLN A 55 11.28 -17.65 17.92
C GLN A 55 10.45 -18.03 16.70
N SER A 56 10.92 -17.54 15.58
CA SER A 56 10.31 -17.71 14.29
C SER A 56 11.47 -17.84 13.31
N PRO A 57 11.34 -18.55 12.19
CA PRO A 57 12.39 -18.63 11.19
C PRO A 57 12.64 -17.25 10.57
N PHE A 58 11.71 -16.80 9.75
CA PHE A 58 11.72 -15.52 9.10
C PHE A 58 10.47 -15.42 8.25
N GLY A 59 10.30 -14.32 7.60
CA GLY A 59 9.20 -14.17 6.70
C GLY A 59 9.72 -14.26 5.29
N PRO A 60 9.19 -15.20 4.45
CA PRO A 60 9.59 -15.36 3.03
C PRO A 60 9.62 -14.02 2.30
N SER A 61 8.70 -13.19 2.65
CA SER A 61 8.68 -11.85 2.21
C SER A 61 8.68 -11.00 3.47
N PRO A 62 9.78 -10.25 3.71
CA PRO A 62 9.95 -9.46 4.93
C PRO A 62 8.86 -8.41 5.11
N CYS A 63 7.94 -8.69 6.00
CA CYS A 63 6.90 -7.76 6.33
C CYS A 63 6.70 -7.73 7.84
N LYS A 64 6.44 -6.56 8.33
CA LYS A 64 6.21 -6.30 9.73
C LYS A 64 5.03 -5.37 9.82
N VAL A 65 4.08 -5.63 10.64
CA VAL A 65 3.02 -4.69 10.80
C VAL A 65 3.41 -3.76 11.91
N LEU A 66 3.24 -2.49 11.70
CA LEU A 66 3.58 -1.52 12.73
C LEU A 66 2.49 -1.59 13.78
N ALA A 67 1.26 -1.51 13.31
CA ALA A 67 0.08 -1.59 14.14
C ALA A 67 -1.12 -1.80 13.22
N VAL A 68 -2.08 -2.58 13.66
CA VAL A 68 -3.26 -2.78 12.90
C VAL A 68 -4.47 -2.35 13.72
N GLN A 69 -5.23 -1.45 13.18
CA GLN A 69 -6.41 -0.92 13.81
C GLN A 69 -7.64 -1.47 13.18
N ALA A 70 -8.59 -1.71 14.02
CA ALA A 70 -9.74 -2.52 13.72
C ALA A 70 -10.57 -1.84 12.68
N PRO A 71 -10.81 -2.59 11.58
CA PRO A 71 -11.21 -2.14 10.27
C PRO A 71 -11.40 -0.64 10.09
N THR A 72 -10.35 0.12 10.40
CA THR A 72 -10.30 1.54 10.17
C THR A 72 -8.91 2.04 9.82
N GLU A 73 -7.85 1.43 10.38
CA GLU A 73 -6.52 1.96 10.13
C GLU A 73 -5.49 0.85 10.09
N LEU A 74 -4.57 0.93 9.19
CA LEU A 74 -3.57 -0.09 9.02
C LEU A 74 -2.22 0.56 8.75
N SER A 75 -1.20 0.06 9.38
CA SER A 75 0.17 0.54 9.14
C SER A 75 1.15 -0.64 9.14
N PHE A 76 1.93 -0.79 8.08
CA PHE A 76 2.88 -1.90 7.97
C PHE A 76 4.15 -1.53 7.23
N GLU A 77 5.19 -2.28 7.47
CA GLU A 77 6.54 -2.07 7.00
C GLU A 77 6.81 -3.30 6.18
N TRP A 78 7.32 -3.15 4.99
CA TRP A 78 7.39 -4.27 4.11
C TRP A 78 8.49 -4.20 3.07
N ASP A 79 8.73 -5.37 2.52
CA ASP A 79 9.58 -5.66 1.37
C ASP A 79 11.08 -5.55 1.71
N THR A 80 11.90 -5.54 0.71
CA THR A 80 13.32 -5.64 0.81
C THR A 80 13.97 -4.31 1.23
N GLU A 81 13.67 -3.25 0.48
CA GLU A 81 14.29 -1.94 0.73
C GLU A 81 13.84 -1.31 2.04
N GLY A 82 12.72 -1.77 2.56
CA GLY A 82 12.21 -1.22 3.78
C GLY A 82 11.31 -0.05 3.51
N TRP A 83 10.12 -0.35 3.08
CA TRP A 83 9.13 0.66 2.82
C TRP A 83 8.08 0.53 3.90
N VAL A 84 7.38 1.59 4.19
CA VAL A 84 6.37 1.55 5.21
C VAL A 84 5.13 2.31 4.73
N VAL A 85 4.02 1.65 4.73
CA VAL A 85 2.81 2.28 4.26
C VAL A 85 1.76 2.32 5.32
N THR A 86 0.87 3.25 5.18
CA THR A 86 -0.23 3.39 6.06
C THR A 86 -1.50 3.52 5.23
N PHE A 87 -2.55 2.85 5.64
CA PHE A 87 -3.82 2.95 4.99
C PHE A 87 -4.81 3.46 5.99
N GLN A 88 -5.56 4.41 5.58
CA GLN A 88 -6.60 4.95 6.43
C GLN A 88 -7.94 4.77 5.77
N LEU A 89 -8.88 4.30 6.51
CA LEU A 89 -10.19 4.03 5.97
C LEU A 89 -11.23 4.93 6.59
N GLU A 90 -11.86 5.70 5.76
CA GLU A 90 -12.89 6.62 6.15
C GLU A 90 -14.21 6.00 5.78
N ASP A 91 -15.08 5.86 6.72
CA ASP A 91 -16.36 5.29 6.44
C ASP A 91 -17.28 6.35 5.87
N LEU A 92 -17.89 6.06 4.76
CA LEU A 92 -18.87 6.91 4.16
C LEU A 92 -20.15 6.11 4.04
N GLY A 93 -21.25 6.79 3.93
CA GLY A 93 -22.56 6.15 3.93
C GLY A 93 -22.94 5.56 2.58
N GLU A 94 -22.03 4.81 1.97
CA GLU A 94 -22.21 4.17 0.67
C GLU A 94 -20.91 3.55 0.23
N LYS A 95 -19.83 4.25 0.45
CA LYS A 95 -18.56 3.84 -0.04
C LYS A 95 -17.54 3.99 1.07
N THR A 96 -16.35 3.56 0.81
CA THR A 96 -15.31 3.67 1.77
C THR A 96 -14.22 4.56 1.20
N GLY A 97 -13.83 5.55 1.95
CA GLY A 97 -12.80 6.44 1.54
C GLY A 97 -11.45 5.93 1.99
N PHE A 98 -10.68 5.45 1.09
CA PHE A 98 -9.40 4.86 1.40
C PHE A 98 -8.32 5.88 1.20
N THR A 99 -7.45 5.97 2.15
CA THR A 99 -6.41 6.92 2.10
C THR A 99 -5.10 6.19 2.12
N LEU A 100 -4.32 6.40 1.13
CA LEU A 100 -3.06 5.79 1.01
C LEU A 100 -2.00 6.75 1.41
N ILE A 101 -1.07 6.21 2.11
CA ILE A 101 0.08 6.91 2.62
C ILE A 101 1.31 6.04 2.39
N HIS A 102 2.29 6.56 1.74
CA HIS A 102 3.52 5.84 1.50
C HIS A 102 4.64 6.58 2.18
N SER A 103 5.39 5.88 2.94
CA SER A 103 6.55 6.39 3.59
C SER A 103 7.62 5.30 3.54
N GLY A 104 8.84 5.64 3.80
CA GLY A 104 9.89 4.66 3.79
C GLY A 104 11.10 5.17 4.47
N TRP A 105 12.04 4.30 4.75
CA TRP A 105 13.23 4.71 5.45
C TRP A 105 14.33 5.19 4.51
N LYS A 106 13.98 6.21 3.78
CA LYS A 106 14.85 6.91 2.86
C LYS A 106 14.42 8.35 2.99
N GLU A 107 15.32 9.28 2.83
CA GLU A 107 14.96 10.68 2.94
C GLU A 107 14.32 11.16 1.63
N PRO A 108 13.47 12.22 1.68
CA PRO A 108 12.89 12.82 0.45
C PRO A 108 13.97 13.53 -0.35
N ASN A 109 14.96 14.02 0.36
CA ASN A 109 16.09 14.69 -0.21
C ASN A 109 17.09 13.62 -0.63
N GLU A 110 18.00 13.98 -1.55
CA GLU A 110 18.96 13.08 -2.15
C GLU A 110 18.19 12.14 -3.07
N VAL A 111 18.77 11.05 -3.38
CA VAL A 111 18.11 10.08 -4.15
C VAL A 111 18.31 8.74 -3.46
N ILE A 112 17.41 7.82 -3.71
CA ILE A 112 17.45 6.50 -3.11
C ILE A 112 18.75 5.73 -3.44
N GLY A 113 19.32 5.99 -4.60
CA GLY A 113 20.54 5.29 -5.00
C GLY A 113 20.18 4.07 -5.79
N LYS A 114 19.19 4.26 -6.64
CA LYS A 114 18.57 3.25 -7.48
C LYS A 114 18.27 1.97 -6.69
N ALA A 115 17.57 2.16 -5.57
CA ALA A 115 17.08 1.04 -4.76
C ALA A 115 15.93 0.38 -5.51
N ASN A 116 15.39 1.14 -6.41
CA ASN A 116 14.31 0.73 -7.25
C ASN A 116 14.62 1.09 -8.69
N GLU A 117 14.57 2.38 -9.00
CA GLU A 117 14.85 2.89 -10.34
C GLU A 117 15.45 4.29 -10.21
N LYS A 118 15.59 4.97 -11.34
CA LYS A 118 16.10 6.34 -11.38
C LYS A 118 15.16 7.28 -10.66
N SER A 119 15.69 8.40 -10.22
CA SER A 119 14.96 9.42 -9.49
C SER A 119 13.73 9.94 -10.26
N SER A 120 13.93 10.28 -11.52
CA SER A 120 12.89 10.79 -12.38
C SER A 120 11.80 9.74 -12.58
N VAL A 121 12.22 8.52 -12.84
CA VAL A 121 11.33 7.41 -13.05
C VAL A 121 10.56 7.11 -11.78
N VAL A 122 11.28 7.04 -10.67
CA VAL A 122 10.67 6.81 -9.37
C VAL A 122 9.62 7.87 -9.07
N ARG A 123 9.93 9.09 -9.40
CA ARG A 123 9.03 10.21 -9.15
C ARG A 123 7.73 10.05 -9.94
N GLY A 124 7.86 9.84 -11.24
CA GLY A 124 6.71 9.67 -12.09
C GLY A 124 5.91 8.47 -11.74
N LYS A 125 6.61 7.39 -11.49
CA LYS A 125 6.00 6.14 -11.16
C LYS A 125 5.34 6.17 -9.78
N MET A 126 5.87 6.91 -8.86
CA MET A 126 5.24 7.02 -7.56
C MET A 126 3.91 7.73 -7.66
N ASP A 127 3.88 8.83 -8.35
CA ASP A 127 2.64 9.57 -8.48
C ASP A 127 1.65 8.85 -9.38
N GLY A 128 2.05 8.60 -10.62
CA GLY A 128 1.15 7.98 -11.57
C GLY A 128 0.86 6.54 -11.21
N GLY A 129 1.89 5.82 -10.83
CA GLY A 129 1.78 4.44 -10.48
C GLY A 129 0.89 4.23 -9.29
N TRP A 130 1.17 4.90 -8.17
CA TRP A 130 0.34 4.73 -6.98
C TRP A 130 -1.09 5.10 -7.20
N THR A 131 -1.34 6.20 -7.90
CA THR A 131 -2.69 6.63 -8.15
C THR A 131 -3.46 5.55 -8.95
N GLY A 132 -2.84 5.04 -10.00
CA GLY A 132 -3.49 4.04 -10.82
C GLY A 132 -3.61 2.69 -10.12
N ILE A 133 -2.51 2.24 -9.53
CA ILE A 133 -2.45 0.95 -8.86
C ILE A 133 -3.37 0.89 -7.65
N VAL A 134 -3.34 1.92 -6.79
CA VAL A 134 -4.18 1.90 -5.61
C VAL A 134 -5.65 1.97 -6.03
N ASN A 135 -5.94 2.80 -7.03
CA ASN A 135 -7.28 2.96 -7.56
C ASN A 135 -7.82 1.65 -8.05
N GLU A 136 -7.20 1.11 -9.07
CA GLU A 136 -7.71 -0.07 -9.72
C GLU A 136 -7.58 -1.32 -8.88
N ARG A 137 -6.40 -1.58 -8.32
CA ARG A 137 -6.18 -2.85 -7.66
C ARG A 137 -6.99 -2.95 -6.38
N LEU A 138 -7.18 -1.84 -5.68
CA LEU A 138 -8.07 -1.88 -4.52
C LEU A 138 -9.52 -2.04 -4.97
N ARG A 139 -9.91 -1.22 -5.92
CA ARG A 139 -11.31 -1.18 -6.44
C ARG A 139 -11.70 -2.54 -7.02
N LYS A 140 -10.80 -3.18 -7.72
CA LYS A 140 -11.08 -4.47 -8.27
C LYS A 140 -11.06 -5.55 -7.25
N ALA A 141 -10.17 -5.46 -6.29
CA ALA A 141 -10.11 -6.50 -5.29
C ALA A 141 -11.31 -6.41 -4.36
N VAL A 142 -11.86 -5.23 -4.19
CA VAL A 142 -13.04 -5.09 -3.38
C VAL A 142 -14.28 -5.51 -4.18
N GLU A 143 -14.20 -5.43 -5.50
CA GLU A 143 -15.26 -5.91 -6.34
C GLU A 143 -15.07 -7.39 -6.63
N GLU A 144 -14.32 -7.66 -7.66
CA GLU A 144 -14.10 -8.97 -8.23
C GLU A 144 -12.68 -9.03 -8.68
N LEU A 145 -11.87 -9.76 -7.96
CA LEU A 145 -10.45 -9.83 -8.24
C LEU A 145 -10.19 -10.55 -9.55
N GLU A 146 -9.84 -9.79 -10.54
CA GLU A 146 -9.60 -10.25 -11.88
C GLU A 146 -8.74 -9.22 -12.54
N HIS A 147 -8.25 -9.51 -13.72
CA HIS A 147 -7.53 -8.53 -14.48
C HIS A 147 -8.56 -7.78 -15.32
N HIS A 148 -8.90 -6.61 -14.89
CA HIS A 148 -9.93 -5.80 -15.54
C HIS A 148 -9.28 -4.48 -15.96
N HIS A 149 -7.99 -4.53 -16.18
CA HIS A 149 -7.23 -3.37 -16.53
C HIS A 149 -7.47 -2.97 -17.97
N HIS A 150 -8.27 -1.95 -18.16
CA HIS A 150 -8.53 -1.43 -19.48
C HIS A 150 -7.92 -0.06 -19.60
N HIS A 151 -6.80 0.02 -20.27
CA HIS A 151 -6.12 1.28 -20.41
C HIS A 151 -6.35 1.87 -21.78
N HIS A 152 -5.86 1.22 -22.81
CA HIS A 152 -5.99 1.74 -24.16
C HIS A 152 -5.56 0.66 -25.13
N MET A 1 21.68 13.03 -11.80
CA MET A 1 20.61 12.83 -12.78
C MET A 1 19.31 13.41 -12.28
N ALA A 2 19.02 13.24 -11.01
CA ALA A 2 17.83 13.78 -10.45
C ALA A 2 17.99 15.27 -10.25
N GLN A 3 17.37 16.03 -11.12
CA GLN A 3 17.42 17.46 -11.12
C GLN A 3 16.60 18.02 -9.96
N ASN A 4 15.60 17.28 -9.58
CA ASN A 4 14.69 17.62 -8.52
C ASN A 4 14.05 16.32 -8.06
N ASN A 5 13.31 16.36 -6.96
CA ASN A 5 12.58 15.19 -6.43
C ASN A 5 13.52 14.11 -5.92
N GLU A 6 14.54 14.57 -5.22
CA GLU A 6 15.55 13.71 -4.60
C GLU A 6 15.12 13.45 -3.18
N ASN A 7 13.85 13.38 -3.03
CA ASN A 7 13.19 13.18 -1.80
C ASN A 7 12.63 11.81 -1.88
N ALA A 8 13.55 10.94 -1.61
CA ALA A 8 13.36 9.50 -1.51
C ALA A 8 12.00 9.14 -0.96
N LEU A 9 11.11 8.76 -1.88
CA LEU A 9 9.75 8.35 -1.60
C LEU A 9 8.97 9.31 -0.68
N PRO A 10 8.35 10.34 -1.24
CA PRO A 10 7.51 11.21 -0.47
C PRO A 10 6.28 10.47 -0.01
N ASP A 11 5.90 10.69 1.22
CA ASP A 11 4.76 10.04 1.82
C ASP A 11 3.49 10.58 1.22
N ILE A 12 2.82 9.76 0.47
CA ILE A 12 1.66 10.19 -0.26
C ILE A 12 0.39 9.55 0.31
N THR A 13 -0.64 10.34 0.40
CA THR A 13 -1.91 9.89 0.84
C THR A 13 -2.87 9.94 -0.35
N LYS A 14 -3.61 8.89 -0.54
CA LYS A 14 -4.54 8.77 -1.63
C LYS A 14 -5.87 8.37 -1.03
N SER A 15 -6.94 8.88 -1.57
CA SER A 15 -8.24 8.54 -1.07
C SER A 15 -9.09 7.96 -2.18
N ILE A 16 -9.74 6.88 -1.88
CA ILE A 16 -10.57 6.24 -2.87
C ILE A 16 -11.76 5.64 -2.16
N THR A 17 -12.90 5.87 -2.67
CA THR A 17 -14.10 5.41 -2.08
C THR A 17 -14.62 4.16 -2.76
N LEU A 18 -14.78 3.13 -1.98
CA LEU A 18 -15.30 1.91 -2.49
C LEU A 18 -16.76 1.89 -2.22
N GLU A 19 -17.51 1.49 -3.19
CA GLU A 19 -18.95 1.54 -3.09
C GLU A 19 -19.47 0.25 -2.46
N ALA A 20 -18.75 -0.22 -1.46
CA ALA A 20 -19.02 -1.47 -0.79
C ALA A 20 -18.90 -1.27 0.73
N PRO A 21 -19.43 -2.21 1.57
CA PRO A 21 -19.36 -2.12 3.03
C PRO A 21 -17.93 -2.16 3.55
N ILE A 22 -17.74 -1.63 4.74
CA ILE A 22 -16.42 -1.49 5.35
C ILE A 22 -15.76 -2.86 5.63
N GLN A 23 -16.58 -3.86 5.84
CA GLN A 23 -16.06 -5.20 6.11
C GLN A 23 -15.47 -5.85 4.84
N LYS A 24 -15.98 -5.45 3.69
CA LYS A 24 -15.56 -6.03 2.41
C LYS A 24 -14.25 -5.38 1.97
N VAL A 25 -14.20 -4.06 2.05
CA VAL A 25 -12.96 -3.35 1.72
C VAL A 25 -11.83 -3.82 2.63
N TRP A 26 -12.17 -4.03 3.89
CA TRP A 26 -11.23 -4.44 4.87
C TRP A 26 -10.65 -5.81 4.54
N GLU A 27 -11.49 -6.75 4.14
CA GLU A 27 -11.00 -8.07 3.79
C GLU A 27 -10.11 -8.00 2.55
N THR A 28 -10.44 -7.09 1.66
CA THR A 28 -9.66 -6.87 0.47
C THR A 28 -8.20 -6.49 0.82
N VAL A 29 -8.02 -5.81 1.92
CA VAL A 29 -6.71 -5.39 2.33
C VAL A 29 -6.22 -6.15 3.55
N SER A 30 -6.79 -7.32 3.80
CA SER A 30 -6.34 -8.13 4.90
C SER A 30 -6.24 -9.62 4.53
N THR A 31 -6.78 -9.99 3.38
CA THR A 31 -6.76 -11.35 2.94
C THR A 31 -5.56 -11.58 2.03
N SER A 32 -5.15 -12.81 1.89
CA SER A 32 -3.99 -13.18 1.12
C SER A 32 -4.14 -12.76 -0.33
N GLU A 33 -5.28 -13.08 -0.89
CA GLU A 33 -5.56 -12.83 -2.29
C GLU A 33 -5.86 -11.35 -2.53
N GLY A 34 -6.37 -10.68 -1.52
CA GLY A 34 -6.66 -9.28 -1.66
C GLY A 34 -5.39 -8.45 -1.68
N ILE A 35 -4.51 -8.71 -0.71
CA ILE A 35 -3.25 -7.99 -0.55
C ILE A 35 -2.32 -8.27 -1.75
N ALA A 36 -2.43 -9.48 -2.27
CA ALA A 36 -1.68 -9.96 -3.43
C ALA A 36 -1.90 -9.09 -4.67
N LYS A 37 -3.09 -8.49 -4.74
CA LYS A 37 -3.60 -7.77 -5.91
C LYS A 37 -3.98 -8.77 -6.97
N TRP A 38 -2.97 -9.36 -7.57
CA TRP A 38 -3.08 -10.39 -8.60
C TRP A 38 -1.69 -10.62 -9.13
N PHE A 39 -0.98 -9.52 -9.34
CA PHE A 39 0.38 -9.53 -9.91
C PHE A 39 1.46 -9.88 -8.87
N MET A 40 1.07 -10.55 -7.81
CA MET A 40 2.00 -11.02 -6.80
C MET A 40 1.28 -12.03 -5.92
N PRO A 41 1.12 -13.27 -6.37
CA PRO A 41 0.37 -14.26 -5.64
C PRO A 41 1.19 -14.95 -4.55
N ASN A 42 1.02 -14.48 -3.34
CA ASN A 42 1.72 -15.00 -2.17
C ASN A 42 0.73 -15.12 -1.04
N ASP A 43 1.11 -15.83 0.00
CA ASP A 43 0.23 -16.07 1.12
C ASP A 43 0.38 -14.97 2.14
N PHE A 44 -0.15 -13.83 1.81
CA PHE A 44 -0.16 -12.68 2.72
C PHE A 44 -1.13 -12.93 3.87
N GLN A 45 -0.63 -12.93 5.08
CA GLN A 45 -1.44 -13.20 6.23
C GLN A 45 -1.55 -11.95 7.10
N LEU A 46 -2.67 -11.80 7.76
CA LEU A 46 -2.90 -10.67 8.60
C LEU A 46 -2.35 -10.99 9.98
N LYS A 47 -1.24 -10.41 10.30
CA LYS A 47 -0.61 -10.57 11.58
C LYS A 47 -0.24 -9.21 12.04
N GLU A 48 -0.43 -8.88 13.24
CA GLU A 48 0.00 -7.58 13.68
C GLU A 48 1.39 -7.68 14.23
N GLY A 49 2.29 -7.79 13.33
CA GLY A 49 3.64 -7.90 13.68
C GLY A 49 4.18 -9.24 13.30
N GLN A 50 4.65 -9.36 12.10
CA GLN A 50 5.17 -10.62 11.59
C GLN A 50 6.66 -10.70 11.98
N GLU A 51 7.49 -9.96 11.27
CA GLU A 51 8.89 -9.80 11.61
C GLU A 51 9.15 -8.30 11.75
N PHE A 52 10.21 -7.91 12.40
CA PHE A 52 10.42 -6.50 12.71
C PHE A 52 11.72 -5.93 12.17
N HIS A 53 11.68 -4.65 11.84
CA HIS A 53 12.81 -3.89 11.37
C HIS A 53 13.12 -2.93 12.50
N LEU A 54 14.33 -2.32 12.52
CA LEU A 54 14.85 -1.54 13.70
C LEU A 54 15.21 -2.57 14.77
N GLN A 55 15.29 -3.75 14.27
CA GLN A 55 15.53 -4.97 14.94
C GLN A 55 16.05 -5.83 13.80
N SER A 56 16.19 -7.10 13.96
CA SER A 56 16.67 -7.89 12.85
C SER A 56 15.57 -8.76 12.26
N PRO A 57 15.19 -8.50 11.00
CA PRO A 57 14.30 -9.38 10.27
C PRO A 57 15.09 -10.63 9.93
N PHE A 58 14.54 -11.77 10.14
CA PHE A 58 15.27 -12.97 9.95
C PHE A 58 15.10 -13.48 8.54
N GLY A 59 13.89 -13.46 8.04
CA GLY A 59 13.66 -13.93 6.70
C GLY A 59 13.01 -12.89 5.82
N PRO A 60 13.78 -12.21 4.94
CA PRO A 60 13.25 -11.16 4.04
C PRO A 60 12.54 -11.76 2.79
N SER A 61 11.87 -12.87 2.99
CA SER A 61 11.18 -13.53 1.91
C SER A 61 9.72 -13.02 1.82
N PRO A 62 8.89 -13.09 2.91
CA PRO A 62 7.56 -12.53 2.87
C PRO A 62 7.58 -11.06 3.31
N CYS A 63 6.44 -10.46 3.38
CA CYS A 63 6.35 -9.13 3.86
C CYS A 63 6.14 -9.18 5.36
N LYS A 64 6.44 -8.13 6.03
CA LYS A 64 6.33 -8.13 7.44
C LYS A 64 5.41 -7.05 7.89
N VAL A 65 4.36 -7.44 8.52
CA VAL A 65 3.34 -6.54 8.95
C VAL A 65 3.78 -5.85 10.20
N LEU A 66 3.55 -4.57 10.26
CA LEU A 66 3.93 -3.76 11.39
C LEU A 66 2.87 -3.94 12.46
N ALA A 67 1.63 -3.63 12.10
CA ALA A 67 0.52 -3.71 13.01
C ALA A 67 -0.77 -3.78 12.24
N VAL A 68 -1.77 -4.38 12.85
CA VAL A 68 -3.06 -4.52 12.25
C VAL A 68 -4.09 -3.96 13.23
N GLN A 69 -4.78 -2.96 12.81
CA GLN A 69 -5.80 -2.30 13.60
C GLN A 69 -7.16 -2.66 13.11
N ALA A 70 -8.03 -2.85 14.03
CA ALA A 70 -9.31 -3.44 13.80
C ALA A 70 -10.11 -2.52 12.93
N PRO A 71 -10.68 -3.10 11.84
CA PRO A 71 -11.20 -2.46 10.63
C PRO A 71 -11.08 -0.92 10.51
N THR A 72 -9.92 -0.37 10.84
CA THR A 72 -9.69 1.03 10.71
C THR A 72 -8.29 1.31 10.17
N GLU A 73 -7.29 0.51 10.56
CA GLU A 73 -5.94 0.83 10.16
C GLU A 73 -5.16 -0.44 9.91
N LEU A 74 -4.30 -0.41 8.98
CA LEU A 74 -3.50 -1.54 8.67
C LEU A 74 -2.17 -1.04 8.19
N SER A 75 -1.12 -1.63 8.65
CA SER A 75 0.20 -1.21 8.21
C SER A 75 1.10 -2.42 8.03
N PHE A 76 1.68 -2.58 6.86
CA PHE A 76 2.60 -3.66 6.62
C PHE A 76 3.77 -3.16 5.84
N GLU A 77 4.88 -3.81 6.01
CA GLU A 77 6.09 -3.36 5.47
C GLU A 77 6.73 -4.43 4.62
N TRP A 78 7.03 -4.07 3.43
CA TRP A 78 7.74 -4.93 2.56
C TRP A 78 9.20 -4.51 2.72
N ASP A 79 9.97 -5.34 3.36
CA ASP A 79 11.34 -4.97 3.73
C ASP A 79 12.23 -4.85 2.49
N THR A 80 13.08 -3.85 2.51
CA THR A 80 14.01 -3.54 1.45
C THR A 80 13.30 -3.00 0.20
N GLU A 81 13.04 -1.70 0.27
CA GLU A 81 12.42 -0.89 -0.78
C GLU A 81 11.06 -1.41 -1.25
N GLY A 82 10.41 -2.17 -0.41
CA GLY A 82 9.05 -2.52 -0.68
C GLY A 82 8.17 -1.52 0.03
N TRP A 83 8.76 -0.94 1.08
CA TRP A 83 8.25 0.21 1.84
C TRP A 83 7.10 -0.17 2.76
N VAL A 84 6.56 0.83 3.43
CA VAL A 84 5.51 0.62 4.36
C VAL A 84 4.25 1.29 3.88
N VAL A 85 3.27 0.50 3.63
CA VAL A 85 2.01 0.98 3.21
C VAL A 85 1.04 0.88 4.35
N THR A 86 0.18 1.82 4.44
CA THR A 86 -0.76 1.86 5.48
C THR A 86 -2.13 2.12 4.90
N PHE A 87 -3.11 1.38 5.34
CA PHE A 87 -4.45 1.57 4.89
C PHE A 87 -5.23 2.14 6.02
N GLN A 88 -6.03 3.08 5.73
CA GLN A 88 -6.86 3.69 6.74
C GLN A 88 -8.30 3.60 6.26
N LEU A 89 -9.21 3.25 7.13
CA LEU A 89 -10.59 3.09 6.71
C LEU A 89 -11.49 4.18 7.27
N GLU A 90 -12.18 4.85 6.39
CA GLU A 90 -13.09 5.93 6.71
C GLU A 90 -14.51 5.46 6.42
N ASP A 91 -15.42 5.76 7.31
CA ASP A 91 -16.80 5.29 7.19
C ASP A 91 -17.68 6.38 6.58
N LEU A 92 -18.25 6.09 5.42
CA LEU A 92 -19.17 6.99 4.77
C LEU A 92 -20.54 6.38 4.75
N GLY A 93 -21.53 7.19 4.57
CA GLY A 93 -22.91 6.75 4.66
C GLY A 93 -23.33 5.77 3.58
N GLU A 94 -22.70 5.80 2.44
CA GLU A 94 -23.11 4.95 1.33
C GLU A 94 -21.91 4.16 0.77
N LYS A 95 -20.76 4.36 1.34
CA LYS A 95 -19.56 3.77 0.79
C LYS A 95 -18.49 3.78 1.83
N THR A 96 -17.38 3.23 1.51
CA THR A 96 -16.31 3.22 2.43
C THR A 96 -15.14 4.00 1.84
N GLY A 97 -14.63 4.93 2.60
CA GLY A 97 -13.53 5.71 2.16
C GLY A 97 -12.26 5.02 2.53
N PHE A 98 -11.55 4.59 1.58
CA PHE A 98 -10.33 3.92 1.81
C PHE A 98 -9.21 4.90 1.65
N THR A 99 -8.30 4.90 2.56
CA THR A 99 -7.24 5.83 2.50
C THR A 99 -5.97 5.06 2.36
N LEU A 100 -5.26 5.33 1.32
CA LEU A 100 -4.02 4.70 1.12
C LEU A 100 -2.97 5.66 1.51
N ILE A 101 -1.99 5.13 2.11
CA ILE A 101 -0.89 5.88 2.63
C ILE A 101 0.36 5.13 2.24
N HIS A 102 1.24 5.80 1.58
CA HIS A 102 2.47 5.20 1.17
C HIS A 102 3.60 5.93 1.84
N SER A 103 4.36 5.20 2.59
CA SER A 103 5.45 5.75 3.30
C SER A 103 6.56 4.71 3.25
N GLY A 104 7.74 5.12 3.57
CA GLY A 104 8.87 4.25 3.59
C GLY A 104 10.06 4.99 4.07
N TRP A 105 11.15 4.87 3.36
CA TRP A 105 12.34 5.61 3.69
C TRP A 105 12.24 6.97 3.04
N LYS A 106 11.47 7.83 3.70
CA LYS A 106 11.20 9.17 3.23
C LYS A 106 12.33 10.12 3.61
N GLU A 107 13.32 10.15 2.78
CA GLU A 107 14.51 10.91 3.04
C GLU A 107 14.55 12.14 2.13
N PRO A 108 14.52 13.37 2.72
CA PRO A 108 14.48 14.65 1.99
C PRO A 108 15.55 14.80 0.90
N ASN A 109 16.72 14.26 1.12
CA ASN A 109 17.77 14.32 0.13
C ASN A 109 18.58 13.02 0.11
N GLU A 110 18.06 12.08 -0.64
CA GLU A 110 18.66 10.76 -0.83
C GLU A 110 17.74 10.02 -1.79
N VAL A 111 18.12 8.88 -2.26
CA VAL A 111 17.23 8.11 -3.11
C VAL A 111 16.69 6.96 -2.25
N ILE A 112 15.69 6.26 -2.74
CA ILE A 112 15.13 5.08 -2.03
C ILE A 112 16.21 4.03 -1.78
N GLY A 113 17.12 3.97 -2.69
CA GLY A 113 18.19 3.04 -2.62
C GLY A 113 18.59 2.65 -3.99
N LYS A 114 17.92 1.67 -4.51
CA LYS A 114 18.19 1.17 -5.82
C LYS A 114 16.93 0.47 -6.39
N ALA A 115 15.75 0.81 -5.86
CA ALA A 115 14.50 0.25 -6.40
C ALA A 115 14.34 0.60 -7.88
N ASN A 116 14.70 1.83 -8.25
CA ASN A 116 14.64 2.30 -9.65
C ASN A 116 15.69 3.36 -9.91
N GLU A 117 16.77 3.34 -9.13
CA GLU A 117 17.91 4.31 -9.26
C GLU A 117 17.57 5.78 -8.92
N LYS A 118 16.41 6.27 -9.33
CA LYS A 118 16.01 7.67 -9.07
C LYS A 118 14.75 7.76 -8.22
N SER A 119 14.72 8.72 -7.32
CA SER A 119 13.59 8.97 -6.46
C SER A 119 12.49 9.64 -7.26
N SER A 120 12.90 10.37 -8.28
CA SER A 120 12.00 11.11 -9.12
C SER A 120 11.07 10.20 -9.91
N VAL A 121 11.64 9.17 -10.52
CA VAL A 121 10.84 8.23 -11.27
C VAL A 121 9.99 7.41 -10.33
N VAL A 122 10.54 7.13 -9.15
CA VAL A 122 9.77 6.41 -8.15
C VAL A 122 8.59 7.25 -7.69
N ARG A 123 8.83 8.51 -7.39
CA ARG A 123 7.81 9.46 -6.95
C ARG A 123 6.64 9.54 -7.94
N GLY A 124 6.97 9.84 -9.19
CA GLY A 124 5.94 9.98 -10.21
C GLY A 124 5.17 8.72 -10.42
N LYS A 125 5.88 7.64 -10.55
CA LYS A 125 5.30 6.35 -10.79
C LYS A 125 4.50 5.82 -9.60
N MET A 126 4.94 6.06 -8.37
CA MET A 126 4.21 5.53 -7.22
C MET A 126 2.89 6.24 -7.05
N ASP A 127 2.88 7.53 -7.35
CA ASP A 127 1.66 8.30 -7.26
C ASP A 127 0.67 7.88 -8.33
N GLY A 128 1.14 7.81 -9.58
CA GLY A 128 0.28 7.39 -10.68
C GLY A 128 -0.12 5.94 -10.55
N GLY A 129 0.85 5.13 -10.15
CA GLY A 129 0.67 3.73 -9.95
C GLY A 129 -0.34 3.43 -8.89
N TRP A 130 -0.14 4.00 -7.71
CA TRP A 130 -1.10 3.79 -6.62
C TRP A 130 -2.49 4.20 -6.97
N THR A 131 -2.63 5.29 -7.71
CA THR A 131 -3.94 5.74 -8.16
C THR A 131 -4.65 4.61 -8.97
N GLY A 132 -3.93 4.03 -9.91
CA GLY A 132 -4.50 2.98 -10.73
C GLY A 132 -4.71 1.69 -9.95
N ILE A 133 -3.67 1.27 -9.23
CA ILE A 133 -3.68 0.05 -8.44
C ILE A 133 -4.78 0.08 -7.39
N VAL A 134 -4.82 1.13 -6.58
CA VAL A 134 -5.73 1.14 -5.49
C VAL A 134 -7.17 1.32 -5.95
N ASN A 135 -7.41 2.18 -6.94
CA ASN A 135 -8.79 2.42 -7.39
C ASN A 135 -9.40 1.17 -7.97
N GLU A 136 -8.72 0.57 -8.91
CA GLU A 136 -9.27 -0.55 -9.59
C GLU A 136 -9.18 -1.83 -8.81
N ARG A 137 -8.04 -2.13 -8.18
CA ARG A 137 -7.93 -3.42 -7.47
C ARG A 137 -8.92 -3.45 -6.29
N LEU A 138 -8.97 -2.36 -5.53
CA LEU A 138 -9.86 -2.28 -4.38
C LEU A 138 -11.32 -2.30 -4.80
N ARG A 139 -11.69 -1.42 -5.73
CA ARG A 139 -13.08 -1.31 -6.17
C ARG A 139 -13.51 -2.62 -6.86
N LYS A 140 -12.61 -3.25 -7.56
CA LYS A 140 -12.90 -4.51 -8.19
C LYS A 140 -13.07 -5.58 -7.19
N ALA A 141 -12.19 -5.66 -6.22
CA ALA A 141 -12.23 -6.71 -5.22
C ALA A 141 -13.53 -6.70 -4.45
N VAL A 142 -14.11 -5.54 -4.30
CA VAL A 142 -15.36 -5.45 -3.61
C VAL A 142 -16.56 -5.69 -4.54
N GLU A 143 -16.38 -5.46 -5.83
CA GLU A 143 -17.45 -5.75 -6.78
C GLU A 143 -17.37 -7.23 -7.22
N GLU A 144 -16.23 -7.59 -7.77
CA GLU A 144 -15.93 -8.90 -8.26
C GLU A 144 -14.47 -9.20 -7.87
N LEU A 145 -14.35 -9.97 -6.79
CA LEU A 145 -13.11 -10.30 -6.04
C LEU A 145 -11.76 -10.21 -6.76
N GLU A 146 -11.56 -10.97 -7.81
CA GLU A 146 -10.21 -11.07 -8.33
C GLU A 146 -10.12 -10.84 -9.83
N HIS A 147 -9.76 -9.60 -10.17
CA HIS A 147 -9.46 -9.20 -11.55
C HIS A 147 -9.15 -7.72 -11.56
N HIS A 148 -8.06 -7.36 -12.21
CA HIS A 148 -7.68 -5.98 -12.46
C HIS A 148 -6.55 -5.99 -13.48
N HIS A 149 -6.43 -4.92 -14.23
CA HIS A 149 -5.44 -4.80 -15.29
C HIS A 149 -5.54 -3.40 -15.83
N HIS A 150 -4.59 -2.58 -15.51
CA HIS A 150 -4.66 -1.20 -15.86
C HIS A 150 -3.49 -0.74 -16.73
N HIS A 151 -2.34 -0.68 -16.13
CA HIS A 151 -1.09 -0.15 -16.67
C HIS A 151 -0.18 -0.15 -15.48
N HIS A 152 -0.77 0.30 -14.43
CA HIS A 152 -0.26 0.26 -13.11
C HIS A 152 -1.46 -0.07 -12.29
N MET A 1 2.13 16.25 -7.49
CA MET A 1 2.91 17.38 -6.97
C MET A 1 4.04 16.88 -6.10
N ALA A 2 5.23 16.84 -6.68
CA ALA A 2 6.42 16.43 -5.99
C ALA A 2 7.61 17.24 -6.50
N GLN A 3 7.55 18.53 -6.23
CA GLN A 3 8.59 19.48 -6.61
C GLN A 3 9.72 19.51 -5.60
N ASN A 4 9.39 19.19 -4.37
CA ASN A 4 10.31 19.29 -3.24
C ASN A 4 11.43 18.19 -3.32
N ASN A 5 12.22 18.04 -2.25
CA ASN A 5 13.42 17.15 -2.16
C ASN A 5 13.14 15.72 -2.58
N GLU A 6 11.96 15.32 -2.34
CA GLU A 6 11.51 14.01 -2.64
C GLU A 6 11.25 13.79 -4.13
N ASN A 7 12.32 13.67 -4.86
CA ASN A 7 12.29 13.35 -6.27
C ASN A 7 12.20 11.82 -6.38
N ALA A 8 12.41 11.18 -5.22
CA ALA A 8 12.34 9.76 -5.03
C ALA A 8 10.91 9.28 -4.90
N LEU A 9 10.32 9.60 -3.77
CA LEU A 9 9.04 9.14 -3.39
C LEU A 9 8.58 9.99 -2.21
N PRO A 10 7.60 10.84 -2.42
CA PRO A 10 6.95 11.59 -1.34
C PRO A 10 5.90 10.72 -0.68
N ASP A 11 5.37 11.15 0.46
CA ASP A 11 4.23 10.47 1.01
C ASP A 11 3.07 10.64 0.05
N ILE A 12 2.74 9.57 -0.62
CA ILE A 12 1.73 9.60 -1.66
C ILE A 12 0.41 9.30 -1.05
N THR A 13 -0.51 10.17 -1.22
CA THR A 13 -1.84 9.97 -0.75
C THR A 13 -2.77 10.01 -1.96
N LYS A 14 -3.60 9.00 -2.08
CA LYS A 14 -4.47 8.88 -3.21
C LYS A 14 -5.81 8.39 -2.71
N SER A 15 -6.88 8.84 -3.29
CA SER A 15 -8.19 8.40 -2.86
C SER A 15 -8.96 7.79 -4.02
N ILE A 16 -9.57 6.67 -3.78
CA ILE A 16 -10.34 5.98 -4.77
C ILE A 16 -11.59 5.39 -4.12
N THR A 17 -12.70 5.62 -4.73
CA THR A 17 -13.93 5.14 -4.23
C THR A 17 -14.35 3.84 -4.88
N LEU A 18 -14.45 2.83 -4.06
CA LEU A 18 -14.89 1.53 -4.50
C LEU A 18 -16.37 1.48 -4.29
N GLU A 19 -17.07 0.89 -5.21
CA GLU A 19 -18.53 0.87 -5.13
C GLU A 19 -19.03 -0.27 -4.24
N ALA A 20 -18.13 -0.83 -3.47
CA ALA A 20 -18.42 -1.97 -2.64
C ALA A 20 -18.54 -1.54 -1.20
N PRO A 21 -19.20 -2.35 -0.34
CA PRO A 21 -19.32 -2.08 1.09
C PRO A 21 -17.96 -2.11 1.76
N ILE A 22 -17.84 -1.40 2.86
CA ILE A 22 -16.58 -1.24 3.55
C ILE A 22 -16.01 -2.57 4.02
N GLN A 23 -16.88 -3.55 4.30
CA GLN A 23 -16.44 -4.87 4.73
C GLN A 23 -15.61 -5.56 3.65
N LYS A 24 -16.04 -5.42 2.39
CA LYS A 24 -15.35 -6.03 1.27
C LYS A 24 -14.00 -5.39 1.04
N VAL A 25 -13.98 -4.10 1.20
CA VAL A 25 -12.76 -3.33 1.02
C VAL A 25 -11.78 -3.65 2.13
N TRP A 26 -12.32 -3.77 3.35
CA TRP A 26 -11.54 -4.07 4.51
C TRP A 26 -10.83 -5.39 4.35
N GLU A 27 -11.54 -6.40 3.91
CA GLU A 27 -10.94 -7.70 3.72
C GLU A 27 -9.87 -7.65 2.64
N THR A 28 -10.13 -6.86 1.62
CA THR A 28 -9.22 -6.69 0.53
C THR A 28 -7.90 -5.97 0.97
N VAL A 29 -7.88 -5.39 2.15
CA VAL A 29 -6.67 -4.76 2.65
C VAL A 29 -6.30 -5.19 4.07
N SER A 30 -6.92 -6.25 4.57
CA SER A 30 -6.65 -6.69 5.93
C SER A 30 -6.56 -8.23 6.03
N THR A 31 -6.67 -8.93 4.92
CA THR A 31 -6.55 -10.38 4.95
C THR A 31 -5.27 -10.80 4.24
N SER A 32 -4.88 -12.04 4.38
CA SER A 32 -3.67 -12.57 3.79
C SER A 32 -3.68 -12.42 2.26
N GLU A 33 -4.81 -12.80 1.65
CA GLU A 33 -4.99 -12.72 0.21
C GLU A 33 -5.12 -11.26 -0.21
N GLY A 34 -5.87 -10.51 0.58
CA GLY A 34 -6.13 -9.13 0.29
C GLY A 34 -4.90 -8.27 0.36
N ILE A 35 -4.13 -8.40 1.41
CA ILE A 35 -2.92 -7.62 1.59
C ILE A 35 -1.87 -7.97 0.54
N ALA A 36 -1.72 -9.26 0.25
CA ALA A 36 -0.74 -9.71 -0.73
C ALA A 36 -1.05 -9.19 -2.15
N LYS A 37 -2.29 -9.42 -2.62
CA LYS A 37 -2.73 -9.02 -3.99
C LYS A 37 -1.83 -9.65 -5.07
N TRP A 38 -1.26 -10.76 -4.74
CA TRP A 38 -0.34 -11.44 -5.60
C TRP A 38 -1.14 -12.37 -6.51
N PHE A 39 -1.65 -13.40 -5.88
CA PHE A 39 -2.43 -14.50 -6.46
C PHE A 39 -2.28 -15.62 -5.47
N MET A 40 -1.06 -15.72 -5.02
CA MET A 40 -0.67 -16.63 -3.99
C MET A 40 -0.76 -15.87 -2.69
N PRO A 41 -1.50 -16.37 -1.71
CA PRO A 41 -1.64 -15.69 -0.43
C PRO A 41 -0.32 -15.64 0.32
N ASN A 42 -0.07 -14.54 0.97
CA ASN A 42 1.13 -14.39 1.77
C ASN A 42 0.66 -14.33 3.18
N ASP A 43 1.52 -14.62 4.10
CA ASP A 43 1.15 -14.70 5.49
C ASP A 43 1.09 -13.32 6.12
N PHE A 44 0.11 -12.58 5.71
CA PHE A 44 -0.21 -11.32 6.31
C PHE A 44 -1.47 -11.47 7.13
N GLN A 45 -1.37 -11.22 8.38
CA GLN A 45 -2.49 -11.30 9.29
C GLN A 45 -2.65 -9.95 9.93
N LEU A 46 -3.86 -9.57 10.29
CA LEU A 46 -3.99 -8.29 10.92
C LEU A 46 -3.55 -8.40 12.37
N LYS A 47 -2.40 -7.88 12.63
CA LYS A 47 -1.85 -7.80 13.93
C LYS A 47 -1.41 -6.37 14.09
N GLU A 48 -1.51 -5.82 15.24
CA GLU A 48 -1.05 -4.43 15.47
C GLU A 48 0.46 -4.42 15.76
N GLY A 49 1.14 -5.29 15.08
CA GLY A 49 2.52 -5.50 15.27
C GLY A 49 2.87 -6.91 14.92
N GLN A 50 2.74 -7.23 13.65
CA GLN A 50 3.06 -8.55 13.16
C GLN A 50 4.57 -8.66 13.15
N GLU A 51 5.09 -9.64 13.82
CA GLU A 51 6.52 -9.75 13.94
C GLU A 51 7.00 -11.15 13.64
N PHE A 52 8.19 -11.24 13.14
CA PHE A 52 8.85 -12.47 12.86
C PHE A 52 10.21 -12.38 13.52
N HIS A 53 10.73 -13.47 13.98
CA HIS A 53 11.97 -13.46 14.72
C HIS A 53 13.10 -14.09 13.96
N LEU A 54 14.24 -13.48 14.08
CA LEU A 54 15.47 -13.90 13.45
C LEU A 54 16.53 -14.01 14.53
N GLN A 55 17.76 -14.29 14.14
CA GLN A 55 18.88 -14.40 15.10
C GLN A 55 19.35 -13.01 15.53
N SER A 56 18.83 -12.01 14.85
CA SER A 56 19.13 -10.62 15.07
C SER A 56 17.82 -9.82 14.93
N PRO A 57 17.75 -8.55 15.39
CA PRO A 57 16.52 -7.76 15.31
C PRO A 57 16.35 -6.97 14.00
N PHE A 58 17.30 -7.11 13.09
CA PHE A 58 17.27 -6.40 11.82
C PHE A 58 17.52 -7.37 10.68
N GLY A 59 16.91 -7.11 9.55
CA GLY A 59 17.10 -7.94 8.40
C GLY A 59 15.89 -7.91 7.50
N PRO A 60 16.05 -8.03 6.18
CA PRO A 60 14.93 -8.06 5.26
C PRO A 60 14.27 -9.43 5.21
N SER A 61 13.36 -9.65 6.12
CA SER A 61 12.59 -10.89 6.22
C SER A 61 11.28 -10.66 7.00
N PRO A 62 11.32 -10.15 8.28
CA PRO A 62 10.09 -9.91 9.04
C PRO A 62 9.22 -8.83 8.41
N CYS A 63 8.06 -9.20 7.95
CA CYS A 63 7.13 -8.23 7.49
C CYS A 63 6.33 -7.83 8.70
N LYS A 64 5.99 -6.59 8.80
CA LYS A 64 5.43 -6.09 10.02
C LYS A 64 4.24 -5.27 9.76
N VAL A 65 3.25 -5.49 10.49
CA VAL A 65 2.15 -4.58 10.48
C VAL A 65 2.47 -3.57 11.56
N LEU A 66 2.31 -2.31 11.29
CA LEU A 66 2.68 -1.28 12.24
C LEU A 66 1.58 -1.19 13.26
N ALA A 67 0.39 -0.95 12.78
CA ALA A 67 -0.78 -0.79 13.62
C ALA A 67 -2.00 -1.11 12.82
N VAL A 68 -3.04 -1.55 13.46
CA VAL A 68 -4.24 -1.84 12.79
C VAL A 68 -5.44 -1.23 13.49
N GLN A 69 -6.13 -0.38 12.80
CA GLN A 69 -7.34 0.22 13.29
C GLN A 69 -8.54 -0.45 12.70
N ALA A 70 -9.50 -0.61 13.53
CA ALA A 70 -10.63 -1.49 13.32
C ALA A 70 -11.45 -0.97 12.17
N PRO A 71 -11.69 -1.85 11.16
CA PRO A 71 -12.15 -1.56 9.80
C PRO A 71 -12.20 -0.07 9.40
N THR A 72 -11.15 0.67 9.72
CA THR A 72 -11.07 2.08 9.42
C THR A 72 -9.67 2.47 8.93
N GLU A 73 -8.61 1.90 9.51
CA GLU A 73 -7.30 2.31 9.11
C GLU A 73 -6.32 1.16 9.27
N LEU A 74 -5.42 1.04 8.39
CA LEU A 74 -4.46 -0.03 8.42
C LEU A 74 -3.10 0.51 8.06
N SER A 75 -2.07 0.10 8.77
CA SER A 75 -0.71 0.56 8.50
C SER A 75 0.29 -0.61 8.62
N PHE A 76 1.12 -0.83 7.61
CA PHE A 76 2.09 -1.93 7.64
C PHE A 76 3.39 -1.55 6.96
N GLU A 77 4.45 -2.24 7.33
CA GLU A 77 5.79 -1.99 6.86
C GLU A 77 6.27 -3.27 6.19
N TRP A 78 6.71 -3.16 4.97
CA TRP A 78 7.13 -4.30 4.22
C TRP A 78 8.45 -4.05 3.46
N ASP A 79 9.22 -5.14 3.32
CA ASP A 79 10.44 -5.22 2.50
C ASP A 79 11.66 -4.57 3.19
N THR A 80 12.81 -4.54 2.52
CA THR A 80 14.07 -4.05 3.09
C THR A 80 13.98 -2.60 3.57
N GLU A 81 13.32 -1.76 2.78
CA GLU A 81 13.22 -0.36 3.13
C GLU A 81 12.03 -0.05 4.02
N GLY A 82 11.41 -1.10 4.58
CA GLY A 82 10.30 -0.95 5.51
C GLY A 82 9.26 0.04 5.03
N TRP A 83 8.72 -0.24 3.86
CA TRP A 83 7.75 0.63 3.26
C TRP A 83 6.50 0.61 4.07
N VAL A 84 6.16 1.73 4.60
CA VAL A 84 5.03 1.83 5.42
C VAL A 84 3.89 2.43 4.65
N VAL A 85 3.03 1.58 4.23
CA VAL A 85 1.88 1.98 3.51
C VAL A 85 0.72 2.00 4.46
N THR A 86 -0.17 2.89 4.24
CA THR A 86 -1.27 3.05 5.11
C THR A 86 -2.56 3.12 4.29
N PHE A 87 -3.56 2.39 4.72
CA PHE A 87 -4.83 2.42 4.07
C PHE A 87 -5.78 3.12 4.99
N GLN A 88 -6.49 4.03 4.47
CA GLN A 88 -7.51 4.73 5.21
C GLN A 88 -8.84 4.45 4.58
N LEU A 89 -9.81 4.19 5.39
CA LEU A 89 -11.13 3.91 4.91
C LEU A 89 -12.12 4.96 5.39
N GLU A 90 -12.84 5.50 4.44
CA GLU A 90 -13.86 6.49 4.68
C GLU A 90 -15.18 5.76 4.57
N ASP A 91 -15.93 5.77 5.63
CA ASP A 91 -17.16 5.03 5.69
C ASP A 91 -18.29 5.79 5.00
N LEU A 92 -18.73 5.27 3.90
CA LEU A 92 -19.86 5.80 3.20
C LEU A 92 -20.90 4.72 3.11
N GLY A 93 -22.13 5.10 3.11
CA GLY A 93 -23.19 4.13 3.11
C GLY A 93 -23.67 3.82 1.73
N GLU A 94 -22.76 3.42 0.88
CA GLU A 94 -23.04 3.14 -0.51
C GLU A 94 -21.78 2.61 -1.12
N LYS A 95 -20.74 3.38 -0.96
CA LYS A 95 -19.46 3.10 -1.52
C LYS A 95 -18.45 3.16 -0.40
N THR A 96 -17.24 2.85 -0.68
CA THR A 96 -16.20 2.97 0.30
C THR A 96 -15.13 3.89 -0.22
N GLY A 97 -14.78 4.88 0.57
CA GLY A 97 -13.74 5.78 0.18
C GLY A 97 -12.41 5.24 0.66
N PHE A 98 -11.63 4.75 -0.23
CA PHE A 98 -10.37 4.16 0.14
C PHE A 98 -9.26 5.16 -0.09
N THR A 99 -8.39 5.28 0.87
CA THR A 99 -7.33 6.22 0.76
C THR A 99 -6.02 5.48 0.91
N LEU A 100 -5.20 5.57 -0.09
CA LEU A 100 -3.94 4.93 -0.07
C LEU A 100 -2.89 5.94 0.26
N ILE A 101 -1.97 5.50 1.02
CA ILE A 101 -0.87 6.29 1.50
C ILE A 101 0.40 5.48 1.37
N HIS A 102 1.38 6.02 0.71
CA HIS A 102 2.64 5.35 0.55
C HIS A 102 3.71 6.23 1.16
N SER A 103 4.35 5.74 2.16
CA SER A 103 5.42 6.39 2.83
C SER A 103 6.39 5.26 3.17
N GLY A 104 7.62 5.53 3.50
CA GLY A 104 8.51 4.43 3.77
C GLY A 104 9.78 4.84 4.45
N TRP A 105 10.45 3.87 5.02
CA TRP A 105 11.69 4.09 5.69
C TRP A 105 12.85 4.04 4.67
N LYS A 106 12.84 5.02 3.80
CA LYS A 106 13.81 5.16 2.75
C LYS A 106 15.01 5.93 3.25
N GLU A 107 16.02 5.99 2.41
CA GLU A 107 17.22 6.75 2.67
C GLU A 107 16.88 8.22 2.82
N PRO A 108 17.49 8.92 3.78
CA PRO A 108 17.37 10.36 3.87
C PRO A 108 18.21 10.97 2.75
N ASN A 109 17.58 11.11 1.60
CA ASN A 109 18.22 11.56 0.38
C ASN A 109 17.14 11.72 -0.68
N GLU A 110 17.49 12.36 -1.78
CA GLU A 110 16.56 12.66 -2.86
C GLU A 110 16.14 11.42 -3.64
N VAL A 111 16.85 10.34 -3.45
CA VAL A 111 16.51 9.07 -4.06
C VAL A 111 16.07 8.10 -2.96
N ILE A 112 15.21 7.13 -3.30
CA ILE A 112 14.79 6.10 -2.35
C ILE A 112 15.97 5.30 -1.84
N GLY A 113 16.93 5.09 -2.72
CA GLY A 113 18.11 4.35 -2.39
C GLY A 113 18.32 3.23 -3.35
N LYS A 114 18.74 2.11 -2.83
CA LYS A 114 19.02 0.92 -3.61
C LYS A 114 17.70 0.17 -3.93
N ALA A 115 16.58 0.68 -3.41
CA ALA A 115 15.28 0.08 -3.67
C ALA A 115 15.00 0.10 -5.18
N ASN A 116 15.49 1.13 -5.85
CA ASN A 116 15.44 1.28 -7.30
C ASN A 116 16.26 2.51 -7.66
N GLU A 117 17.35 2.32 -8.37
CA GLU A 117 18.29 3.42 -8.64
C GLU A 117 17.86 4.38 -9.77
N LYS A 118 16.62 4.84 -9.69
CA LYS A 118 16.04 5.82 -10.63
C LYS A 118 14.97 6.60 -9.91
N SER A 119 15.34 7.71 -9.36
CA SER A 119 14.48 8.54 -8.56
C SER A 119 13.28 9.05 -9.38
N SER A 120 13.57 9.74 -10.47
CA SER A 120 12.56 10.35 -11.30
C SER A 120 11.61 9.29 -11.89
N VAL A 121 12.15 8.11 -12.18
CA VAL A 121 11.35 7.02 -12.68
C VAL A 121 10.43 6.51 -11.59
N VAL A 122 11.00 6.31 -10.40
CA VAL A 122 10.24 5.87 -9.24
C VAL A 122 9.13 6.85 -8.93
N ARG A 123 9.44 8.11 -8.98
CA ARG A 123 8.48 9.17 -8.65
C ARG A 123 7.28 9.13 -9.60
N GLY A 124 7.58 9.06 -10.90
CA GLY A 124 6.54 9.03 -11.90
C GLY A 124 5.70 7.81 -11.79
N LYS A 125 6.36 6.70 -11.59
CA LYS A 125 5.72 5.43 -11.46
C LYS A 125 4.88 5.34 -10.18
N MET A 126 5.32 5.97 -9.11
CA MET A 126 4.57 5.92 -7.87
C MET A 126 3.24 6.64 -7.99
N ASP A 127 3.25 7.81 -8.61
CA ASP A 127 1.98 8.52 -8.77
C ASP A 127 1.05 7.81 -9.75
N GLY A 128 1.49 7.67 -10.99
CA GLY A 128 0.64 7.07 -12.01
C GLY A 128 0.34 5.62 -11.74
N GLY A 129 1.32 4.92 -11.25
CA GLY A 129 1.21 3.51 -10.97
C GLY A 129 0.22 3.24 -9.87
N TRP A 130 0.39 3.88 -8.71
CA TRP A 130 -0.52 3.65 -7.59
C TRP A 130 -1.93 4.08 -7.89
N THR A 131 -2.08 5.07 -8.76
CA THR A 131 -3.39 5.49 -9.20
C THR A 131 -4.07 4.32 -9.92
N GLY A 132 -3.44 3.80 -10.97
CA GLY A 132 -4.02 2.73 -11.76
C GLY A 132 -4.12 1.39 -11.01
N ILE A 133 -3.03 1.01 -10.35
CA ILE A 133 -2.95 -0.27 -9.63
C ILE A 133 -4.03 -0.35 -8.55
N VAL A 134 -4.02 0.60 -7.64
CA VAL A 134 -4.97 0.60 -6.53
C VAL A 134 -6.40 0.68 -7.03
N ASN A 135 -6.62 1.54 -7.99
CA ASN A 135 -7.94 1.78 -8.55
C ASN A 135 -8.58 0.49 -9.03
N GLU A 136 -7.94 -0.16 -9.98
CA GLU A 136 -8.54 -1.31 -10.58
C GLU A 136 -8.35 -2.55 -9.74
N ARG A 137 -7.18 -2.73 -9.12
CA ARG A 137 -6.94 -3.94 -8.32
C ARG A 137 -7.88 -4.03 -7.16
N LEU A 138 -8.04 -2.93 -6.45
CA LEU A 138 -8.91 -2.94 -5.31
C LEU A 138 -10.35 -3.09 -5.74
N ARG A 139 -10.75 -2.30 -6.72
CA ARG A 139 -12.13 -2.33 -7.22
C ARG A 139 -12.44 -3.72 -7.81
N LYS A 140 -11.46 -4.36 -8.39
CA LYS A 140 -11.64 -5.70 -8.93
C LYS A 140 -11.73 -6.76 -7.87
N ALA A 141 -11.00 -6.60 -6.80
CA ALA A 141 -11.00 -7.59 -5.74
C ALA A 141 -12.33 -7.60 -5.02
N VAL A 142 -12.95 -6.44 -4.92
CA VAL A 142 -14.21 -6.32 -4.27
C VAL A 142 -15.38 -6.66 -5.20
N GLU A 143 -15.19 -6.48 -6.51
CA GLU A 143 -16.24 -6.79 -7.46
C GLU A 143 -16.20 -8.23 -7.88
N GLU A 144 -14.99 -8.69 -8.20
CA GLU A 144 -14.67 -10.01 -8.79
C GLU A 144 -15.30 -10.29 -10.17
N LEU A 145 -16.39 -9.60 -10.49
CA LEU A 145 -16.94 -9.60 -11.84
C LEU A 145 -16.03 -8.76 -12.72
N GLU A 146 -16.21 -8.81 -14.03
CA GLU A 146 -15.34 -8.06 -14.93
C GLU A 146 -15.69 -6.57 -14.96
N HIS A 147 -15.32 -5.88 -13.93
CA HIS A 147 -15.53 -4.46 -13.85
C HIS A 147 -14.21 -3.76 -14.07
N HIS A 148 -14.25 -2.56 -14.56
CA HIS A 148 -13.06 -1.84 -14.97
C HIS A 148 -12.58 -0.94 -13.80
N HIS A 149 -11.65 -0.03 -14.05
CA HIS A 149 -11.30 0.96 -13.03
C HIS A 149 -12.45 1.97 -12.93
N HIS A 150 -12.55 2.70 -11.84
CA HIS A 150 -13.68 3.62 -11.64
C HIS A 150 -13.59 4.76 -12.68
N HIS A 151 -12.44 5.39 -12.70
CA HIS A 151 -12.07 6.47 -13.60
C HIS A 151 -10.64 6.80 -13.29
N HIS A 152 -10.05 7.79 -13.94
CA HIS A 152 -8.62 8.16 -13.77
C HIS A 152 -7.73 7.09 -14.39
N MET A 1 7.98 25.59 -9.87
CA MET A 1 7.24 24.52 -9.23
C MET A 1 8.21 23.52 -8.71
N ALA A 2 7.89 22.93 -7.59
CA ALA A 2 8.75 21.97 -6.97
C ALA A 2 8.58 20.62 -7.64
N GLN A 3 9.38 20.39 -8.63
CA GLN A 3 9.33 19.16 -9.35
C GLN A 3 10.36 18.21 -8.81
N ASN A 4 11.56 18.69 -8.64
CA ASN A 4 12.61 17.84 -8.15
C ASN A 4 12.76 17.90 -6.66
N ASN A 5 11.79 17.33 -5.98
CA ASN A 5 11.86 17.20 -4.54
C ASN A 5 12.58 15.93 -4.26
N GLU A 6 13.76 16.09 -3.89
CA GLU A 6 14.68 15.03 -3.72
C GLU A 6 15.00 14.84 -2.24
N ASN A 7 14.11 14.18 -1.56
CA ASN A 7 14.23 13.93 -0.14
C ASN A 7 14.11 12.47 0.15
N ALA A 8 14.32 11.68 -0.88
CA ALA A 8 14.19 10.22 -0.86
C ALA A 8 12.76 9.79 -0.66
N LEU A 9 11.99 9.88 -1.74
CA LEU A 9 10.57 9.55 -1.78
C LEU A 9 9.71 10.36 -0.82
N PRO A 10 9.24 11.52 -1.26
CA PRO A 10 8.24 12.26 -0.51
C PRO A 10 6.93 11.49 -0.54
N ASP A 11 6.27 11.45 0.58
CA ASP A 11 5.07 10.64 0.75
C ASP A 11 3.87 11.16 -0.03
N ILE A 12 2.97 10.25 -0.35
CA ILE A 12 1.81 10.52 -1.17
C ILE A 12 0.53 10.18 -0.41
N THR A 13 -0.47 11.00 -0.53
CA THR A 13 -1.77 10.75 0.02
C THR A 13 -2.78 10.89 -1.12
N LYS A 14 -3.66 9.93 -1.28
CA LYS A 14 -4.57 9.92 -2.40
C LYS A 14 -5.94 9.47 -1.91
N SER A 15 -6.99 9.99 -2.46
CA SER A 15 -8.33 9.59 -2.11
C SER A 15 -9.07 9.00 -3.32
N ILE A 16 -9.84 7.95 -3.10
CA ILE A 16 -10.57 7.27 -4.16
C ILE A 16 -11.85 6.64 -3.57
N THR A 17 -12.91 6.67 -4.31
CA THR A 17 -14.17 6.12 -3.84
C THR A 17 -14.52 4.78 -4.48
N LEU A 18 -14.84 3.82 -3.66
CA LEU A 18 -15.19 2.49 -4.11
C LEU A 18 -16.67 2.29 -4.12
N GLU A 19 -17.16 1.59 -5.14
CA GLU A 19 -18.58 1.37 -5.35
C GLU A 19 -19.12 0.26 -4.43
N ALA A 20 -18.31 -0.17 -3.49
CA ALA A 20 -18.63 -1.29 -2.65
C ALA A 20 -18.65 -0.86 -1.20
N PRO A 21 -19.30 -1.65 -0.31
CA PRO A 21 -19.38 -1.35 1.12
C PRO A 21 -18.01 -1.36 1.78
N ILE A 22 -17.88 -0.59 2.84
CA ILE A 22 -16.63 -0.40 3.54
C ILE A 22 -16.03 -1.73 4.01
N GLN A 23 -16.87 -2.70 4.33
CA GLN A 23 -16.40 -4.01 4.78
C GLN A 23 -15.65 -4.77 3.68
N LYS A 24 -16.09 -4.60 2.43
CA LYS A 24 -15.47 -5.29 1.31
C LYS A 24 -14.18 -4.60 0.96
N VAL A 25 -14.17 -3.29 1.06
CA VAL A 25 -12.98 -2.50 0.81
C VAL A 25 -11.93 -2.83 1.87
N TRP A 26 -12.40 -2.96 3.09
CA TRP A 26 -11.58 -3.28 4.23
C TRP A 26 -10.87 -4.62 4.05
N GLU A 27 -11.58 -5.66 3.64
CA GLU A 27 -10.95 -6.95 3.44
C GLU A 27 -9.97 -6.89 2.27
N THR A 28 -10.28 -6.04 1.30
CA THR A 28 -9.43 -5.85 0.14
C THR A 28 -8.05 -5.24 0.55
N VAL A 29 -7.98 -4.59 1.69
CA VAL A 29 -6.74 -3.98 2.14
C VAL A 29 -6.33 -4.50 3.52
N SER A 30 -6.88 -5.60 3.95
CA SER A 30 -6.53 -6.17 5.24
C SER A 30 -6.52 -7.72 5.25
N THR A 31 -6.66 -8.35 4.08
CA THR A 31 -6.59 -9.81 4.03
C THR A 31 -5.41 -10.23 3.19
N SER A 32 -5.07 -11.51 3.22
CA SER A 32 -3.97 -12.05 2.47
C SER A 32 -4.23 -11.83 0.98
N GLU A 33 -5.39 -12.30 0.52
CA GLU A 33 -5.80 -12.23 -0.88
C GLU A 33 -5.90 -10.78 -1.35
N GLY A 34 -6.40 -9.91 -0.48
CA GLY A 34 -6.57 -8.54 -0.83
C GLY A 34 -5.26 -7.78 -0.94
N ILE A 35 -4.39 -7.90 0.04
CA ILE A 35 -3.13 -7.15 0.04
C ILE A 35 -2.15 -7.65 -1.02
N ALA A 36 -2.07 -8.97 -1.16
CA ALA A 36 -1.13 -9.64 -2.07
C ALA A 36 -1.29 -9.24 -3.54
N LYS A 37 -2.53 -8.91 -3.92
CA LYS A 37 -2.89 -8.53 -5.29
C LYS A 37 -2.58 -9.66 -6.29
N TRP A 38 -3.12 -10.85 -6.01
CA TRP A 38 -3.13 -12.07 -6.90
C TRP A 38 -1.79 -12.61 -7.48
N PHE A 39 -0.93 -11.75 -8.01
CA PHE A 39 0.29 -12.20 -8.69
C PHE A 39 1.40 -12.58 -7.72
N MET A 40 1.26 -12.17 -6.49
CA MET A 40 2.24 -12.48 -5.51
C MET A 40 1.54 -13.11 -4.32
N PRO A 41 1.46 -14.44 -4.27
CA PRO A 41 0.80 -15.15 -3.17
C PRO A 41 1.56 -15.01 -1.86
N ASN A 42 1.10 -14.12 -1.01
CA ASN A 42 1.73 -13.94 0.28
C ASN A 42 0.68 -14.10 1.36
N ASP A 43 1.07 -14.69 2.45
CA ASP A 43 0.15 -14.90 3.56
C ASP A 43 0.27 -13.81 4.56
N PHE A 44 -0.23 -12.67 4.21
CA PHE A 44 -0.26 -11.54 5.09
C PHE A 44 -1.52 -11.69 5.94
N GLN A 45 -1.39 -11.55 7.22
CA GLN A 45 -2.50 -11.76 8.11
C GLN A 45 -2.77 -10.49 8.88
N LEU A 46 -4.01 -10.27 9.25
CA LEU A 46 -4.37 -9.07 9.95
C LEU A 46 -4.13 -9.27 11.46
N LYS A 47 -3.07 -8.70 11.96
CA LYS A 47 -2.83 -8.60 13.38
C LYS A 47 -2.41 -7.18 13.67
N GLU A 48 -2.77 -6.63 14.79
CA GLU A 48 -2.26 -5.35 15.14
C GLU A 48 -0.93 -5.55 15.83
N GLY A 49 0.06 -5.81 15.04
CA GLY A 49 1.34 -6.09 15.55
C GLY A 49 1.74 -7.50 15.19
N GLN A 50 2.26 -7.66 14.01
CA GLN A 50 2.65 -8.94 13.47
C GLN A 50 3.80 -8.73 12.55
N GLU A 51 4.82 -9.51 12.67
CA GLU A 51 5.95 -9.38 11.78
C GLU A 51 6.19 -10.66 11.03
N PHE A 52 6.54 -10.53 9.80
CA PHE A 52 6.90 -11.65 9.00
C PHE A 52 8.40 -11.74 9.04
N HIS A 53 8.91 -12.78 9.61
CA HIS A 53 10.31 -12.89 9.76
C HIS A 53 10.84 -14.04 8.93
N LEU A 54 11.98 -13.78 8.34
CA LEU A 54 12.71 -14.71 7.54
C LEU A 54 14.06 -14.05 7.38
N GLN A 55 15.12 -14.81 7.29
CA GLN A 55 16.43 -14.21 7.23
C GLN A 55 16.75 -13.83 5.79
N SER A 56 16.69 -14.80 4.92
CA SER A 56 16.88 -14.59 3.51
C SER A 56 15.53 -14.78 2.81
N PRO A 57 14.84 -13.67 2.47
CA PRO A 57 13.51 -13.71 1.88
C PRO A 57 13.52 -13.96 0.37
N PHE A 58 12.64 -14.85 -0.06
CA PHE A 58 12.47 -15.14 -1.47
C PHE A 58 11.02 -14.91 -1.82
N GLY A 59 10.75 -13.80 -2.44
CA GLY A 59 9.39 -13.44 -2.79
C GLY A 59 8.94 -12.22 -2.01
N PRO A 60 8.41 -12.39 -0.79
CA PRO A 60 8.04 -11.27 0.05
C PRO A 60 9.17 -10.85 1.00
N SER A 61 9.40 -9.58 1.12
CA SER A 61 10.37 -9.06 2.04
C SER A 61 9.75 -9.08 3.46
N PRO A 62 10.57 -8.96 4.53
CA PRO A 62 10.07 -8.93 5.90
C PRO A 62 9.13 -7.75 6.12
N CYS A 63 7.88 -8.05 6.29
CA CYS A 63 6.89 -7.05 6.51
C CYS A 63 6.37 -7.16 7.93
N LYS A 64 5.66 -6.17 8.39
CA LYS A 64 5.13 -6.18 9.71
C LYS A 64 3.97 -5.23 9.77
N VAL A 65 2.99 -5.55 10.54
CA VAL A 65 1.86 -4.68 10.67
C VAL A 65 2.17 -3.73 11.79
N LEU A 66 2.05 -2.45 11.52
CA LEU A 66 2.32 -1.45 12.50
C LEU A 66 1.15 -1.44 13.46
N ALA A 67 -0.03 -1.31 12.90
CA ALA A 67 -1.26 -1.28 13.66
C ALA A 67 -2.42 -1.47 12.73
N VAL A 68 -3.41 -2.18 13.17
CA VAL A 68 -4.59 -2.31 12.42
C VAL A 68 -5.75 -1.84 13.27
N GLN A 69 -6.40 -0.87 12.77
CA GLN A 69 -7.52 -0.26 13.39
C GLN A 69 -8.76 -0.66 12.68
N ALA A 70 -9.78 -0.87 13.45
CA ALA A 70 -10.96 -1.56 13.03
C ALA A 70 -11.65 -0.73 11.98
N PRO A 71 -12.11 -1.45 10.91
CA PRO A 71 -12.51 -0.96 9.59
C PRO A 71 -12.48 0.55 9.36
N THR A 72 -11.33 1.15 9.62
CA THR A 72 -11.11 2.53 9.34
C THR A 72 -9.62 2.80 9.09
N GLU A 73 -8.71 2.15 9.81
CA GLU A 73 -7.32 2.53 9.63
C GLU A 73 -6.41 1.33 9.61
N LEU A 74 -5.59 1.26 8.63
CA LEU A 74 -4.68 0.15 8.49
C LEU A 74 -3.30 0.69 8.22
N SER A 75 -2.32 0.16 8.89
CA SER A 75 -0.95 0.57 8.69
C SER A 75 -0.02 -0.65 8.74
N PHE A 76 0.80 -0.82 7.72
CA PHE A 76 1.76 -1.90 7.69
C PHE A 76 3.04 -1.44 7.05
N GLU A 77 4.10 -2.08 7.40
CA GLU A 77 5.42 -1.70 7.04
C GLU A 77 6.07 -2.84 6.31
N TRP A 78 6.67 -2.54 5.21
CA TRP A 78 7.35 -3.50 4.43
C TRP A 78 8.83 -3.13 4.50
N ASP A 79 9.59 -3.89 5.27
CA ASP A 79 10.99 -3.60 5.49
C ASP A 79 11.81 -3.88 4.25
N THR A 80 13.07 -3.50 4.28
CA THR A 80 13.98 -3.65 3.15
C THR A 80 13.49 -2.75 1.99
N GLU A 81 13.12 -1.51 2.36
CA GLU A 81 12.73 -0.45 1.43
C GLU A 81 11.45 -0.77 0.64
N GLY A 82 10.54 -1.50 1.28
CA GLY A 82 9.22 -1.70 0.68
C GLY A 82 8.31 -0.56 1.09
N TRP A 83 8.75 0.12 2.15
CA TRP A 83 8.18 1.37 2.68
C TRP A 83 6.98 1.11 3.57
N VAL A 84 6.35 2.16 3.99
CA VAL A 84 5.25 2.07 4.90
C VAL A 84 3.99 2.66 4.29
N VAL A 85 2.97 1.86 4.21
CA VAL A 85 1.74 2.31 3.62
C VAL A 85 0.64 2.30 4.65
N THR A 86 -0.30 3.14 4.46
CA THR A 86 -1.40 3.28 5.36
C THR A 86 -2.68 3.46 4.56
N PHE A 87 -3.76 2.87 5.02
CA PHE A 87 -5.03 3.04 4.39
C PHE A 87 -5.99 3.62 5.39
N GLN A 88 -6.79 4.52 4.96
CA GLN A 88 -7.79 5.14 5.80
C GLN A 88 -9.14 4.94 5.13
N LEU A 89 -10.12 4.53 5.88
CA LEU A 89 -11.41 4.24 5.29
C LEU A 89 -12.49 5.17 5.82
N GLU A 90 -13.10 5.85 4.91
CA GLU A 90 -14.14 6.80 5.17
C GLU A 90 -15.48 6.16 4.84
N ASP A 91 -16.36 6.17 5.77
CA ASP A 91 -17.66 5.60 5.59
C ASP A 91 -18.60 6.59 4.94
N LEU A 92 -19.18 6.18 3.85
CA LEU A 92 -20.23 6.91 3.20
C LEU A 92 -21.40 5.99 3.08
N GLY A 93 -22.58 6.53 3.04
CA GLY A 93 -23.79 5.72 3.07
C GLY A 93 -24.20 5.15 1.73
N GLU A 94 -23.24 4.74 0.92
CA GLU A 94 -23.51 4.15 -0.39
C GLU A 94 -22.19 3.70 -1.01
N LYS A 95 -21.17 4.49 -0.82
CA LYS A 95 -19.87 4.19 -1.37
C LYS A 95 -18.85 4.24 -0.24
N THR A 96 -17.64 3.91 -0.52
CA THR A 96 -16.61 3.96 0.48
C THR A 96 -15.50 4.90 0.05
N GLY A 97 -15.14 5.81 0.92
CA GLY A 97 -14.09 6.72 0.64
C GLY A 97 -12.78 6.14 1.12
N PHE A 98 -11.98 5.72 0.23
CA PHE A 98 -10.74 5.09 0.58
C PHE A 98 -9.62 6.09 0.47
N THR A 99 -8.77 6.12 1.45
CA THR A 99 -7.69 7.02 1.46
C THR A 99 -6.40 6.23 1.48
N LEU A 100 -5.60 6.44 0.50
CA LEU A 100 -4.34 5.78 0.39
C LEU A 100 -3.27 6.70 0.82
N ILE A 101 -2.33 6.15 1.46
CA ILE A 101 -1.19 6.84 1.98
C ILE A 101 0.03 5.99 1.68
N HIS A 102 0.98 6.57 1.01
CA HIS A 102 2.20 5.91 0.72
C HIS A 102 3.28 6.73 1.33
N SER A 103 3.98 6.15 2.24
CA SER A 103 5.00 6.84 2.93
C SER A 103 6.18 5.91 3.07
N GLY A 104 7.30 6.43 3.39
CA GLY A 104 8.45 5.63 3.59
C GLY A 104 9.42 6.33 4.45
N TRP A 105 10.41 5.65 4.87
CA TRP A 105 11.40 6.18 5.76
C TRP A 105 12.44 6.94 4.96
N LYS A 106 12.31 8.26 4.94
CA LYS A 106 13.22 9.11 4.20
C LYS A 106 14.53 9.31 4.97
N GLU A 107 15.38 8.32 4.89
CA GLU A 107 16.64 8.35 5.59
C GLU A 107 17.74 9.08 4.78
N PRO A 108 18.12 8.62 3.53
CA PRO A 108 19.20 9.26 2.76
C PRO A 108 18.90 10.74 2.42
N ASN A 109 17.61 11.10 2.41
CA ASN A 109 17.13 12.50 2.20
C ASN A 109 17.54 13.05 0.81
N GLU A 110 17.87 12.15 -0.10
CA GLU A 110 18.22 12.52 -1.46
C GLU A 110 17.41 11.69 -2.43
N VAL A 111 17.77 10.43 -2.52
CA VAL A 111 17.07 9.50 -3.35
C VAL A 111 17.04 8.19 -2.59
N ILE A 112 15.98 7.42 -2.75
CA ILE A 112 15.86 6.14 -2.08
C ILE A 112 16.94 5.16 -2.52
N GLY A 113 17.27 5.16 -3.80
CA GLY A 113 18.34 4.33 -4.29
C GLY A 113 17.84 3.21 -5.16
N LYS A 114 18.28 2.00 -4.83
CA LYS A 114 18.00 0.80 -5.60
C LYS A 114 16.57 0.32 -5.38
N ALA A 115 15.86 0.95 -4.44
CA ALA A 115 14.48 0.60 -4.16
C ALA A 115 13.62 0.78 -5.42
N ASN A 116 13.95 1.77 -6.25
CA ASN A 116 13.19 1.95 -7.49
C ASN A 116 13.92 2.84 -8.51
N GLU A 117 13.80 4.15 -8.32
CA GLU A 117 14.30 5.16 -9.26
C GLU A 117 14.64 6.43 -8.49
N LYS A 118 14.75 7.56 -9.20
CA LYS A 118 15.04 8.87 -8.60
C LYS A 118 13.79 9.41 -7.90
N SER A 119 13.98 10.26 -6.90
CA SER A 119 12.87 10.76 -6.10
C SER A 119 11.82 11.53 -6.90
N SER A 120 12.23 12.36 -7.84
CA SER A 120 11.28 13.14 -8.61
C SER A 120 10.47 12.24 -9.55
N VAL A 121 11.15 11.34 -10.26
CA VAL A 121 10.43 10.45 -11.15
C VAL A 121 9.61 9.44 -10.34
N VAL A 122 10.16 8.98 -9.22
CA VAL A 122 9.46 8.08 -8.32
C VAL A 122 8.19 8.72 -7.78
N ARG A 123 8.29 9.97 -7.34
CA ARG A 123 7.12 10.63 -6.77
C ARG A 123 6.02 10.82 -7.81
N GLY A 124 6.42 11.17 -9.03
CA GLY A 124 5.48 11.34 -10.11
C GLY A 124 4.80 10.06 -10.43
N LYS A 125 5.59 9.03 -10.51
CA LYS A 125 5.11 7.72 -10.78
C LYS A 125 4.27 7.18 -9.62
N MET A 126 4.62 7.57 -8.40
CA MET A 126 3.83 7.17 -7.23
C MET A 126 2.44 7.72 -7.29
N ASP A 127 2.30 9.01 -7.54
CA ASP A 127 0.94 9.61 -7.60
C ASP A 127 0.16 9.03 -8.77
N GLY A 128 0.76 9.06 -9.96
CA GLY A 128 0.09 8.57 -11.15
C GLY A 128 -0.19 7.08 -11.06
N GLY A 129 0.79 6.34 -10.62
CA GLY A 129 0.69 4.92 -10.47
C GLY A 129 -0.36 4.56 -9.47
N TRP A 130 -0.29 5.17 -8.29
CA TRP A 130 -1.28 4.92 -7.26
C TRP A 130 -2.66 5.27 -7.71
N THR A 131 -2.81 6.33 -8.47
CA THR A 131 -4.12 6.71 -9.02
C THR A 131 -4.72 5.51 -9.79
N GLY A 132 -3.97 5.00 -10.74
CA GLY A 132 -4.43 3.91 -11.54
C GLY A 132 -4.59 2.60 -10.77
N ILE A 133 -3.59 2.26 -9.97
CA ILE A 133 -3.62 1.00 -9.27
C ILE A 133 -4.60 0.99 -8.11
N VAL A 134 -4.73 2.08 -7.38
CA VAL A 134 -5.64 2.04 -6.26
C VAL A 134 -7.09 2.09 -6.74
N ASN A 135 -7.36 2.88 -7.77
CA ASN A 135 -8.72 3.00 -8.29
C ASN A 135 -9.19 1.67 -8.86
N GLU A 136 -8.49 1.17 -9.85
CA GLU A 136 -8.92 0.00 -10.57
C GLU A 136 -8.78 -1.27 -9.73
N ARG A 137 -7.66 -1.43 -9.03
CA ARG A 137 -7.41 -2.67 -8.32
C ARG A 137 -8.34 -2.81 -7.13
N LEU A 138 -8.56 -1.72 -6.40
CA LEU A 138 -9.52 -1.77 -5.28
C LEU A 138 -10.89 -2.05 -5.82
N ARG A 139 -11.25 -1.34 -6.88
CA ARG A 139 -12.56 -1.50 -7.53
C ARG A 139 -12.73 -2.95 -8.01
N LYS A 140 -11.69 -3.52 -8.58
CA LYS A 140 -11.72 -4.88 -9.03
C LYS A 140 -11.87 -5.81 -7.90
N ALA A 141 -11.03 -5.68 -6.92
CA ALA A 141 -11.03 -6.60 -5.81
C ALA A 141 -12.31 -6.51 -4.98
N VAL A 142 -12.90 -5.33 -4.91
CA VAL A 142 -14.14 -5.19 -4.17
C VAL A 142 -15.28 -5.78 -4.97
N GLU A 143 -15.17 -5.81 -6.28
CA GLU A 143 -16.22 -6.45 -7.06
C GLU A 143 -15.95 -7.94 -7.32
N GLU A 144 -14.79 -8.22 -7.86
CA GLU A 144 -14.39 -9.54 -8.25
C GLU A 144 -12.89 -9.76 -7.98
N LEU A 145 -12.59 -10.56 -6.96
CA LEU A 145 -11.20 -10.87 -6.58
C LEU A 145 -10.50 -11.72 -7.63
N GLU A 146 -11.28 -12.43 -8.42
CA GLU A 146 -10.72 -13.29 -9.44
C GLU A 146 -10.16 -12.46 -10.58
N HIS A 147 -8.88 -12.38 -10.60
CA HIS A 147 -8.14 -11.81 -11.65
C HIS A 147 -6.84 -12.57 -11.67
N HIS A 148 -6.30 -12.81 -12.82
CA HIS A 148 -5.09 -13.54 -12.88
C HIS A 148 -4.03 -12.71 -13.54
N HIS A 149 -2.89 -12.69 -12.96
CA HIS A 149 -1.75 -11.99 -13.45
C HIS A 149 -0.59 -12.69 -12.78
N HIS A 150 0.53 -12.76 -13.42
CA HIS A 150 1.68 -13.40 -12.81
C HIS A 150 2.58 -12.32 -12.29
N HIS A 151 3.47 -12.67 -11.41
CA HIS A 151 4.50 -11.74 -11.03
C HIS A 151 5.47 -11.63 -12.20
N HIS A 152 5.45 -10.47 -12.83
CA HIS A 152 6.15 -10.17 -14.08
C HIS A 152 5.38 -10.79 -15.26
#